data_2CSK
#
_entry.id   2CSK
#
_entity_poly.entity_id   1
_entity_poly.type   'polypeptide(L)'
_entity_poly.pdbx_seq_one_letter_code
;GSSGSSGSNFLEIDIFNPQTVGVGRARFTTYEVRMRTNLPIFKLKESCVRRRYSDFEWLKNELERDSKIVVPPLPGKALK
RQLPFRGDEGIFEESFIEERRQGLEQFINKIAGHPLAQNERCLHMFLQEEAIDRNYVPGKSGPSSG
;
_entity_poly.pdbx_strand_id   A
#
# COMPACT_ATOMS: atom_id res chain seq x y z
N GLY A 1 5.14 32.21 4.26
CA GLY A 1 4.51 31.88 2.99
C GLY A 1 3.02 31.58 3.17
N SER A 2 2.38 31.30 2.05
CA SER A 2 0.95 31.01 2.07
C SER A 2 0.63 29.90 1.05
N SER A 3 0.93 30.22 -0.20
CA SER A 3 0.68 29.27 -1.28
C SER A 3 -0.81 28.93 -1.35
N GLY A 4 -1.17 28.21 -2.40
CA GLY A 4 -2.56 27.80 -2.59
C GLY A 4 -2.79 27.33 -4.03
N SER A 5 -2.98 26.03 -4.16
CA SER A 5 -3.22 25.45 -5.47
C SER A 5 -4.21 24.28 -5.35
N SER A 6 -5.06 24.16 -6.35
CA SER A 6 -6.05 23.10 -6.37
C SER A 6 -6.77 23.09 -7.73
N GLY A 7 -7.54 22.02 -7.93
CA GLY A 7 -8.28 21.87 -9.18
C GLY A 7 -8.53 20.39 -9.50
N SER A 8 -9.80 20.02 -9.49
CA SER A 8 -10.18 18.66 -9.77
C SER A 8 -9.59 17.71 -8.72
N ASN A 9 -10.43 16.81 -8.22
CA ASN A 9 -10.00 15.87 -7.22
C ASN A 9 -9.10 14.81 -7.87
N PHE A 10 -8.10 14.38 -7.12
CA PHE A 10 -7.17 13.38 -7.61
C PHE A 10 -6.53 12.61 -6.45
N LEU A 11 -6.68 11.29 -6.51
CA LEU A 11 -6.12 10.42 -5.48
C LEU A 11 -5.17 9.42 -6.11
N GLU A 12 -3.89 9.61 -5.84
CA GLU A 12 -2.86 8.72 -6.38
C GLU A 12 -1.75 8.51 -5.36
N ILE A 13 -1.08 7.38 -5.50
CA ILE A 13 0.01 7.04 -4.59
C ILE A 13 1.28 6.76 -5.41
N ASP A 14 2.41 7.08 -4.80
CA ASP A 14 3.69 6.87 -5.46
C ASP A 14 4.48 5.80 -4.70
N ILE A 15 5.24 5.02 -5.46
CA ILE A 15 6.03 3.96 -4.88
C ILE A 15 7.47 4.06 -5.40
N PHE A 16 8.34 4.61 -4.54
CA PHE A 16 9.74 4.77 -4.90
C PHE A 16 10.62 4.74 -3.65
N ASN A 17 11.91 4.98 -3.88
CA ASN A 17 12.86 5.00 -2.79
C ASN A 17 12.97 3.59 -2.20
N PRO A 18 13.45 2.64 -3.05
CA PRO A 18 13.60 1.25 -2.61
C PRO A 18 14.81 1.10 -1.70
N GLN A 19 14.52 0.87 -0.43
CA GLN A 19 15.57 0.69 0.57
C GLN A 19 15.67 -0.76 0.99
N THR A 20 16.90 -1.26 1.04
CA THR A 20 17.14 -2.63 1.42
C THR A 20 17.31 -2.74 2.94
N VAL A 21 16.78 -3.82 3.49
CA VAL A 21 16.87 -4.06 4.92
C VAL A 21 17.60 -5.38 5.17
N GLY A 22 17.99 -5.57 6.42
CA GLY A 22 18.69 -6.78 6.81
C GLY A 22 19.93 -7.01 5.93
N VAL A 23 20.67 -8.04 6.27
CA VAL A 23 21.87 -8.38 5.52
C VAL A 23 22.06 -9.90 5.52
N GLY A 24 22.53 -10.41 4.39
CA GLY A 24 22.77 -11.83 4.25
C GLY A 24 22.11 -12.37 2.98
N ARG A 25 20.98 -13.04 3.17
CA ARG A 25 20.25 -13.61 2.04
C ARG A 25 18.74 -13.48 2.27
N ALA A 26 17.98 -13.87 1.25
CA ALA A 26 16.54 -13.80 1.33
C ALA A 26 16.13 -12.45 1.89
N ARG A 27 16.96 -11.45 1.64
CA ARG A 27 16.70 -10.11 2.11
C ARG A 27 15.49 -9.51 1.38
N PHE A 28 15.06 -8.36 1.86
CA PHE A 28 13.92 -7.68 1.26
C PHE A 28 14.15 -6.17 1.20
N THR A 29 13.21 -5.49 0.56
CA THR A 29 13.31 -4.04 0.41
C THR A 29 11.94 -3.39 0.68
N THR A 30 11.98 -2.08 0.85
CA THR A 30 10.76 -1.33 1.11
C THR A 30 10.55 -0.27 0.03
N TYR A 31 9.47 0.48 0.18
CA TYR A 31 9.14 1.54 -0.76
C TYR A 31 8.45 2.70 -0.07
N GLU A 32 8.78 3.90 -0.53
CA GLU A 32 8.20 5.11 0.04
C GLU A 32 6.80 5.35 -0.54
N VAL A 33 5.80 5.00 0.26
CA VAL A 33 4.42 5.18 -0.15
C VAL A 33 3.99 6.61 0.13
N ARG A 34 4.09 7.45 -0.89
CA ARG A 34 3.71 8.84 -0.77
C ARG A 34 2.39 9.11 -1.51
N MET A 35 1.35 9.32 -0.72
CA MET A 35 0.03 9.58 -1.28
C MET A 35 -0.27 11.08 -1.30
N ARG A 36 -1.15 11.46 -2.22
CA ARG A 36 -1.52 12.86 -2.35
C ARG A 36 -2.96 12.97 -2.88
N THR A 37 -3.83 13.50 -2.03
CA THR A 37 -5.23 13.66 -2.40
C THR A 37 -5.74 15.03 -1.93
N ASN A 38 -6.99 15.30 -2.27
CA ASN A 38 -7.61 16.56 -1.89
C ASN A 38 -9.02 16.29 -1.35
N LEU A 39 -9.30 15.01 -1.12
CA LEU A 39 -10.59 14.60 -0.61
C LEU A 39 -10.64 14.83 0.89
N PRO A 40 -11.88 15.01 1.42
CA PRO A 40 -12.08 15.24 2.84
C PRO A 40 -11.89 13.94 3.63
N ILE A 41 -12.37 12.85 3.05
CA ILE A 41 -12.26 11.55 3.69
C ILE A 41 -10.89 11.44 4.37
N PHE A 42 -9.87 11.88 3.66
CA PHE A 42 -8.51 11.84 4.19
C PHE A 42 -8.22 13.06 5.05
N LYS A 43 -7.76 12.79 6.26
CA LYS A 43 -7.43 13.87 7.20
C LYS A 43 -6.24 14.66 6.65
N LEU A 44 -5.22 13.93 6.24
CA LEU A 44 -4.02 14.55 5.72
C LEU A 44 -4.12 14.64 4.19
N LYS A 45 -3.58 15.71 3.64
CA LYS A 45 -3.59 15.91 2.21
C LYS A 45 -2.45 15.13 1.56
N GLU A 46 -1.34 15.05 2.29
CA GLU A 46 -0.17 14.35 1.81
C GLU A 46 0.59 13.74 2.98
N SER A 47 1.13 12.55 2.74
CA SER A 47 1.88 11.84 3.76
C SER A 47 2.83 10.83 3.11
N CYS A 48 3.98 10.65 3.75
CA CYS A 48 4.97 9.71 3.25
C CYS A 48 5.23 8.66 4.33
N VAL A 49 5.15 7.40 3.91
CA VAL A 49 5.37 6.30 4.83
C VAL A 49 6.12 5.18 4.11
N ARG A 50 6.74 4.31 4.89
CA ARG A 50 7.48 3.20 4.33
C ARG A 50 6.68 1.91 4.45
N ARG A 51 6.67 1.15 3.36
CA ARG A 51 5.94 -0.10 3.32
C ARG A 51 6.53 -1.02 2.24
N ARG A 52 6.26 -2.31 2.40
CA ARG A 52 6.76 -3.29 1.46
C ARG A 52 5.61 -4.13 0.91
N TYR A 53 5.95 -5.07 0.04
CA TYR A 53 4.96 -5.94 -0.56
C TYR A 53 4.28 -6.81 0.49
N SER A 54 5.12 -7.53 1.24
CA SER A 54 4.61 -8.41 2.27
C SER A 54 3.60 -7.66 3.15
N ASP A 55 3.88 -6.38 3.34
CA ASP A 55 3.01 -5.54 4.15
C ASP A 55 1.64 -5.42 3.47
N PHE A 56 1.68 -5.01 2.22
CA PHE A 56 0.45 -4.85 1.45
C PHE A 56 -0.43 -6.10 1.55
N GLU A 57 0.22 -7.24 1.71
CA GLU A 57 -0.48 -8.50 1.84
C GLU A 57 -1.33 -8.51 3.11
N TRP A 58 -0.94 -7.67 4.05
CA TRP A 58 -1.66 -7.57 5.31
C TRP A 58 -2.84 -6.61 5.11
N LEU A 59 -2.59 -5.58 4.32
CA LEU A 59 -3.62 -4.59 4.05
C LEU A 59 -4.68 -5.20 3.12
N LYS A 60 -4.22 -5.64 1.96
CA LYS A 60 -5.11 -6.25 0.99
C LYS A 60 -6.08 -7.20 1.70
N ASN A 61 -5.49 -8.12 2.47
CA ASN A 61 -6.28 -9.08 3.21
C ASN A 61 -7.32 -8.34 4.06
N GLU A 62 -6.84 -7.30 4.73
CA GLU A 62 -7.72 -6.51 5.59
C GLU A 62 -8.93 -6.02 4.79
N LEU A 63 -8.76 -5.98 3.48
CA LEU A 63 -9.83 -5.53 2.61
C LEU A 63 -10.65 -6.74 2.15
N GLU A 64 -9.99 -7.88 2.12
CA GLU A 64 -10.65 -9.11 1.70
C GLU A 64 -11.29 -9.81 2.91
N ARG A 65 -11.87 -9.00 3.78
CA ARG A 65 -12.53 -9.51 4.97
C ARG A 65 -13.99 -9.83 4.68
N ASP A 66 -14.76 -8.78 4.43
CA ASP A 66 -16.17 -8.93 4.14
C ASP A 66 -16.82 -7.54 4.07
N SER A 67 -17.09 -7.11 2.85
CA SER A 67 -17.71 -5.81 2.63
C SER A 67 -17.91 -5.57 1.14
N LYS A 68 -18.26 -6.65 0.44
CA LYS A 68 -18.48 -6.57 -1.00
C LYS A 68 -17.40 -5.68 -1.63
N ILE A 69 -16.25 -5.66 -0.99
CA ILE A 69 -15.13 -4.87 -1.48
C ILE A 69 -14.37 -5.66 -2.53
N VAL A 70 -14.05 -4.98 -3.62
CA VAL A 70 -13.32 -5.61 -4.71
C VAL A 70 -11.85 -5.17 -4.66
N VAL A 71 -11.03 -6.06 -4.14
CA VAL A 71 -9.61 -5.77 -4.02
C VAL A 71 -8.87 -6.40 -5.20
N PRO A 72 -7.91 -5.62 -5.76
CA PRO A 72 -7.12 -6.09 -6.90
C PRO A 72 -6.08 -7.12 -6.45
N PRO A 73 -5.58 -7.91 -7.45
CA PRO A 73 -4.58 -8.92 -7.17
C PRO A 73 -3.21 -8.29 -6.93
N LEU A 74 -2.42 -8.96 -6.11
CA LEU A 74 -1.09 -8.48 -5.79
C LEU A 74 -0.09 -9.03 -6.81
N PRO A 75 0.86 -8.15 -7.22
CA PRO A 75 1.88 -8.53 -8.19
C PRO A 75 2.93 -9.44 -7.55
N GLY A 76 2.84 -10.72 -7.88
CA GLY A 76 3.77 -11.70 -7.35
C GLY A 76 3.17 -13.10 -7.36
N LYS A 77 4.03 -14.08 -7.14
CA LYS A 77 3.58 -15.47 -7.12
C LYS A 77 4.64 -16.33 -6.44
N ALA A 78 4.19 -17.19 -5.55
CA ALA A 78 5.09 -18.07 -4.82
C ALA A 78 4.28 -18.93 -3.84
N LEU A 79 4.44 -20.24 -3.98
CA LEU A 79 3.74 -21.17 -3.12
C LEU A 79 4.29 -22.59 -3.35
N LYS A 80 5.33 -22.90 -2.59
CA LYS A 80 5.96 -24.21 -2.71
C LYS A 80 7.00 -24.38 -1.60
N ARG A 81 6.51 -24.40 -0.37
CA ARG A 81 7.38 -24.55 0.78
C ARG A 81 6.63 -25.21 1.93
N GLN A 82 7.21 -26.29 2.44
CA GLN A 82 6.61 -27.02 3.54
C GLN A 82 6.82 -26.27 4.86
N LEU A 83 8.08 -25.99 5.14
CA LEU A 83 8.43 -25.28 6.36
C LEU A 83 9.04 -23.92 6.00
N PRO A 84 8.85 -22.94 6.92
CA PRO A 84 9.37 -21.60 6.71
C PRO A 84 10.89 -21.57 6.93
N PHE A 85 11.62 -21.87 5.86
CA PHE A 85 13.07 -21.87 5.92
C PHE A 85 13.66 -21.13 4.72
N ARG A 86 13.14 -21.45 3.55
CA ARG A 86 13.61 -20.82 2.32
C ARG A 86 12.71 -19.64 1.96
N GLY A 87 13.19 -18.85 1.00
CA GLY A 87 12.46 -17.68 0.56
C GLY A 87 12.72 -17.40 -0.93
N ASP A 88 13.52 -16.39 -1.17
CA ASP A 88 13.85 -16.01 -2.54
C ASP A 88 15.08 -16.81 -2.99
N GLU A 89 14.97 -17.36 -4.20
CA GLU A 89 16.07 -18.14 -4.76
C GLU A 89 17.04 -17.23 -5.51
N GLY A 90 17.72 -16.39 -4.74
CA GLY A 90 18.68 -15.46 -5.32
C GLY A 90 18.04 -14.62 -6.43
N ILE A 91 17.57 -13.44 -6.04
CA ILE A 91 16.94 -12.54 -6.99
C ILE A 91 17.35 -11.11 -6.67
N PHE A 92 18.16 -10.55 -7.56
CA PHE A 92 18.63 -9.19 -7.38
C PHE A 92 18.76 -8.47 -8.73
N GLU A 93 17.70 -7.77 -9.10
CA GLU A 93 17.68 -7.04 -10.36
C GLU A 93 16.65 -5.92 -10.30
N GLU A 94 17.03 -4.78 -10.87
CA GLU A 94 16.14 -3.63 -10.90
C GLU A 94 14.75 -4.03 -11.40
N SER A 95 14.75 -4.80 -12.48
CA SER A 95 13.50 -5.26 -13.07
C SER A 95 12.55 -5.73 -11.96
N PHE A 96 13.00 -6.72 -11.21
CA PHE A 96 12.20 -7.26 -10.12
C PHE A 96 11.62 -6.14 -9.26
N ILE A 97 12.52 -5.40 -8.61
CA ILE A 97 12.11 -4.30 -7.75
C ILE A 97 11.08 -3.44 -8.49
N GLU A 98 11.39 -3.13 -9.73
CA GLU A 98 10.52 -2.31 -10.55
C GLU A 98 9.13 -2.97 -10.65
N GLU A 99 9.14 -4.24 -11.04
CA GLU A 99 7.90 -4.98 -11.17
C GLU A 99 6.99 -4.73 -9.96
N ARG A 100 7.51 -5.09 -8.79
CA ARG A 100 6.76 -4.91 -7.56
C ARG A 100 6.48 -3.42 -7.32
N ARG A 101 7.57 -2.66 -7.26
CA ARG A 101 7.46 -1.22 -7.04
C ARG A 101 6.31 -0.64 -7.86
N GLN A 102 6.30 -0.99 -9.13
CA GLN A 102 5.27 -0.50 -10.03
C GLN A 102 3.94 -1.21 -9.74
N GLY A 103 4.00 -2.54 -9.75
CA GLY A 103 2.82 -3.33 -9.48
C GLY A 103 1.99 -2.74 -8.33
N LEU A 104 2.55 -2.81 -7.14
CA LEU A 104 1.89 -2.29 -5.96
C LEU A 104 1.27 -0.93 -6.30
N GLU A 105 2.14 -0.01 -6.68
CA GLU A 105 1.70 1.34 -7.02
C GLU A 105 0.39 1.28 -7.81
N GLN A 106 0.40 0.41 -8.83
CA GLN A 106 -0.79 0.26 -9.67
C GLN A 106 -1.95 -0.29 -8.85
N PHE A 107 -1.68 -1.37 -8.13
CA PHE A 107 -2.70 -2.00 -7.31
C PHE A 107 -3.37 -0.96 -6.39
N ILE A 108 -2.54 -0.25 -5.65
CA ILE A 108 -3.04 0.76 -4.72
C ILE A 108 -3.70 1.88 -5.53
N ASN A 109 -3.04 2.27 -6.61
CA ASN A 109 -3.54 3.32 -7.47
C ASN A 109 -5.02 3.04 -7.79
N LYS A 110 -5.31 1.77 -7.97
CA LYS A 110 -6.67 1.34 -8.30
C LYS A 110 -7.46 1.14 -6.99
N ILE A 111 -6.80 0.50 -6.04
CA ILE A 111 -7.42 0.24 -4.75
C ILE A 111 -7.92 1.56 -4.16
N ALA A 112 -7.06 2.56 -4.20
CA ALA A 112 -7.40 3.87 -3.67
C ALA A 112 -8.69 4.36 -4.33
N GLY A 113 -8.79 4.12 -5.63
CA GLY A 113 -9.96 4.52 -6.37
C GLY A 113 -11.24 3.95 -5.76
N HIS A 114 -11.14 2.70 -5.34
CA HIS A 114 -12.28 2.02 -4.73
C HIS A 114 -12.88 2.91 -3.64
N PRO A 115 -14.24 3.04 -3.69
CA PRO A 115 -14.95 3.86 -2.72
C PRO A 115 -15.02 3.15 -1.36
N LEU A 116 -15.30 1.86 -1.42
CA LEU A 116 -15.41 1.07 -0.20
C LEU A 116 -14.08 1.11 0.54
N ALA A 117 -13.02 1.33 -0.21
CA ALA A 117 -11.69 1.40 0.37
C ALA A 117 -11.44 2.82 0.88
N GLN A 118 -11.86 3.79 0.08
CA GLN A 118 -11.69 5.18 0.45
C GLN A 118 -12.26 5.45 1.84
N ASN A 119 -13.18 4.59 2.24
CA ASN A 119 -13.81 4.71 3.54
C ASN A 119 -13.02 3.89 4.57
N GLU A 120 -12.51 2.76 4.10
CA GLU A 120 -11.74 1.89 4.97
C GLU A 120 -10.67 2.69 5.72
N ARG A 121 -10.48 2.32 6.98
CA ARG A 121 -9.50 2.98 7.82
C ARG A 121 -8.12 2.34 7.63
N CYS A 122 -8.10 1.02 7.62
CA CYS A 122 -6.86 0.28 7.46
C CYS A 122 -6.08 0.92 6.31
N LEU A 123 -6.79 1.22 5.24
CA LEU A 123 -6.18 1.83 4.08
C LEU A 123 -5.35 3.04 4.51
N HIS A 124 -6.03 3.99 5.13
CA HIS A 124 -5.37 5.20 5.60
C HIS A 124 -4.21 4.83 6.50
N MET A 125 -4.51 3.98 7.48
CA MET A 125 -3.49 3.53 8.42
C MET A 125 -2.26 3.00 7.69
N PHE A 126 -2.51 2.38 6.55
CA PHE A 126 -1.43 1.82 5.74
C PHE A 126 -0.75 2.91 4.92
N LEU A 127 -1.37 4.08 4.90
CA LEU A 127 -0.83 5.20 4.16
C LEU A 127 -0.27 6.23 5.15
N GLN A 128 -1.14 7.16 5.53
CA GLN A 128 -0.75 8.20 6.46
C GLN A 128 0.17 7.64 7.55
N GLU A 129 -0.38 6.73 8.33
CA GLU A 129 0.37 6.10 9.41
C GLU A 129 1.60 5.39 8.85
N GLU A 130 2.71 5.54 9.55
CA GLU A 130 3.95 4.91 9.14
C GLU A 130 4.04 3.49 9.68
N ALA A 131 3.65 3.33 10.94
CA ALA A 131 3.67 2.04 11.59
C ALA A 131 2.24 1.58 11.87
N ILE A 132 1.93 0.39 11.37
CA ILE A 132 0.59 -0.17 11.56
C ILE A 132 0.48 -0.73 12.98
N ASP A 133 -0.73 -0.64 13.52
CA ASP A 133 -0.98 -1.13 14.87
C ASP A 133 -2.01 -2.25 14.81
N ARG A 134 -1.52 -3.45 14.52
CA ARG A 134 -2.39 -4.62 14.42
C ARG A 134 -3.48 -4.55 15.49
N ASN A 135 -4.71 -4.74 15.05
CA ASN A 135 -5.85 -4.71 15.95
C ASN A 135 -5.97 -3.31 16.56
N TYR A 136 -6.02 -2.31 15.68
CA TYR A 136 -6.13 -0.93 16.11
C TYR A 136 -7.54 -0.64 16.60
N VAL A 137 -7.73 0.60 17.05
CA VAL A 137 -9.02 1.03 17.56
C VAL A 137 -9.69 1.94 16.54
N PRO A 138 -10.89 1.50 16.07
CA PRO A 138 -11.65 2.27 15.10
C PRO A 138 -12.30 3.50 15.75
N GLY A 139 -12.21 4.62 15.05
CA GLY A 139 -12.78 5.85 15.54
C GLY A 139 -12.96 6.87 14.40
N LYS A 140 -14.10 7.54 14.43
CA LYS A 140 -14.40 8.53 13.41
C LYS A 140 -14.66 7.84 12.08
N SER A 141 -13.63 7.15 11.59
CA SER A 141 -13.73 6.43 10.34
C SER A 141 -14.52 7.26 9.32
N GLY A 142 -13.82 8.22 8.72
CA GLY A 142 -14.44 9.08 7.74
C GLY A 142 -15.86 9.47 8.15
N PRO A 143 -16.68 9.84 7.13
CA PRO A 143 -18.06 10.23 7.38
C PRO A 143 -18.93 9.00 7.68
N SER A 144 -19.03 8.68 8.95
CA SER A 144 -19.82 7.54 9.39
C SER A 144 -21.30 7.79 9.10
N SER A 145 -22.10 6.74 9.25
CA SER A 145 -23.53 6.83 9.00
C SER A 145 -23.79 7.70 7.77
N GLY A 146 -23.81 7.06 6.61
CA GLY A 146 -24.06 7.75 5.37
C GLY A 146 -22.90 7.53 4.38
N GLY A 1 -9.47 35.74 4.63
CA GLY A 1 -9.90 35.98 3.27
C GLY A 1 -8.94 35.34 2.26
N SER A 2 -9.46 34.37 1.53
CA SER A 2 -8.65 33.68 0.53
C SER A 2 -9.56 32.80 -0.35
N SER A 3 -9.05 32.50 -1.54
CA SER A 3 -9.79 31.68 -2.47
C SER A 3 -8.83 31.04 -3.48
N GLY A 4 -9.27 29.91 -4.03
CA GLY A 4 -8.46 29.19 -4.99
C GLY A 4 -8.72 27.68 -4.92
N SER A 5 -9.66 27.23 -5.74
CA SER A 5 -10.01 25.82 -5.77
C SER A 5 -10.91 25.53 -6.96
N SER A 6 -10.28 25.11 -8.05
CA SER A 6 -11.01 24.79 -9.26
C SER A 6 -10.47 23.51 -9.89
N GLY A 7 -11.38 22.71 -10.42
CA GLY A 7 -11.00 21.46 -11.05
C GLY A 7 -11.80 20.29 -10.46
N SER A 8 -11.07 19.22 -10.15
CA SER A 8 -11.69 18.03 -9.57
C SER A 8 -10.74 17.39 -8.55
N ASN A 9 -11.31 16.50 -7.76
CA ASN A 9 -10.53 15.80 -6.75
C ASN A 9 -9.68 14.72 -7.42
N PHE A 10 -8.64 14.31 -6.70
CA PHE A 10 -7.74 13.29 -7.20
C PHE A 10 -7.02 12.58 -6.05
N LEU A 11 -7.03 11.25 -6.13
CA LEU A 11 -6.39 10.44 -5.11
C LEU A 11 -5.43 9.46 -5.78
N GLU A 12 -4.14 9.73 -5.62
CA GLU A 12 -3.12 8.87 -6.20
C GLU A 12 -2.01 8.59 -5.18
N ILE A 13 -1.26 7.53 -5.43
CA ILE A 13 -0.17 7.15 -4.54
C ILE A 13 1.06 6.82 -5.38
N ASP A 14 2.21 7.24 -4.88
CA ASP A 14 3.47 7.00 -5.56
C ASP A 14 4.32 6.04 -4.73
N ILE A 15 5.01 5.15 -5.42
CA ILE A 15 5.85 4.17 -4.77
C ILE A 15 7.20 4.08 -5.51
N PHE A 16 8.19 4.73 -4.94
CA PHE A 16 9.52 4.73 -5.53
C PHE A 16 10.60 4.91 -4.46
N ASN A 17 11.83 5.03 -4.93
CA ASN A 17 12.96 5.20 -4.03
C ASN A 17 13.15 3.92 -3.20
N PRO A 18 13.57 2.84 -3.91
CA PRO A 18 13.80 1.56 -3.26
C PRO A 18 15.09 1.57 -2.44
N GLN A 19 14.98 1.10 -1.20
CA GLN A 19 16.13 1.05 -0.32
C GLN A 19 16.14 -0.26 0.47
N THR A 20 17.31 -0.88 0.49
CA THR A 20 17.47 -2.14 1.20
C THR A 20 18.07 -1.90 2.58
N VAL A 21 17.72 -2.79 3.51
CA VAL A 21 18.21 -2.69 4.87
C VAL A 21 19.51 -3.49 5.00
N GLY A 22 20.21 -3.25 6.10
CA GLY A 22 21.46 -3.95 6.36
C GLY A 22 22.35 -3.98 5.10
N VAL A 23 23.12 -5.04 4.98
CA VAL A 23 24.01 -5.19 3.85
C VAL A 23 24.01 -6.66 3.40
N GLY A 24 24.02 -6.85 2.10
CA GLY A 24 24.02 -8.19 1.52
C GLY A 24 22.89 -8.36 0.51
N ARG A 25 23.12 -9.25 -0.44
CA ARG A 25 22.14 -9.51 -1.47
C ARG A 25 21.25 -10.69 -1.08
N ALA A 26 20.15 -10.36 -0.39
CA ALA A 26 19.22 -11.38 0.06
C ALA A 26 18.11 -10.72 0.89
N ARG A 27 18.51 -9.69 1.63
CA ARG A 27 17.56 -8.98 2.48
C ARG A 27 16.39 -8.45 1.63
N PHE A 28 15.66 -7.53 2.22
CA PHE A 28 14.52 -6.94 1.54
C PHE A 28 14.72 -5.43 1.34
N THR A 29 13.77 -4.84 0.62
CA THR A 29 13.82 -3.42 0.35
C THR A 29 12.46 -2.77 0.57
N THR A 30 12.47 -1.46 0.76
CA THR A 30 11.25 -0.72 0.99
C THR A 30 11.00 0.26 -0.17
N TYR A 31 9.94 1.04 -0.02
CA TYR A 31 9.58 2.02 -1.03
C TYR A 31 8.92 3.24 -0.40
N GLU A 32 9.20 4.39 -1.00
CA GLU A 32 8.64 5.65 -0.51
C GLU A 32 7.20 5.81 -0.99
N VAL A 33 6.27 5.51 -0.09
CA VAL A 33 4.86 5.62 -0.40
C VAL A 33 4.39 7.05 -0.14
N ARG A 34 4.45 7.86 -1.20
CA ARG A 34 4.05 9.25 -1.10
C ARG A 34 2.66 9.44 -1.73
N MET A 35 1.66 9.51 -0.87
CA MET A 35 0.30 9.69 -1.31
C MET A 35 -0.09 11.17 -1.34
N ARG A 36 -1.03 11.49 -2.20
CA ARG A 36 -1.50 12.85 -2.33
C ARG A 36 -2.98 12.88 -2.72
N THR A 37 -3.78 13.41 -1.81
CA THR A 37 -5.22 13.51 -2.05
C THR A 37 -5.74 14.87 -1.62
N ASN A 38 -6.92 15.22 -2.14
CA ASN A 38 -7.54 16.49 -1.82
C ASN A 38 -8.93 16.24 -1.21
N LEU A 39 -9.06 15.10 -0.58
CA LEU A 39 -10.32 14.73 0.04
C LEU A 39 -10.21 14.90 1.56
N PRO A 40 -11.38 15.16 2.19
CA PRO A 40 -11.43 15.34 3.63
C PRO A 40 -11.27 14.00 4.37
N ILE A 41 -11.87 12.98 3.79
CA ILE A 41 -11.81 11.65 4.38
C ILE A 41 -10.42 11.43 4.98
N PHE A 42 -9.41 11.82 4.22
CA PHE A 42 -8.04 11.67 4.65
C PHE A 42 -7.62 12.83 5.57
N LYS A 43 -7.04 12.46 6.71
CA LYS A 43 -6.59 13.44 7.68
C LYS A 43 -5.43 14.24 7.08
N LEU A 44 -4.45 13.51 6.57
CA LEU A 44 -3.28 14.14 5.98
C LEU A 44 -3.45 14.20 4.47
N LYS A 45 -2.87 15.24 3.88
CA LYS A 45 -2.95 15.43 2.45
C LYS A 45 -1.83 14.65 1.76
N GLU A 46 -0.66 14.68 2.39
CA GLU A 46 0.50 13.99 1.86
C GLU A 46 1.40 13.50 3.00
N SER A 47 1.96 12.32 2.80
CA SER A 47 2.84 11.74 3.80
C SER A 47 3.79 10.73 3.14
N CYS A 48 4.77 10.29 3.92
CA CYS A 48 5.74 9.33 3.42
C CYS A 48 5.94 8.25 4.50
N VAL A 49 5.81 7.01 4.07
CA VAL A 49 5.98 5.89 4.98
C VAL A 49 6.67 4.73 4.24
N ARG A 50 7.03 3.72 5.01
CA ARG A 50 7.69 2.56 4.44
C ARG A 50 6.76 1.35 4.45
N ARG A 51 6.37 0.93 3.26
CA ARG A 51 5.47 -0.20 3.12
C ARG A 51 6.12 -1.29 2.26
N ARG A 52 6.12 -2.50 2.80
CA ARG A 52 6.70 -3.63 2.10
C ARG A 52 5.62 -4.42 1.37
N TYR A 53 6.05 -5.18 0.38
CA TYR A 53 5.14 -5.99 -0.40
C TYR A 53 4.29 -6.89 0.50
N SER A 54 4.78 -7.09 1.71
CA SER A 54 4.08 -7.92 2.68
C SER A 54 2.97 -7.12 3.35
N ASP A 55 3.34 -5.94 3.81
CA ASP A 55 2.38 -5.06 4.48
C ASP A 55 1.09 -5.01 3.66
N PHE A 56 1.27 -4.93 2.34
CA PHE A 56 0.14 -4.87 1.44
C PHE A 56 -0.71 -6.14 1.53
N GLU A 57 -0.02 -7.27 1.55
CA GLU A 57 -0.68 -8.55 1.64
C GLU A 57 -1.62 -8.59 2.85
N TRP A 58 -1.33 -7.71 3.81
CA TRP A 58 -2.12 -7.64 5.01
C TRP A 58 -3.30 -6.68 4.75
N LEU A 59 -3.00 -5.63 4.00
CA LEU A 59 -4.01 -4.64 3.67
C LEU A 59 -5.09 -5.29 2.81
N LYS A 60 -4.64 -5.88 1.70
CA LYS A 60 -5.55 -6.54 0.79
C LYS A 60 -6.47 -7.48 1.57
N ASN A 61 -5.86 -8.51 2.13
CA ASN A 61 -6.59 -9.49 2.92
C ASN A 61 -7.59 -8.76 3.83
N GLU A 62 -7.06 -7.81 4.58
CA GLU A 62 -7.88 -7.03 5.49
C GLU A 62 -9.24 -6.72 4.85
N LEU A 63 -9.20 -6.50 3.54
CA LEU A 63 -10.42 -6.19 2.80
C LEU A 63 -11.15 -7.49 2.47
N GLU A 64 -10.41 -8.42 1.88
CA GLU A 64 -10.98 -9.71 1.51
C GLU A 64 -11.62 -10.37 2.72
N ARG A 65 -11.08 -10.06 3.89
CA ARG A 65 -11.59 -10.62 5.14
C ARG A 65 -13.11 -10.69 5.08
N ASP A 66 -13.73 -9.57 4.75
CA ASP A 66 -15.18 -9.50 4.67
C ASP A 66 -15.59 -8.10 4.19
N SER A 67 -15.99 -8.04 2.93
CA SER A 67 -16.41 -6.79 2.33
C SER A 67 -16.62 -6.97 0.82
N LYS A 68 -17.83 -6.65 0.38
CA LYS A 68 -18.17 -6.77 -1.02
C LYS A 68 -17.08 -6.10 -1.86
N ILE A 69 -16.37 -5.18 -1.23
CA ILE A 69 -15.30 -4.46 -1.92
C ILE A 69 -14.52 -5.43 -2.80
N VAL A 70 -14.08 -4.92 -3.94
CA VAL A 70 -13.33 -5.72 -4.88
C VAL A 70 -11.86 -5.29 -4.86
N VAL A 71 -11.06 -6.09 -4.18
CA VAL A 71 -9.64 -5.81 -4.07
C VAL A 71 -8.91 -6.37 -5.30
N PRO A 72 -7.95 -5.56 -5.82
CA PRO A 72 -7.18 -5.95 -6.99
C PRO A 72 -6.15 -7.02 -6.62
N PRO A 73 -5.61 -7.68 -7.68
CA PRO A 73 -4.61 -8.72 -7.48
C PRO A 73 -3.25 -8.11 -7.14
N LEU A 74 -2.52 -8.81 -6.29
CA LEU A 74 -1.21 -8.35 -5.87
C LEU A 74 -0.16 -8.83 -6.87
N PRO A 75 0.92 -8.01 -7.02
CA PRO A 75 2.00 -8.36 -7.93
C PRO A 75 2.87 -9.47 -7.37
N GLY A 76 2.57 -10.69 -7.79
CA GLY A 76 3.32 -11.84 -7.33
C GLY A 76 2.43 -13.08 -7.25
N LYS A 77 2.72 -14.05 -8.11
CA LYS A 77 1.95 -15.28 -8.14
C LYS A 77 2.48 -16.17 -9.27
N ALA A 78 2.30 -17.48 -9.08
CA ALA A 78 2.75 -18.44 -10.07
C ALA A 78 4.24 -18.24 -10.33
N LEU A 79 5.05 -18.83 -9.44
CA LEU A 79 6.49 -18.72 -9.55
C LEU A 79 7.10 -20.13 -9.59
N LYS A 80 8.33 -20.20 -10.07
CA LYS A 80 9.03 -21.46 -10.16
C LYS A 80 9.00 -22.16 -8.80
N ARG A 81 8.64 -23.44 -8.83
CA ARG A 81 8.56 -24.22 -7.61
C ARG A 81 9.71 -25.23 -7.57
N GLN A 82 10.63 -24.98 -6.63
CA GLN A 82 11.78 -25.86 -6.48
C GLN A 82 12.60 -25.43 -5.25
N LEU A 83 12.59 -26.30 -4.26
CA LEU A 83 13.33 -26.03 -3.02
C LEU A 83 14.69 -25.42 -3.37
N PRO A 84 15.17 -24.53 -2.47
CA PRO A 84 16.44 -23.87 -2.67
C PRO A 84 17.61 -24.82 -2.40
N PHE A 85 18.29 -25.20 -3.47
CA PHE A 85 19.41 -26.11 -3.35
C PHE A 85 20.37 -25.65 -2.25
N ARG A 86 20.89 -24.44 -2.42
CA ARG A 86 21.82 -23.87 -1.46
C ARG A 86 22.09 -22.40 -1.78
N GLY A 87 21.76 -21.55 -0.83
CA GLY A 87 21.97 -20.12 -1.00
C GLY A 87 21.21 -19.60 -2.21
N ASP A 88 19.90 -19.44 -2.03
CA ASP A 88 19.05 -18.94 -3.10
C ASP A 88 17.89 -18.15 -2.49
N GLU A 89 17.84 -16.88 -2.86
CA GLU A 89 16.80 -15.99 -2.37
C GLU A 89 16.21 -15.16 -3.51
N GLY A 90 15.52 -14.11 -3.13
CA GLY A 90 14.91 -13.22 -4.12
C GLY A 90 15.34 -11.77 -3.89
N ILE A 91 14.51 -10.86 -4.36
CA ILE A 91 14.79 -9.44 -4.22
C ILE A 91 16.28 -9.20 -4.47
N PHE A 92 16.62 -8.97 -5.74
CA PHE A 92 17.99 -8.72 -6.11
C PHE A 92 18.07 -7.86 -7.38
N GLU A 93 17.58 -8.41 -8.47
CA GLU A 93 17.58 -7.71 -9.74
C GLU A 93 16.68 -6.48 -9.66
N GLU A 94 17.14 -5.40 -10.27
CA GLU A 94 16.37 -4.16 -10.29
C GLU A 94 15.02 -4.38 -10.97
N SER A 95 15.03 -5.18 -12.02
CA SER A 95 13.82 -5.48 -12.76
C SER A 95 12.74 -5.99 -11.80
N PHE A 96 13.08 -7.06 -11.10
CA PHE A 96 12.15 -7.66 -10.15
C PHE A 96 11.56 -6.60 -9.23
N ILE A 97 12.44 -5.86 -8.58
CA ILE A 97 12.01 -4.81 -7.67
C ILE A 97 10.96 -3.93 -8.35
N GLU A 98 11.42 -3.20 -9.35
CA GLU A 98 10.53 -2.32 -10.10
C GLU A 98 9.18 -3.01 -10.34
N GLU A 99 9.25 -4.22 -10.88
CA GLU A 99 8.05 -4.99 -11.16
C GLU A 99 7.12 -4.97 -9.96
N ARG A 100 7.62 -5.45 -8.84
CA ARG A 100 6.85 -5.49 -7.62
C ARG A 100 6.51 -4.08 -7.15
N ARG A 101 7.54 -3.24 -7.17
CA ARG A 101 7.37 -1.85 -6.75
C ARG A 101 6.21 -1.20 -7.50
N GLN A 102 6.39 -1.09 -8.81
CA GLN A 102 5.36 -0.49 -9.66
C GLN A 102 4.03 -1.22 -9.47
N GLY A 103 4.12 -2.54 -9.40
CA GLY A 103 2.94 -3.36 -9.22
C GLY A 103 2.07 -2.84 -8.07
N LEU A 104 2.68 -2.75 -6.89
CA LEU A 104 1.98 -2.27 -5.72
C LEU A 104 1.36 -0.92 -6.02
N GLU A 105 2.21 0.02 -6.41
CA GLU A 105 1.76 1.37 -6.73
C GLU A 105 0.44 1.30 -7.50
N GLN A 106 0.42 0.45 -8.51
CA GLN A 106 -0.77 0.28 -9.33
C GLN A 106 -1.94 -0.21 -8.49
N PHE A 107 -1.74 -1.38 -7.88
CA PHE A 107 -2.77 -1.96 -7.04
C PHE A 107 -3.42 -0.91 -6.14
N ILE A 108 -2.57 -0.27 -5.34
CA ILE A 108 -3.05 0.77 -4.43
C ILE A 108 -3.68 1.91 -5.24
N ASN A 109 -3.01 2.27 -6.32
CA ASN A 109 -3.49 3.34 -7.18
C ASN A 109 -4.96 3.10 -7.50
N LYS A 110 -5.29 1.84 -7.73
CA LYS A 110 -6.65 1.46 -8.05
C LYS A 110 -7.43 1.25 -6.75
N ILE A 111 -6.77 0.63 -5.79
CA ILE A 111 -7.38 0.36 -4.50
C ILE A 111 -7.88 1.66 -3.90
N ALA A 112 -7.00 2.66 -3.91
CA ALA A 112 -7.34 3.96 -3.36
C ALA A 112 -8.59 4.51 -4.08
N GLY A 113 -8.44 4.70 -5.37
CA GLY A 113 -9.54 5.21 -6.18
C GLY A 113 -10.87 4.63 -5.72
N HIS A 114 -10.80 3.41 -5.21
CA HIS A 114 -12.00 2.73 -4.73
C HIS A 114 -12.67 3.58 -3.65
N PRO A 115 -14.00 3.76 -3.81
CA PRO A 115 -14.77 4.54 -2.86
C PRO A 115 -15.00 3.76 -1.56
N LEU A 116 -15.28 2.48 -1.72
CA LEU A 116 -15.52 1.61 -0.58
C LEU A 116 -14.26 1.57 0.29
N ALA A 117 -13.12 1.63 -0.37
CA ALA A 117 -11.84 1.61 0.33
C ALA A 117 -11.59 2.96 0.99
N GLN A 118 -11.78 4.01 0.20
CA GLN A 118 -11.58 5.36 0.69
C GLN A 118 -12.23 5.52 2.07
N ASN A 119 -13.24 4.70 2.33
CA ASN A 119 -13.95 4.74 3.59
C ASN A 119 -13.28 3.76 4.56
N GLU A 120 -12.87 2.63 4.03
CA GLU A 120 -12.22 1.61 4.84
C GLU A 120 -11.15 2.24 5.73
N ARG A 121 -11.20 1.90 7.00
CA ARG A 121 -10.24 2.43 7.96
C ARG A 121 -8.95 1.60 7.92
N CYS A 122 -9.08 0.38 7.43
CA CYS A 122 -7.94 -0.52 7.33
C CYS A 122 -6.99 0.02 6.25
N LEU A 123 -7.57 0.77 5.32
CA LEU A 123 -6.80 1.36 4.24
C LEU A 123 -6.07 2.61 4.75
N HIS A 124 -6.87 3.57 5.22
CA HIS A 124 -6.33 4.80 5.74
C HIS A 124 -5.06 4.51 6.55
N MET A 125 -5.21 3.63 7.53
CA MET A 125 -4.09 3.25 8.38
C MET A 125 -2.84 2.96 7.54
N PHE A 126 -3.00 2.05 6.60
CA PHE A 126 -1.90 1.67 5.72
C PHE A 126 -1.09 2.90 5.31
N LEU A 127 -1.78 4.02 5.17
CA LEU A 127 -1.14 5.26 4.79
C LEU A 127 -1.05 6.18 6.01
N GLN A 128 -0.07 7.08 5.96
CA GLN A 128 0.13 8.01 7.04
C GLN A 128 0.83 7.33 8.22
N GLU A 129 0.22 6.24 8.66
CA GLU A 129 0.77 5.48 9.79
C GLU A 129 1.97 4.64 9.32
N GLU A 130 3.14 5.04 9.81
CA GLU A 130 4.36 4.35 9.46
C GLU A 130 4.20 2.83 9.67
N ALA A 131 3.70 2.48 10.85
CA ALA A 131 3.49 1.09 11.18
C ALA A 131 1.98 0.83 11.35
N ILE A 132 1.56 -0.31 10.83
CA ILE A 132 0.16 -0.69 10.91
C ILE A 132 -0.09 -1.46 12.22
N ASP A 133 -0.95 -0.89 13.05
CA ASP A 133 -1.27 -1.50 14.33
C ASP A 133 -2.27 -2.64 14.10
N ARG A 134 -1.75 -3.86 14.20
CA ARG A 134 -2.59 -5.04 14.00
C ARG A 134 -3.56 -5.20 15.17
N ASN A 135 -3.38 -4.34 16.16
CA ASN A 135 -4.24 -4.38 17.34
C ASN A 135 -5.16 -3.16 17.33
N TYR A 136 -5.67 -2.84 16.15
CA TYR A 136 -6.56 -1.71 15.99
C TYR A 136 -8.02 -2.12 16.24
N VAL A 137 -8.89 -1.12 16.20
CA VAL A 137 -10.30 -1.36 16.42
C VAL A 137 -11.02 -1.37 15.06
N PRO A 138 -11.53 -2.58 14.69
CA PRO A 138 -12.23 -2.74 13.43
C PRO A 138 -13.64 -2.14 13.52
N GLY A 139 -13.90 -1.21 12.62
CA GLY A 139 -15.20 -0.56 12.57
C GLY A 139 -15.05 0.96 12.37
N LYS A 140 -16.18 1.61 12.15
CA LYS A 140 -16.18 3.04 11.93
C LYS A 140 -16.80 3.73 13.15
N SER A 141 -15.94 4.41 13.90
CA SER A 141 -16.38 5.12 15.09
C SER A 141 -17.15 6.38 14.70
N GLY A 142 -16.42 7.35 14.19
CA GLY A 142 -17.02 8.60 13.78
C GLY A 142 -17.93 8.41 12.57
N PRO A 143 -19.20 8.84 12.73
CA PRO A 143 -20.19 8.72 11.66
C PRO A 143 -19.93 9.74 10.55
N SER A 144 -19.80 10.99 10.97
CA SER A 144 -19.55 12.07 10.03
C SER A 144 -18.19 12.71 10.30
N SER A 145 -17.28 12.52 9.36
CA SER A 145 -15.94 13.07 9.49
C SER A 145 -15.99 14.59 9.32
N GLY A 146 -14.86 15.21 9.62
CA GLY A 146 -14.74 16.66 9.50
C GLY A 146 -13.27 17.10 9.46
N GLY A 1 2.58 30.36 -12.03
CA GLY A 1 2.18 30.69 -10.68
C GLY A 1 0.67 30.50 -10.49
N SER A 2 0.32 29.42 -9.82
CA SER A 2 -1.08 29.11 -9.57
C SER A 2 -1.29 28.81 -8.08
N SER A 3 -2.55 28.71 -7.70
CA SER A 3 -2.90 28.44 -6.32
C SER A 3 -3.60 27.08 -6.22
N GLY A 4 -2.84 26.09 -5.76
CA GLY A 4 -3.37 24.75 -5.60
C GLY A 4 -3.89 24.22 -6.94
N SER A 5 -4.59 23.08 -6.85
CA SER A 5 -5.15 22.47 -8.04
C SER A 5 -6.56 22.99 -8.28
N SER A 6 -7.43 22.76 -7.31
CA SER A 6 -8.81 23.19 -7.41
C SER A 6 -9.47 22.57 -8.63
N GLY A 7 -10.41 21.67 -8.37
CA GLY A 7 -11.12 20.99 -9.43
C GLY A 7 -11.43 19.54 -9.05
N SER A 8 -11.72 18.74 -10.07
CA SER A 8 -12.04 17.34 -9.86
C SER A 8 -11.07 16.74 -8.84
N ASN A 9 -11.64 15.94 -7.94
CA ASN A 9 -10.84 15.29 -6.91
C ASN A 9 -9.89 14.28 -7.56
N PHE A 10 -8.79 14.01 -6.85
CA PHE A 10 -7.80 13.08 -7.34
C PHE A 10 -7.08 12.38 -6.19
N LEU A 11 -7.16 11.06 -6.21
CA LEU A 11 -6.53 10.26 -5.17
C LEU A 11 -5.53 9.29 -5.82
N GLU A 12 -4.25 9.62 -5.66
CA GLU A 12 -3.19 8.79 -6.21
C GLU A 12 -2.09 8.57 -5.17
N ILE A 13 -1.29 7.53 -5.42
CA ILE A 13 -0.21 7.20 -4.52
C ILE A 13 1.06 6.95 -5.33
N ASP A 14 2.20 7.27 -4.71
CA ASP A 14 3.48 7.08 -5.37
C ASP A 14 4.32 6.08 -4.56
N ILE A 15 5.03 5.24 -5.29
CA ILE A 15 5.88 4.24 -4.66
C ILE A 15 7.22 4.19 -5.37
N PHE A 16 8.22 4.78 -4.72
CA PHE A 16 9.56 4.81 -5.29
C PHE A 16 10.61 4.88 -4.18
N ASN A 17 11.87 4.98 -4.60
CA ASN A 17 12.98 5.06 -3.66
C ASN A 17 13.13 3.71 -2.95
N PRO A 18 13.49 2.67 -3.76
CA PRO A 18 13.67 1.34 -3.22
C PRO A 18 14.98 1.23 -2.44
N GLN A 19 14.85 1.07 -1.13
CA GLN A 19 16.00 0.96 -0.27
C GLN A 19 16.10 -0.45 0.32
N THR A 20 17.25 -1.07 0.12
CA THR A 20 17.48 -2.41 0.62
C THR A 20 18.50 -2.39 1.75
N VAL A 21 18.11 -2.98 2.88
CA VAL A 21 18.98 -3.03 4.04
C VAL A 21 18.86 -4.41 4.69
N GLY A 22 19.83 -4.71 5.55
CA GLY A 22 19.85 -5.99 6.25
C GLY A 22 21.03 -6.85 5.79
N VAL A 23 21.26 -7.93 6.53
CA VAL A 23 22.35 -8.83 6.22
C VAL A 23 22.06 -9.53 4.89
N GLY A 24 23.09 -9.61 4.07
CA GLY A 24 22.96 -10.25 2.77
C GLY A 24 22.52 -11.72 2.92
N ARG A 25 21.22 -11.90 3.07
CA ARG A 25 20.67 -13.24 3.22
C ARG A 25 19.19 -13.15 3.60
N ALA A 26 18.93 -12.47 4.70
CA ALA A 26 17.57 -12.30 5.18
C ALA A 26 17.21 -10.82 5.21
N ARG A 27 17.95 -10.05 4.44
CA ARG A 27 17.73 -8.62 4.35
C ARG A 27 16.29 -8.33 3.93
N PHE A 28 15.96 -7.05 3.87
CA PHE A 28 14.62 -6.63 3.49
C PHE A 28 14.68 -5.39 2.58
N THR A 29 13.52 -5.05 2.04
CA THR A 29 13.42 -3.90 1.16
C THR A 29 12.11 -3.14 1.43
N THR A 30 12.14 -1.85 1.11
CA THR A 30 10.97 -1.01 1.32
C THR A 30 10.95 0.11 0.28
N TYR A 31 9.81 0.77 0.20
CA TYR A 31 9.64 1.87 -0.74
C TYR A 31 8.97 3.08 -0.07
N GLU A 32 9.10 4.22 -0.72
CA GLU A 32 8.53 5.45 -0.20
C GLU A 32 7.05 5.55 -0.60
N VAL A 33 6.19 5.22 0.33
CA VAL A 33 4.75 5.28 0.08
C VAL A 33 4.26 6.71 0.29
N ARG A 34 4.22 7.46 -0.80
CA ARG A 34 3.78 8.84 -0.76
C ARG A 34 2.41 8.98 -1.43
N MET A 35 1.42 9.32 -0.64
CA MET A 35 0.07 9.49 -1.14
C MET A 35 -0.32 10.97 -1.21
N ARG A 36 -1.24 11.27 -2.12
CA ARG A 36 -1.69 12.63 -2.29
C ARG A 36 -3.17 12.66 -2.66
N THR A 37 -3.97 13.19 -1.75
CA THR A 37 -5.41 13.29 -1.97
C THR A 37 -5.92 14.66 -1.55
N ASN A 38 -7.16 14.94 -1.95
CA ASN A 38 -7.78 16.21 -1.62
C ASN A 38 -9.17 15.96 -1.03
N LEU A 39 -9.35 14.74 -0.53
CA LEU A 39 -10.62 14.36 0.06
C LEU A 39 -10.54 14.52 1.58
N PRO A 40 -11.73 14.77 2.20
CA PRO A 40 -11.81 14.95 3.63
C PRO A 40 -11.66 13.60 4.37
N ILE A 41 -12.25 12.58 3.78
CA ILE A 41 -12.19 11.25 4.35
C ILE A 41 -10.80 11.03 4.97
N PHE A 42 -9.78 11.45 4.24
CA PHE A 42 -8.41 11.31 4.70
C PHE A 42 -8.05 12.42 5.69
N LYS A 43 -7.35 12.04 6.74
CA LYS A 43 -6.93 13.00 7.75
C LYS A 43 -5.85 13.91 7.17
N LEU A 44 -4.82 13.28 6.63
CA LEU A 44 -3.72 14.02 6.05
C LEU A 44 -3.92 14.12 4.53
N LYS A 45 -3.39 15.18 3.96
CA LYS A 45 -3.51 15.41 2.53
C LYS A 45 -2.35 14.70 1.81
N GLU A 46 -1.20 14.69 2.47
CA GLU A 46 -0.02 14.06 1.91
C GLU A 46 0.94 13.64 3.03
N SER A 47 1.57 12.50 2.83
CA SER A 47 2.52 11.98 3.80
C SER A 47 3.50 11.02 3.13
N CYS A 48 4.57 10.72 3.85
CA CYS A 48 5.58 9.82 3.34
C CYS A 48 5.93 8.81 4.43
N VAL A 49 5.78 7.53 4.09
CA VAL A 49 6.08 6.47 5.03
C VAL A 49 6.83 5.36 4.31
N ARG A 50 7.17 4.32 5.07
CA ARG A 50 7.89 3.18 4.51
C ARG A 50 7.31 1.88 5.05
N ARG A 51 7.15 0.93 4.14
CA ARG A 51 6.60 -0.37 4.49
C ARG A 51 7.05 -1.43 3.49
N ARG A 52 6.84 -2.68 3.88
CA ARG A 52 7.22 -3.79 3.01
C ARG A 52 6.00 -4.33 2.27
N TYR A 53 6.26 -4.89 1.10
CA TYR A 53 5.19 -5.44 0.27
C TYR A 53 4.18 -6.20 1.13
N SER A 54 4.69 -7.14 1.91
CA SER A 54 3.85 -7.94 2.78
C SER A 54 2.73 -7.08 3.36
N ASP A 55 3.05 -5.81 3.57
CA ASP A 55 2.09 -4.87 4.12
C ASP A 55 0.80 -4.92 3.29
N PHE A 56 0.95 -4.63 2.01
CA PHE A 56 -0.19 -4.64 1.11
C PHE A 56 -1.02 -5.91 1.29
N GLU A 57 -0.32 -7.03 1.36
CA GLU A 57 -0.98 -8.31 1.53
C GLU A 57 -1.88 -8.29 2.77
N TRP A 58 -1.35 -7.72 3.84
CA TRP A 58 -2.08 -7.62 5.09
C TRP A 58 -3.23 -6.61 4.88
N LEU A 59 -3.01 -5.71 3.94
CA LEU A 59 -4.00 -4.69 3.64
C LEU A 59 -5.12 -5.31 2.79
N LYS A 60 -4.73 -5.81 1.63
CA LYS A 60 -5.68 -6.42 0.72
C LYS A 60 -6.64 -7.32 1.53
N ASN A 61 -6.07 -8.35 2.14
CA ASN A 61 -6.85 -9.27 2.94
C ASN A 61 -7.85 -8.49 3.79
N GLU A 62 -7.31 -7.57 4.58
CA GLU A 62 -8.15 -6.75 5.44
C GLU A 62 -9.33 -6.19 4.66
N LEU A 63 -9.08 -5.91 3.39
CA LEU A 63 -10.13 -5.36 2.52
C LEU A 63 -11.07 -6.50 2.10
N GLU A 64 -10.48 -7.68 1.95
CA GLU A 64 -11.25 -8.84 1.55
C GLU A 64 -11.86 -9.53 2.77
N ARG A 65 -12.39 -8.71 3.66
CA ARG A 65 -13.01 -9.21 4.87
C ARG A 65 -14.14 -10.18 4.53
N ASP A 66 -15.20 -9.62 3.96
CA ASP A 66 -16.35 -10.41 3.57
C ASP A 66 -17.47 -9.49 3.10
N SER A 67 -17.10 -8.59 2.20
CA SER A 67 -18.06 -7.64 1.65
C SER A 67 -18.09 -7.75 0.13
N LYS A 68 -18.33 -6.61 -0.51
CA LYS A 68 -18.40 -6.56 -1.96
C LYS A 68 -17.17 -5.81 -2.50
N ILE A 69 -16.28 -5.47 -1.58
CA ILE A 69 -15.07 -4.75 -1.94
C ILE A 69 -14.30 -5.55 -2.99
N VAL A 70 -13.92 -4.87 -4.05
CA VAL A 70 -13.18 -5.51 -5.14
C VAL A 70 -11.71 -5.09 -5.06
N VAL A 71 -10.91 -5.99 -4.51
CA VAL A 71 -9.48 -5.73 -4.36
C VAL A 71 -8.73 -6.40 -5.52
N PRO A 72 -7.76 -5.64 -6.09
CA PRO A 72 -6.96 -6.15 -7.19
C PRO A 72 -5.93 -7.16 -6.70
N PRO A 73 -5.35 -7.91 -7.68
CA PRO A 73 -4.35 -8.91 -7.35
C PRO A 73 -3.00 -8.26 -7.02
N LEU A 74 -2.27 -8.92 -6.13
CA LEU A 74 -0.98 -8.40 -5.71
C LEU A 74 0.11 -9.03 -6.58
N PRO A 75 1.16 -8.22 -6.88
CA PRO A 75 2.27 -8.68 -7.69
C PRO A 75 3.18 -9.61 -6.90
N GLY A 76 2.61 -10.74 -6.50
CA GLY A 76 3.36 -11.72 -5.73
C GLY A 76 3.24 -13.12 -6.36
N LYS A 77 3.10 -14.11 -5.49
CA LYS A 77 2.97 -15.49 -5.94
C LYS A 77 1.97 -16.21 -5.04
N ALA A 78 1.19 -17.09 -5.66
CA ALA A 78 0.20 -17.86 -4.94
C ALA A 78 0.23 -19.31 -5.42
N LEU A 79 -0.17 -20.21 -4.53
CA LEU A 79 -0.20 -21.63 -4.85
C LEU A 79 1.22 -22.11 -5.11
N LYS A 80 1.94 -22.38 -4.03
CA LYS A 80 3.31 -22.84 -4.13
C LYS A 80 3.33 -24.25 -4.75
N ARG A 81 4.51 -24.66 -5.17
CA ARG A 81 4.67 -25.97 -5.78
C ARG A 81 5.97 -26.61 -5.32
N GLN A 82 6.03 -27.93 -5.46
CA GLN A 82 7.22 -28.67 -5.06
C GLN A 82 8.45 -28.15 -5.82
N LEU A 83 8.34 -28.14 -7.14
CA LEU A 83 9.42 -27.67 -7.98
C LEU A 83 9.70 -26.20 -7.68
N PRO A 84 10.99 -25.82 -7.81
CA PRO A 84 11.39 -24.44 -7.55
C PRO A 84 10.97 -23.53 -8.70
N PHE A 85 10.49 -22.34 -8.33
CA PHE A 85 10.05 -21.38 -9.31
C PHE A 85 10.80 -20.06 -9.16
N ARG A 86 10.60 -19.17 -10.13
CA ARG A 86 11.25 -17.88 -10.11
C ARG A 86 10.53 -16.93 -9.14
N GLY A 87 11.32 -16.13 -8.46
CA GLY A 87 10.77 -15.17 -7.51
C GLY A 87 10.36 -15.87 -6.22
N ASP A 88 11.21 -15.75 -5.20
CA ASP A 88 10.93 -16.36 -3.92
C ASP A 88 12.19 -16.30 -3.04
N GLU A 89 13.34 -16.37 -3.71
CA GLU A 89 14.60 -16.31 -3.02
C GLU A 89 15.50 -15.22 -3.61
N GLY A 90 15.69 -15.32 -4.92
CA GLY A 90 16.51 -14.35 -5.63
C GLY A 90 16.24 -12.93 -5.13
N ILE A 91 15.16 -12.35 -5.65
CA ILE A 91 14.79 -11.00 -5.27
C ILE A 91 16.05 -10.14 -5.13
N PHE A 92 16.46 -9.58 -6.25
CA PHE A 92 17.65 -8.74 -6.27
C PHE A 92 17.73 -7.93 -7.56
N GLU A 93 17.43 -8.61 -8.67
CA GLU A 93 17.47 -7.97 -9.97
C GLU A 93 16.72 -6.64 -9.93
N GLU A 94 17.27 -5.66 -10.66
CA GLU A 94 16.66 -4.35 -10.72
C GLU A 94 15.38 -4.39 -11.53
N SER A 95 15.11 -5.54 -12.12
CA SER A 95 13.93 -5.72 -12.93
C SER A 95 12.80 -6.30 -12.08
N PHE A 96 13.18 -7.14 -11.13
CA PHE A 96 12.22 -7.76 -10.24
C PHE A 96 11.60 -6.73 -9.29
N ILE A 97 12.49 -6.01 -8.61
CA ILE A 97 12.04 -5.00 -7.66
C ILE A 97 11.08 -4.04 -8.36
N GLU A 98 11.52 -3.56 -9.52
CA GLU A 98 10.71 -2.63 -10.30
C GLU A 98 9.31 -3.22 -10.52
N GLU A 99 9.28 -4.45 -11.00
CA GLU A 99 8.02 -5.13 -11.26
C GLU A 99 7.07 -4.97 -10.07
N ARG A 100 7.65 -5.06 -8.88
CA ARG A 100 6.88 -4.93 -7.66
C ARG A 100 6.58 -3.45 -7.38
N ARG A 101 7.64 -2.65 -7.41
CA ARG A 101 7.52 -1.22 -7.16
C ARG A 101 6.23 -0.69 -7.80
N GLN A 102 6.20 -0.73 -9.12
CA GLN A 102 5.04 -0.25 -9.86
C GLN A 102 3.82 -1.11 -9.54
N GLY A 103 4.01 -2.41 -9.60
CA GLY A 103 2.94 -3.35 -9.32
C GLY A 103 2.06 -2.85 -8.16
N LEU A 104 2.71 -2.65 -7.02
CA LEU A 104 2.02 -2.16 -5.84
C LEU A 104 1.37 -0.82 -6.14
N GLU A 105 2.20 0.12 -6.56
CA GLU A 105 1.72 1.46 -6.89
C GLU A 105 0.44 1.38 -7.71
N GLN A 106 0.49 0.53 -8.73
CA GLN A 106 -0.67 0.34 -9.61
C GLN A 106 -1.85 -0.20 -8.81
N PHE A 107 -1.60 -1.29 -8.11
CA PHE A 107 -2.63 -1.92 -7.30
C PHE A 107 -3.34 -0.90 -6.42
N ILE A 108 -2.55 -0.20 -5.61
CA ILE A 108 -3.09 0.80 -4.72
C ILE A 108 -3.74 1.91 -5.54
N ASN A 109 -3.00 2.40 -6.51
CA ASN A 109 -3.50 3.46 -7.38
C ASN A 109 -4.95 3.16 -7.76
N LYS A 110 -5.22 1.89 -7.99
CA LYS A 110 -6.55 1.45 -8.36
C LYS A 110 -7.37 1.18 -7.09
N ILE A 111 -6.71 0.56 -6.12
CA ILE A 111 -7.37 0.24 -4.87
C ILE A 111 -7.94 1.52 -4.26
N ALA A 112 -7.09 2.53 -4.19
CA ALA A 112 -7.50 3.82 -3.63
C ALA A 112 -8.80 4.26 -4.30
N GLY A 113 -8.77 4.30 -5.62
CA GLY A 113 -9.94 4.70 -6.39
C GLY A 113 -11.22 4.09 -5.79
N HIS A 114 -11.09 2.87 -5.34
CA HIS A 114 -12.22 2.16 -4.75
C HIS A 114 -12.81 3.00 -3.62
N PRO A 115 -14.16 3.13 -3.65
CA PRO A 115 -14.86 3.90 -2.64
C PRO A 115 -14.94 3.13 -1.32
N LEU A 116 -15.33 1.87 -1.44
CA LEU A 116 -15.46 1.02 -0.26
C LEU A 116 -14.14 1.05 0.52
N ALA A 117 -13.05 1.11 -0.22
CA ALA A 117 -11.73 1.14 0.39
C ALA A 117 -11.50 2.52 1.02
N GLN A 118 -11.83 3.55 0.24
CA GLN A 118 -11.67 4.91 0.72
C GLN A 118 -12.33 5.09 2.09
N ASN A 119 -13.25 4.19 2.38
CA ASN A 119 -13.96 4.24 3.65
C ASN A 119 -13.23 3.36 4.67
N GLU A 120 -12.66 2.27 4.16
CA GLU A 120 -11.94 1.33 5.01
C GLU A 120 -10.89 2.08 5.83
N ARG A 121 -10.73 1.63 7.07
CA ARG A 121 -9.77 2.24 7.97
C ARG A 121 -8.37 1.67 7.73
N CYS A 122 -8.32 0.35 7.61
CA CYS A 122 -7.06 -0.33 7.38
C CYS A 122 -6.29 0.44 6.30
N LEU A 123 -7.03 0.88 5.30
CA LEU A 123 -6.43 1.62 4.20
C LEU A 123 -5.83 2.93 4.74
N HIS A 124 -6.68 3.69 5.41
CA HIS A 124 -6.26 4.95 5.98
C HIS A 124 -4.93 4.76 6.72
N MET A 125 -4.82 3.63 7.40
CA MET A 125 -3.62 3.31 8.14
C MET A 125 -2.43 3.08 7.20
N PHE A 126 -2.63 2.16 6.26
CA PHE A 126 -1.60 1.83 5.30
C PHE A 126 -0.89 3.10 4.80
N LEU A 127 -1.63 4.21 4.84
CA LEU A 127 -1.09 5.48 4.40
C LEU A 127 -1.02 6.44 5.59
N GLN A 128 -0.14 7.41 5.48
CA GLN A 128 0.03 8.40 6.53
C GLN A 128 0.79 7.79 7.72
N GLU A 129 0.24 6.69 8.22
CA GLU A 129 0.84 6.00 9.35
C GLU A 129 2.09 5.25 8.90
N GLU A 130 3.13 5.37 9.71
CA GLU A 130 4.40 4.70 9.41
C GLU A 130 4.25 3.19 9.61
N ALA A 131 4.20 2.79 10.87
CA ALA A 131 4.06 1.38 11.20
C ALA A 131 2.59 1.05 11.42
N ILE A 132 2.19 -0.11 10.92
CA ILE A 132 0.81 -0.55 11.05
C ILE A 132 0.66 -1.33 12.35
N ASP A 133 -0.45 -1.08 13.03
CA ASP A 133 -0.73 -1.75 14.30
C ASP A 133 -1.65 -2.94 14.05
N ARG A 134 -1.23 -4.10 14.51
CA ARG A 134 -2.01 -5.31 14.35
C ARG A 134 -2.94 -5.52 15.54
N ASN A 135 -3.27 -4.41 16.19
CA ASN A 135 -4.13 -4.45 17.36
C ASN A 135 -5.09 -3.25 17.31
N TYR A 136 -5.33 -2.76 16.10
CA TYR A 136 -6.21 -1.63 15.91
C TYR A 136 -7.68 -2.08 15.92
N VAL A 137 -8.56 -1.09 15.84
CA VAL A 137 -9.98 -1.36 15.84
C VAL A 137 -10.55 -1.08 14.45
N PRO A 138 -11.21 -2.13 13.88
CA PRO A 138 -11.80 -2.02 12.56
C PRO A 138 -13.08 -1.18 12.60
N GLY A 139 -13.67 -0.99 11.42
CA GLY A 139 -14.90 -0.23 11.32
C GLY A 139 -15.64 -0.56 10.02
N LYS A 140 -16.86 -1.05 10.19
CA LYS A 140 -17.67 -1.42 9.04
C LYS A 140 -18.84 -0.43 8.92
N SER A 141 -19.79 -0.58 9.83
CA SER A 141 -20.96 0.29 9.83
C SER A 141 -20.51 1.76 9.90
N GLY A 142 -21.13 2.56 9.05
CA GLY A 142 -20.82 3.98 9.00
C GLY A 142 -22.07 4.81 8.68
N PRO A 143 -21.95 5.62 7.60
CA PRO A 143 -23.06 6.46 7.18
C PRO A 143 -24.16 5.64 6.50
N SER A 144 -23.72 4.71 5.66
CA SER A 144 -24.65 3.85 4.94
C SER A 144 -23.87 2.90 4.03
N SER A 145 -24.03 1.61 4.31
CA SER A 145 -23.36 0.59 3.53
C SER A 145 -24.39 -0.26 2.78
N GLY A 146 -25.29 -0.86 3.54
CA GLY A 146 -26.32 -1.70 2.96
C GLY A 146 -27.68 -1.00 3.01
N GLY A 1 8.78 27.42 -7.65
CA GLY A 1 7.51 27.25 -8.32
C GLY A 1 6.40 28.02 -7.61
N SER A 2 5.89 27.42 -6.55
CA SER A 2 4.83 28.05 -5.78
C SER A 2 3.58 28.23 -6.65
N SER A 3 2.58 27.40 -6.39
CA SER A 3 1.35 27.45 -7.14
C SER A 3 0.18 27.00 -6.27
N GLY A 4 -1.01 27.46 -6.63
CA GLY A 4 -2.21 27.09 -5.89
C GLY A 4 -3.45 27.23 -6.76
N SER A 5 -4.06 26.09 -7.05
CA SER A 5 -5.26 26.07 -7.88
C SER A 5 -6.13 24.87 -7.50
N SER A 6 -7.43 25.13 -7.41
CA SER A 6 -8.37 24.08 -7.06
C SER A 6 -9.08 23.57 -8.32
N GLY A 7 -9.49 22.31 -8.25
CA GLY A 7 -10.18 21.70 -9.38
C GLY A 7 -10.95 20.46 -8.94
N SER A 8 -10.77 19.38 -9.69
CA SER A 8 -11.45 18.14 -9.39
C SER A 8 -10.68 17.38 -8.30
N ASN A 9 -11.29 16.29 -7.84
CA ASN A 9 -10.68 15.48 -6.80
C ASN A 9 -9.82 14.39 -7.45
N PHE A 10 -8.71 14.09 -6.79
CA PHE A 10 -7.80 13.08 -7.28
C PHE A 10 -7.04 12.41 -6.13
N LEU A 11 -7.07 11.08 -6.15
CA LEU A 11 -6.40 10.31 -5.11
C LEU A 11 -5.42 9.34 -5.77
N GLU A 12 -4.14 9.67 -5.65
CA GLU A 12 -3.10 8.84 -6.22
C GLU A 12 -1.99 8.59 -5.19
N ILE A 13 -1.16 7.60 -5.47
CA ILE A 13 -0.06 7.26 -4.59
C ILE A 13 1.21 7.02 -5.42
N ASP A 14 2.34 7.15 -4.76
CA ASP A 14 3.62 6.96 -5.42
C ASP A 14 4.45 5.95 -4.62
N ILE A 15 5.01 4.99 -5.33
CA ILE A 15 5.83 3.97 -4.70
C ILE A 15 7.18 3.89 -5.43
N PHE A 16 8.17 4.54 -4.83
CA PHE A 16 9.51 4.55 -5.40
C PHE A 16 10.56 4.73 -4.32
N ASN A 17 11.81 4.85 -4.76
CA ASN A 17 12.92 5.02 -3.84
C ASN A 17 13.11 3.75 -3.02
N PRO A 18 13.62 2.69 -3.71
CA PRO A 18 13.85 1.41 -3.06
C PRO A 18 15.09 1.48 -2.16
N GLN A 19 14.98 0.82 -1.01
CA GLN A 19 16.08 0.78 -0.06
C GLN A 19 16.24 -0.63 0.51
N THR A 20 17.41 -1.20 0.25
CA THR A 20 17.70 -2.54 0.73
C THR A 20 18.57 -2.48 1.99
N VAL A 21 18.35 -3.44 2.88
CA VAL A 21 19.09 -3.51 4.12
C VAL A 21 19.81 -4.85 4.20
N GLY A 22 20.79 -4.91 5.09
CA GLY A 22 21.55 -6.13 5.29
C GLY A 22 22.11 -6.65 3.96
N VAL A 23 22.91 -7.70 4.06
CA VAL A 23 23.50 -8.30 2.87
C VAL A 23 23.49 -9.82 3.02
N GLY A 24 23.20 -10.50 1.92
CA GLY A 24 23.15 -11.94 1.91
C GLY A 24 21.99 -12.46 1.06
N ARG A 25 21.38 -13.53 1.52
CA ARG A 25 20.27 -14.13 0.81
C ARG A 25 18.94 -13.72 1.47
N ALA A 26 17.85 -14.07 0.80
CA ALA A 26 16.53 -13.75 1.30
C ALA A 26 16.54 -12.33 1.89
N ARG A 27 16.65 -11.36 1.01
CA ARG A 27 16.68 -9.97 1.43
C ARG A 27 15.38 -9.27 1.03
N PHE A 28 15.32 -7.98 1.33
CA PHE A 28 14.14 -7.18 1.01
C PHE A 28 14.51 -5.71 0.85
N THR A 29 13.52 -4.93 0.42
CA THR A 29 13.72 -3.50 0.23
C THR A 29 12.49 -2.73 0.68
N THR A 30 12.67 -1.42 0.82
CA THR A 30 11.58 -0.56 1.24
C THR A 30 11.37 0.57 0.23
N TYR A 31 10.10 0.83 -0.06
CA TYR A 31 9.75 1.88 -1.00
C TYR A 31 9.07 3.05 -0.29
N GLU A 32 9.11 4.20 -0.95
CA GLU A 32 8.49 5.40 -0.40
C GLU A 32 7.01 5.47 -0.78
N VAL A 33 6.16 5.16 0.20
CA VAL A 33 4.73 5.18 -0.02
C VAL A 33 4.22 6.61 0.17
N ARG A 34 4.09 7.32 -0.95
CA ARG A 34 3.61 8.69 -0.93
C ARG A 34 2.19 8.76 -1.48
N MET A 35 1.27 9.20 -0.63
CA MET A 35 -0.11 9.33 -1.02
C MET A 35 -0.56 10.79 -1.01
N ARG A 36 -1.40 11.12 -1.99
CA ARG A 36 -1.90 12.47 -2.11
C ARG A 36 -3.40 12.46 -2.45
N THR A 37 -4.08 13.49 -1.97
CA THR A 37 -5.52 13.60 -2.21
C THR A 37 -6.03 14.97 -1.75
N ASN A 38 -7.21 15.31 -2.21
CA ASN A 38 -7.82 16.58 -1.86
C ASN A 38 -9.17 16.32 -1.18
N LEU A 39 -9.39 15.06 -0.84
CA LEU A 39 -10.63 14.67 -0.18
C LEU A 39 -10.53 14.96 1.32
N PRO A 40 -11.73 15.14 1.95
CA PRO A 40 -11.78 15.43 3.36
C PRO A 40 -11.51 14.16 4.18
N ILE A 41 -12.01 13.05 3.68
CA ILE A 41 -11.83 11.78 4.35
C ILE A 41 -10.43 11.71 4.95
N PHE A 42 -9.46 12.12 4.14
CA PHE A 42 -8.06 12.12 4.58
C PHE A 42 -7.74 13.38 5.37
N LYS A 43 -7.19 13.17 6.57
CA LYS A 43 -6.83 14.28 7.43
C LYS A 43 -5.62 15.00 6.85
N LEU A 44 -4.67 14.20 6.37
CA LEU A 44 -3.46 14.74 5.78
C LEU A 44 -3.60 14.77 4.26
N LYS A 45 -3.09 15.85 3.67
CA LYS A 45 -3.15 16.02 2.23
C LYS A 45 -2.09 15.13 1.57
N GLU A 46 -1.01 14.92 2.30
CA GLU A 46 0.08 14.09 1.80
C GLU A 46 0.89 13.53 2.96
N SER A 47 1.37 12.30 2.77
CA SER A 47 2.15 11.64 3.79
C SER A 47 3.08 10.61 3.14
N CYS A 48 4.24 10.43 3.76
CA CYS A 48 5.22 9.49 3.26
C CYS A 48 5.57 8.51 4.38
N VAL A 49 5.55 7.23 4.04
CA VAL A 49 5.85 6.19 5.00
C VAL A 49 6.63 5.07 4.31
N ARG A 50 7.05 4.10 5.12
CA ARG A 50 7.81 2.97 4.60
C ARG A 50 7.12 1.66 4.97
N ARG A 51 6.81 0.89 3.92
CA ARG A 51 6.16 -0.39 4.12
C ARG A 51 6.62 -1.40 3.07
N ARG A 52 6.77 -2.64 3.51
CA ARG A 52 7.21 -3.70 2.61
C ARG A 52 6.06 -4.15 1.71
N TYR A 53 6.36 -5.11 0.85
CA TYR A 53 5.36 -5.63 -0.07
C TYR A 53 4.32 -6.47 0.68
N SER A 54 4.76 -7.08 1.76
CA SER A 54 3.88 -7.91 2.56
C SER A 54 2.80 -7.06 3.21
N ASP A 55 3.17 -5.83 3.56
CA ASP A 55 2.24 -4.90 4.17
C ASP A 55 0.93 -4.92 3.39
N PHE A 56 1.03 -4.66 2.10
CA PHE A 56 -0.13 -4.63 1.24
C PHE A 56 -1.00 -5.88 1.46
N GLU A 57 -0.37 -7.03 1.31
CA GLU A 57 -1.06 -8.29 1.48
C GLU A 57 -2.04 -8.20 2.67
N TRP A 58 -1.52 -7.68 3.78
CA TRP A 58 -2.32 -7.54 4.98
C TRP A 58 -3.52 -6.67 4.64
N LEU A 59 -3.24 -5.41 4.30
CA LEU A 59 -4.28 -4.47 3.96
C LEU A 59 -5.28 -5.15 3.03
N LYS A 60 -4.75 -5.86 2.04
CA LYS A 60 -5.59 -6.56 1.08
C LYS A 60 -6.48 -7.55 1.81
N ASN A 61 -5.82 -8.47 2.53
CA ASN A 61 -6.55 -9.48 3.29
C ASN A 61 -7.59 -8.79 4.18
N GLU A 62 -7.20 -7.66 4.72
CA GLU A 62 -8.09 -6.89 5.59
C GLU A 62 -9.36 -6.49 4.83
N LEU A 63 -9.28 -6.58 3.51
CA LEU A 63 -10.40 -6.23 2.67
C LEU A 63 -11.14 -7.50 2.26
N GLU A 64 -10.41 -8.61 2.27
CA GLU A 64 -10.98 -9.89 1.90
C GLU A 64 -11.54 -10.59 3.15
N ARG A 65 -10.98 -10.23 4.29
CA ARG A 65 -11.42 -10.82 5.55
C ARG A 65 -12.91 -10.55 5.77
N ASP A 66 -13.38 -9.48 5.16
CA ASP A 66 -14.78 -9.11 5.28
C ASP A 66 -15.01 -7.76 4.59
N SER A 67 -15.72 -7.83 3.48
CA SER A 67 -16.01 -6.63 2.70
C SER A 67 -16.35 -7.00 1.26
N LYS A 68 -17.44 -6.44 0.77
CA LYS A 68 -17.88 -6.70 -0.58
C LYS A 68 -17.16 -5.74 -1.54
N ILE A 69 -15.87 -5.58 -1.32
CA ILE A 69 -15.06 -4.70 -2.15
C ILE A 69 -14.24 -5.54 -3.12
N VAL A 70 -13.92 -4.92 -4.25
CA VAL A 70 -13.14 -5.59 -5.27
C VAL A 70 -11.66 -5.22 -5.10
N VAL A 71 -10.92 -6.13 -4.50
CA VAL A 71 -9.50 -5.92 -4.27
C VAL A 71 -8.72 -6.38 -5.50
N PRO A 72 -7.72 -5.55 -5.90
CA PRO A 72 -6.89 -5.86 -7.04
C PRO A 72 -5.88 -6.96 -6.71
N PRO A 73 -5.41 -7.64 -7.79
CA PRO A 73 -4.43 -8.73 -7.62
C PRO A 73 -3.05 -8.17 -7.31
N LEU A 74 -2.32 -8.91 -6.49
CA LEU A 74 -0.97 -8.50 -6.11
C LEU A 74 0.02 -9.01 -7.15
N PRO A 75 1.10 -8.21 -7.35
CA PRO A 75 2.13 -8.57 -8.31
C PRO A 75 3.02 -9.70 -7.78
N GLY A 76 2.43 -10.88 -7.70
CA GLY A 76 3.15 -12.04 -7.20
C GLY A 76 2.41 -13.33 -7.55
N LYS A 77 2.99 -14.08 -8.48
CA LYS A 77 2.40 -15.33 -8.91
C LYS A 77 3.33 -16.03 -9.91
N ALA A 78 4.01 -17.05 -9.42
CA ALA A 78 4.94 -17.80 -10.25
C ALA A 78 5.28 -19.12 -9.57
N LEU A 79 5.63 -20.11 -10.38
CA LEU A 79 5.98 -21.41 -9.88
C LEU A 79 7.50 -21.59 -9.92
N LYS A 80 7.99 -22.45 -9.04
CA LYS A 80 9.42 -22.72 -8.98
C LYS A 80 9.77 -23.83 -9.97
N ARG A 81 9.44 -25.05 -9.58
CA ARG A 81 9.72 -26.21 -10.42
C ARG A 81 11.19 -26.60 -10.31
N GLN A 82 11.45 -27.86 -10.64
CA GLN A 82 12.81 -28.37 -10.59
C GLN A 82 13.36 -28.28 -9.16
N LEU A 83 14.24 -29.22 -8.83
CA LEU A 83 14.84 -29.26 -7.52
C LEU A 83 16.20 -28.56 -7.55
N PRO A 84 16.65 -28.11 -6.36
CA PRO A 84 17.93 -27.42 -6.25
C PRO A 84 19.09 -28.42 -6.35
N PHE A 85 20.02 -28.11 -7.24
CA PHE A 85 21.18 -28.96 -7.44
C PHE A 85 22.32 -28.57 -6.50
N ARG A 86 22.58 -27.27 -6.45
CA ARG A 86 23.64 -26.76 -5.59
C ARG A 86 23.38 -25.29 -5.26
N GLY A 87 22.52 -25.08 -4.28
CA GLY A 87 22.17 -23.74 -3.85
C GLY A 87 20.70 -23.43 -4.16
N ASP A 88 20.46 -22.17 -4.49
CA ASP A 88 19.11 -21.72 -4.81
C ASP A 88 19.14 -20.88 -6.08
N GLU A 89 17.96 -20.69 -6.65
CA GLU A 89 17.85 -19.90 -7.87
C GLU A 89 18.39 -18.49 -7.64
N GLY A 90 17.76 -17.79 -6.72
CA GLY A 90 18.16 -16.42 -6.39
C GLY A 90 17.54 -15.43 -7.37
N ILE A 91 17.05 -14.32 -6.81
CA ILE A 91 16.44 -13.29 -7.62
C ILE A 91 16.77 -11.91 -7.02
N PHE A 92 17.67 -11.21 -7.70
CA PHE A 92 18.08 -9.89 -7.25
C PHE A 92 18.49 -9.01 -8.43
N GLU A 93 17.50 -8.31 -8.97
CA GLU A 93 17.75 -7.43 -10.10
C GLU A 93 16.81 -6.22 -10.04
N GLU A 94 17.34 -5.08 -10.44
CA GLU A 94 16.57 -3.85 -10.43
C GLU A 94 15.19 -4.09 -11.05
N SER A 95 15.19 -4.73 -12.20
CA SER A 95 13.96 -5.03 -12.90
C SER A 95 12.94 -5.63 -11.93
N PHE A 96 13.31 -6.76 -11.36
CA PHE A 96 12.43 -7.44 -10.41
C PHE A 96 11.86 -6.45 -9.39
N ILE A 97 12.76 -5.84 -8.63
CA ILE A 97 12.35 -4.88 -7.62
C ILE A 97 11.38 -3.87 -8.24
N GLU A 98 11.75 -3.39 -9.41
CA GLU A 98 10.93 -2.42 -10.12
C GLU A 98 9.53 -3.00 -10.37
N GLU A 99 9.51 -4.22 -10.91
CA GLU A 99 8.26 -4.88 -11.20
C GLU A 99 7.30 -4.75 -10.01
N ARG A 100 7.75 -5.21 -8.86
CA ARG A 100 6.95 -5.15 -7.66
C ARG A 100 6.65 -3.69 -7.29
N ARG A 101 7.64 -2.84 -7.56
CA ARG A 101 7.50 -1.43 -7.26
C ARG A 101 6.28 -0.85 -7.98
N GLN A 102 6.28 -1.01 -9.30
CA GLN A 102 5.19 -0.51 -10.11
C GLN A 102 3.90 -1.27 -9.80
N GLY A 103 4.01 -2.60 -9.83
CA GLY A 103 2.87 -3.44 -9.55
C GLY A 103 2.07 -2.91 -8.36
N LEU A 104 2.72 -2.93 -7.20
CA LEU A 104 2.08 -2.47 -5.98
C LEU A 104 1.43 -1.10 -6.24
N GLU A 105 2.26 -0.17 -6.70
CA GLU A 105 1.78 1.17 -6.99
C GLU A 105 0.44 1.11 -7.72
N GLN A 106 0.36 0.20 -8.68
CA GLN A 106 -0.86 0.04 -9.46
C GLN A 106 -1.99 -0.46 -8.55
N PHE A 107 -1.72 -1.57 -7.88
CA PHE A 107 -2.71 -2.16 -7.00
C PHE A 107 -3.36 -1.09 -6.11
N ILE A 108 -2.52 -0.36 -5.40
CA ILE A 108 -3.00 0.70 -4.52
C ILE A 108 -3.68 1.78 -5.36
N ASN A 109 -2.99 2.18 -6.42
CA ASN A 109 -3.50 3.21 -7.31
C ASN A 109 -4.97 2.91 -7.62
N LYS A 110 -5.27 1.63 -7.78
CA LYS A 110 -6.62 1.20 -8.09
C LYS A 110 -7.40 1.04 -6.78
N ILE A 111 -6.74 0.46 -5.80
CA ILE A 111 -7.35 0.23 -4.51
C ILE A 111 -7.85 1.57 -3.95
N ALA A 112 -6.95 2.54 -3.95
CA ALA A 112 -7.27 3.87 -3.44
C ALA A 112 -8.50 4.39 -4.18
N GLY A 113 -8.38 4.48 -5.50
CA GLY A 113 -9.47 4.97 -6.32
C GLY A 113 -10.82 4.48 -5.80
N HIS A 114 -10.83 3.23 -5.36
CA HIS A 114 -12.05 2.65 -4.83
C HIS A 114 -12.64 3.56 -3.76
N PRO A 115 -13.97 3.82 -3.89
CA PRO A 115 -14.67 4.66 -2.95
C PRO A 115 -14.91 3.94 -1.62
N LEU A 116 -15.33 2.69 -1.73
CA LEU A 116 -15.60 1.89 -0.56
C LEU A 116 -14.33 1.79 0.28
N ALA A 117 -13.19 1.76 -0.42
CA ALA A 117 -11.91 1.66 0.25
C ALA A 117 -11.58 3.00 0.91
N GLN A 118 -11.86 4.08 0.18
CA GLN A 118 -11.60 5.41 0.68
C GLN A 118 -12.30 5.62 2.02
N ASN A 119 -13.28 4.78 2.27
CA ASN A 119 -14.04 4.86 3.51
C ASN A 119 -13.39 3.96 4.56
N GLU A 120 -12.88 2.83 4.10
CA GLU A 120 -12.23 1.88 4.97
C GLU A 120 -11.21 2.57 5.86
N ARG A 121 -11.21 2.20 7.13
CA ARG A 121 -10.30 2.78 8.09
C ARG A 121 -8.94 2.06 8.04
N CYS A 122 -8.97 0.86 7.50
CA CYS A 122 -7.76 0.06 7.38
C CYS A 122 -6.80 0.78 6.44
N LEU A 123 -7.29 1.06 5.24
CA LEU A 123 -6.49 1.74 4.24
C LEU A 123 -5.89 3.01 4.84
N HIS A 124 -6.78 3.90 5.27
CA HIS A 124 -6.35 5.15 5.87
C HIS A 124 -5.14 4.90 6.78
N MET A 125 -5.14 3.73 7.39
CA MET A 125 -4.04 3.35 8.28
C MET A 125 -2.75 3.13 7.50
N PHE A 126 -2.80 2.13 6.63
CA PHE A 126 -1.64 1.80 5.81
C PHE A 126 -0.88 3.05 5.40
N LEU A 127 -1.63 4.13 5.24
CA LEU A 127 -1.04 5.40 4.84
C LEU A 127 -1.11 6.38 6.02
N GLN A 128 -0.27 7.40 5.95
CA GLN A 128 -0.24 8.40 7.00
C GLN A 128 0.43 7.84 8.25
N GLU A 129 -0.13 6.74 8.74
CA GLU A 129 0.40 6.10 9.93
C GLU A 129 1.75 5.46 9.63
N GLU A 130 2.76 5.95 10.34
CA GLU A 130 4.11 5.44 10.16
C GLU A 130 4.14 3.92 10.36
N ALA A 131 3.53 3.49 11.46
CA ALA A 131 3.49 2.07 11.78
C ALA A 131 2.02 1.65 11.94
N ILE A 132 1.68 0.58 11.25
CA ILE A 132 0.32 0.06 11.30
C ILE A 132 0.11 -0.67 12.63
N ASP A 133 -0.94 -0.27 13.33
CA ASP A 133 -1.26 -0.86 14.61
C ASP A 133 -2.23 -2.03 14.40
N ARG A 134 -1.66 -3.17 14.04
CA ARG A 134 -2.46 -4.36 13.80
C ARG A 134 -3.61 -4.43 14.81
N ASN A 135 -4.65 -5.15 14.41
CA ASN A 135 -5.82 -5.31 15.26
C ASN A 135 -6.15 -3.98 15.93
N TYR A 136 -6.54 -3.00 15.11
CA TYR A 136 -6.87 -1.69 15.61
C TYR A 136 -8.31 -1.64 16.11
N VAL A 137 -8.65 -0.53 16.76
CA VAL A 137 -9.98 -0.35 17.30
C VAL A 137 -10.74 0.67 16.45
N PRO A 138 -11.82 0.19 15.78
CA PRO A 138 -12.63 1.05 14.94
C PRO A 138 -13.52 1.96 15.79
N GLY A 139 -13.74 3.16 15.27
CA GLY A 139 -14.56 4.14 15.96
C GLY A 139 -15.90 4.33 15.26
N LYS A 140 -16.12 3.50 14.24
CA LYS A 140 -17.35 3.57 13.47
C LYS A 140 -17.33 4.82 12.59
N SER A 141 -17.09 4.60 11.32
CA SER A 141 -17.05 5.69 10.36
C SER A 141 -18.42 5.87 9.70
N GLY A 142 -18.97 7.06 9.86
CA GLY A 142 -20.27 7.36 9.28
C GLY A 142 -20.24 8.70 8.55
N PRO A 143 -20.13 8.62 7.20
CA PRO A 143 -20.09 9.82 6.37
C PRO A 143 -21.48 10.44 6.25
N SER A 144 -21.51 11.62 5.65
CA SER A 144 -22.77 12.34 5.46
C SER A 144 -23.08 12.47 3.97
N SER A 145 -22.17 13.12 3.25
CA SER A 145 -22.34 13.32 1.83
C SER A 145 -23.65 14.05 1.55
N GLY A 146 -23.57 15.38 1.58
CA GLY A 146 -24.74 16.21 1.34
C GLY A 146 -25.36 15.89 -0.03
N GLY A 1 -5.39 32.58 10.24
CA GLY A 1 -5.21 31.89 8.97
C GLY A 1 -6.53 31.75 8.23
N SER A 2 -6.43 31.26 6.99
CA SER A 2 -7.61 31.08 6.17
C SER A 2 -7.21 30.48 4.82
N SER A 3 -8.12 29.69 4.26
CA SER A 3 -7.88 29.05 2.97
C SER A 3 -9.17 28.43 2.45
N GLY A 4 -9.14 28.07 1.18
CA GLY A 4 -10.30 27.46 0.53
C GLY A 4 -10.00 27.14 -0.93
N SER A 5 -10.53 26.00 -1.36
CA SER A 5 -10.33 25.56 -2.74
C SER A 5 -11.48 24.65 -3.16
N SER A 6 -11.52 24.37 -4.46
CA SER A 6 -12.55 23.51 -5.00
C SER A 6 -12.17 23.06 -6.42
N GLY A 7 -12.88 22.05 -6.89
CA GLY A 7 -12.64 21.53 -8.23
C GLY A 7 -12.60 19.99 -8.21
N SER A 8 -12.22 19.43 -9.35
CA SER A 8 -12.15 17.99 -9.48
C SER A 8 -11.29 17.40 -8.35
N ASN A 9 -11.39 16.09 -8.19
CA ASN A 9 -10.65 15.41 -7.16
C ASN A 9 -9.66 14.44 -7.81
N PHE A 10 -8.58 14.16 -7.07
CA PHE A 10 -7.55 13.25 -7.57
C PHE A 10 -6.84 12.56 -6.41
N LEU A 11 -6.88 11.23 -6.43
CA LEU A 11 -6.24 10.44 -5.40
C LEU A 11 -5.27 9.46 -6.05
N GLU A 12 -3.99 9.76 -5.88
CA GLU A 12 -2.95 8.91 -6.45
C GLU A 12 -1.88 8.61 -5.40
N ILE A 13 -1.09 7.58 -5.68
CA ILE A 13 -0.04 7.18 -4.77
C ILE A 13 1.26 6.94 -5.55
N ASP A 14 2.37 6.98 -4.83
CA ASP A 14 3.66 6.79 -5.45
C ASP A 14 4.46 5.76 -4.64
N ILE A 15 5.26 4.98 -5.36
CA ILE A 15 6.07 3.96 -4.72
C ILE A 15 7.48 3.98 -5.32
N PHE A 16 8.39 4.58 -4.56
CA PHE A 16 9.77 4.68 -5.01
C PHE A 16 10.73 4.76 -3.81
N ASN A 17 11.99 5.01 -4.12
CA ASN A 17 13.01 5.11 -3.08
C ASN A 17 13.16 3.75 -2.39
N PRO A 18 13.56 2.73 -3.20
CA PRO A 18 13.74 1.39 -2.69
C PRO A 18 15.03 1.29 -1.86
N GLN A 19 14.87 1.36 -0.55
CA GLN A 19 16.01 1.28 0.35
C GLN A 19 16.17 -0.15 0.87
N THR A 20 17.42 -0.60 0.86
CA THR A 20 17.72 -1.94 1.32
C THR A 20 18.07 -1.93 2.80
N VAL A 21 17.87 -3.07 3.45
CA VAL A 21 18.15 -3.20 4.87
C VAL A 21 19.48 -3.94 5.05
N GLY A 22 19.99 -3.86 6.27
CA GLY A 22 21.26 -4.52 6.59
C GLY A 22 21.33 -5.90 5.94
N VAL A 23 22.54 -6.26 5.52
CA VAL A 23 22.77 -7.54 4.88
C VAL A 23 22.93 -8.61 5.95
N GLY A 24 22.50 -9.82 5.61
CA GLY A 24 22.59 -10.94 6.53
C GLY A 24 22.14 -12.24 5.85
N ARG A 25 20.88 -12.25 5.43
CA ARG A 25 20.32 -13.42 4.77
C ARG A 25 18.99 -13.07 4.11
N ALA A 26 18.90 -13.38 2.82
CA ALA A 26 17.69 -13.10 2.08
C ALA A 26 17.23 -11.67 2.37
N ARG A 27 18.18 -10.75 2.31
CA ARG A 27 17.88 -9.35 2.56
C ARG A 27 16.63 -8.92 1.78
N PHE A 28 16.13 -7.76 2.14
CA PHE A 28 14.94 -7.23 1.50
C PHE A 28 15.05 -5.71 1.32
N THR A 29 14.06 -5.16 0.62
CA THR A 29 14.03 -3.73 0.37
C THR A 29 12.67 -3.15 0.75
N THR A 30 12.63 -1.83 0.86
CA THR A 30 11.40 -1.15 1.21
C THR A 30 10.97 -0.22 0.08
N TYR A 31 9.86 0.47 0.31
CA TYR A 31 9.34 1.41 -0.68
C TYR A 31 8.61 2.57 -0.01
N GLU A 32 8.87 3.76 -0.52
CA GLU A 32 8.25 4.96 0.02
C GLU A 32 6.82 5.08 -0.48
N VAL A 33 5.88 4.77 0.42
CA VAL A 33 4.47 4.84 0.09
C VAL A 33 3.98 6.28 0.27
N ARG A 34 3.92 7.00 -0.84
CA ARG A 34 3.47 8.37 -0.82
C ARG A 34 2.08 8.49 -1.46
N MET A 35 1.13 8.94 -0.66
CA MET A 35 -0.23 9.11 -1.14
C MET A 35 -0.64 10.58 -1.16
N ARG A 36 -1.40 10.94 -2.18
CA ARG A 36 -1.85 12.31 -2.32
C ARG A 36 -3.36 12.34 -2.62
N THR A 37 -3.99 13.41 -2.18
CA THR A 37 -5.43 13.57 -2.40
C THR A 37 -5.88 14.96 -1.92
N ASN A 38 -7.11 15.29 -2.29
CA ASN A 38 -7.67 16.58 -1.91
C ASN A 38 -9.06 16.36 -1.29
N LEU A 39 -9.33 15.10 -0.96
CA LEU A 39 -10.61 14.75 -0.37
C LEU A 39 -10.54 14.98 1.15
N PRO A 40 -11.75 15.17 1.75
CA PRO A 40 -11.84 15.41 3.18
C PRO A 40 -11.60 14.12 3.97
N ILE A 41 -12.13 13.03 3.42
CA ILE A 41 -11.99 11.74 4.07
C ILE A 41 -10.59 11.62 4.66
N PHE A 42 -9.60 12.03 3.88
CA PHE A 42 -8.22 11.98 4.32
C PHE A 42 -7.86 13.21 5.14
N LYS A 43 -7.21 12.96 6.28
CA LYS A 43 -6.80 14.03 7.16
C LYS A 43 -5.57 14.73 6.58
N LEU A 44 -4.58 13.92 6.24
CA LEU A 44 -3.35 14.44 5.68
C LEU A 44 -3.49 14.55 4.16
N LYS A 45 -3.05 15.68 3.63
CA LYS A 45 -3.12 15.92 2.21
C LYS A 45 -2.09 15.04 1.49
N GLU A 46 -1.01 14.75 2.20
CA GLU A 46 0.05 13.93 1.64
C GLU A 46 0.98 13.44 2.76
N SER A 47 1.41 12.20 2.61
CA SER A 47 2.31 11.60 3.59
C SER A 47 3.10 10.46 2.96
N CYS A 48 4.15 10.06 3.65
CA CYS A 48 5.01 8.98 3.16
C CYS A 48 5.25 8.00 4.31
N VAL A 49 5.39 6.74 3.95
CA VAL A 49 5.63 5.70 4.94
C VAL A 49 6.48 4.59 4.31
N ARG A 50 7.04 3.76 5.18
CA ARG A 50 7.88 2.67 4.73
C ARG A 50 7.33 1.33 5.24
N ARG A 51 6.94 0.48 4.30
CA ARG A 51 6.40 -0.82 4.65
C ARG A 51 6.76 -1.85 3.57
N ARG A 52 7.03 -3.06 4.03
CA ARG A 52 7.38 -4.13 3.11
C ARG A 52 6.17 -4.55 2.29
N TYR A 53 6.45 -5.14 1.14
CA TYR A 53 5.39 -5.59 0.25
C TYR A 53 4.32 -6.37 1.02
N SER A 54 4.78 -7.18 1.96
CA SER A 54 3.88 -7.98 2.77
C SER A 54 2.84 -7.08 3.43
N ASP A 55 3.15 -5.80 3.49
CA ASP A 55 2.25 -4.83 4.09
C ASP A 55 0.95 -4.78 3.28
N PHE A 56 1.11 -4.91 1.97
CA PHE A 56 -0.04 -4.88 1.08
C PHE A 56 -0.89 -6.15 1.25
N GLU A 57 -0.21 -7.25 1.52
CA GLU A 57 -0.89 -8.52 1.69
C GLU A 57 -1.74 -8.49 2.97
N TRP A 58 -1.39 -7.58 3.86
CA TRP A 58 -2.11 -7.43 5.11
C TRP A 58 -3.28 -6.48 4.88
N LEU A 59 -2.97 -5.38 4.19
CA LEU A 59 -3.98 -4.38 3.89
C LEU A 59 -5.07 -5.01 3.03
N LYS A 60 -4.64 -5.63 1.94
CA LYS A 60 -5.58 -6.26 1.03
C LYS A 60 -6.50 -7.20 1.81
N ASN A 61 -5.91 -8.27 2.33
CA ASN A 61 -6.67 -9.24 3.10
C ASN A 61 -7.59 -8.51 4.07
N GLU A 62 -7.03 -7.48 4.71
CA GLU A 62 -7.78 -6.70 5.68
C GLU A 62 -9.17 -6.36 5.10
N LEU A 63 -9.20 -6.16 3.79
CA LEU A 63 -10.44 -5.83 3.12
C LEU A 63 -11.29 -7.09 2.95
N GLU A 64 -10.68 -8.10 2.33
CA GLU A 64 -11.36 -9.36 2.11
C GLU A 64 -11.88 -9.93 3.44
N ARG A 65 -11.09 -9.70 4.48
CA ARG A 65 -11.45 -10.18 5.81
C ARG A 65 -12.90 -9.83 6.12
N ASP A 66 -13.19 -8.53 6.07
CA ASP A 66 -14.54 -8.05 6.34
C ASP A 66 -14.77 -6.74 5.58
N SER A 67 -15.45 -6.87 4.45
CA SER A 67 -15.73 -5.71 3.62
C SER A 67 -16.34 -6.16 2.29
N LYS A 68 -15.83 -7.28 1.79
CA LYS A 68 -16.31 -7.82 0.53
C LYS A 68 -15.92 -6.88 -0.61
N ILE A 69 -15.05 -5.93 -0.28
CA ILE A 69 -14.59 -4.96 -1.26
C ILE A 69 -13.83 -5.69 -2.36
N VAL A 70 -13.84 -5.09 -3.54
CA VAL A 70 -13.15 -5.66 -4.69
C VAL A 70 -11.68 -5.22 -4.67
N VAL A 71 -10.83 -6.12 -4.21
CA VAL A 71 -9.41 -5.84 -4.14
C VAL A 71 -8.71 -6.46 -5.35
N PRO A 72 -7.74 -5.67 -5.92
CA PRO A 72 -7.00 -6.14 -7.08
C PRO A 72 -5.95 -7.18 -6.68
N PRO A 73 -5.43 -7.90 -7.70
CA PRO A 73 -4.43 -8.92 -7.47
C PRO A 73 -3.07 -8.30 -7.17
N LEU A 74 -2.32 -8.96 -6.29
CA LEU A 74 -1.00 -8.49 -5.92
C LEU A 74 0.03 -8.98 -6.94
N PRO A 75 1.12 -8.18 -7.10
CA PRO A 75 2.17 -8.53 -8.03
C PRO A 75 3.04 -9.67 -7.47
N GLY A 76 2.41 -10.81 -7.26
CA GLY A 76 3.11 -11.97 -6.73
C GLY A 76 2.15 -13.16 -6.57
N LYS A 77 2.64 -14.32 -6.98
CA LYS A 77 1.85 -15.54 -6.89
C LYS A 77 2.78 -16.73 -6.62
N ALA A 78 2.22 -17.74 -5.98
CA ALA A 78 2.98 -18.94 -5.67
C ALA A 78 4.13 -18.57 -4.73
N LEU A 79 3.89 -18.77 -3.44
CA LEU A 79 4.88 -18.46 -2.43
C LEU A 79 5.57 -19.76 -2.00
N LYS A 80 6.89 -19.76 -2.13
CA LYS A 80 7.68 -20.92 -1.75
C LYS A 80 7.77 -21.00 -0.23
N ARG A 81 7.31 -22.13 0.30
CA ARG A 81 7.34 -22.34 1.74
C ARG A 81 8.55 -23.18 2.13
N GLN A 82 9.15 -22.81 3.25
CA GLN A 82 10.32 -23.51 3.75
C GLN A 82 11.39 -23.59 2.66
N LEU A 83 11.99 -22.44 2.39
CA LEU A 83 13.03 -22.35 1.38
C LEU A 83 14.01 -23.51 1.57
N PRO A 84 14.61 -23.95 0.43
CA PRO A 84 15.57 -25.04 0.46
C PRO A 84 16.91 -24.58 1.02
N PHE A 85 17.27 -25.15 2.17
CA PHE A 85 18.52 -24.81 2.81
C PHE A 85 19.66 -24.68 1.79
N ARG A 86 20.48 -23.67 2.00
CA ARG A 86 21.60 -23.42 1.10
C ARG A 86 21.10 -23.17 -0.32
N GLY A 87 20.91 -21.89 -0.63
CA GLY A 87 20.43 -21.51 -1.95
C GLY A 87 19.16 -20.66 -1.83
N ASP A 88 19.13 -19.60 -2.63
CA ASP A 88 17.98 -18.70 -2.64
C ASP A 88 17.83 -18.09 -4.03
N GLU A 89 16.64 -17.54 -4.27
CA GLU A 89 16.36 -16.92 -5.55
C GLU A 89 17.29 -15.74 -5.79
N GLY A 90 17.21 -14.76 -4.91
CA GLY A 90 18.04 -13.57 -5.02
C GLY A 90 17.26 -12.40 -5.62
N ILE A 91 17.42 -11.25 -4.99
CA ILE A 91 16.73 -10.05 -5.46
C ILE A 91 17.68 -8.86 -5.37
N PHE A 92 18.11 -8.40 -6.54
CA PHE A 92 19.02 -7.27 -6.60
C PHE A 92 18.75 -6.42 -7.84
N GLU A 93 18.61 -7.10 -8.97
CA GLU A 93 18.34 -6.41 -10.24
C GLU A 93 17.37 -5.26 -10.02
N GLU A 94 17.49 -4.26 -10.87
CA GLU A 94 16.63 -3.09 -10.79
C GLU A 94 15.33 -3.33 -11.56
N SER A 95 15.37 -4.32 -12.44
CA SER A 95 14.21 -4.66 -13.25
C SER A 95 13.14 -5.32 -12.38
N PHE A 96 13.55 -6.35 -11.65
CA PHE A 96 12.65 -7.06 -10.77
C PHE A 96 11.86 -6.09 -9.90
N ILE A 97 12.57 -5.44 -8.99
CA ILE A 97 11.95 -4.48 -8.08
C ILE A 97 10.93 -3.66 -8.86
N GLU A 98 11.39 -3.03 -9.92
CA GLU A 98 10.53 -2.21 -10.75
C GLU A 98 9.21 -2.94 -11.02
N GLU A 99 9.33 -4.21 -11.34
CA GLU A 99 8.16 -5.03 -11.63
C GLU A 99 7.16 -4.96 -10.46
N ARG A 100 7.59 -5.49 -9.33
CA ARG A 100 6.75 -5.50 -8.14
C ARG A 100 6.34 -4.07 -7.77
N ARG A 101 7.34 -3.20 -7.68
CA ARG A 101 7.10 -1.81 -7.34
C ARG A 101 5.85 -1.30 -8.06
N GLN A 102 5.96 -1.22 -9.37
CA GLN A 102 4.85 -0.74 -10.19
C GLN A 102 3.57 -1.50 -9.83
N GLY A 103 3.70 -2.82 -9.78
CA GLY A 103 2.56 -3.67 -9.45
C GLY A 103 1.82 -3.13 -8.22
N LEU A 104 2.57 -2.88 -7.17
CA LEU A 104 2.01 -2.37 -5.94
C LEU A 104 1.38 -1.00 -6.20
N GLU A 105 2.20 -0.11 -6.75
CA GLU A 105 1.74 1.24 -7.05
C GLU A 105 0.40 1.19 -7.79
N GLN A 106 0.36 0.37 -8.83
CA GLN A 106 -0.85 0.23 -9.62
C GLN A 106 -1.99 -0.30 -8.75
N PHE A 107 -1.72 -1.42 -8.09
CA PHE A 107 -2.71 -2.04 -7.23
C PHE A 107 -3.39 -0.99 -6.33
N ILE A 108 -2.57 -0.30 -5.56
CA ILE A 108 -3.07 0.73 -4.66
C ILE A 108 -3.71 1.85 -5.49
N ASN A 109 -2.99 2.29 -6.50
CA ASN A 109 -3.47 3.36 -7.36
C ASN A 109 -4.94 3.10 -7.69
N LYS A 110 -5.27 1.82 -7.85
CA LYS A 110 -6.63 1.44 -8.16
C LYS A 110 -7.40 1.19 -6.87
N ILE A 111 -6.74 0.53 -5.94
CA ILE A 111 -7.36 0.23 -4.65
C ILE A 111 -7.86 1.53 -4.01
N ALA A 112 -6.99 2.52 -4.00
CA ALA A 112 -7.33 3.82 -3.44
C ALA A 112 -8.60 4.35 -4.11
N GLY A 113 -8.53 4.47 -5.42
CA GLY A 113 -9.67 4.95 -6.20
C GLY A 113 -10.97 4.36 -5.67
N HIS A 114 -10.90 3.10 -5.27
CA HIS A 114 -12.07 2.42 -4.76
C HIS A 114 -12.77 3.29 -3.72
N PRO A 115 -14.12 3.37 -3.86
CA PRO A 115 -14.92 4.17 -2.94
C PRO A 115 -15.06 3.47 -1.59
N LEU A 116 -15.27 2.17 -1.66
CA LEU A 116 -15.44 1.38 -0.45
C LEU A 116 -14.14 1.43 0.37
N ALA A 117 -13.04 1.61 -0.34
CA ALA A 117 -11.73 1.69 0.30
C ALA A 117 -11.54 3.08 0.90
N GLN A 118 -11.86 4.08 0.09
CA GLN A 118 -11.72 5.47 0.54
C GLN A 118 -12.38 5.66 1.90
N ASN A 119 -13.33 4.77 2.19
CA ASN A 119 -14.05 4.83 3.45
C ASN A 119 -13.26 4.04 4.52
N GLU A 120 -12.77 2.88 4.09
CA GLU A 120 -12.02 2.02 4.99
C GLU A 120 -10.85 2.79 5.61
N ARG A 121 -10.76 2.72 6.92
CA ARG A 121 -9.70 3.41 7.64
C ARG A 121 -8.41 2.59 7.59
N CYS A 122 -8.58 1.28 7.42
CA CYS A 122 -7.43 0.39 7.35
C CYS A 122 -6.55 0.82 6.17
N LEU A 123 -7.17 1.50 5.23
CA LEU A 123 -6.46 1.97 4.05
C LEU A 123 -5.55 3.13 4.45
N HIS A 124 -6.13 4.08 5.17
CA HIS A 124 -5.39 5.24 5.62
C HIS A 124 -4.22 4.79 6.50
N MET A 125 -4.55 4.00 7.51
CA MET A 125 -3.54 3.50 8.42
C MET A 125 -2.36 2.89 7.67
N PHE A 126 -2.68 2.30 6.52
CA PHE A 126 -1.66 1.67 5.69
C PHE A 126 -0.88 2.72 4.91
N LEU A 127 -1.45 3.91 4.83
CA LEU A 127 -0.82 5.01 4.12
C LEU A 127 -0.18 5.97 5.12
N GLN A 128 -0.95 6.99 5.48
CA GLN A 128 -0.47 7.99 6.42
C GLN A 128 0.40 7.33 7.50
N GLU A 129 -0.26 6.51 8.33
CA GLU A 129 0.45 5.82 9.39
C GLU A 129 1.55 4.93 8.81
N GLU A 130 2.66 4.88 9.53
CA GLU A 130 3.79 4.08 9.10
C GLU A 130 3.60 2.62 9.53
N ALA A 131 3.74 2.40 10.83
CA ALA A 131 3.60 1.07 11.39
C ALA A 131 2.11 0.78 11.61
N ILE A 132 1.66 -0.32 11.02
CA ILE A 132 0.26 -0.71 11.14
C ILE A 132 0.03 -1.29 12.54
N ASP A 133 -0.79 -0.58 13.31
CA ASP A 133 -1.11 -1.02 14.66
C ASP A 133 -2.16 -2.13 14.60
N ARG A 134 -1.67 -3.34 14.33
CA ARG A 134 -2.55 -4.50 14.24
C ARG A 134 -3.65 -4.41 15.30
N ASN A 135 -4.82 -4.93 14.94
CA ASN A 135 -5.96 -4.92 15.85
C ASN A 135 -6.10 -3.52 16.45
N TYR A 136 -6.50 -2.58 15.60
CA TYR A 136 -6.68 -1.21 16.03
C TYR A 136 -8.17 -0.90 16.25
N VAL A 137 -8.43 0.35 16.58
CA VAL A 137 -9.79 0.79 16.83
C VAL A 137 -10.19 1.82 15.76
N PRO A 138 -11.17 1.42 14.92
CA PRO A 138 -11.65 2.29 13.86
C PRO A 138 -12.54 3.40 14.42
N GLY A 139 -11.90 4.35 15.08
CA GLY A 139 -12.62 5.47 15.68
C GLY A 139 -13.73 4.98 16.59
N LYS A 140 -14.44 5.94 17.17
CA LYS A 140 -15.54 5.62 18.07
C LYS A 140 -16.87 5.84 17.35
N SER A 141 -17.30 4.81 16.64
CA SER A 141 -18.55 4.87 15.89
C SER A 141 -18.93 3.48 15.40
N GLY A 142 -18.01 2.88 14.65
CA GLY A 142 -18.24 1.55 14.11
C GLY A 142 -18.27 1.58 12.58
N PRO A 143 -17.97 0.40 11.97
CA PRO A 143 -17.96 0.28 10.52
C PRO A 143 -19.38 0.25 9.96
N SER A 144 -19.62 1.12 8.98
CA SER A 144 -20.92 1.20 8.37
C SER A 144 -20.93 0.41 7.05
N SER A 145 -22.13 0.04 6.63
CA SER A 145 -22.29 -0.73 5.40
C SER A 145 -22.17 0.21 4.19
N GLY A 146 -22.08 -0.40 3.02
CA GLY A 146 -21.95 0.35 1.79
C GLY A 146 -20.62 1.09 1.72
N GLY A 1 -9.39 39.38 3.29
CA GLY A 1 -9.58 38.72 2.01
C GLY A 1 -8.48 37.70 1.75
N SER A 2 -8.83 36.70 0.95
CA SER A 2 -7.88 35.65 0.61
C SER A 2 -8.27 35.00 -0.71
N SER A 3 -9.51 34.53 -0.76
CA SER A 3 -10.02 33.89 -1.96
C SER A 3 -9.21 32.63 -2.27
N GLY A 4 -9.89 31.64 -2.82
CA GLY A 4 -9.25 30.38 -3.16
C GLY A 4 -9.93 29.72 -4.36
N SER A 5 -9.58 28.47 -4.58
CA SER A 5 -10.16 27.71 -5.68
C SER A 5 -10.00 26.21 -5.44
N SER A 6 -10.82 25.44 -6.13
CA SER A 6 -10.78 23.99 -5.98
C SER A 6 -11.82 23.35 -6.90
N GLY A 7 -11.43 22.22 -7.48
CA GLY A 7 -12.33 21.50 -8.38
C GLY A 7 -11.75 20.12 -8.72
N SER A 8 -12.65 19.15 -8.85
CA SER A 8 -12.25 17.80 -9.18
C SER A 8 -11.37 17.23 -8.06
N ASN A 9 -11.51 15.94 -7.84
CA ASN A 9 -10.73 15.26 -6.81
C ASN A 9 -9.71 14.33 -7.47
N PHE A 10 -8.66 14.02 -6.73
CA PHE A 10 -7.62 13.15 -7.22
C PHE A 10 -6.88 12.45 -6.08
N LEU A 11 -6.87 11.12 -6.15
CA LEU A 11 -6.22 10.33 -5.13
C LEU A 11 -5.25 9.35 -5.78
N GLU A 12 -3.97 9.67 -5.67
CA GLU A 12 -2.94 8.83 -6.26
C GLU A 12 -1.84 8.54 -5.24
N ILE A 13 -1.08 7.49 -5.50
CA ILE A 13 0.00 7.10 -4.61
C ILE A 13 1.23 6.74 -5.44
N ASP A 14 2.37 7.29 -5.02
CA ASP A 14 3.62 7.04 -5.71
C ASP A 14 4.45 6.03 -4.91
N ILE A 15 5.12 5.15 -5.64
CA ILE A 15 5.94 4.14 -5.01
C ILE A 15 7.34 4.16 -5.65
N PHE A 16 8.27 4.78 -4.93
CA PHE A 16 9.63 4.87 -5.41
C PHE A 16 10.62 4.96 -4.24
N ASN A 17 11.89 5.16 -4.58
CA ASN A 17 12.93 5.26 -3.58
C ASN A 17 13.04 3.94 -2.83
N PRO A 18 13.42 2.88 -3.58
CA PRO A 18 13.57 1.56 -2.99
C PRO A 18 14.84 1.47 -2.15
N GLN A 19 14.64 1.23 -0.86
CA GLN A 19 15.77 1.11 0.06
C GLN A 19 15.84 -0.30 0.63
N THR A 20 17.08 -0.77 0.79
CA THR A 20 17.30 -2.10 1.32
C THR A 20 18.05 -2.03 2.65
N VAL A 21 17.55 -2.77 3.63
CA VAL A 21 18.16 -2.80 4.94
C VAL A 21 18.76 -4.18 5.19
N GLY A 22 19.65 -4.23 6.18
CA GLY A 22 20.31 -5.48 6.53
C GLY A 22 19.43 -6.32 7.46
N VAL A 23 19.37 -7.60 7.17
CA VAL A 23 18.57 -8.51 7.97
C VAL A 23 19.14 -9.92 7.86
N GLY A 24 19.00 -10.68 8.93
CA GLY A 24 19.49 -12.05 8.96
C GLY A 24 18.89 -12.87 7.82
N ARG A 25 17.74 -12.42 7.35
CA ARG A 25 17.05 -13.11 6.27
C ARG A 25 17.81 -12.92 4.96
N ALA A 26 17.08 -13.03 3.86
CA ALA A 26 17.67 -12.89 2.55
C ALA A 26 17.57 -11.42 2.11
N ARG A 27 17.62 -10.53 3.09
CA ARG A 27 17.54 -9.11 2.82
C ARG A 27 16.27 -8.80 2.02
N PHE A 28 15.95 -7.52 1.96
CA PHE A 28 14.77 -7.07 1.23
C PHE A 28 14.85 -5.57 0.94
N THR A 29 13.86 -5.10 0.17
CA THR A 29 13.81 -3.69 -0.19
C THR A 29 12.46 -3.10 0.19
N THR A 30 12.45 -1.79 0.37
CA THR A 30 11.24 -1.08 0.74
C THR A 30 10.83 -0.11 -0.37
N TYR A 31 9.78 0.64 -0.09
CA TYR A 31 9.27 1.61 -1.05
C TYR A 31 8.61 2.79 -0.34
N GLU A 32 8.90 3.98 -0.84
CA GLU A 32 8.35 5.19 -0.26
C GLU A 32 6.93 5.44 -0.80
N VAL A 33 5.96 5.09 0.03
CA VAL A 33 4.57 5.27 -0.36
C VAL A 33 4.16 6.72 -0.12
N ARG A 34 4.05 7.46 -1.21
CA ARG A 34 3.67 8.86 -1.13
C ARG A 34 2.25 9.05 -1.66
N MET A 35 1.30 9.15 -0.73
CA MET A 35 -0.09 9.33 -1.09
C MET A 35 -0.46 10.82 -1.07
N ARG A 36 -1.34 11.19 -2.01
CA ARG A 36 -1.78 12.55 -2.11
C ARG A 36 -3.26 12.61 -2.50
N THR A 37 -3.98 13.53 -1.87
CA THR A 37 -5.40 13.68 -2.14
C THR A 37 -5.91 15.01 -1.56
N ASN A 38 -7.13 15.34 -1.93
CA ASN A 38 -7.74 16.58 -1.45
C ASN A 38 -9.08 16.24 -0.79
N LEU A 39 -9.32 14.96 -0.62
CA LEU A 39 -10.55 14.50 0.01
C LEU A 39 -10.48 14.75 1.52
N PRO A 40 -11.68 14.92 2.13
CA PRO A 40 -11.77 15.17 3.55
C PRO A 40 -11.51 13.89 4.35
N ILE A 41 -12.01 12.79 3.81
CA ILE A 41 -11.84 11.50 4.46
C ILE A 41 -10.44 11.42 5.08
N PHE A 42 -9.47 11.87 4.30
CA PHE A 42 -8.09 11.86 4.76
C PHE A 42 -7.78 13.09 5.62
N LYS A 43 -7.03 12.86 6.68
CA LYS A 43 -6.65 13.93 7.59
C LYS A 43 -5.49 14.72 6.98
N LEU A 44 -4.55 13.99 6.40
CA LEU A 44 -3.40 14.60 5.79
C LEU A 44 -3.57 14.61 4.26
N LYS A 45 -3.03 15.64 3.64
CA LYS A 45 -3.12 15.78 2.19
C LYS A 45 -2.01 14.95 1.55
N GLU A 46 -0.87 14.92 2.23
CA GLU A 46 0.27 14.16 1.72
C GLU A 46 1.05 13.54 2.89
N SER A 47 1.64 12.39 2.60
CA SER A 47 2.41 11.68 3.60
C SER A 47 3.42 10.75 2.93
N CYS A 48 4.43 10.38 3.70
CA CYS A 48 5.48 9.50 3.19
C CYS A 48 5.78 8.45 4.26
N VAL A 49 5.53 7.20 3.90
CA VAL A 49 5.77 6.09 4.81
C VAL A 49 6.38 4.93 4.03
N ARG A 50 7.00 4.03 4.78
CA ARG A 50 7.63 2.86 4.18
C ARG A 50 6.76 1.62 4.37
N ARG A 51 6.38 1.01 3.26
CA ARG A 51 5.55 -0.18 3.30
C ARG A 51 6.22 -1.31 2.53
N ARG A 52 6.14 -2.50 3.11
CA ARG A 52 6.73 -3.68 2.49
C ARG A 52 5.72 -4.36 1.58
N TYR A 53 6.24 -5.19 0.67
CA TYR A 53 5.40 -5.90 -0.27
C TYR A 53 4.42 -6.82 0.47
N SER A 54 4.85 -7.26 1.65
CA SER A 54 4.02 -8.15 2.45
C SER A 54 2.96 -7.33 3.21
N ASP A 55 3.40 -6.19 3.73
CA ASP A 55 2.50 -5.33 4.47
C ASP A 55 1.18 -5.19 3.71
N PHE A 56 1.30 -5.06 2.40
CA PHE A 56 0.13 -4.92 1.55
C PHE A 56 -0.76 -6.17 1.64
N GLU A 57 -0.11 -7.32 1.66
CA GLU A 57 -0.83 -8.58 1.75
C GLU A 57 -1.74 -8.59 2.97
N TRP A 58 -1.36 -7.79 3.95
CA TRP A 58 -2.14 -7.70 5.18
C TRP A 58 -3.34 -6.78 4.92
N LEU A 59 -3.06 -5.67 4.26
CA LEU A 59 -4.10 -4.70 3.94
C LEU A 59 -5.08 -5.33 2.95
N LYS A 60 -4.53 -5.81 1.84
CA LYS A 60 -5.35 -6.43 0.81
C LYS A 60 -6.40 -7.34 1.48
N ASN A 61 -5.92 -8.19 2.36
CA ASN A 61 -6.79 -9.11 3.06
C ASN A 61 -7.82 -8.31 3.87
N GLU A 62 -7.30 -7.34 4.62
CA GLU A 62 -8.15 -6.50 5.44
C GLU A 62 -9.34 -5.99 4.63
N LEU A 63 -9.15 -5.94 3.31
CA LEU A 63 -10.19 -5.48 2.42
C LEU A 63 -11.04 -6.66 1.97
N GLU A 64 -10.38 -7.81 1.87
CA GLU A 64 -11.07 -9.03 1.47
C GLU A 64 -11.69 -9.73 2.67
N ARG A 65 -12.30 -8.92 3.53
CA ARG A 65 -12.94 -9.44 4.73
C ARG A 65 -14.37 -9.89 4.42
N ASP A 66 -15.21 -8.91 4.12
CA ASP A 66 -16.60 -9.19 3.81
C ASP A 66 -17.37 -7.87 3.71
N SER A 67 -16.98 -7.06 2.74
CA SER A 67 -17.61 -5.78 2.54
C SER A 67 -17.89 -5.55 1.05
N LYS A 68 -18.03 -6.66 0.34
CA LYS A 68 -18.29 -6.61 -1.09
C LYS A 68 -17.22 -5.74 -1.76
N ILE A 69 -16.10 -5.59 -1.08
CA ILE A 69 -15.01 -4.80 -1.59
C ILE A 69 -14.21 -5.62 -2.61
N VAL A 70 -13.88 -4.98 -3.72
CA VAL A 70 -13.12 -5.64 -4.77
C VAL A 70 -11.66 -5.19 -4.70
N VAL A 71 -10.80 -6.14 -4.38
CA VAL A 71 -9.38 -5.85 -4.29
C VAL A 71 -8.66 -6.46 -5.49
N PRO A 72 -7.70 -5.68 -6.05
CA PRO A 72 -6.92 -6.14 -7.20
C PRO A 72 -5.88 -7.17 -6.78
N PRO A 73 -5.37 -7.92 -7.79
CA PRO A 73 -4.38 -8.95 -7.55
C PRO A 73 -3.01 -8.32 -7.28
N LEU A 74 -2.26 -8.97 -6.40
CA LEU A 74 -0.93 -8.48 -6.05
C LEU A 74 0.06 -8.88 -7.15
N PRO A 75 1.04 -7.98 -7.40
CA PRO A 75 2.05 -8.23 -8.41
C PRO A 75 3.07 -9.27 -7.94
N GLY A 76 2.85 -10.50 -8.35
CA GLY A 76 3.73 -11.59 -7.97
C GLY A 76 2.99 -12.93 -7.97
N LYS A 77 3.71 -13.96 -8.39
CA LYS A 77 3.13 -15.30 -8.45
C LYS A 77 3.83 -16.19 -7.43
N ALA A 78 3.18 -17.30 -7.12
CA ALA A 78 3.72 -18.24 -6.15
C ALA A 78 2.85 -19.50 -6.12
N LEU A 79 3.52 -20.65 -6.12
CA LEU A 79 2.82 -21.92 -6.10
C LEU A 79 3.84 -23.06 -6.03
N LYS A 80 3.38 -24.20 -5.54
CA LYS A 80 4.24 -25.36 -5.41
C LYS A 80 3.80 -26.43 -6.42
N ARG A 81 4.63 -26.60 -7.44
CA ARG A 81 4.34 -27.58 -8.47
C ARG A 81 5.57 -27.78 -9.36
N GLN A 82 6.36 -28.78 -9.01
CA GLN A 82 7.57 -29.09 -9.77
C GLN A 82 8.57 -27.93 -9.66
N LEU A 83 9.70 -28.23 -9.05
CA LEU A 83 10.75 -27.23 -8.89
C LEU A 83 12.07 -27.80 -9.38
N PRO A 84 12.98 -26.87 -9.81
CA PRO A 84 14.28 -27.27 -10.31
C PRO A 84 15.20 -27.69 -9.17
N PHE A 85 15.16 -28.98 -8.86
CA PHE A 85 15.98 -29.52 -7.79
C PHE A 85 15.71 -28.80 -6.47
N ARG A 86 16.41 -27.68 -6.28
CA ARG A 86 16.24 -26.90 -5.07
C ARG A 86 15.30 -25.71 -5.32
N GLY A 87 15.87 -24.67 -5.90
CA GLY A 87 15.10 -23.47 -6.20
C GLY A 87 16.00 -22.36 -6.76
N ASP A 88 15.59 -21.13 -6.48
CA ASP A 88 16.35 -19.98 -6.96
C ASP A 88 17.40 -19.61 -5.91
N GLU A 89 18.67 -19.79 -6.29
CA GLU A 89 19.77 -19.48 -5.41
C GLU A 89 20.05 -17.97 -5.43
N GLY A 90 19.17 -17.23 -4.77
CA GLY A 90 19.31 -15.79 -4.69
C GLY A 90 18.42 -15.09 -5.73
N ILE A 91 17.64 -14.14 -5.24
CA ILE A 91 16.74 -13.40 -6.11
C ILE A 91 16.74 -11.93 -5.70
N PHE A 92 17.34 -11.11 -6.55
CA PHE A 92 17.42 -9.68 -6.29
C PHE A 92 17.94 -8.92 -7.52
N GLU A 93 17.01 -8.39 -8.29
CA GLU A 93 17.37 -7.65 -9.48
C GLU A 93 16.43 -6.45 -9.66
N GLU A 94 16.97 -5.40 -10.27
CA GLU A 94 16.21 -4.19 -10.50
C GLU A 94 14.81 -4.53 -11.03
N SER A 95 14.80 -5.30 -12.10
CA SER A 95 13.54 -5.71 -12.71
C SER A 95 12.59 -6.24 -11.63
N PHE A 96 13.09 -7.17 -10.84
CA PHE A 96 12.30 -7.77 -9.78
C PHE A 96 11.69 -6.68 -8.89
N ILE A 97 12.56 -5.82 -8.38
CA ILE A 97 12.11 -4.74 -7.51
C ILE A 97 11.10 -3.88 -8.25
N GLU A 98 11.55 -3.30 -9.36
CA GLU A 98 10.69 -2.45 -10.17
C GLU A 98 9.31 -3.09 -10.31
N GLU A 99 9.31 -4.33 -10.76
CA GLU A 99 8.06 -5.05 -10.95
C GLU A 99 7.10 -4.78 -9.79
N ARG A 100 7.58 -5.11 -8.59
CA ARG A 100 6.78 -4.90 -7.40
C ARG A 100 6.51 -3.41 -7.18
N ARG A 101 7.58 -2.63 -7.25
CA ARG A 101 7.47 -1.20 -7.07
C ARG A 101 6.24 -0.66 -7.81
N GLN A 102 6.33 -0.68 -9.13
CA GLN A 102 5.23 -0.20 -9.96
C GLN A 102 3.96 -1.00 -9.67
N GLY A 103 4.11 -2.31 -9.62
CA GLY A 103 2.99 -3.18 -9.36
C GLY A 103 2.14 -2.66 -8.19
N LEU A 104 2.74 -2.69 -7.01
CA LEU A 104 2.05 -2.23 -5.81
C LEU A 104 1.44 -0.85 -6.09
N GLU A 105 2.24 0.01 -6.70
CA GLU A 105 1.80 1.36 -7.02
C GLU A 105 0.47 1.30 -7.78
N GLN A 106 0.49 0.56 -8.88
CA GLN A 106 -0.69 0.42 -9.71
C GLN A 106 -1.86 -0.15 -8.89
N PHE A 107 -1.54 -1.18 -8.12
CA PHE A 107 -2.54 -1.82 -7.28
C PHE A 107 -3.22 -0.81 -6.37
N ILE A 108 -2.41 -0.16 -5.54
CA ILE A 108 -2.91 0.84 -4.61
C ILE A 108 -3.55 1.99 -5.40
N ASN A 109 -2.87 2.37 -6.48
CA ASN A 109 -3.35 3.44 -7.32
C ASN A 109 -4.83 3.21 -7.65
N LYS A 110 -5.14 1.96 -7.95
CA LYS A 110 -6.51 1.59 -8.29
C LYS A 110 -7.29 1.35 -7.00
N ILE A 111 -6.63 0.70 -6.05
CA ILE A 111 -7.26 0.40 -4.78
C ILE A 111 -7.77 1.69 -4.14
N ALA A 112 -6.89 2.68 -4.09
CA ALA A 112 -7.25 3.98 -3.52
C ALA A 112 -8.52 4.49 -4.19
N GLY A 113 -8.50 4.47 -5.52
CA GLY A 113 -9.64 4.92 -6.29
C GLY A 113 -10.95 4.31 -5.77
N HIS A 114 -10.80 3.19 -5.09
CA HIS A 114 -11.95 2.49 -4.54
C HIS A 114 -12.53 3.30 -3.38
N PRO A 115 -13.88 3.41 -3.39
CA PRO A 115 -14.58 4.16 -2.35
C PRO A 115 -14.62 3.36 -1.05
N LEU A 116 -15.11 2.14 -1.14
CA LEU A 116 -15.21 1.28 0.02
C LEU A 116 -13.88 1.30 0.78
N ALA A 117 -12.80 1.28 0.02
CA ALA A 117 -11.47 1.31 0.61
C ALA A 117 -11.23 2.67 1.25
N GLN A 118 -11.51 3.72 0.49
CA GLN A 118 -11.32 5.07 0.97
C GLN A 118 -12.04 5.26 2.31
N ASN A 119 -13.09 4.48 2.49
CA ASN A 119 -13.86 4.54 3.73
C ASN A 119 -13.23 3.62 4.77
N GLU A 120 -12.71 2.51 4.29
CA GLU A 120 -12.08 1.54 5.17
C GLU A 120 -10.96 2.20 5.97
N ARG A 121 -10.80 1.74 7.20
CA ARG A 121 -9.78 2.28 8.09
C ARG A 121 -8.44 1.56 7.84
N CYS A 122 -8.54 0.29 7.47
CA CYS A 122 -7.36 -0.51 7.20
C CYS A 122 -6.51 0.24 6.16
N LEU A 123 -7.19 0.76 5.15
CA LEU A 123 -6.52 1.48 4.09
C LEU A 123 -5.90 2.76 4.67
N HIS A 124 -6.75 3.61 5.20
CA HIS A 124 -6.31 4.87 5.77
C HIS A 124 -5.04 4.62 6.60
N MET A 125 -5.15 3.69 7.54
CA MET A 125 -4.03 3.35 8.39
C MET A 125 -2.79 3.03 7.56
N PHE A 126 -2.96 2.11 6.63
CA PHE A 126 -1.86 1.70 5.76
C PHE A 126 -1.07 2.92 5.27
N LEU A 127 -1.77 4.05 5.20
CA LEU A 127 -1.15 5.28 4.75
C LEU A 127 -1.10 6.28 5.92
N GLN A 128 -0.22 7.26 5.78
CA GLN A 128 -0.07 8.28 6.79
C GLN A 128 0.63 7.69 8.03
N GLU A 129 0.03 6.65 8.56
CA GLU A 129 0.57 5.98 9.74
C GLU A 129 1.84 5.19 9.36
N GLU A 130 2.94 5.59 9.97
CA GLU A 130 4.21 4.93 9.70
C GLU A 130 4.04 3.41 9.76
N ALA A 131 3.59 2.93 10.90
CA ALA A 131 3.38 1.51 11.10
C ALA A 131 1.89 1.24 11.33
N ILE A 132 1.55 -0.04 11.34
CA ILE A 132 0.17 -0.43 11.55
C ILE A 132 0.03 -1.08 12.93
N ASP A 133 -1.12 -0.87 13.53
CA ASP A 133 -1.39 -1.43 14.85
C ASP A 133 -2.39 -2.59 14.72
N ARG A 134 -1.85 -3.74 14.36
CA ARG A 134 -2.68 -4.93 14.20
C ARG A 134 -3.76 -4.97 15.28
N ASN A 135 -4.96 -5.35 14.84
CA ASN A 135 -6.09 -5.44 15.76
C ASN A 135 -6.36 -4.05 16.35
N TYR A 136 -6.69 -3.12 15.47
CA TYR A 136 -6.98 -1.76 15.89
C TYR A 136 -8.46 -1.58 16.20
N VAL A 137 -8.80 -0.40 16.68
CA VAL A 137 -10.18 -0.09 17.03
C VAL A 137 -10.80 0.76 15.91
N PRO A 138 -11.79 0.16 15.21
CA PRO A 138 -12.47 0.84 14.13
C PRO A 138 -13.45 1.89 14.67
N GLY A 139 -13.20 3.13 14.30
CA GLY A 139 -14.05 4.23 14.74
C GLY A 139 -14.88 4.77 13.59
N LYS A 140 -15.14 6.07 13.65
CA LYS A 140 -15.93 6.73 12.61
C LYS A 140 -15.21 8.00 12.17
N SER A 141 -14.79 7.99 10.91
CA SER A 141 -14.10 9.14 10.36
C SER A 141 -15.09 10.26 10.05
N GLY A 142 -16.06 9.95 9.21
CA GLY A 142 -17.07 10.92 8.83
C GLY A 142 -18.27 10.23 8.16
N PRO A 143 -18.85 10.95 7.17
CA PRO A 143 -20.00 10.43 6.44
C PRO A 143 -19.56 9.36 5.44
N SER A 144 -20.49 8.47 5.11
CA SER A 144 -20.23 7.41 4.17
C SER A 144 -21.30 7.37 3.09
N SER A 145 -20.86 7.08 1.87
CA SER A 145 -21.78 7.02 0.74
C SER A 145 -21.55 5.72 -0.04
N GLY A 146 -22.48 4.80 0.10
CA GLY A 146 -22.40 3.53 -0.59
C GLY A 146 -21.02 2.90 -0.40
N GLY A 1 -9.54 35.63 7.57
CA GLY A 1 -10.20 34.70 6.67
C GLY A 1 -9.83 35.00 5.21
N SER A 2 -9.25 34.00 4.56
CA SER A 2 -8.85 34.13 3.18
C SER A 2 -8.28 32.80 2.66
N SER A 3 -9.12 32.11 1.90
CA SER A 3 -8.72 30.82 1.34
C SER A 3 -9.83 30.29 0.41
N GLY A 4 -9.41 29.46 -0.53
CA GLY A 4 -10.35 28.88 -1.48
C GLY A 4 -9.61 28.16 -2.60
N SER A 5 -10.12 26.98 -2.94
CA SER A 5 -9.52 26.18 -3.99
C SER A 5 -10.27 24.86 -4.13
N SER A 6 -10.98 24.73 -5.24
CA SER A 6 -11.75 23.52 -5.51
C SER A 6 -11.77 23.23 -7.01
N GLY A 7 -12.05 21.97 -7.34
CA GLY A 7 -12.10 21.56 -8.72
C GLY A 7 -11.77 20.07 -8.86
N SER A 8 -12.81 19.26 -8.83
CA SER A 8 -12.64 17.82 -8.94
C SER A 8 -11.69 17.31 -7.86
N ASN A 9 -11.73 16.00 -7.65
CA ASN A 9 -10.88 15.38 -6.65
C ASN A 9 -9.86 14.46 -7.33
N PHE A 10 -8.83 14.12 -6.58
CA PHE A 10 -7.79 13.24 -7.10
C PHE A 10 -7.03 12.56 -5.96
N LEU A 11 -6.98 11.23 -6.04
CA LEU A 11 -6.30 10.45 -5.03
C LEU A 11 -5.32 9.49 -5.71
N GLU A 12 -4.03 9.81 -5.54
CA GLU A 12 -2.99 8.99 -6.13
C GLU A 12 -1.89 8.72 -5.10
N ILE A 13 -1.10 7.70 -5.39
CA ILE A 13 -0.01 7.32 -4.50
C ILE A 13 1.24 7.01 -5.33
N ASP A 14 2.39 7.22 -4.72
CA ASP A 14 3.66 6.97 -5.38
C ASP A 14 4.45 5.94 -4.59
N ILE A 15 5.20 5.13 -5.32
CA ILE A 15 6.02 4.10 -4.70
C ILE A 15 7.38 4.04 -5.39
N PHE A 16 8.37 4.64 -4.74
CA PHE A 16 9.71 4.67 -5.27
C PHE A 16 10.74 4.74 -4.15
N ASN A 17 12.00 4.90 -4.55
CA ASN A 17 13.09 4.99 -3.60
C ASN A 17 13.30 3.62 -2.94
N PRO A 18 13.74 2.65 -3.78
CA PRO A 18 13.98 1.30 -3.30
C PRO A 18 15.28 1.23 -2.50
N GLN A 19 15.13 1.19 -1.18
CA GLN A 19 16.28 1.12 -0.30
C GLN A 19 16.31 -0.22 0.43
N THR A 20 17.52 -0.78 0.53
CA THR A 20 17.70 -2.06 1.19
C THR A 20 18.66 -1.91 2.37
N VAL A 21 18.28 -2.52 3.49
CA VAL A 21 19.10 -2.46 4.68
C VAL A 21 19.66 -3.85 4.98
N GLY A 22 20.67 -3.89 5.84
CA GLY A 22 21.30 -5.14 6.21
C GLY A 22 20.71 -5.68 7.52
N VAL A 23 20.56 -7.00 7.56
CA VAL A 23 20.01 -7.65 8.74
C VAL A 23 20.57 -9.07 8.84
N GLY A 24 20.50 -9.61 10.05
CA GLY A 24 21.01 -10.96 10.30
C GLY A 24 20.36 -11.97 9.35
N ARG A 25 20.96 -12.10 8.17
CA ARG A 25 20.46 -13.03 7.17
C ARG A 25 18.94 -12.94 7.09
N ALA A 26 18.46 -11.72 6.88
CA ALA A 26 17.03 -11.49 6.77
C ALA A 26 16.77 -10.07 6.24
N ARG A 27 17.69 -9.63 5.39
CA ARG A 27 17.58 -8.30 4.81
C ARG A 27 16.16 -8.05 4.30
N PHE A 28 15.88 -6.80 4.01
CA PHE A 28 14.56 -6.41 3.53
C PHE A 28 14.62 -5.09 2.76
N THR A 29 13.50 -4.74 2.16
CA THR A 29 13.41 -3.51 1.39
C THR A 29 12.06 -2.83 1.63
N THR A 30 12.07 -1.51 1.51
CA THR A 30 10.85 -0.74 1.71
C THR A 30 10.81 0.45 0.74
N TYR A 31 9.70 0.57 0.04
CA TYR A 31 9.52 1.65 -0.92
C TYR A 31 8.83 2.85 -0.27
N GLU A 32 9.15 4.03 -0.79
CA GLU A 32 8.58 5.25 -0.28
C GLU A 32 7.15 5.42 -0.79
N VAL A 33 6.22 5.41 0.14
CA VAL A 33 4.81 5.56 -0.21
C VAL A 33 4.39 7.02 0.00
N ARG A 34 4.03 7.67 -1.10
CA ARG A 34 3.62 9.05 -1.05
C ARG A 34 2.18 9.19 -1.57
N MET A 35 1.26 9.31 -0.63
CA MET A 35 -0.14 9.46 -0.97
C MET A 35 -0.57 10.93 -0.95
N ARG A 36 -1.45 11.27 -1.87
CA ARG A 36 -1.95 12.63 -1.97
C ARG A 36 -3.45 12.63 -2.27
N THR A 37 -4.13 13.61 -1.68
CA THR A 37 -5.56 13.73 -1.87
C THR A 37 -6.07 15.02 -1.23
N ASN A 38 -7.26 15.43 -1.64
CA ASN A 38 -7.87 16.64 -1.11
C ASN A 38 -9.24 16.30 -0.53
N LEU A 39 -9.47 15.01 -0.34
CA LEU A 39 -10.72 14.53 0.22
C LEU A 39 -10.69 14.67 1.75
N PRO A 40 -11.90 14.80 2.34
CA PRO A 40 -12.02 14.94 3.79
C PRO A 40 -11.76 13.61 4.48
N ILE A 41 -12.25 12.54 3.86
CA ILE A 41 -12.08 11.21 4.41
C ILE A 41 -10.70 11.10 5.05
N PHE A 42 -9.72 11.59 4.32
CA PHE A 42 -8.34 11.55 4.81
C PHE A 42 -8.06 12.71 5.76
N LYS A 43 -7.39 12.39 6.85
CA LYS A 43 -7.06 13.40 7.85
C LYS A 43 -5.90 14.25 7.32
N LEU A 44 -4.88 13.57 6.83
CA LEU A 44 -3.71 14.25 6.30
C LEU A 44 -3.87 14.41 4.78
N LYS A 45 -3.46 15.58 4.30
CA LYS A 45 -3.54 15.87 2.88
C LYS A 45 -2.38 15.22 2.15
N GLU A 46 -1.28 15.05 2.89
CA GLU A 46 -0.08 14.43 2.33
C GLU A 46 0.84 13.95 3.46
N SER A 47 1.46 12.80 3.21
CA SER A 47 2.36 12.21 4.18
C SER A 47 3.37 11.31 3.48
N CYS A 48 4.36 10.87 4.25
CA CYS A 48 5.39 10.00 3.71
C CYS A 48 5.51 8.77 4.63
N VAL A 49 5.53 7.61 4.01
CA VAL A 49 5.64 6.36 4.75
C VAL A 49 6.22 5.28 3.84
N ARG A 50 6.59 4.18 4.46
CA ARG A 50 7.16 3.06 3.72
C ARG A 50 6.44 1.76 4.09
N ARG A 51 6.30 0.90 3.08
CA ARG A 51 5.63 -0.37 3.28
C ARG A 51 6.37 -1.48 2.53
N ARG A 52 5.99 -2.71 2.83
CA ARG A 52 6.60 -3.87 2.19
C ARG A 52 5.54 -4.69 1.45
N TYR A 53 6.00 -5.45 0.48
CA TYR A 53 5.11 -6.29 -0.30
C TYR A 53 4.19 -7.11 0.61
N SER A 54 4.68 -7.36 1.81
CA SER A 54 3.92 -8.13 2.78
C SER A 54 2.82 -7.25 3.39
N ASP A 55 3.22 -6.06 3.80
CA ASP A 55 2.29 -5.13 4.40
C ASP A 55 1.02 -5.05 3.55
N PHE A 56 1.24 -4.92 2.24
CA PHE A 56 0.12 -4.83 1.30
C PHE A 56 -0.81 -6.03 1.45
N GLU A 57 -0.20 -7.20 1.64
CA GLU A 57 -0.97 -8.42 1.79
C GLU A 57 -1.89 -8.32 3.02
N TRP A 58 -1.36 -7.72 4.07
CA TRP A 58 -2.11 -7.55 5.29
C TRP A 58 -3.21 -6.52 5.04
N LEU A 59 -2.95 -5.66 4.05
CA LEU A 59 -3.91 -4.63 3.71
C LEU A 59 -5.01 -5.23 2.82
N LYS A 60 -4.58 -5.82 1.72
CA LYS A 60 -5.52 -6.45 0.80
C LYS A 60 -6.45 -7.38 1.58
N ASN A 61 -5.85 -8.40 2.18
CA ASN A 61 -6.60 -9.36 2.94
C ASN A 61 -7.57 -8.63 3.88
N GLU A 62 -7.07 -7.52 4.41
CA GLU A 62 -7.88 -6.72 5.33
C GLU A 62 -9.16 -6.25 4.64
N LEU A 63 -9.03 -6.00 3.35
CA LEU A 63 -10.17 -5.54 2.56
C LEU A 63 -10.97 -6.75 2.07
N GLU A 64 -10.36 -7.91 2.20
CA GLU A 64 -11.00 -9.15 1.79
C GLU A 64 -11.79 -9.76 2.95
N ARG A 65 -12.61 -8.92 3.56
CA ARG A 65 -13.43 -9.36 4.68
C ARG A 65 -14.81 -9.78 4.19
N ASP A 66 -15.57 -8.80 3.72
CA ASP A 66 -16.90 -9.06 3.23
C ASP A 66 -17.67 -7.74 3.15
N SER A 67 -17.36 -6.96 2.11
CA SER A 67 -18.02 -5.68 1.92
C SER A 67 -18.15 -5.39 0.42
N LYS A 68 -18.35 -6.45 -0.34
CA LYS A 68 -18.51 -6.33 -1.78
C LYS A 68 -17.35 -5.51 -2.34
N ILE A 69 -16.26 -5.48 -1.59
CA ILE A 69 -15.08 -4.74 -2.00
C ILE A 69 -14.25 -5.59 -2.95
N VAL A 70 -13.83 -4.98 -4.05
CA VAL A 70 -13.03 -5.67 -5.04
C VAL A 70 -11.58 -5.21 -4.92
N VAL A 71 -10.77 -6.07 -4.28
CA VAL A 71 -9.37 -5.76 -4.09
C VAL A 71 -8.57 -6.32 -5.26
N PRO A 72 -7.59 -5.50 -5.75
CA PRO A 72 -6.75 -5.92 -6.86
C PRO A 72 -5.71 -6.94 -6.40
N PRO A 73 -5.19 -7.71 -7.41
CA PRO A 73 -4.19 -8.72 -7.13
C PRO A 73 -2.83 -8.09 -6.86
N LEU A 74 -2.04 -8.79 -6.05
CA LEU A 74 -0.71 -8.31 -5.72
C LEU A 74 0.29 -8.79 -6.77
N PRO A 75 1.32 -7.94 -7.01
CA PRO A 75 2.35 -8.28 -7.98
C PRO A 75 3.31 -9.33 -7.43
N GLY A 76 3.10 -10.56 -7.87
CA GLY A 76 3.93 -11.67 -7.42
C GLY A 76 3.11 -12.95 -7.25
N LYS A 77 3.18 -13.80 -8.26
CA LYS A 77 2.44 -15.05 -8.25
C LYS A 77 3.33 -16.14 -7.64
N ALA A 78 2.70 -16.99 -6.83
CA ALA A 78 3.42 -18.07 -6.19
C ALA A 78 2.52 -18.72 -5.14
N LEU A 79 2.72 -20.02 -4.94
CA LEU A 79 1.93 -20.76 -3.98
C LEU A 79 2.44 -22.21 -3.92
N LYS A 80 3.44 -22.42 -3.08
CA LYS A 80 4.03 -23.73 -2.92
C LYS A 80 4.84 -23.78 -1.63
N ARG A 81 4.89 -24.97 -1.03
CA ARG A 81 5.63 -25.14 0.20
C ARG A 81 6.26 -26.54 0.25
N GLN A 82 7.57 -26.56 0.13
CA GLN A 82 8.31 -27.82 0.15
C GLN A 82 9.79 -27.56 0.34
N LEU A 83 10.29 -27.98 1.50
CA LEU A 83 11.70 -27.80 1.82
C LEU A 83 12.03 -26.32 1.82
N PRO A 84 13.04 -25.95 2.66
CA PRO A 84 13.46 -24.56 2.76
C PRO A 84 14.29 -24.14 1.54
N PHE A 85 13.58 -23.88 0.45
CA PHE A 85 14.23 -23.48 -0.79
C PHE A 85 15.23 -22.35 -0.54
N ARG A 86 16.34 -22.41 -1.25
CA ARG A 86 17.38 -21.41 -1.11
C ARG A 86 17.23 -20.34 -2.20
N GLY A 87 17.55 -20.74 -3.42
CA GLY A 87 17.46 -19.83 -4.56
C GLY A 87 18.83 -19.29 -4.94
N ASP A 88 18.89 -18.70 -6.13
CA ASP A 88 20.14 -18.15 -6.63
C ASP A 88 20.06 -16.62 -6.58
N GLU A 89 18.84 -16.12 -6.54
CA GLU A 89 18.61 -14.69 -6.49
C GLU A 89 17.19 -14.39 -6.01
N GLY A 90 17.12 -13.52 -5.00
CA GLY A 90 15.83 -13.14 -4.43
C GLY A 90 15.47 -11.71 -4.81
N ILE A 91 15.10 -10.94 -3.80
CA ILE A 91 14.73 -9.56 -4.00
C ILE A 91 15.97 -8.74 -4.36
N PHE A 92 16.39 -8.87 -5.62
CA PHE A 92 17.57 -8.16 -6.09
C PHE A 92 17.39 -7.73 -7.54
N GLU A 93 17.04 -8.70 -8.38
CA GLU A 93 16.83 -8.43 -9.79
C GLU A 93 16.15 -7.08 -9.99
N GLU A 94 16.78 -6.25 -10.80
CA GLU A 94 16.23 -4.92 -11.07
C GLU A 94 14.78 -5.04 -11.54
N SER A 95 14.58 -5.87 -12.55
CA SER A 95 13.25 -6.08 -13.11
C SER A 95 12.26 -6.37 -11.98
N PHE A 96 12.55 -7.43 -11.23
CA PHE A 96 11.70 -7.82 -10.12
C PHE A 96 11.32 -6.61 -9.27
N ILE A 97 12.33 -5.87 -8.87
CA ILE A 97 12.11 -4.69 -8.05
C ILE A 97 11.11 -3.77 -8.74
N GLU A 98 11.48 -3.33 -9.93
CA GLU A 98 10.63 -2.45 -10.71
C GLU A 98 9.23 -3.05 -10.84
N GLU A 99 9.20 -4.30 -11.30
CA GLU A 99 7.93 -4.99 -11.48
C GLU A 99 7.06 -4.84 -10.22
N ARG A 100 7.60 -5.31 -9.11
CA ARG A 100 6.89 -5.25 -7.84
C ARG A 100 6.60 -3.79 -7.48
N ARG A 101 7.66 -2.99 -7.50
CA ARG A 101 7.54 -1.57 -7.17
C ARG A 101 6.35 -0.96 -7.91
N GLN A 102 6.46 -0.96 -9.23
CA GLN A 102 5.41 -0.40 -10.07
C GLN A 102 4.08 -1.09 -9.79
N GLY A 103 4.15 -2.42 -9.71
CA GLY A 103 2.96 -3.21 -9.44
C GLY A 103 2.20 -2.66 -8.23
N LEU A 104 2.84 -2.72 -7.08
CA LEU A 104 2.24 -2.23 -5.85
C LEU A 104 1.64 -0.85 -6.10
N GLU A 105 2.48 0.06 -6.56
CA GLU A 105 2.04 1.41 -6.84
C GLU A 105 0.71 1.39 -7.59
N GLN A 106 0.62 0.49 -8.55
CA GLN A 106 -0.59 0.35 -9.35
C GLN A 106 -1.74 -0.15 -8.48
N PHE A 107 -1.50 -1.28 -7.83
CA PHE A 107 -2.51 -1.89 -6.98
C PHE A 107 -3.19 -0.83 -6.11
N ILE A 108 -2.38 -0.13 -5.33
CA ILE A 108 -2.90 0.91 -4.46
C ILE A 108 -3.56 2.01 -5.31
N ASN A 109 -2.82 2.45 -6.31
CA ASN A 109 -3.31 3.49 -7.21
C ASN A 109 -4.77 3.21 -7.56
N LYS A 110 -5.08 1.92 -7.67
CA LYS A 110 -6.44 1.51 -7.99
C LYS A 110 -7.22 1.29 -6.70
N ILE A 111 -6.57 0.63 -5.76
CA ILE A 111 -7.20 0.35 -4.47
C ILE A 111 -7.71 1.65 -3.87
N ALA A 112 -6.87 2.69 -3.95
CA ALA A 112 -7.22 3.98 -3.41
C ALA A 112 -8.47 4.50 -4.14
N GLY A 113 -8.46 4.36 -5.45
CA GLY A 113 -9.58 4.81 -6.26
C GLY A 113 -10.88 4.22 -5.76
N HIS A 114 -10.79 2.99 -5.25
CA HIS A 114 -11.96 2.31 -4.74
C HIS A 114 -12.63 3.15 -3.66
N PRO A 115 -13.98 3.29 -3.78
CA PRO A 115 -14.74 4.07 -2.82
C PRO A 115 -14.90 3.31 -1.50
N LEU A 116 -15.23 2.04 -1.63
CA LEU A 116 -15.43 1.20 -0.45
C LEU A 116 -14.14 1.20 0.37
N ALA A 117 -13.02 1.33 -0.32
CA ALA A 117 -11.73 1.34 0.34
C ALA A 117 -11.49 2.72 0.98
N GLN A 118 -11.81 3.75 0.21
CA GLN A 118 -11.65 5.11 0.68
C GLN A 118 -12.36 5.29 2.02
N ASN A 119 -13.37 4.47 2.24
CA ASN A 119 -14.14 4.52 3.48
C ASN A 119 -13.49 3.62 4.53
N GLU A 120 -12.90 2.54 4.04
CA GLU A 120 -12.23 1.60 4.92
C GLU A 120 -11.14 2.30 5.73
N ARG A 121 -11.09 1.98 7.01
CA ARG A 121 -10.10 2.57 7.89
C ARG A 121 -8.78 1.80 7.82
N CYS A 122 -8.90 0.55 7.38
CA CYS A 122 -7.72 -0.31 7.25
C CYS A 122 -6.81 0.28 6.18
N LEU A 123 -7.44 0.76 5.10
CA LEU A 123 -6.69 1.34 4.00
C LEU A 123 -5.88 2.53 4.52
N HIS A 124 -6.60 3.52 5.04
CA HIS A 124 -5.96 4.71 5.56
C HIS A 124 -4.68 4.32 6.31
N MET A 125 -4.87 3.48 7.32
CA MET A 125 -3.75 3.03 8.12
C MET A 125 -2.51 2.81 7.27
N PHE A 126 -2.65 1.93 6.28
CA PHE A 126 -1.56 1.61 5.38
C PHE A 126 -0.75 2.87 5.05
N LEU A 127 -1.46 3.98 4.96
CA LEU A 127 -0.83 5.25 4.65
C LEU A 127 -0.91 6.17 5.88
N GLN A 128 -0.09 7.22 5.83
CA GLN A 128 -0.05 8.17 6.93
C GLN A 128 0.61 7.55 8.16
N GLU A 129 0.06 6.43 8.59
CA GLU A 129 0.59 5.73 9.75
C GLU A 129 2.01 5.24 9.46
N GLU A 130 2.92 5.60 10.35
CA GLU A 130 4.31 5.20 10.20
C GLU A 130 4.39 3.72 9.82
N ALA A 131 3.72 2.90 10.60
CA ALA A 131 3.71 1.46 10.35
C ALA A 131 2.28 0.94 10.48
N ILE A 132 2.15 -0.37 10.35
CA ILE A 132 0.85 -1.01 10.44
C ILE A 132 0.62 -1.49 11.88
N ASP A 133 -0.31 -0.83 12.55
CA ASP A 133 -0.64 -1.17 13.93
C ASP A 133 -1.66 -2.31 13.93
N ARG A 134 -1.21 -3.46 14.41
CA ARG A 134 -2.08 -4.62 14.48
C ARG A 134 -2.82 -4.66 15.81
N ASN A 135 -3.23 -3.48 16.26
CA ASN A 135 -3.95 -3.36 17.51
C ASN A 135 -4.93 -2.19 17.42
N TYR A 136 -5.30 -1.87 16.19
CA TYR A 136 -6.24 -0.78 15.95
C TYR A 136 -7.68 -1.24 16.15
N VAL A 137 -8.61 -0.35 15.81
CA VAL A 137 -10.01 -0.66 15.96
C VAL A 137 -10.73 -0.36 14.63
N PRO A 138 -11.37 -1.43 14.07
CA PRO A 138 -12.09 -1.29 12.82
C PRO A 138 -13.42 -0.55 13.02
N GLY A 139 -13.85 0.14 11.98
CA GLY A 139 -15.08 0.88 12.02
C GLY A 139 -14.91 2.19 12.80
N LYS A 140 -15.31 3.28 12.16
CA LYS A 140 -15.20 4.59 12.79
C LYS A 140 -16.13 5.57 12.06
N SER A 141 -17.34 5.68 12.57
CA SER A 141 -18.32 6.57 11.98
C SER A 141 -17.65 7.88 11.56
N GLY A 142 -18.21 8.50 10.52
CA GLY A 142 -17.68 9.74 10.01
C GLY A 142 -18.55 10.29 8.87
N PRO A 143 -19.42 11.26 9.23
CA PRO A 143 -20.31 11.87 8.26
C PRO A 143 -19.55 12.84 7.35
N SER A 144 -19.26 12.36 6.15
CA SER A 144 -18.53 13.17 5.18
C SER A 144 -19.41 14.34 4.72
N SER A 145 -18.98 15.53 5.09
CA SER A 145 -19.71 16.74 4.73
C SER A 145 -19.00 17.97 5.30
N GLY A 146 -18.02 18.45 4.55
CA GLY A 146 -17.26 19.62 4.97
C GLY A 146 -15.96 19.73 4.18
N GLY A 1 1.85 34.54 1.07
CA GLY A 1 0.85 34.24 0.07
C GLY A 1 1.30 33.08 -0.82
N SER A 2 1.15 33.27 -2.12
CA SER A 2 1.54 32.24 -3.07
C SER A 2 0.67 31.00 -2.88
N SER A 3 0.76 30.10 -3.85
CA SER A 3 -0.01 28.87 -3.81
C SER A 3 -1.50 29.17 -3.95
N GLY A 4 -2.19 28.29 -4.65
CA GLY A 4 -3.62 28.45 -4.87
C GLY A 4 -4.08 27.70 -6.12
N SER A 5 -4.69 26.55 -5.89
CA SER A 5 -5.18 25.72 -6.98
C SER A 5 -6.44 24.97 -6.54
N SER A 6 -7.44 25.01 -7.41
CA SER A 6 -8.69 24.33 -7.12
C SER A 6 -9.26 23.73 -8.42
N GLY A 7 -10.16 22.77 -8.24
CA GLY A 7 -10.79 22.11 -9.37
C GLY A 7 -11.24 20.69 -8.99
N SER A 8 -11.24 19.83 -9.99
CA SER A 8 -11.65 18.45 -9.79
C SER A 8 -10.74 17.79 -8.74
N ASN A 9 -11.28 16.76 -8.11
CA ASN A 9 -10.54 16.03 -7.09
C ASN A 9 -9.61 15.02 -7.77
N PHE A 10 -8.54 14.66 -7.05
CA PHE A 10 -7.57 13.71 -7.57
C PHE A 10 -6.91 12.93 -6.43
N LEU A 11 -6.91 11.62 -6.59
CA LEU A 11 -6.32 10.75 -5.59
C LEU A 11 -5.33 9.80 -6.26
N GLU A 12 -4.05 10.05 -6.01
CA GLU A 12 -3.00 9.23 -6.58
C GLU A 12 -1.98 8.85 -5.51
N ILE A 13 -1.16 7.87 -5.83
CA ILE A 13 -0.14 7.40 -4.91
C ILE A 13 1.16 7.15 -5.68
N ASP A 14 2.25 7.17 -4.94
CA ASP A 14 3.57 6.95 -5.53
C ASP A 14 4.35 5.95 -4.68
N ILE A 15 5.10 5.10 -5.35
CA ILE A 15 5.90 4.10 -4.67
C ILE A 15 7.26 3.99 -5.36
N PHE A 16 8.25 4.64 -4.76
CA PHE A 16 9.60 4.63 -5.31
C PHE A 16 10.63 4.83 -4.19
N ASN A 17 11.89 4.94 -4.62
CA ASN A 17 12.98 5.13 -3.67
C ASN A 17 13.19 3.85 -2.87
N PRO A 18 13.59 2.77 -3.61
CA PRO A 18 13.84 1.49 -2.99
C PRO A 18 15.15 1.49 -2.20
N GLN A 19 15.03 1.31 -0.90
CA GLN A 19 16.20 1.29 -0.03
C GLN A 19 16.31 -0.06 0.68
N THR A 20 17.50 -0.63 0.63
CA THR A 20 17.75 -1.90 1.27
C THR A 20 18.27 -1.70 2.69
N VAL A 21 17.89 -2.62 3.56
CA VAL A 21 18.31 -2.56 4.96
C VAL A 21 18.89 -3.91 5.38
N GLY A 22 19.60 -3.89 6.49
CA GLY A 22 20.21 -5.10 7.01
C GLY A 22 19.24 -5.88 7.90
N VAL A 23 19.35 -7.19 7.83
CA VAL A 23 18.49 -8.06 8.62
C VAL A 23 19.28 -9.28 9.08
N GLY A 24 18.75 -9.94 10.10
CA GLY A 24 19.39 -11.12 10.65
C GLY A 24 19.93 -12.02 9.53
N ARG A 25 19.01 -12.47 8.69
CA ARG A 25 19.38 -13.34 7.58
C ARG A 25 18.26 -13.37 6.54
N ALA A 26 17.75 -12.19 6.23
CA ALA A 26 16.67 -12.07 5.26
C ALA A 26 16.55 -10.61 4.81
N ARG A 27 17.65 -10.10 4.26
CA ARG A 27 17.68 -8.73 3.79
C ARG A 27 16.40 -8.41 2.99
N PHE A 28 16.14 -7.12 2.85
CA PHE A 28 14.97 -6.68 2.12
C PHE A 28 15.07 -5.18 1.78
N THR A 29 14.09 -4.72 1.02
CA THR A 29 14.06 -3.32 0.62
C THR A 29 12.71 -2.70 0.98
N THR A 30 12.67 -1.37 0.93
CA THR A 30 11.46 -0.65 1.25
C THR A 30 11.06 0.26 0.09
N TYR A 31 9.98 1.01 0.30
CA TYR A 31 9.49 1.92 -0.72
C TYR A 31 8.81 3.13 -0.09
N GLU A 32 9.01 4.28 -0.71
CA GLU A 32 8.42 5.51 -0.22
C GLU A 32 6.93 5.57 -0.60
N VAL A 33 6.10 5.14 0.33
CA VAL A 33 4.66 5.13 0.11
C VAL A 33 4.12 6.56 0.29
N ARG A 34 4.09 7.28 -0.82
CA ARG A 34 3.60 8.65 -0.80
C ARG A 34 2.25 8.74 -1.52
N MET A 35 1.29 9.34 -0.85
CA MET A 35 -0.04 9.50 -1.41
C MET A 35 -0.40 10.98 -1.56
N ARG A 36 -1.28 11.25 -2.52
CA ARG A 36 -1.72 12.61 -2.77
C ARG A 36 -3.22 12.65 -3.06
N THR A 37 -3.93 13.39 -2.22
CA THR A 37 -5.37 13.51 -2.38
C THR A 37 -5.85 14.88 -1.89
N ASN A 38 -7.08 15.21 -2.26
CA ASN A 38 -7.65 16.48 -1.87
C ASN A 38 -9.03 16.25 -1.25
N LEU A 39 -9.30 14.98 -0.96
CA LEU A 39 -10.57 14.61 -0.35
C LEU A 39 -10.50 14.83 1.15
N PRO A 40 -11.71 15.04 1.76
CA PRO A 40 -11.79 15.28 3.19
C PRO A 40 -11.59 13.97 3.97
N ILE A 41 -12.14 12.90 3.40
CA ILE A 41 -12.02 11.59 4.03
C ILE A 41 -10.63 11.44 4.64
N PHE A 42 -9.64 11.85 3.88
CA PHE A 42 -8.25 11.77 4.34
C PHE A 42 -7.90 12.96 5.23
N LYS A 43 -7.35 12.64 6.40
CA LYS A 43 -6.96 13.66 7.35
C LYS A 43 -5.74 14.41 6.81
N LEU A 44 -4.76 13.64 6.36
CA LEU A 44 -3.55 14.22 5.83
C LEU A 44 -3.68 14.38 4.31
N LYS A 45 -3.01 15.40 3.79
CA LYS A 45 -3.05 15.67 2.37
C LYS A 45 -1.93 14.90 1.67
N GLU A 46 -0.77 14.88 2.33
CA GLU A 46 0.38 14.18 1.79
C GLU A 46 1.27 13.65 2.92
N SER A 47 1.69 12.41 2.77
CA SER A 47 2.53 11.78 3.77
C SER A 47 3.32 10.64 3.14
N CYS A 48 4.30 10.15 3.89
CA CYS A 48 5.15 9.06 3.42
C CYS A 48 5.32 8.06 4.56
N VAL A 49 5.55 6.81 4.17
CA VAL A 49 5.75 5.75 5.14
C VAL A 49 6.64 4.66 4.55
N ARG A 50 7.15 3.80 5.42
CA ARG A 50 8.01 2.72 5.00
C ARG A 50 7.34 1.37 5.27
N ARG A 51 7.07 0.65 4.19
CA ARG A 51 6.43 -0.65 4.30
C ARG A 51 6.91 -1.57 3.18
N ARG A 52 6.71 -2.86 3.38
CA ARG A 52 7.12 -3.86 2.40
C ARG A 52 5.91 -4.33 1.61
N TYR A 53 6.18 -5.23 0.66
CA TYR A 53 5.13 -5.78 -0.17
C TYR A 53 4.14 -6.60 0.65
N SER A 54 4.68 -7.34 1.61
CA SER A 54 3.86 -8.16 2.48
C SER A 54 2.72 -7.33 3.07
N ASP A 55 3.04 -6.07 3.38
CA ASP A 55 2.07 -5.17 3.96
C ASP A 55 0.78 -5.22 3.12
N PHE A 56 0.91 -4.76 1.88
CA PHE A 56 -0.24 -4.75 0.98
C PHE A 56 -1.10 -5.99 1.16
N GLU A 57 -0.44 -7.14 1.13
CA GLU A 57 -1.13 -8.41 1.30
C GLU A 57 -2.06 -8.35 2.51
N TRP A 58 -1.52 -7.88 3.63
CA TRP A 58 -2.27 -7.78 4.86
C TRP A 58 -3.47 -6.85 4.59
N LEU A 59 -3.15 -5.66 4.12
CA LEU A 59 -4.19 -4.68 3.82
C LEU A 59 -5.24 -5.31 2.91
N LYS A 60 -4.77 -5.89 1.81
CA LYS A 60 -5.65 -6.53 0.86
C LYS A 60 -6.59 -7.47 1.61
N ASN A 61 -6.02 -8.54 2.14
CA ASN A 61 -6.80 -9.53 2.88
C ASN A 61 -7.74 -8.80 3.85
N GLU A 62 -7.17 -7.85 4.57
CA GLU A 62 -7.94 -7.09 5.54
C GLU A 62 -9.31 -6.73 4.96
N LEU A 63 -9.34 -6.58 3.64
CA LEU A 63 -10.57 -6.24 2.96
C LEU A 63 -11.40 -7.52 2.76
N GLU A 64 -10.74 -8.55 2.26
CA GLU A 64 -11.39 -9.83 2.02
C GLU A 64 -11.93 -10.40 3.34
N ARG A 65 -11.17 -10.18 4.40
CA ARG A 65 -11.56 -10.67 5.70
C ARG A 65 -13.07 -10.51 5.91
N ASP A 66 -13.52 -9.27 5.77
CA ASP A 66 -14.93 -8.98 5.94
C ASP A 66 -15.27 -7.69 5.18
N SER A 67 -15.87 -7.88 4.01
CA SER A 67 -16.25 -6.74 3.18
C SER A 67 -16.44 -7.21 1.73
N LYS A 68 -17.55 -6.79 1.14
CA LYS A 68 -17.86 -7.14 -0.23
C LYS A 68 -17.15 -6.16 -1.18
N ILE A 69 -15.88 -5.94 -0.90
CA ILE A 69 -15.08 -5.04 -1.71
C ILE A 69 -14.29 -5.84 -2.74
N VAL A 70 -14.10 -5.24 -3.91
CA VAL A 70 -13.36 -5.89 -4.97
C VAL A 70 -11.90 -5.45 -4.92
N VAL A 71 -11.08 -6.33 -4.36
CA VAL A 71 -9.66 -6.05 -4.25
C VAL A 71 -8.94 -6.57 -5.49
N PRO A 72 -7.98 -5.74 -5.99
CA PRO A 72 -7.22 -6.10 -7.16
C PRO A 72 -6.16 -7.16 -6.83
N PRO A 73 -5.65 -7.83 -7.90
CA PRO A 73 -4.63 -8.86 -7.72
C PRO A 73 -3.27 -8.24 -7.42
N LEU A 74 -2.53 -8.92 -6.58
CA LEU A 74 -1.20 -8.45 -6.19
C LEU A 74 -0.16 -9.10 -7.10
N PRO A 75 0.95 -8.33 -7.34
CA PRO A 75 2.02 -8.81 -8.19
C PRO A 75 2.87 -9.86 -7.46
N GLY A 76 2.64 -11.12 -7.83
CA GLY A 76 3.37 -12.22 -7.22
C GLY A 76 2.49 -12.98 -6.22
N LYS A 77 1.83 -14.01 -6.73
CA LYS A 77 0.96 -14.82 -5.90
C LYS A 77 0.81 -16.21 -6.53
N ALA A 78 -0.09 -16.99 -5.95
CA ALA A 78 -0.34 -18.34 -6.43
C ALA A 78 0.99 -18.99 -6.79
N LEU A 79 1.63 -19.56 -5.77
CA LEU A 79 2.91 -20.22 -5.96
C LEU A 79 2.89 -21.57 -5.24
N LYS A 80 2.22 -22.53 -5.87
CA LYS A 80 2.12 -23.86 -5.31
C LYS A 80 3.17 -24.77 -5.97
N ARG A 81 3.17 -26.02 -5.53
CA ARG A 81 4.11 -27.00 -6.06
C ARG A 81 5.55 -26.50 -5.87
N GLN A 82 6.48 -27.42 -6.07
CA GLN A 82 7.89 -27.10 -5.93
C GLN A 82 8.22 -26.80 -4.47
N LEU A 83 9.14 -27.59 -3.93
CA LEU A 83 9.56 -27.43 -2.54
C LEU A 83 10.62 -26.34 -2.46
N PRO A 84 10.76 -25.76 -1.24
CA PRO A 84 11.74 -24.71 -1.02
C PRO A 84 13.16 -25.29 -0.96
N PHE A 85 13.62 -25.77 -2.10
CA PHE A 85 14.94 -26.34 -2.19
C PHE A 85 15.43 -26.40 -3.65
N ARG A 86 16.70 -26.11 -3.82
CA ARG A 86 17.29 -26.12 -5.15
C ARG A 86 16.69 -25.01 -6.02
N GLY A 87 17.56 -24.36 -6.78
CA GLY A 87 17.13 -23.28 -7.64
C GLY A 87 17.86 -21.98 -7.30
N ASP A 88 17.17 -20.88 -7.51
CA ASP A 88 17.73 -19.57 -7.22
C ASP A 88 17.24 -19.09 -5.85
N GLU A 89 18.15 -19.14 -4.89
CA GLU A 89 17.82 -18.72 -3.53
C GLU A 89 18.26 -17.26 -3.31
N GLY A 90 17.35 -16.35 -3.65
CA GLY A 90 17.63 -14.93 -3.49
C GLY A 90 16.85 -14.10 -4.50
N ILE A 91 16.58 -12.86 -4.13
CA ILE A 91 15.84 -11.97 -5.00
C ILE A 91 16.44 -10.56 -4.91
N PHE A 92 17.12 -10.18 -5.98
CA PHE A 92 17.76 -8.87 -6.03
C PHE A 92 18.03 -8.44 -7.47
N GLU A 93 16.96 -8.13 -8.18
CA GLU A 93 17.07 -7.71 -9.56
C GLU A 93 16.29 -6.41 -9.79
N GLU A 94 17.00 -5.44 -10.33
CA GLU A 94 16.39 -4.14 -10.60
C GLU A 94 15.00 -4.33 -11.19
N SER A 95 14.92 -5.14 -12.23
CA SER A 95 13.66 -5.40 -12.90
C SER A 95 12.65 -5.95 -11.88
N PHE A 96 13.07 -6.98 -11.18
CA PHE A 96 12.22 -7.61 -10.18
C PHE A 96 11.61 -6.56 -9.24
N ILE A 97 12.49 -5.76 -8.66
CA ILE A 97 12.07 -4.72 -7.74
C ILE A 97 11.03 -3.83 -8.44
N GLU A 98 11.48 -3.16 -9.50
CA GLU A 98 10.61 -2.28 -10.26
C GLU A 98 9.24 -2.94 -10.46
N GLU A 99 9.28 -4.14 -11.01
CA GLU A 99 8.05 -4.89 -11.26
C GLU A 99 7.09 -4.73 -10.08
N ARG A 100 7.55 -5.15 -8.91
CA ARG A 100 6.75 -5.08 -7.71
C ARG A 100 6.49 -3.61 -7.34
N ARG A 101 7.56 -2.83 -7.35
CA ARG A 101 7.46 -1.43 -7.02
C ARG A 101 6.20 -0.82 -7.65
N GLN A 102 6.21 -0.76 -8.98
CA GLN A 102 5.09 -0.22 -9.71
C GLN A 102 3.83 -1.07 -9.48
N GLY A 103 4.02 -2.37 -9.61
CA GLY A 103 2.91 -3.30 -9.41
C GLY A 103 2.03 -2.86 -8.25
N LEU A 104 2.65 -2.73 -7.08
CA LEU A 104 1.93 -2.31 -5.89
C LEU A 104 1.23 -0.98 -6.15
N GLU A 105 2.06 0.02 -6.46
CA GLU A 105 1.54 1.35 -6.73
C GLU A 105 0.25 1.26 -7.55
N GLN A 106 0.32 0.46 -8.61
CA GLN A 106 -0.83 0.27 -9.48
C GLN A 106 -2.01 -0.29 -8.70
N PHE A 107 -1.73 -1.36 -7.96
CA PHE A 107 -2.76 -2.01 -7.16
C PHE A 107 -3.41 -1.02 -6.19
N ILE A 108 -2.57 -0.43 -5.35
CA ILE A 108 -3.04 0.54 -4.37
C ILE A 108 -3.73 1.70 -5.10
N ASN A 109 -3.16 2.05 -6.25
CA ASN A 109 -3.71 3.14 -7.04
C ASN A 109 -5.20 2.89 -7.28
N LYS A 110 -5.48 1.76 -7.92
CA LYS A 110 -6.86 1.39 -8.22
C LYS A 110 -7.63 1.22 -6.90
N ILE A 111 -7.04 0.43 -6.01
CA ILE A 111 -7.67 0.17 -4.72
C ILE A 111 -8.04 1.50 -4.07
N ALA A 112 -7.17 2.48 -4.26
CA ALA A 112 -7.40 3.80 -3.70
C ALA A 112 -8.72 4.37 -4.26
N GLY A 113 -8.75 4.52 -5.58
CA GLY A 113 -9.92 5.05 -6.24
C GLY A 113 -11.20 4.45 -5.64
N HIS A 114 -11.11 3.19 -5.28
CA HIS A 114 -12.24 2.49 -4.69
C HIS A 114 -12.90 3.37 -3.62
N PRO A 115 -14.24 3.50 -3.72
CA PRO A 115 -15.00 4.29 -2.77
C PRO A 115 -15.11 3.59 -1.42
N LEU A 116 -15.38 2.29 -1.49
CA LEU A 116 -15.53 1.50 -0.28
C LEU A 116 -14.20 1.50 0.49
N ALA A 117 -13.11 1.55 -0.27
CA ALA A 117 -11.79 1.57 0.34
C ALA A 117 -11.50 2.97 0.89
N GLN A 118 -11.82 3.97 0.07
CA GLN A 118 -11.59 5.35 0.46
C GLN A 118 -12.11 5.59 1.88
N ASN A 119 -13.06 4.75 2.27
CA ASN A 119 -13.65 4.86 3.60
C ASN A 119 -12.85 3.99 4.59
N GLU A 120 -12.50 2.80 4.11
CA GLU A 120 -11.73 1.88 4.94
C GLU A 120 -10.57 2.60 5.60
N ARG A 121 -10.38 2.30 6.88
CA ARG A 121 -9.30 2.92 7.64
C ARG A 121 -8.02 2.10 7.51
N CYS A 122 -8.20 0.80 7.26
CA CYS A 122 -7.08 -0.10 7.10
C CYS A 122 -6.23 0.39 5.93
N LEU A 123 -6.87 1.18 5.07
CA LEU A 123 -6.19 1.72 3.90
C LEU A 123 -5.32 2.91 4.33
N HIS A 124 -5.96 3.86 4.98
CA HIS A 124 -5.27 5.05 5.44
C HIS A 124 -4.11 4.64 6.35
N MET A 125 -4.44 3.84 7.35
CA MET A 125 -3.43 3.37 8.29
C MET A 125 -2.18 2.86 7.57
N PHE A 126 -2.42 2.13 6.49
CA PHE A 126 -1.33 1.59 5.70
C PHE A 126 -0.58 2.70 4.97
N LEU A 127 -1.26 3.82 4.79
CA LEU A 127 -0.68 4.95 4.11
C LEU A 127 -0.10 5.92 5.15
N GLN A 128 -0.92 6.89 5.53
CA GLN A 128 -0.51 7.88 6.51
C GLN A 128 0.36 7.23 7.58
N GLU A 129 -0.26 6.38 8.38
CA GLU A 129 0.44 5.69 9.45
C GLU A 129 1.57 4.84 8.87
N GLU A 130 2.65 4.74 9.63
CA GLU A 130 3.80 3.96 9.21
C GLU A 130 3.64 2.50 9.63
N ALA A 131 3.68 2.29 10.94
CA ALA A 131 3.54 0.95 11.49
C ALA A 131 2.05 0.60 11.59
N ILE A 132 1.70 -0.51 10.97
CA ILE A 132 0.32 -0.97 10.99
C ILE A 132 0.06 -1.76 12.27
N ASP A 133 -1.22 -1.86 12.62
CA ASP A 133 -1.61 -2.57 13.82
C ASP A 133 -2.63 -3.66 13.45
N ARG A 134 -2.34 -4.87 13.90
CA ARG A 134 -3.22 -5.99 13.63
C ARG A 134 -4.25 -6.15 14.75
N ASN A 135 -4.57 -5.03 15.38
CA ASN A 135 -5.53 -5.04 16.47
C ASN A 135 -6.19 -3.65 16.57
N TYR A 136 -6.17 -2.95 15.44
CA TYR A 136 -6.76 -1.62 15.39
C TYR A 136 -8.29 -1.71 15.34
N VAL A 137 -8.90 -0.55 15.13
CA VAL A 137 -10.36 -0.47 15.06
C VAL A 137 -10.77 -0.11 13.63
N PRO A 138 -11.47 -1.07 12.97
CA PRO A 138 -11.93 -0.86 11.61
C PRO A 138 -13.13 0.08 11.58
N GLY A 139 -13.58 0.38 10.36
CA GLY A 139 -14.72 1.27 10.18
C GLY A 139 -15.81 0.58 9.37
N LYS A 140 -16.96 0.43 10.01
CA LYS A 140 -18.11 -0.21 9.36
C LYS A 140 -19.13 0.86 8.98
N SER A 141 -19.77 1.41 10.00
CA SER A 141 -20.77 2.44 9.79
C SER A 141 -20.22 3.81 10.20
N GLY A 142 -20.50 4.80 9.38
CA GLY A 142 -20.05 6.16 9.65
C GLY A 142 -21.19 7.03 10.16
N PRO A 143 -20.79 8.12 10.88
CA PRO A 143 -21.77 9.05 11.43
C PRO A 143 -22.38 9.93 10.33
N SER A 144 -23.05 9.27 9.40
CA SER A 144 -23.69 9.99 8.30
C SER A 144 -24.91 9.21 7.80
N SER A 145 -25.93 9.97 7.42
CA SER A 145 -27.16 9.36 6.93
C SER A 145 -27.84 8.58 8.06
N GLY A 146 -29.11 8.91 8.29
CA GLY A 146 -29.87 8.24 9.32
C GLY A 146 -31.38 8.32 9.03
N GLY A 1 1.48 25.99 3.40
CA GLY A 1 2.09 25.39 2.24
C GLY A 1 1.04 24.96 1.22
N SER A 2 0.43 25.95 0.59
CA SER A 2 -0.59 25.69 -0.41
C SER A 2 -0.90 26.96 -1.19
N SER A 3 -1.56 26.78 -2.32
CA SER A 3 -1.92 27.91 -3.17
C SER A 3 -2.89 27.44 -4.27
N GLY A 4 -4.04 28.10 -4.31
CA GLY A 4 -5.06 27.78 -5.30
C GLY A 4 -5.55 26.34 -5.13
N SER A 5 -6.83 26.22 -4.80
CA SER A 5 -7.42 24.91 -4.61
C SER A 5 -8.92 24.97 -4.94
N SER A 6 -9.25 24.45 -6.11
CA SER A 6 -10.64 24.43 -6.55
C SER A 6 -10.74 23.73 -7.91
N GLY A 7 -10.96 22.42 -7.83
CA GLY A 7 -11.09 21.61 -9.03
C GLY A 7 -11.43 20.16 -8.69
N SER A 8 -11.40 19.32 -9.71
CA SER A 8 -11.70 17.91 -9.53
C SER A 8 -10.83 17.33 -8.42
N ASN A 9 -11.19 16.11 -8.01
CA ASN A 9 -10.44 15.44 -6.96
C ASN A 9 -9.54 14.37 -7.59
N PHE A 10 -8.41 14.15 -6.93
CA PHE A 10 -7.45 13.16 -7.42
C PHE A 10 -6.74 12.47 -6.25
N LEU A 11 -6.77 11.15 -6.29
CA LEU A 11 -6.14 10.36 -5.24
C LEU A 11 -5.16 9.36 -5.89
N GLU A 12 -3.88 9.67 -5.76
CA GLU A 12 -2.84 8.81 -6.32
C GLU A 12 -1.76 8.53 -5.27
N ILE A 13 -0.97 7.52 -5.55
CA ILE A 13 0.11 7.14 -4.64
C ILE A 13 1.37 6.83 -5.45
N ASP A 14 2.50 7.28 -4.91
CA ASP A 14 3.77 7.05 -5.58
C ASP A 14 4.59 6.05 -4.77
N ILE A 15 5.27 5.17 -5.51
CA ILE A 15 6.09 4.15 -4.88
C ILE A 15 7.50 4.19 -5.48
N PHE A 16 8.40 4.83 -4.73
CA PHE A 16 9.77 4.96 -5.17
C PHE A 16 10.72 5.10 -3.98
N ASN A 17 11.99 5.33 -4.30
CA ASN A 17 13.00 5.48 -3.26
C ASN A 17 13.23 4.13 -2.57
N PRO A 18 13.74 3.15 -3.37
CA PRO A 18 14.00 1.83 -2.85
C PRO A 18 15.26 1.82 -1.97
N GLN A 19 15.20 1.01 -0.92
CA GLN A 19 16.32 0.92 0.01
C GLN A 19 16.40 -0.50 0.59
N THR A 20 17.51 -1.15 0.33
CA THR A 20 17.72 -2.50 0.81
C THR A 20 18.07 -2.48 2.31
N VAL A 21 17.65 -3.54 2.99
CA VAL A 21 17.90 -3.66 4.42
C VAL A 21 18.23 -5.11 4.76
N GLY A 22 18.81 -5.29 5.93
CA GLY A 22 19.17 -6.63 6.39
C GLY A 22 19.95 -7.38 5.31
N VAL A 23 20.35 -8.60 5.66
CA VAL A 23 21.10 -9.43 4.73
C VAL A 23 20.99 -10.89 5.17
N GLY A 24 20.95 -11.76 4.17
CA GLY A 24 20.85 -13.19 4.44
C GLY A 24 20.05 -13.90 3.34
N ARG A 25 20.39 -13.57 2.10
CA ARG A 25 19.72 -14.16 0.95
C ARG A 25 18.22 -13.81 0.98
N ALA A 26 17.61 -13.90 -0.19
CA ALA A 26 16.20 -13.60 -0.31
C ALA A 26 15.86 -12.36 0.51
N ARG A 27 16.66 -11.31 0.29
CA ARG A 27 16.46 -10.06 1.01
C ARG A 27 15.21 -9.34 0.50
N PHE A 28 14.97 -8.17 1.05
CA PHE A 28 13.81 -7.37 0.66
C PHE A 28 14.17 -5.88 0.59
N THR A 29 13.21 -5.10 0.13
CA THR A 29 13.41 -3.67 0.02
C THR A 29 12.14 -2.92 0.43
N THR A 30 12.30 -1.62 0.65
CA THR A 30 11.19 -0.78 1.04
C THR A 30 11.05 0.41 0.11
N TYR A 31 9.80 0.76 -0.19
CA TYR A 31 9.52 1.88 -1.06
C TYR A 31 8.79 3.01 -0.32
N GLU A 32 8.94 4.21 -0.85
CA GLU A 32 8.31 5.38 -0.24
C GLU A 32 6.87 5.53 -0.77
N VAL A 33 5.93 5.20 0.10
CA VAL A 33 4.53 5.31 -0.26
C VAL A 33 4.05 6.74 -0.04
N ARG A 34 4.13 7.53 -1.10
CA ARG A 34 3.71 8.92 -1.04
C ARG A 34 2.30 9.08 -1.60
N MET A 35 1.34 9.19 -0.69
CA MET A 35 -0.05 9.34 -1.09
C MET A 35 -0.46 10.82 -1.09
N ARG A 36 -1.30 11.17 -2.06
CA ARG A 36 -1.76 12.53 -2.18
C ARG A 36 -3.25 12.56 -2.54
N THR A 37 -3.94 13.56 -2.03
CA THR A 37 -5.36 13.70 -2.28
C THR A 37 -5.88 15.03 -1.71
N ASN A 38 -7.08 15.40 -2.15
CA ASN A 38 -7.69 16.63 -1.69
C ASN A 38 -9.06 16.32 -1.08
N LEU A 39 -9.26 15.05 -0.79
CA LEU A 39 -10.52 14.61 -0.21
C LEU A 39 -10.47 14.85 1.31
N PRO A 40 -11.69 15.01 1.89
CA PRO A 40 -11.81 15.25 3.32
C PRO A 40 -11.57 13.95 4.12
N ILE A 41 -12.06 12.86 3.56
CA ILE A 41 -11.91 11.56 4.19
C ILE A 41 -10.52 11.48 4.83
N PHE A 42 -9.53 11.90 4.07
CA PHE A 42 -8.15 11.88 4.55
C PHE A 42 -7.85 13.10 5.42
N LYS A 43 -7.17 12.85 6.53
CA LYS A 43 -6.82 13.92 7.45
C LYS A 43 -5.65 14.71 6.87
N LEU A 44 -4.65 13.98 6.39
CA LEU A 44 -3.48 14.61 5.81
C LEU A 44 -3.62 14.65 4.28
N LYS A 45 -3.04 15.68 3.69
CA LYS A 45 -3.09 15.84 2.25
C LYS A 45 -2.01 14.97 1.59
N GLU A 46 -0.87 14.89 2.27
CA GLU A 46 0.24 14.11 1.77
C GLU A 46 1.08 13.59 2.94
N SER A 47 1.59 12.37 2.77
CA SER A 47 2.41 11.75 3.79
C SER A 47 3.33 10.71 3.16
N CYS A 48 4.55 10.64 3.69
CA CYS A 48 5.53 9.70 3.19
C CYS A 48 5.74 8.62 4.25
N VAL A 49 5.45 7.38 3.86
CA VAL A 49 5.61 6.25 4.76
C VAL A 49 6.34 5.13 4.04
N ARG A 50 6.50 4.01 4.74
CA ARG A 50 7.17 2.86 4.18
C ARG A 50 6.35 1.59 4.41
N ARG A 51 5.96 0.96 3.31
CA ARG A 51 5.17 -0.25 3.38
C ARG A 51 5.76 -1.33 2.47
N ARG A 52 6.01 -2.49 3.06
CA ARG A 52 6.58 -3.60 2.32
C ARG A 52 5.48 -4.30 1.50
N TYR A 53 5.91 -5.33 0.78
CA TYR A 53 4.99 -6.09 -0.05
C TYR A 53 4.10 -7.00 0.81
N SER A 54 4.67 -7.46 1.91
CA SER A 54 3.95 -8.33 2.82
C SER A 54 2.83 -7.56 3.50
N ASP A 55 3.11 -6.30 3.81
CA ASP A 55 2.13 -5.44 4.45
C ASP A 55 0.84 -5.44 3.63
N PHE A 56 0.99 -5.16 2.35
CA PHE A 56 -0.15 -5.12 1.45
C PHE A 56 -0.99 -6.40 1.57
N GLU A 57 -0.29 -7.52 1.58
CA GLU A 57 -0.95 -8.82 1.69
C GLU A 57 -1.87 -8.83 2.92
N TRP A 58 -1.48 -8.07 3.93
CA TRP A 58 -2.25 -8.00 5.15
C TRP A 58 -3.39 -7.00 4.93
N LEU A 59 -3.04 -5.89 4.31
CA LEU A 59 -4.01 -4.85 4.03
C LEU A 59 -5.14 -5.43 3.16
N LYS A 60 -4.74 -6.00 2.03
CA LYS A 60 -5.69 -6.58 1.11
C LYS A 60 -6.68 -7.45 1.89
N ASN A 61 -6.15 -8.51 2.48
CA ASN A 61 -6.96 -9.43 3.27
C ASN A 61 -7.86 -8.62 4.21
N GLU A 62 -7.23 -7.69 4.91
CA GLU A 62 -7.95 -6.85 5.86
C GLU A 62 -9.26 -6.38 5.25
N LEU A 63 -9.18 -5.93 4.00
CA LEU A 63 -10.35 -5.46 3.30
C LEU A 63 -11.34 -6.62 3.11
N GLU A 64 -10.79 -7.79 2.84
CA GLU A 64 -11.60 -8.97 2.64
C GLU A 64 -11.94 -9.61 3.98
N ARG A 65 -12.24 -8.77 4.94
CA ARG A 65 -12.59 -9.23 6.28
C ARG A 65 -14.11 -9.37 6.42
N ASP A 66 -14.79 -8.24 6.26
CA ASP A 66 -16.24 -8.22 6.36
C ASP A 66 -16.80 -7.17 5.41
N SER A 67 -16.76 -7.50 4.12
CA SER A 67 -17.24 -6.59 3.10
C SER A 67 -17.10 -7.22 1.72
N LYS A 68 -16.00 -7.95 1.55
CA LYS A 68 -15.73 -8.62 0.30
C LYS A 68 -15.38 -7.56 -0.77
N ILE A 69 -15.05 -6.38 -0.29
CA ILE A 69 -14.71 -5.28 -1.18
C ILE A 69 -13.88 -5.83 -2.35
N VAL A 70 -13.94 -5.10 -3.45
CA VAL A 70 -13.20 -5.50 -4.65
C VAL A 70 -11.75 -5.04 -4.52
N VAL A 71 -10.89 -6.00 -4.21
CA VAL A 71 -9.47 -5.72 -4.07
C VAL A 71 -8.70 -6.32 -5.24
N PRO A 72 -7.73 -5.52 -5.75
CA PRO A 72 -6.92 -5.97 -6.88
C PRO A 72 -5.89 -7.01 -6.44
N PRO A 73 -5.36 -7.75 -7.44
CA PRO A 73 -4.36 -8.78 -7.16
C PRO A 73 -3.00 -8.15 -6.86
N LEU A 74 -2.26 -8.83 -5.98
CA LEU A 74 -0.94 -8.34 -5.60
C LEU A 74 0.10 -8.89 -6.59
N PRO A 75 1.16 -8.07 -6.80
CA PRO A 75 2.23 -8.45 -7.71
C PRO A 75 3.12 -9.53 -7.08
N GLY A 76 3.09 -10.71 -7.68
CA GLY A 76 3.88 -11.83 -7.20
C GLY A 76 3.06 -13.11 -7.13
N LYS A 77 3.75 -14.23 -7.13
CA LYS A 77 3.10 -15.52 -7.06
C LYS A 77 4.15 -16.62 -7.03
N ALA A 78 4.27 -17.25 -5.87
CA ALA A 78 5.24 -18.33 -5.69
C ALA A 78 4.80 -19.22 -4.53
N LEU A 79 4.63 -20.50 -4.84
CA LEU A 79 4.21 -21.46 -3.83
C LEU A 79 5.00 -22.76 -4.02
N LYS A 80 6.13 -22.82 -3.34
CA LYS A 80 6.98 -24.01 -3.42
C LYS A 80 7.52 -24.14 -4.85
N ARG A 81 8.84 -24.01 -4.96
CA ARG A 81 9.50 -24.11 -6.25
C ARG A 81 8.90 -25.27 -7.05
N GLN A 82 8.66 -24.99 -8.33
CA GLN A 82 8.09 -25.99 -9.22
C GLN A 82 9.05 -27.18 -9.36
N LEU A 83 10.21 -26.90 -9.93
CA LEU A 83 11.21 -27.93 -10.13
C LEU A 83 12.37 -27.69 -9.17
N PRO A 84 13.07 -28.81 -8.83
CA PRO A 84 14.21 -28.74 -7.93
C PRO A 84 15.43 -28.14 -8.62
N PHE A 85 15.92 -27.06 -8.03
CA PHE A 85 17.08 -26.37 -8.58
C PHE A 85 16.90 -26.09 -10.07
N ARG A 86 17.90 -25.42 -10.63
CA ARG A 86 17.85 -25.09 -12.05
C ARG A 86 16.64 -24.20 -12.35
N GLY A 87 16.92 -22.92 -12.55
CA GLY A 87 15.87 -21.97 -12.85
C GLY A 87 16.28 -20.56 -12.43
N ASP A 88 16.35 -20.36 -11.12
CA ASP A 88 16.72 -19.06 -10.57
C ASP A 88 17.98 -18.56 -11.29
N GLU A 89 17.88 -17.34 -11.80
CA GLU A 89 19.00 -16.74 -12.51
C GLU A 89 19.66 -15.67 -11.63
N GLY A 90 18.88 -14.68 -11.26
CA GLY A 90 19.39 -13.60 -10.42
C GLY A 90 18.24 -12.82 -9.77
N ILE A 91 17.87 -13.27 -8.57
CA ILE A 91 16.80 -12.63 -7.84
C ILE A 91 17.34 -11.40 -7.12
N PHE A 92 17.99 -10.53 -7.89
CA PHE A 92 18.55 -9.31 -7.34
C PHE A 92 18.92 -8.33 -8.44
N GLU A 93 17.96 -8.12 -9.34
CA GLU A 93 18.17 -7.20 -10.46
C GLU A 93 17.33 -5.94 -10.26
N GLU A 94 17.50 -5.01 -11.19
CA GLU A 94 16.77 -3.75 -11.14
C GLU A 94 15.37 -3.92 -11.71
N SER A 95 15.26 -4.83 -12.67
CA SER A 95 13.98 -5.10 -13.31
C SER A 95 13.03 -5.77 -12.32
N PHE A 96 13.63 -6.42 -11.33
CA PHE A 96 12.85 -7.10 -10.31
C PHE A 96 12.21 -6.10 -9.35
N ILE A 97 13.06 -5.30 -8.72
CA ILE A 97 12.60 -4.30 -7.78
C ILE A 97 11.55 -3.41 -8.45
N GLU A 98 11.83 -3.06 -9.70
CA GLU A 98 10.91 -2.23 -10.46
C GLU A 98 9.55 -2.92 -10.60
N GLU A 99 9.59 -4.13 -11.14
CA GLU A 99 8.37 -4.90 -11.33
C GLU A 99 7.44 -4.74 -10.12
N ARG A 100 7.96 -5.12 -8.96
CA ARG A 100 7.20 -5.03 -7.73
C ARG A 100 6.77 -3.58 -7.49
N ARG A 101 7.74 -2.69 -7.54
CA ARG A 101 7.47 -1.27 -7.32
C ARG A 101 6.16 -0.87 -8.01
N GLN A 102 6.21 -0.89 -9.34
CA GLN A 102 5.04 -0.53 -10.12
C GLN A 102 3.82 -1.34 -9.67
N GLY A 103 4.00 -2.65 -9.66
CA GLY A 103 2.93 -3.55 -9.26
C GLY A 103 2.12 -2.96 -8.10
N LEU A 104 2.77 -2.91 -6.94
CA LEU A 104 2.13 -2.36 -5.75
C LEU A 104 1.46 -1.04 -6.10
N GLU A 105 2.27 -0.10 -6.56
CA GLU A 105 1.77 1.21 -6.94
C GLU A 105 0.44 1.08 -7.70
N GLN A 106 0.47 0.23 -8.71
CA GLN A 106 -0.71 0.00 -9.53
C GLN A 106 -1.87 -0.49 -8.65
N PHE A 107 -1.60 -1.54 -7.90
CA PHE A 107 -2.61 -2.11 -7.01
C PHE A 107 -3.23 -1.03 -6.12
N ILE A 108 -2.37 -0.39 -5.34
CA ILE A 108 -2.81 0.66 -4.44
C ILE A 108 -3.49 1.76 -5.25
N ASN A 109 -2.90 2.06 -6.39
CA ASN A 109 -3.43 3.10 -7.27
C ASN A 109 -4.92 2.83 -7.53
N LYS A 110 -5.21 1.58 -7.86
CA LYS A 110 -6.58 1.19 -8.13
C LYS A 110 -7.33 1.03 -6.81
N ILE A 111 -6.63 0.50 -5.83
CA ILE A 111 -7.22 0.30 -4.51
C ILE A 111 -7.72 1.63 -3.97
N ALA A 112 -6.83 2.62 -3.99
CA ALA A 112 -7.16 3.94 -3.50
C ALA A 112 -8.44 4.43 -4.21
N GLY A 113 -8.35 4.52 -5.53
CA GLY A 113 -9.47 4.96 -6.34
C GLY A 113 -10.78 4.39 -5.79
N HIS A 114 -10.71 3.15 -5.34
CA HIS A 114 -11.89 2.48 -4.81
C HIS A 114 -12.53 3.36 -3.73
N PRO A 115 -13.88 3.51 -3.85
CA PRO A 115 -14.63 4.33 -2.91
C PRO A 115 -14.79 3.59 -1.57
N LEU A 116 -15.23 2.35 -1.67
CA LEU A 116 -15.43 1.54 -0.48
C LEU A 116 -14.15 1.56 0.38
N ALA A 117 -13.02 1.55 -0.31
CA ALA A 117 -11.74 1.56 0.37
C ALA A 117 -11.51 2.95 0.98
N GLN A 118 -11.71 3.96 0.15
CA GLN A 118 -11.54 5.34 0.60
C GLN A 118 -12.25 5.56 1.93
N ASN A 119 -13.26 4.75 2.17
CA ASN A 119 -14.03 4.84 3.40
C ASN A 119 -13.38 3.94 4.47
N GLU A 120 -12.85 2.82 4.01
CA GLU A 120 -12.22 1.87 4.90
C GLU A 120 -11.14 2.57 5.73
N ARG A 121 -11.07 2.19 7.00
CA ARG A 121 -10.10 2.78 7.91
C ARG A 121 -8.76 2.03 7.79
N CYS A 122 -8.86 0.72 7.67
CA CYS A 122 -7.67 -0.12 7.55
C CYS A 122 -6.75 0.51 6.49
N LEU A 123 -7.36 0.89 5.37
CA LEU A 123 -6.61 1.49 4.28
C LEU A 123 -5.95 2.78 4.78
N HIS A 124 -6.78 3.68 5.28
CA HIS A 124 -6.29 4.94 5.79
C HIS A 124 -5.01 4.71 6.59
N MET A 125 -5.02 3.65 7.37
CA MET A 125 -3.87 3.31 8.19
C MET A 125 -2.64 3.03 7.33
N PHE A 126 -2.79 2.06 6.44
CA PHE A 126 -1.69 1.69 5.55
C PHE A 126 -0.91 2.93 5.11
N LEU A 127 -1.64 4.04 4.98
CA LEU A 127 -1.02 5.28 4.57
C LEU A 127 -1.02 6.27 5.74
N GLN A 128 -0.21 7.30 5.61
CA GLN A 128 -0.11 8.31 6.65
C GLN A 128 0.59 7.74 7.88
N GLU A 129 0.01 6.67 8.40
CA GLU A 129 0.57 6.02 9.59
C GLU A 129 1.90 5.35 9.24
N GLU A 130 2.75 5.27 10.25
CA GLU A 130 4.06 4.66 10.08
C GLU A 130 3.97 3.15 10.28
N ALA A 131 3.74 2.77 11.53
CA ALA A 131 3.63 1.36 11.87
C ALA A 131 2.15 0.99 12.07
N ILE A 132 1.74 -0.07 11.40
CA ILE A 132 0.36 -0.52 11.49
C ILE A 132 0.12 -1.09 12.89
N ASP A 133 -0.98 -0.65 13.49
CA ASP A 133 -1.34 -1.11 14.83
C ASP A 133 -2.25 -2.33 14.70
N ARG A 134 -2.07 -3.07 13.63
CA ARG A 134 -2.87 -4.26 13.38
C ARG A 134 -4.30 -4.04 13.87
N ASN A 135 -4.55 -4.49 15.10
CA ASN A 135 -5.87 -4.35 15.69
C ASN A 135 -6.00 -2.97 16.32
N TYR A 136 -5.62 -1.96 15.54
CA TYR A 136 -5.69 -0.59 16.02
C TYR A 136 -7.04 -0.30 16.67
N VAL A 137 -7.11 0.85 17.33
CA VAL A 137 -8.33 1.25 17.99
C VAL A 137 -8.96 2.43 17.23
N PRO A 138 -10.17 2.17 16.69
CA PRO A 138 -10.89 3.19 15.93
C PRO A 138 -11.49 4.24 16.87
N GLY A 139 -11.56 5.47 16.37
CA GLY A 139 -12.11 6.56 17.15
C GLY A 139 -13.15 7.33 16.36
N LYS A 140 -13.10 8.65 16.47
CA LYS A 140 -14.03 9.51 15.76
C LYS A 140 -13.31 10.22 14.62
N SER A 141 -12.33 11.03 14.99
CA SER A 141 -11.55 11.77 14.01
C SER A 141 -12.41 12.87 13.39
N GLY A 142 -13.48 12.45 12.74
CA GLY A 142 -14.39 13.39 12.10
C GLY A 142 -15.41 12.66 11.23
N PRO A 143 -16.08 13.45 10.35
CA PRO A 143 -17.08 12.89 9.45
C PRO A 143 -16.43 12.11 8.30
N SER A 144 -16.57 10.79 8.36
CA SER A 144 -16.00 9.93 7.33
C SER A 144 -17.11 9.44 6.39
N SER A 145 -17.84 8.44 6.86
CA SER A 145 -18.91 7.88 6.07
C SER A 145 -19.66 8.98 5.33
N GLY A 146 -20.20 9.92 6.11
CA GLY A 146 -20.93 11.03 5.54
C GLY A 146 -22.33 10.60 5.10
N GLY A 1 -4.83 31.17 6.36
CA GLY A 1 -5.24 32.22 5.46
C GLY A 1 -4.71 31.99 4.05
N SER A 2 -5.36 31.09 3.34
CA SER A 2 -4.96 30.77 1.98
C SER A 2 -5.98 29.84 1.33
N SER A 3 -5.96 29.80 0.01
CA SER A 3 -6.88 28.96 -0.73
C SER A 3 -6.61 29.10 -2.24
N GLY A 4 -7.14 28.14 -2.99
CA GLY A 4 -6.96 28.15 -4.43
C GLY A 4 -7.00 26.72 -4.99
N SER A 5 -8.17 26.12 -4.91
CA SER A 5 -8.36 24.76 -5.40
C SER A 5 -9.82 24.53 -5.77
N SER A 6 -10.04 24.14 -7.02
CA SER A 6 -11.39 23.88 -7.50
C SER A 6 -11.33 23.14 -8.84
N GLY A 7 -12.25 22.20 -9.01
CA GLY A 7 -12.31 21.43 -10.23
C GLY A 7 -12.79 20.00 -9.95
N SER A 8 -11.81 19.12 -9.75
CA SER A 8 -12.11 17.73 -9.47
C SER A 8 -11.10 17.17 -8.47
N ASN A 9 -11.54 16.15 -7.74
CA ASN A 9 -10.69 15.52 -6.75
C ASN A 9 -9.74 14.54 -7.44
N PHE A 10 -8.68 14.18 -6.72
CA PHE A 10 -7.69 13.26 -7.26
C PHE A 10 -6.94 12.54 -6.13
N LEU A 11 -6.97 11.23 -6.19
CA LEU A 11 -6.30 10.41 -5.19
C LEU A 11 -5.32 9.47 -5.88
N GLU A 12 -4.04 9.79 -5.74
CA GLU A 12 -2.99 8.99 -6.34
C GLU A 12 -1.89 8.71 -5.32
N ILE A 13 -1.07 7.72 -5.63
CA ILE A 13 0.02 7.33 -4.76
C ILE A 13 1.28 7.10 -5.60
N ASP A 14 2.42 7.26 -4.95
CA ASP A 14 3.70 7.07 -5.62
C ASP A 14 4.54 6.05 -4.83
N ILE A 15 5.22 5.19 -5.57
CA ILE A 15 6.06 4.18 -4.95
C ILE A 15 7.44 4.20 -5.61
N PHE A 16 8.39 4.80 -4.91
CA PHE A 16 9.74 4.89 -5.41
C PHE A 16 10.75 4.95 -4.26
N ASN A 17 12.01 5.13 -4.62
CA ASN A 17 13.07 5.21 -3.64
C ASN A 17 13.16 3.88 -2.89
N PRO A 18 13.63 2.84 -3.63
CA PRO A 18 13.77 1.51 -3.05
C PRO A 18 14.99 1.44 -2.14
N GLN A 19 14.77 0.90 -0.94
CA GLN A 19 15.83 0.78 0.03
C GLN A 19 15.85 -0.64 0.61
N THR A 20 17.01 -1.29 0.50
CA THR A 20 17.17 -2.64 1.01
C THR A 20 17.51 -2.60 2.50
N VAL A 21 16.99 -3.59 3.21
CA VAL A 21 17.23 -3.69 4.63
C VAL A 21 17.44 -5.15 5.02
N GLY A 22 17.99 -5.36 6.21
CA GLY A 22 18.24 -6.70 6.69
C GLY A 22 19.15 -7.48 5.74
N VAL A 23 19.84 -8.46 6.29
CA VAL A 23 20.74 -9.28 5.50
C VAL A 23 20.55 -10.75 5.88
N GLY A 24 20.63 -11.60 4.86
CA GLY A 24 20.47 -13.02 5.07
C GLY A 24 20.55 -13.79 3.74
N ARG A 25 19.39 -13.98 3.14
CA ARG A 25 19.32 -14.69 1.87
C ARG A 25 18.23 -14.07 0.98
N ALA A 26 17.00 -14.15 1.46
CA ALA A 26 15.87 -13.60 0.73
C ALA A 26 15.48 -12.26 1.33
N ARG A 27 16.46 -11.40 1.48
CA ARG A 27 16.24 -10.08 2.04
C ARG A 27 15.04 -9.41 1.36
N PHE A 28 14.66 -8.26 1.89
CA PHE A 28 13.54 -7.51 1.36
C PHE A 28 13.88 -6.04 1.19
N THR A 29 12.96 -5.31 0.58
CA THR A 29 13.15 -3.89 0.35
C THR A 29 11.86 -3.11 0.60
N THR A 30 11.99 -1.80 0.69
CA THR A 30 10.83 -0.95 0.92
C THR A 30 10.72 0.10 -0.18
N TYR A 31 9.73 0.97 -0.04
CA TYR A 31 9.51 2.02 -1.01
C TYR A 31 8.87 3.25 -0.35
N GLU A 32 8.93 4.36 -1.07
CA GLU A 32 8.37 5.61 -0.57
C GLU A 32 6.92 5.77 -1.04
N VAL A 33 6.00 5.33 -0.19
CA VAL A 33 4.59 5.43 -0.51
C VAL A 33 4.10 6.85 -0.23
N ARG A 34 4.10 7.66 -1.27
CA ARG A 34 3.66 9.04 -1.16
C ARG A 34 2.24 9.20 -1.72
N MET A 35 1.28 9.23 -0.80
CA MET A 35 -0.11 9.37 -1.19
C MET A 35 -0.53 10.84 -1.18
N ARG A 36 -1.39 11.19 -2.13
CA ARG A 36 -1.88 12.55 -2.24
C ARG A 36 -3.38 12.55 -2.56
N THR A 37 -4.08 13.50 -1.94
CA THR A 37 -5.51 13.62 -2.14
C THR A 37 -6.03 14.94 -1.55
N ASN A 38 -7.28 15.22 -1.83
CA ASN A 38 -7.90 16.44 -1.34
C ASN A 38 -9.25 16.09 -0.71
N LEU A 39 -9.47 14.80 -0.50
CA LEU A 39 -10.71 14.33 0.10
C LEU A 39 -10.66 14.54 1.61
N PRO A 40 -11.86 14.69 2.21
CA PRO A 40 -11.97 14.89 3.64
C PRO A 40 -11.70 13.59 4.40
N ILE A 41 -12.19 12.49 3.83
CA ILE A 41 -12.00 11.19 4.44
C ILE A 41 -10.62 11.12 5.08
N PHE A 42 -9.63 11.59 4.33
CA PHE A 42 -8.26 11.58 4.80
C PHE A 42 -7.98 12.79 5.69
N LYS A 43 -7.24 12.54 6.76
CA LYS A 43 -6.89 13.59 7.70
C LYS A 43 -5.76 14.43 7.11
N LEU A 44 -4.71 13.74 6.71
CA LEU A 44 -3.55 14.40 6.14
C LEU A 44 -3.69 14.43 4.61
N LYS A 45 -3.35 15.59 4.04
CA LYS A 45 -3.44 15.76 2.60
C LYS A 45 -2.39 14.87 1.92
N GLU A 46 -1.20 14.90 2.48
CA GLU A 46 -0.10 14.10 1.94
C GLU A 46 0.91 13.78 3.04
N SER A 47 1.45 12.57 2.96
CA SER A 47 2.44 12.12 3.93
C SER A 47 3.37 11.08 3.31
N CYS A 48 4.43 10.78 4.03
CA CYS A 48 5.40 9.80 3.55
C CYS A 48 5.48 8.66 4.57
N VAL A 49 5.34 7.45 4.07
CA VAL A 49 5.39 6.27 4.91
C VAL A 49 6.24 5.19 4.24
N ARG A 50 6.30 4.04 4.89
CA ARG A 50 7.08 2.92 4.36
C ARG A 50 6.26 1.63 4.46
N ARG A 51 5.86 1.14 3.30
CA ARG A 51 5.08 -0.09 3.24
C ARG A 51 5.89 -1.20 2.57
N ARG A 52 5.65 -2.43 3.01
CA ARG A 52 6.34 -3.58 2.46
C ARG A 52 5.35 -4.50 1.73
N TYR A 53 5.88 -5.21 0.74
CA TYR A 53 5.06 -6.13 -0.03
C TYR A 53 4.12 -6.92 0.87
N SER A 54 4.61 -7.23 2.06
CA SER A 54 3.81 -7.99 3.02
C SER A 54 2.66 -7.13 3.53
N ASP A 55 3.01 -5.92 3.96
CA ASP A 55 2.02 -4.99 4.47
C ASP A 55 0.80 -5.00 3.57
N PHE A 56 1.04 -4.74 2.29
CA PHE A 56 -0.03 -4.72 1.31
C PHE A 56 -0.93 -5.95 1.45
N GLU A 57 -0.30 -7.11 1.56
CA GLU A 57 -1.02 -8.35 1.70
C GLU A 57 -1.99 -8.26 2.88
N TRP A 58 -1.48 -7.76 3.99
CA TRP A 58 -2.29 -7.62 5.19
C TRP A 58 -3.42 -6.63 4.88
N LEU A 59 -3.11 -5.67 4.03
CA LEU A 59 -4.08 -4.66 3.65
C LEU A 59 -5.16 -5.30 2.76
N LYS A 60 -4.70 -5.91 1.67
CA LYS A 60 -5.60 -6.57 0.75
C LYS A 60 -6.63 -7.39 1.53
N ASN A 61 -6.13 -8.42 2.21
CA ASN A 61 -6.98 -9.28 3.00
C ASN A 61 -7.86 -8.43 3.92
N GLU A 62 -7.20 -7.56 4.67
CA GLU A 62 -7.91 -6.68 5.59
C GLU A 62 -9.15 -6.09 4.91
N LEU A 63 -9.04 -5.90 3.60
CA LEU A 63 -10.14 -5.35 2.84
C LEU A 63 -11.15 -6.46 2.52
N GLU A 64 -10.61 -7.61 2.15
CA GLU A 64 -11.45 -8.75 1.82
C GLU A 64 -12.29 -9.16 3.03
N ARG A 65 -11.88 -8.65 4.19
CA ARG A 65 -12.58 -8.96 5.42
C ARG A 65 -13.90 -8.17 5.49
N ASP A 66 -13.84 -6.94 5.03
CA ASP A 66 -15.01 -6.08 5.03
C ASP A 66 -16.18 -6.81 4.34
N SER A 67 -16.26 -6.60 3.03
CA SER A 67 -17.32 -7.23 2.25
C SER A 67 -16.77 -7.69 0.90
N LYS A 68 -15.88 -8.67 0.96
CA LYS A 68 -15.27 -9.20 -0.25
C LYS A 68 -14.95 -8.04 -1.21
N ILE A 69 -14.55 -6.93 -0.62
CA ILE A 69 -14.22 -5.75 -1.39
C ILE A 69 -13.42 -6.17 -2.64
N VAL A 70 -13.53 -5.36 -3.68
CA VAL A 70 -12.84 -5.65 -4.92
C VAL A 70 -11.39 -5.15 -4.80
N VAL A 71 -10.50 -6.10 -4.56
CA VAL A 71 -9.08 -5.79 -4.42
C VAL A 71 -8.32 -6.38 -5.61
N PRO A 72 -7.34 -5.58 -6.11
CA PRO A 72 -6.52 -6.01 -7.24
C PRO A 72 -5.50 -7.06 -6.81
N PRO A 73 -4.91 -7.74 -7.84
CA PRO A 73 -3.92 -8.77 -7.58
C PRO A 73 -2.58 -8.16 -7.16
N LEU A 74 -1.91 -8.87 -6.26
CA LEU A 74 -0.61 -8.40 -5.77
C LEU A 74 0.49 -8.94 -6.67
N PRO A 75 1.59 -8.14 -6.79
CA PRO A 75 2.72 -8.53 -7.61
C PRO A 75 3.54 -9.63 -6.93
N GLY A 76 3.41 -10.84 -7.46
CA GLY A 76 4.13 -11.98 -6.91
C GLY A 76 4.42 -13.01 -8.01
N LYS A 77 5.50 -12.78 -8.73
CA LYS A 77 5.90 -13.68 -9.80
C LYS A 77 6.97 -14.64 -9.28
N ALA A 78 6.62 -15.92 -9.26
CA ALA A 78 7.53 -16.94 -8.79
C ALA A 78 7.70 -18.01 -9.87
N LEU A 79 8.85 -17.98 -10.52
CA LEU A 79 9.15 -18.94 -11.57
C LEU A 79 9.93 -20.11 -10.99
N LYS A 80 10.32 -21.02 -11.87
CA LYS A 80 11.07 -22.19 -11.46
C LYS A 80 12.28 -22.37 -12.38
N ARG A 81 13.46 -22.22 -11.80
CA ARG A 81 14.69 -22.36 -12.55
C ARG A 81 15.40 -23.67 -12.19
N GLN A 82 16.18 -24.16 -13.13
CA GLN A 82 16.92 -25.40 -12.92
C GLN A 82 18.39 -25.20 -13.23
N LEU A 83 18.97 -24.19 -12.60
CA LEU A 83 20.37 -23.87 -12.79
C LEU A 83 21.20 -24.56 -11.70
N PRO A 84 22.49 -24.83 -12.05
CA PRO A 84 23.38 -25.47 -11.11
C PRO A 84 23.84 -24.50 -10.02
N PHE A 85 23.89 -25.02 -8.80
CA PHE A 85 24.30 -24.21 -7.66
C PHE A 85 25.64 -23.51 -7.94
N ARG A 86 25.77 -22.32 -7.36
CA ARG A 86 26.98 -21.54 -7.54
C ARG A 86 26.97 -20.32 -6.63
N GLY A 87 25.89 -19.54 -6.75
CA GLY A 87 25.74 -18.34 -5.94
C GLY A 87 24.45 -18.39 -5.12
N ASP A 88 23.81 -17.24 -4.99
CA ASP A 88 22.58 -17.15 -4.24
C ASP A 88 21.45 -16.70 -5.18
N GLU A 89 20.59 -17.66 -5.51
CA GLU A 89 19.47 -17.37 -6.39
C GLU A 89 18.30 -16.81 -5.60
N GLY A 90 18.45 -15.55 -5.20
CA GLY A 90 17.42 -14.87 -4.44
C GLY A 90 16.68 -13.86 -5.30
N ILE A 91 16.43 -12.69 -4.72
CA ILE A 91 15.73 -11.62 -5.42
C ILE A 91 16.42 -10.29 -5.12
N PHE A 92 17.14 -9.80 -6.12
CA PHE A 92 17.86 -8.55 -5.98
C PHE A 92 18.26 -7.99 -7.34
N GLU A 93 17.28 -7.84 -8.21
CA GLU A 93 17.53 -7.33 -9.56
C GLU A 93 16.57 -6.19 -9.86
N GLU A 94 17.13 -5.15 -10.48
CA GLU A 94 16.35 -3.97 -10.83
C GLU A 94 14.98 -4.40 -11.38
N SER A 95 15.03 -5.15 -12.48
CA SER A 95 13.81 -5.62 -13.11
C SER A 95 12.82 -6.09 -12.04
N PHE A 96 13.29 -7.01 -11.20
CA PHE A 96 12.45 -7.54 -10.13
C PHE A 96 11.94 -6.43 -9.23
N ILE A 97 12.85 -5.55 -8.82
CA ILE A 97 12.50 -4.45 -7.96
C ILE A 97 11.43 -3.59 -8.64
N GLU A 98 11.78 -3.07 -9.80
CA GLU A 98 10.86 -2.24 -10.56
C GLU A 98 9.48 -2.90 -10.62
N GLU A 99 9.47 -4.15 -11.08
CA GLU A 99 8.24 -4.89 -11.19
C GLU A 99 7.38 -4.69 -9.94
N ARG A 100 7.92 -5.13 -8.82
CA ARG A 100 7.20 -5.01 -7.55
C ARG A 100 6.80 -3.55 -7.31
N ARG A 101 7.80 -2.68 -7.35
CA ARG A 101 7.56 -1.26 -7.14
C ARG A 101 6.30 -0.82 -7.88
N GLN A 102 6.37 -0.88 -9.20
CA GLN A 102 5.25 -0.49 -10.03
C GLN A 102 3.99 -1.26 -9.62
N GLY A 103 4.14 -2.58 -9.54
CA GLY A 103 3.03 -3.44 -9.15
C GLY A 103 2.23 -2.82 -7.99
N LEU A 104 2.86 -2.80 -6.84
CA LEU A 104 2.23 -2.24 -5.65
C LEU A 104 1.62 -0.89 -5.99
N GLU A 105 2.44 -0.04 -6.59
CA GLU A 105 2.00 1.29 -6.98
C GLU A 105 0.67 1.22 -7.74
N GLN A 106 0.70 0.42 -8.80
CA GLN A 106 -0.48 0.24 -9.62
C GLN A 106 -1.64 -0.32 -8.79
N PHE A 107 -1.33 -1.36 -8.02
CA PHE A 107 -2.32 -1.98 -7.18
C PHE A 107 -3.02 -0.94 -6.29
N ILE A 108 -2.22 -0.27 -5.47
CA ILE A 108 -2.74 0.74 -4.58
C ILE A 108 -3.40 1.85 -5.39
N ASN A 109 -2.76 2.19 -6.50
CA ASN A 109 -3.27 3.24 -7.37
C ASN A 109 -4.73 2.95 -7.70
N LYS A 110 -5.01 1.68 -7.97
CA LYS A 110 -6.36 1.26 -8.30
C LYS A 110 -7.14 1.02 -7.00
N ILE A 111 -6.45 0.48 -6.01
CA ILE A 111 -7.07 0.19 -4.73
C ILE A 111 -7.62 1.50 -4.15
N ALA A 112 -6.76 2.50 -4.10
CA ALA A 112 -7.14 3.79 -3.56
C ALA A 112 -8.47 4.23 -4.19
N GLY A 113 -8.47 4.28 -5.52
CA GLY A 113 -9.66 4.68 -6.25
C GLY A 113 -10.91 4.04 -5.65
N HIS A 114 -10.72 2.85 -5.11
CA HIS A 114 -11.82 2.12 -4.49
C HIS A 114 -12.46 2.98 -3.39
N PRO A 115 -13.81 3.06 -3.42
CA PRO A 115 -14.54 3.84 -2.44
C PRO A 115 -14.58 3.11 -1.09
N LEU A 116 -15.00 1.85 -1.15
CA LEU A 116 -15.09 1.04 0.06
C LEU A 116 -13.77 1.11 0.82
N ALA A 117 -12.69 1.07 0.06
CA ALA A 117 -11.36 1.12 0.65
C ALA A 117 -11.13 2.52 1.25
N GLN A 118 -11.47 3.53 0.46
CA GLN A 118 -11.32 4.91 0.89
C GLN A 118 -11.99 5.12 2.26
N ASN A 119 -12.92 4.22 2.56
CA ASN A 119 -13.63 4.29 3.82
C ASN A 119 -12.92 3.42 4.86
N GLU A 120 -12.51 2.24 4.42
CA GLU A 120 -11.82 1.32 5.30
C GLU A 120 -10.74 2.05 6.09
N ARG A 121 -10.53 1.58 7.32
CA ARG A 121 -9.53 2.18 8.19
C ARG A 121 -8.17 1.55 7.95
N CYS A 122 -8.20 0.26 7.63
CA CYS A 122 -6.97 -0.48 7.37
C CYS A 122 -6.17 0.28 6.30
N LEU A 123 -6.91 0.87 5.37
CA LEU A 123 -6.29 1.63 4.30
C LEU A 123 -5.76 2.95 4.84
N HIS A 124 -6.67 3.71 5.45
CA HIS A 124 -6.31 4.99 6.01
C HIS A 124 -4.95 4.89 6.73
N MET A 125 -4.83 3.85 7.54
CA MET A 125 -3.59 3.62 8.27
C MET A 125 -2.45 3.29 7.32
N PHE A 126 -2.68 2.30 6.47
CA PHE A 126 -1.68 1.87 5.50
C PHE A 126 -0.91 3.07 4.95
N LEU A 127 -1.62 4.19 4.81
CA LEU A 127 -1.02 5.40 4.30
C LEU A 127 -1.00 6.47 5.40
N GLN A 128 -0.12 7.43 5.23
CA GLN A 128 0.01 8.51 6.20
C GLN A 128 0.76 8.02 7.45
N GLU A 129 0.24 6.94 8.02
CA GLU A 129 0.83 6.37 9.22
C GLU A 129 2.11 5.61 8.84
N GLU A 130 3.04 5.57 9.79
CA GLU A 130 4.30 4.88 9.57
C GLU A 130 4.12 3.38 9.79
N ALA A 131 3.91 3.01 11.04
CA ALA A 131 3.72 1.60 11.38
C ALA A 131 2.23 1.33 11.59
N ILE A 132 1.78 0.24 10.98
CA ILE A 132 0.37 -0.14 11.09
C ILE A 132 0.13 -0.79 12.45
N ASP A 133 -1.15 -0.88 12.80
CA ASP A 133 -1.53 -1.48 14.07
C ASP A 133 -2.58 -2.56 13.83
N ARG A 134 -2.19 -3.79 14.12
CA ARG A 134 -3.09 -4.92 13.93
C ARG A 134 -4.03 -5.06 15.13
N ASN A 135 -4.63 -3.95 15.51
CA ASN A 135 -5.54 -3.92 16.63
C ASN A 135 -6.15 -2.53 16.78
N TYR A 136 -6.52 -1.96 15.64
CA TYR A 136 -7.10 -0.62 15.62
C TYR A 136 -8.60 -0.69 15.93
N VAL A 137 -9.19 0.50 16.03
CA VAL A 137 -10.62 0.59 16.33
C VAL A 137 -11.37 0.96 15.05
N PRO A 138 -12.25 0.03 14.61
CA PRO A 138 -13.04 0.26 13.41
C PRO A 138 -14.17 1.25 13.68
N GLY A 139 -15.08 1.35 12.72
CA GLY A 139 -16.21 2.25 12.83
C GLY A 139 -17.46 1.51 13.31
N LYS A 140 -18.09 2.07 14.34
CA LYS A 140 -19.29 1.47 14.89
C LYS A 140 -20.14 2.56 15.53
N SER A 141 -21.40 2.22 15.78
CA SER A 141 -22.32 3.16 16.39
C SER A 141 -22.26 3.04 17.91
N GLY A 142 -21.33 3.79 18.49
CA GLY A 142 -21.15 3.79 19.93
C GLY A 142 -20.14 2.71 20.35
N PRO A 143 -18.99 3.18 20.91
CA PRO A 143 -17.95 2.27 21.35
C PRO A 143 -18.34 1.60 22.66
N SER A 144 -17.51 0.66 23.08
CA SER A 144 -17.74 -0.07 24.32
C SER A 144 -16.47 -0.77 24.77
N SER A 145 -15.97 -1.65 23.91
CA SER A 145 -14.75 -2.38 24.21
C SER A 145 -13.73 -2.19 23.08
N GLY A 146 -14.13 -2.60 21.89
CA GLY A 146 -13.26 -2.48 20.73
C GLY A 146 -13.85 -1.51 19.71
N GLY A 1 -3.02 37.99 -1.64
CA GLY A 1 -4.25 37.90 -2.39
C GLY A 1 -4.02 37.22 -3.75
N SER A 2 -4.52 35.99 -3.86
CA SER A 2 -4.36 35.24 -5.08
C SER A 2 -5.08 33.88 -4.94
N SER A 3 -6.05 33.67 -5.82
CA SER A 3 -6.81 32.44 -5.81
C SER A 3 -7.48 32.23 -7.16
N GLY A 4 -7.96 31.01 -7.37
CA GLY A 4 -8.62 30.65 -8.62
C GLY A 4 -8.09 29.32 -9.16
N SER A 5 -8.90 28.29 -8.95
CA SER A 5 -8.54 26.95 -9.42
C SER A 5 -9.60 25.94 -9.00
N SER A 6 -10.03 25.14 -9.97
CA SER A 6 -11.05 24.14 -9.72
C SER A 6 -10.89 22.99 -10.72
N GLY A 7 -11.53 21.87 -10.39
CA GLY A 7 -11.48 20.70 -11.24
C GLY A 7 -12.22 19.52 -10.60
N SER A 8 -11.51 18.41 -10.49
CA SER A 8 -12.07 17.21 -9.90
C SER A 8 -11.09 16.60 -8.89
N ASN A 9 -11.64 15.89 -7.92
CA ASN A 9 -10.82 15.26 -6.90
C ASN A 9 -9.91 14.23 -7.57
N PHE A 10 -8.75 14.03 -6.94
CA PHE A 10 -7.79 13.08 -7.45
C PHE A 10 -7.00 12.42 -6.31
N LEU A 11 -7.03 11.10 -6.30
CA LEU A 11 -6.33 10.34 -5.27
C LEU A 11 -5.32 9.41 -5.94
N GLU A 12 -4.06 9.74 -5.77
CA GLU A 12 -2.99 8.94 -6.34
C GLU A 12 -1.90 8.67 -5.30
N ILE A 13 -1.09 7.67 -5.58
CA ILE A 13 -0.01 7.31 -4.68
C ILE A 13 1.26 7.04 -5.49
N ASP A 14 2.39 7.31 -4.86
CA ASP A 14 3.68 7.11 -5.52
C ASP A 14 4.51 6.13 -4.68
N ILE A 15 5.07 5.14 -5.37
CA ILE A 15 5.89 4.14 -4.70
C ILE A 15 7.25 4.08 -5.39
N PHE A 16 8.22 4.74 -4.76
CA PHE A 16 9.57 4.76 -5.30
C PHE A 16 10.60 4.95 -4.19
N ASN A 17 11.85 5.10 -4.59
CA ASN A 17 12.93 5.28 -3.65
C ASN A 17 13.15 3.99 -2.85
N PRO A 18 13.62 2.95 -3.59
CA PRO A 18 13.87 1.65 -2.98
C PRO A 18 15.15 1.68 -2.15
N GLN A 19 15.04 1.17 -0.92
CA GLN A 19 16.17 1.13 -0.02
C GLN A 19 16.25 -0.24 0.67
N THR A 20 17.35 -0.94 0.39
CA THR A 20 17.56 -2.24 0.97
C THR A 20 18.23 -2.12 2.35
N VAL A 21 18.01 -3.13 3.17
CA VAL A 21 18.59 -3.15 4.50
C VAL A 21 19.64 -4.25 4.59
N GLY A 22 20.49 -4.14 5.60
CA GLY A 22 21.55 -5.12 5.80
C GLY A 22 20.97 -6.54 5.78
N VAL A 23 21.88 -7.50 5.56
CA VAL A 23 21.48 -8.89 5.52
C VAL A 23 20.50 -9.18 6.66
N GLY A 24 19.83 -10.32 6.54
CA GLY A 24 18.87 -10.72 7.55
C GLY A 24 17.91 -11.78 7.00
N ARG A 25 18.49 -12.75 6.31
CA ARG A 25 17.70 -13.82 5.73
C ARG A 25 16.68 -13.26 4.73
N ALA A 26 16.81 -13.71 3.50
CA ALA A 26 15.91 -13.25 2.44
C ALA A 26 15.73 -11.74 2.54
N ARG A 27 16.84 -11.03 2.45
CA ARG A 27 16.82 -9.59 2.52
C ARG A 27 15.58 -9.03 1.82
N PHE A 28 15.19 -7.84 2.24
CA PHE A 28 14.02 -7.19 1.65
C PHE A 28 14.27 -5.70 1.46
N THR A 29 13.30 -5.05 0.83
CA THR A 29 13.40 -3.62 0.56
C THR A 29 12.04 -2.94 0.76
N THR A 30 12.08 -1.62 0.80
CA THR A 30 10.85 -0.86 0.98
C THR A 30 10.74 0.21 -0.12
N TYR A 31 9.71 1.04 0.02
CA TYR A 31 9.48 2.10 -0.95
C TYR A 31 8.79 3.30 -0.29
N GLU A 32 9.03 4.46 -0.87
CA GLU A 32 8.44 5.69 -0.35
C GLU A 32 6.98 5.82 -0.80
N VAL A 33 6.09 5.46 0.11
CA VAL A 33 4.67 5.53 -0.18
C VAL A 33 4.18 6.97 0.00
N ARG A 34 4.07 7.67 -1.12
CA ARG A 34 3.62 9.06 -1.09
C ARG A 34 2.21 9.17 -1.68
N MET A 35 1.24 9.25 -0.77
CA MET A 35 -0.15 9.35 -1.18
C MET A 35 -0.58 10.82 -1.26
N ARG A 36 -1.43 11.10 -2.24
CA ARG A 36 -1.93 12.45 -2.45
C ARG A 36 -3.44 12.43 -2.67
N THR A 37 -4.10 13.41 -2.08
CA THR A 37 -5.55 13.51 -2.21
C THR A 37 -6.04 14.86 -1.66
N ASN A 38 -7.26 15.21 -2.04
CA ASN A 38 -7.85 16.46 -1.58
C ASN A 38 -9.22 16.18 -0.97
N LEU A 39 -9.44 14.91 -0.64
CA LEU A 39 -10.69 14.50 -0.05
C LEU A 39 -10.64 14.75 1.46
N PRO A 40 -11.86 14.90 2.06
CA PRO A 40 -11.97 15.15 3.49
C PRO A 40 -11.70 13.87 4.29
N ILE A 41 -12.19 12.76 3.75
CA ILE A 41 -12.01 11.47 4.41
C ILE A 41 -10.61 11.40 5.00
N PHE A 42 -9.64 11.84 4.22
CA PHE A 42 -8.26 11.83 4.66
C PHE A 42 -7.93 13.09 5.47
N LYS A 43 -7.20 12.88 6.55
CA LYS A 43 -6.82 13.99 7.42
C LYS A 43 -5.57 14.67 6.84
N LEU A 44 -4.62 13.85 6.44
CA LEU A 44 -3.38 14.37 5.86
C LEU A 44 -3.53 14.45 4.34
N LYS A 45 -2.93 15.49 3.78
CA LYS A 45 -2.99 15.70 2.34
C LYS A 45 -1.92 14.82 1.67
N GLU A 46 -0.74 14.81 2.28
CA GLU A 46 0.36 14.03 1.75
C GLU A 46 1.29 13.58 2.89
N SER A 47 1.79 12.36 2.76
CA SER A 47 2.68 11.81 3.77
C SER A 47 3.54 10.70 3.15
N CYS A 48 4.53 10.28 3.92
CA CYS A 48 5.42 9.22 3.46
C CYS A 48 5.66 8.25 4.62
N VAL A 49 5.81 6.98 4.27
CA VAL A 49 6.04 5.95 5.27
C VAL A 49 6.75 4.77 4.62
N ARG A 50 7.00 3.75 5.42
CA ARG A 50 7.68 2.56 4.95
C ARG A 50 6.70 1.38 4.90
N ARG A 51 6.47 0.89 3.69
CA ARG A 51 5.57 -0.24 3.50
C ARG A 51 6.24 -1.32 2.65
N ARG A 52 5.96 -2.56 3.02
CA ARG A 52 6.54 -3.69 2.31
C ARG A 52 5.44 -4.44 1.54
N TYR A 53 5.87 -5.15 0.51
CA TYR A 53 4.94 -5.91 -0.32
C TYR A 53 4.05 -6.81 0.55
N SER A 54 4.58 -7.18 1.71
CA SER A 54 3.85 -8.03 2.62
C SER A 54 2.76 -7.22 3.33
N ASP A 55 3.14 -6.04 3.80
CA ASP A 55 2.21 -5.17 4.49
C ASP A 55 0.93 -5.04 3.66
N PHE A 56 1.12 -4.78 2.38
CA PHE A 56 -0.01 -4.64 1.48
C PHE A 56 -0.93 -5.86 1.54
N GLU A 57 -0.32 -7.02 1.44
CA GLU A 57 -1.07 -8.27 1.49
C GLU A 57 -2.02 -8.27 2.70
N TRP A 58 -1.47 -7.93 3.85
CA TRP A 58 -2.25 -7.88 5.07
C TRP A 58 -3.43 -6.95 4.83
N LEU A 59 -3.12 -5.75 4.39
CA LEU A 59 -4.15 -4.75 4.12
C LEU A 59 -5.15 -5.32 3.12
N LYS A 60 -4.61 -5.78 2.00
CA LYS A 60 -5.45 -6.35 0.96
C LYS A 60 -6.46 -7.32 1.57
N ASN A 61 -5.93 -8.31 2.27
CA ASN A 61 -6.76 -9.30 2.92
C ASN A 61 -7.83 -8.60 3.76
N GLU A 62 -7.36 -7.70 4.62
CA GLU A 62 -8.26 -6.96 5.48
C GLU A 62 -9.44 -6.42 4.68
N LEU A 63 -9.17 -6.13 3.41
CA LEU A 63 -10.20 -5.60 2.53
C LEU A 63 -11.04 -6.77 2.00
N GLU A 64 -10.38 -7.88 1.75
CA GLU A 64 -11.05 -9.06 1.25
C GLU A 64 -11.68 -9.85 2.39
N ARG A 65 -12.35 -9.11 3.27
CA ARG A 65 -13.00 -9.73 4.42
C ARG A 65 -14.46 -10.06 4.09
N ASP A 66 -15.24 -9.00 3.89
CA ASP A 66 -16.65 -9.17 3.56
C ASP A 66 -17.31 -7.80 3.47
N SER A 67 -17.23 -7.21 2.29
CA SER A 67 -17.82 -5.90 2.06
C SER A 67 -18.04 -5.68 0.56
N LYS A 68 -18.23 -6.78 -0.14
CA LYS A 68 -18.45 -6.72 -1.58
C LYS A 68 -17.41 -5.80 -2.22
N ILE A 69 -16.28 -5.68 -1.53
CA ILE A 69 -15.21 -4.83 -2.02
C ILE A 69 -14.37 -5.60 -3.04
N VAL A 70 -14.07 -4.94 -4.14
CA VAL A 70 -13.29 -5.56 -5.20
C VAL A 70 -11.83 -5.08 -5.09
N VAL A 71 -11.01 -5.94 -4.54
CA VAL A 71 -9.60 -5.62 -4.37
C VAL A 71 -8.80 -6.21 -5.54
N PRO A 72 -7.80 -5.43 -6.01
CA PRO A 72 -6.97 -5.85 -7.12
C PRO A 72 -5.96 -6.92 -6.66
N PRO A 73 -5.46 -7.69 -7.66
CA PRO A 73 -4.49 -8.74 -7.37
C PRO A 73 -3.11 -8.16 -7.09
N LEU A 74 -2.41 -8.80 -6.18
CA LEU A 74 -1.07 -8.36 -5.80
C LEU A 74 -0.05 -8.98 -6.75
N PRO A 75 0.98 -8.17 -7.10
CA PRO A 75 2.04 -8.62 -8.00
C PRO A 75 2.98 -9.58 -7.28
N GLY A 76 2.61 -10.85 -7.30
CA GLY A 76 3.41 -11.88 -6.66
C GLY A 76 3.63 -13.07 -7.60
N LYS A 77 2.77 -14.06 -7.46
CA LYS A 77 2.86 -15.26 -8.28
C LYS A 77 3.84 -16.24 -7.64
N ALA A 78 5.09 -15.82 -7.57
CA ALA A 78 6.13 -16.65 -6.99
C ALA A 78 6.28 -16.30 -5.50
N LEU A 79 6.22 -17.34 -4.68
CA LEU A 79 6.35 -17.16 -3.25
C LEU A 79 7.82 -16.93 -2.89
N LYS A 80 8.05 -16.66 -1.62
CA LYS A 80 9.41 -16.43 -1.14
C LYS A 80 9.96 -17.72 -0.55
N ARG A 81 10.32 -18.64 -1.45
CA ARG A 81 10.88 -19.91 -1.04
C ARG A 81 12.21 -20.16 -1.73
N GLN A 82 13.01 -21.04 -1.12
CA GLN A 82 14.31 -21.38 -1.67
C GLN A 82 14.99 -22.45 -0.80
N LEU A 83 15.55 -23.44 -1.47
CA LEU A 83 16.23 -24.52 -0.79
C LEU A 83 17.72 -24.49 -1.14
N PRO A 84 18.56 -24.79 -0.12
CA PRO A 84 20.00 -24.81 -0.32
C PRO A 84 20.43 -26.06 -1.09
N PHE A 85 20.90 -25.83 -2.32
CA PHE A 85 21.34 -26.91 -3.16
C PHE A 85 21.82 -26.39 -4.52
N ARG A 86 23.07 -26.68 -4.84
CA ARG A 86 23.65 -26.25 -6.09
C ARG A 86 23.59 -24.73 -6.20
N GLY A 87 24.36 -24.21 -7.14
CA GLY A 87 24.41 -22.78 -7.37
C GLY A 87 23.01 -22.16 -7.32
N ASP A 88 22.81 -21.30 -6.34
CA ASP A 88 21.52 -20.63 -6.17
C ASP A 88 21.63 -19.58 -5.07
N GLU A 89 21.04 -18.43 -5.33
CA GLU A 89 21.06 -17.34 -4.37
C GLU A 89 19.63 -16.93 -4.00
N GLY A 90 18.90 -16.49 -5.02
CA GLY A 90 17.53 -16.06 -4.81
C GLY A 90 17.08 -15.12 -5.93
N ILE A 91 16.57 -13.97 -5.53
CA ILE A 91 16.11 -12.97 -6.48
C ILE A 91 16.53 -11.58 -6.01
N PHE A 92 17.50 -11.02 -6.74
CA PHE A 92 18.00 -9.70 -6.41
C PHE A 92 18.33 -8.90 -7.67
N GLU A 93 17.29 -8.67 -8.47
CA GLU A 93 17.46 -7.92 -9.71
C GLU A 93 16.56 -6.69 -9.71
N GLU A 94 17.06 -5.62 -10.32
CA GLU A 94 16.33 -4.37 -10.39
C GLU A 94 14.96 -4.61 -11.05
N SER A 95 15.00 -5.26 -12.21
CA SER A 95 13.78 -5.54 -12.94
C SER A 95 12.69 -6.00 -11.97
N PHE A 96 13.07 -6.93 -11.11
CA PHE A 96 12.12 -7.46 -10.13
C PHE A 96 11.58 -6.35 -9.24
N ILE A 97 12.50 -5.58 -8.66
CA ILE A 97 12.12 -4.48 -7.79
C ILE A 97 11.05 -3.63 -8.48
N GLU A 98 11.33 -3.28 -9.73
CA GLU A 98 10.40 -2.48 -10.51
C GLU A 98 9.02 -3.12 -10.52
N GLU A 99 8.97 -4.34 -11.05
CA GLU A 99 7.72 -5.07 -11.14
C GLU A 99 6.92 -4.91 -9.84
N ARG A 100 7.57 -5.28 -8.74
CA ARG A 100 6.94 -5.18 -7.44
C ARG A 100 6.63 -3.72 -7.10
N ARG A 101 7.66 -2.90 -7.16
CA ARG A 101 7.51 -1.48 -6.87
C ARG A 101 6.31 -0.91 -7.63
N GLN A 102 6.46 -0.87 -8.95
CA GLN A 102 5.40 -0.34 -9.80
C GLN A 102 4.11 -1.15 -9.60
N GLY A 103 4.27 -2.47 -9.62
CA GLY A 103 3.14 -3.35 -9.45
C GLY A 103 2.24 -2.90 -8.29
N LEU A 104 2.87 -2.71 -7.14
CA LEU A 104 2.16 -2.27 -5.96
C LEU A 104 1.49 -0.93 -6.25
N GLU A 105 2.29 0.02 -6.69
CA GLU A 105 1.79 1.35 -7.00
C GLU A 105 0.49 1.24 -7.81
N GLN A 106 0.50 0.33 -8.77
CA GLN A 106 -0.66 0.13 -9.61
C GLN A 106 -1.84 -0.39 -8.78
N PHE A 107 -1.58 -1.46 -8.06
CA PHE A 107 -2.61 -2.07 -7.21
C PHE A 107 -3.27 -1.02 -6.33
N ILE A 108 -2.43 -0.31 -5.57
CA ILE A 108 -2.93 0.72 -4.68
C ILE A 108 -3.61 1.83 -5.50
N ASN A 109 -2.96 2.18 -6.59
CA ASN A 109 -3.47 3.21 -7.47
C ASN A 109 -4.96 2.94 -7.75
N LYS A 110 -5.26 1.67 -7.94
CA LYS A 110 -6.63 1.27 -8.21
C LYS A 110 -7.38 1.07 -6.88
N ILE A 111 -6.69 0.45 -5.94
CA ILE A 111 -7.27 0.19 -4.63
C ILE A 111 -7.77 1.51 -4.04
N ALA A 112 -6.92 2.52 -4.12
CA ALA A 112 -7.27 3.83 -3.60
C ALA A 112 -8.59 4.29 -4.22
N GLY A 113 -8.56 4.45 -5.54
CA GLY A 113 -9.74 4.88 -6.27
C GLY A 113 -11.00 4.26 -5.67
N HIS A 114 -10.86 3.04 -5.19
CA HIS A 114 -11.98 2.34 -4.59
C HIS A 114 -12.57 3.17 -3.46
N PRO A 115 -13.92 3.39 -3.55
CA PRO A 115 -14.62 4.16 -2.55
C PRO A 115 -14.81 3.37 -1.26
N LEU A 116 -15.18 2.11 -1.44
CA LEU A 116 -15.39 1.23 -0.29
C LEU A 116 -14.11 1.14 0.52
N ALA A 117 -12.98 1.32 -0.17
CA ALA A 117 -11.69 1.26 0.47
C ALA A 117 -11.37 2.62 1.10
N GLN A 118 -11.64 3.66 0.35
CA GLN A 118 -11.39 5.02 0.82
C GLN A 118 -12.03 5.22 2.19
N ASN A 119 -13.03 4.40 2.47
CA ASN A 119 -13.74 4.49 3.74
C ASN A 119 -13.04 3.58 4.76
N GLU A 120 -12.53 2.46 4.27
CA GLU A 120 -11.85 1.51 5.12
C GLU A 120 -10.74 2.21 5.90
N ARG A 121 -10.67 1.87 7.19
CA ARG A 121 -9.66 2.46 8.06
C ARG A 121 -8.29 1.84 7.76
N CYS A 122 -8.30 0.53 7.55
CA CYS A 122 -7.07 -0.18 7.26
C CYS A 122 -6.27 0.62 6.23
N LEU A 123 -6.94 0.95 5.13
CA LEU A 123 -6.30 1.72 4.07
C LEU A 123 -5.80 3.04 4.64
N HIS A 124 -6.71 3.78 5.25
CA HIS A 124 -6.36 5.06 5.84
C HIS A 124 -5.07 4.93 6.64
N MET A 125 -5.01 3.91 7.48
CA MET A 125 -3.85 3.67 8.30
C MET A 125 -2.63 3.36 7.43
N PHE A 126 -2.77 2.32 6.62
CA PHE A 126 -1.69 1.91 5.73
C PHE A 126 -0.95 3.12 5.17
N LEU A 127 -1.68 4.22 5.03
CA LEU A 127 -1.11 5.45 4.51
C LEU A 127 -1.08 6.50 5.62
N GLN A 128 -0.14 7.43 5.49
CA GLN A 128 0.00 8.49 6.47
C GLN A 128 0.67 7.95 7.74
N GLU A 129 0.05 6.92 8.29
CA GLU A 129 0.57 6.30 9.50
C GLU A 129 1.82 5.49 9.20
N GLU A 130 2.75 5.50 10.15
CA GLU A 130 4.00 4.77 9.98
C GLU A 130 3.81 3.31 10.37
N ALA A 131 3.61 3.09 11.67
CA ALA A 131 3.42 1.75 12.18
C ALA A 131 1.92 1.42 12.19
N ILE A 132 1.60 0.24 11.69
CA ILE A 132 0.22 -0.21 11.64
C ILE A 132 -0.06 -1.12 12.82
N ASP A 133 -1.32 -1.11 13.26
CA ASP A 133 -1.73 -1.95 14.38
C ASP A 133 -2.69 -3.02 13.89
N ARG A 134 -2.23 -4.27 13.96
CA ARG A 134 -3.04 -5.39 13.52
C ARG A 134 -4.11 -5.71 14.57
N ASN A 135 -4.87 -4.69 14.93
CA ASN A 135 -5.92 -4.87 15.92
C ASN A 135 -6.66 -3.53 16.11
N TYR A 136 -6.94 -2.88 14.99
CA TYR A 136 -7.62 -1.60 15.02
C TYR A 136 -9.14 -1.80 14.92
N VAL A 137 -9.86 -0.71 15.17
CA VAL A 137 -11.31 -0.74 15.10
C VAL A 137 -11.80 0.28 14.09
N PRO A 138 -12.66 -0.19 13.15
CA PRO A 138 -13.20 0.67 12.12
C PRO A 138 -14.29 1.59 12.70
N GLY A 139 -14.52 2.69 11.99
CA GLY A 139 -15.53 3.66 12.42
C GLY A 139 -16.92 3.22 11.99
N LYS A 140 -17.72 2.84 12.98
CA LYS A 140 -19.08 2.41 12.72
C LYS A 140 -19.85 3.52 12.00
N SER A 141 -20.42 3.15 10.86
CA SER A 141 -21.17 4.11 10.07
C SER A 141 -20.29 5.32 9.72
N GLY A 142 -19.55 5.17 8.64
CA GLY A 142 -18.67 6.24 8.19
C GLY A 142 -19.42 7.22 7.29
N PRO A 143 -19.28 8.53 7.64
CA PRO A 143 -19.94 9.58 6.87
C PRO A 143 -19.21 9.82 5.54
N SER A 144 -19.94 9.56 4.45
CA SER A 144 -19.37 9.75 3.13
C SER A 144 -20.04 10.94 2.44
N SER A 145 -19.24 11.67 1.68
CA SER A 145 -19.74 12.84 0.97
C SER A 145 -20.43 12.40 -0.33
N GLY A 146 -21.73 12.65 -0.38
CA GLY A 146 -22.52 12.28 -1.55
C GLY A 146 -23.96 12.81 -1.42
N GLY A 1 -11.06 34.28 0.83
CA GLY A 1 -10.39 34.18 -0.46
C GLY A 1 -11.39 34.27 -1.61
N SER A 2 -10.89 34.03 -2.81
CA SER A 2 -11.72 34.08 -4.00
C SER A 2 -11.02 33.38 -5.16
N SER A 3 -11.82 32.64 -5.93
CA SER A 3 -11.29 31.92 -7.07
C SER A 3 -12.44 31.37 -7.91
N GLY A 4 -12.07 30.82 -9.07
CA GLY A 4 -13.06 30.26 -9.98
C GLY A 4 -12.71 28.82 -10.34
N SER A 5 -13.23 27.89 -9.55
CA SER A 5 -12.96 26.47 -9.80
C SER A 5 -14.09 25.63 -9.19
N SER A 6 -14.10 24.37 -9.57
CA SER A 6 -15.11 23.45 -9.08
C SER A 6 -14.76 22.01 -9.48
N GLY A 7 -15.04 21.09 -8.57
CA GLY A 7 -14.75 19.68 -8.81
C GLY A 7 -13.24 19.42 -8.81
N SER A 8 -12.84 18.53 -9.69
CA SER A 8 -11.43 18.18 -9.80
C SER A 8 -10.97 17.42 -8.55
N ASN A 9 -10.69 16.15 -8.74
CA ASN A 9 -10.25 15.30 -7.65
C ASN A 9 -9.41 14.15 -8.20
N PHE A 10 -8.33 13.86 -7.49
CA PHE A 10 -7.43 12.78 -7.89
C PHE A 10 -6.75 12.15 -6.68
N LEU A 11 -6.91 10.85 -6.57
CA LEU A 11 -6.31 10.12 -5.47
C LEU A 11 -5.38 9.04 -6.02
N GLU A 12 -4.10 9.32 -5.95
CA GLU A 12 -3.09 8.38 -6.44
C GLU A 12 -1.95 8.26 -5.43
N ILE A 13 -1.20 7.17 -5.56
CA ILE A 13 -0.07 6.92 -4.67
C ILE A 13 1.18 6.67 -5.51
N ASP A 14 2.32 6.98 -4.91
CA ASP A 14 3.59 6.78 -5.59
C ASP A 14 4.43 5.77 -4.81
N ILE A 15 5.11 4.92 -5.55
CA ILE A 15 5.96 3.90 -4.95
C ILE A 15 7.35 3.96 -5.56
N PHE A 16 8.25 4.61 -4.85
CA PHE A 16 9.62 4.74 -5.32
C PHE A 16 10.60 4.90 -4.15
N ASN A 17 11.85 5.15 -4.49
CA ASN A 17 12.87 5.33 -3.47
C ASN A 17 13.13 3.98 -2.78
N PRO A 18 13.63 3.01 -3.58
CA PRO A 18 13.93 1.69 -3.06
C PRO A 18 15.20 1.70 -2.21
N GLN A 19 15.01 1.90 -0.92
CA GLN A 19 16.14 1.95 0.01
C GLN A 19 16.33 0.58 0.67
N THR A 20 17.60 0.24 0.88
CA THR A 20 17.94 -1.04 1.49
C THR A 20 18.98 -0.84 2.60
N VAL A 21 18.60 -1.28 3.80
CA VAL A 21 19.49 -1.15 4.94
C VAL A 21 20.02 -2.54 5.33
N GLY A 22 21.09 -2.53 6.10
CA GLY A 22 21.70 -3.78 6.55
C GLY A 22 20.98 -4.34 7.76
N VAL A 23 20.54 -5.59 7.63
CA VAL A 23 19.83 -6.26 8.71
C VAL A 23 20.05 -7.77 8.60
N GLY A 24 19.93 -8.43 9.73
CA GLY A 24 20.11 -9.88 9.78
C GLY A 24 21.20 -10.33 8.81
N ARG A 25 20.77 -10.93 7.71
CA ARG A 25 21.69 -11.41 6.70
C ARG A 25 21.16 -11.09 5.31
N ALA A 26 19.90 -11.41 5.09
CA ALA A 26 19.25 -11.16 3.82
C ALA A 26 18.67 -9.75 3.81
N ARG A 27 19.09 -8.96 4.79
CA ARG A 27 18.62 -7.59 4.90
C ARG A 27 17.16 -7.49 4.45
N PHE A 28 16.81 -6.31 3.97
CA PHE A 28 15.45 -6.07 3.51
C PHE A 28 15.36 -4.77 2.71
N THR A 29 14.19 -4.55 2.12
CA THR A 29 13.97 -3.35 1.32
C THR A 29 12.57 -2.81 1.57
N THR A 30 12.44 -1.49 1.42
CA THR A 30 11.17 -0.83 1.63
C THR A 30 11.01 0.34 0.66
N TYR A 31 9.81 0.47 0.12
CA TYR A 31 9.52 1.54 -0.82
C TYR A 31 8.80 2.71 -0.12
N GLU A 32 9.09 3.91 -0.61
CA GLU A 32 8.48 5.10 -0.04
C GLU A 32 7.03 5.24 -0.53
N VAL A 33 6.12 4.79 0.30
CA VAL A 33 4.70 4.86 -0.03
C VAL A 33 4.20 6.29 0.19
N ARG A 34 4.28 7.08 -0.88
CA ARG A 34 3.84 8.46 -0.81
C ARG A 34 2.51 8.63 -1.56
N MET A 35 1.52 9.12 -0.83
CA MET A 35 0.20 9.34 -1.40
C MET A 35 -0.08 10.83 -1.60
N ARG A 36 -0.93 11.12 -2.57
CA ARG A 36 -1.29 12.50 -2.86
C ARG A 36 -2.77 12.59 -3.23
N THR A 37 -3.54 13.21 -2.35
CA THR A 37 -4.96 13.36 -2.58
C THR A 37 -5.39 14.79 -2.25
N ASN A 38 -6.64 15.09 -2.57
CA ASN A 38 -7.19 16.41 -2.31
C ASN A 38 -8.60 16.27 -1.74
N LEU A 39 -8.90 15.07 -1.27
CA LEU A 39 -10.21 14.79 -0.70
C LEU A 39 -10.16 15.07 0.81
N PRO A 40 -11.37 15.33 1.38
CA PRO A 40 -11.47 15.61 2.80
C PRO A 40 -11.32 14.32 3.63
N ILE A 41 -11.88 13.25 3.10
CA ILE A 41 -11.80 11.96 3.77
C ILE A 41 -10.43 11.80 4.42
N PHE A 42 -9.41 12.16 3.64
CA PHE A 42 -8.04 12.06 4.13
C PHE A 42 -7.65 13.30 4.94
N LYS A 43 -7.16 13.05 6.14
CA LYS A 43 -6.74 14.12 7.02
C LYS A 43 -5.43 14.73 6.50
N LEU A 44 -4.51 13.84 6.13
CA LEU A 44 -3.22 14.26 5.62
C LEU A 44 -3.29 14.37 4.10
N LYS A 45 -2.67 15.42 3.58
CA LYS A 45 -2.65 15.65 2.14
C LYS A 45 -1.66 14.68 1.49
N GLU A 46 -0.60 14.38 2.23
CA GLU A 46 0.42 13.47 1.73
C GLU A 46 1.36 13.05 2.87
N SER A 47 1.78 11.80 2.82
CA SER A 47 2.68 11.27 3.84
C SER A 47 3.48 10.11 3.26
N CYS A 48 4.46 9.67 4.03
CA CYS A 48 5.31 8.56 3.61
C CYS A 48 5.40 7.56 4.77
N VAL A 49 5.46 6.29 4.40
CA VAL A 49 5.55 5.23 5.38
C VAL A 49 6.41 4.09 4.83
N ARG A 50 6.84 3.22 5.73
CA ARG A 50 7.67 2.09 5.34
C ARG A 50 6.86 0.79 5.39
N ARG A 51 6.61 0.25 4.21
CA ARG A 51 5.83 -0.98 4.10
C ARG A 51 6.30 -1.79 2.89
N ARG A 52 6.46 -3.09 3.10
CA ARG A 52 6.89 -3.97 2.04
C ARG A 52 5.69 -4.51 1.26
N TYR A 53 5.98 -5.34 0.28
CA TYR A 53 4.93 -5.93 -0.54
C TYR A 53 4.00 -6.79 0.30
N SER A 54 4.59 -7.49 1.27
CA SER A 54 3.83 -8.36 2.16
C SER A 54 2.73 -7.55 2.84
N ASP A 55 3.09 -6.35 3.27
CA ASP A 55 2.14 -5.48 3.95
C ASP A 55 0.84 -5.41 3.13
N PHE A 56 0.98 -4.95 1.90
CA PHE A 56 -0.16 -4.83 1.01
C PHE A 56 -1.07 -6.06 1.12
N GLU A 57 -0.44 -7.22 1.09
CA GLU A 57 -1.19 -8.47 1.18
C GLU A 57 -2.09 -8.46 2.42
N TRP A 58 -1.53 -7.97 3.51
CA TRP A 58 -2.28 -7.89 4.76
C TRP A 58 -3.43 -6.90 4.57
N LEU A 59 -3.10 -5.78 3.95
CA LEU A 59 -4.09 -4.74 3.70
C LEU A 59 -5.22 -5.33 2.86
N LYS A 60 -4.85 -5.96 1.75
CA LYS A 60 -5.82 -6.57 0.87
C LYS A 60 -6.78 -7.44 1.69
N ASN A 61 -6.22 -8.49 2.26
CA ASN A 61 -7.01 -9.41 3.06
C ASN A 61 -7.89 -8.61 4.02
N GLU A 62 -7.26 -7.69 4.74
CA GLU A 62 -7.99 -6.85 5.69
C GLU A 62 -9.32 -6.40 5.09
N LEU A 63 -9.34 -6.29 3.77
CA LEU A 63 -10.54 -5.87 3.07
C LEU A 63 -11.45 -7.08 2.86
N GLU A 64 -10.84 -8.17 2.41
CA GLU A 64 -11.58 -9.39 2.17
C GLU A 64 -12.16 -9.93 3.48
N ARG A 65 -11.38 -9.77 4.55
CA ARG A 65 -11.79 -10.23 5.86
C ARG A 65 -13.27 -9.92 6.09
N ASP A 66 -13.55 -8.62 6.20
CA ASP A 66 -14.92 -8.18 6.42
C ASP A 66 -15.21 -6.96 5.54
N SER A 67 -15.64 -7.24 4.32
CA SER A 67 -15.94 -6.19 3.37
C SER A 67 -16.04 -6.77 1.96
N LYS A 68 -17.14 -6.46 1.29
CA LYS A 68 -17.36 -6.94 -0.06
C LYS A 68 -16.72 -5.97 -1.06
N ILE A 69 -15.49 -5.58 -0.75
CA ILE A 69 -14.76 -4.65 -1.60
C ILE A 69 -13.98 -5.45 -2.64
N VAL A 70 -13.85 -4.83 -3.82
CA VAL A 70 -13.12 -5.46 -4.91
C VAL A 70 -11.64 -5.08 -4.83
N VAL A 71 -10.85 -6.00 -4.30
CA VAL A 71 -9.43 -5.77 -4.17
C VAL A 71 -8.71 -6.34 -5.40
N PRO A 72 -7.76 -5.51 -5.93
CA PRO A 72 -6.99 -5.92 -7.10
C PRO A 72 -5.94 -6.96 -6.73
N PRO A 73 -5.42 -7.66 -7.78
CA PRO A 73 -4.41 -8.68 -7.57
C PRO A 73 -3.04 -8.06 -7.28
N LEU A 74 -2.29 -8.74 -6.44
CA LEU A 74 -0.96 -8.26 -6.06
C LEU A 74 0.08 -8.88 -7.00
N PRO A 75 1.20 -8.13 -7.19
CA PRO A 75 2.28 -8.60 -8.04
C PRO A 75 3.08 -9.70 -7.36
N GLY A 76 2.56 -10.92 -7.43
CA GLY A 76 3.23 -12.05 -6.83
C GLY A 76 3.02 -13.31 -7.67
N LYS A 77 4.06 -13.64 -8.43
CA LYS A 77 4.01 -14.82 -9.28
C LYS A 77 4.51 -16.03 -8.50
N ALA A 78 5.80 -16.01 -8.17
CA ALA A 78 6.40 -17.10 -7.43
C ALA A 78 6.18 -16.86 -5.93
N LEU A 79 5.38 -17.74 -5.33
CA LEU A 79 5.09 -17.64 -3.91
C LEU A 79 6.02 -18.57 -3.14
N LYS A 80 5.79 -19.86 -3.30
CA LYS A 80 6.60 -20.86 -2.63
C LYS A 80 6.76 -20.47 -1.15
N ARG A 81 5.64 -20.40 -0.46
CA ARG A 81 5.64 -20.03 0.95
C ARG A 81 6.47 -21.04 1.74
N GLN A 82 7.62 -20.58 2.20
CA GLN A 82 8.51 -21.43 2.98
C GLN A 82 9.81 -20.67 3.30
N LEU A 83 10.66 -21.34 4.06
CA LEU A 83 11.94 -20.75 4.45
C LEU A 83 12.69 -20.30 3.19
N PRO A 84 13.60 -19.31 3.38
CA PRO A 84 14.38 -18.78 2.28
C PRO A 84 15.49 -19.76 1.89
N PHE A 85 15.18 -20.56 0.87
CA PHE A 85 16.13 -21.54 0.37
C PHE A 85 16.31 -21.42 -1.13
N ARG A 86 15.19 -21.26 -1.82
CA ARG A 86 15.21 -21.14 -3.27
C ARG A 86 14.03 -20.30 -3.74
N GLY A 87 14.29 -19.48 -4.76
CA GLY A 87 13.24 -18.63 -5.31
C GLY A 87 13.74 -17.19 -5.45
N ASP A 88 13.81 -16.51 -4.32
CA ASP A 88 14.27 -15.13 -4.30
C ASP A 88 15.61 -15.05 -3.58
N GLU A 89 16.60 -14.50 -4.28
CA GLU A 89 17.93 -14.36 -3.72
C GLU A 89 18.23 -12.89 -3.42
N GLY A 90 17.31 -12.26 -2.71
CA GLY A 90 17.46 -10.86 -2.35
C GLY A 90 16.82 -9.96 -3.40
N ILE A 91 16.20 -8.89 -2.93
CA ILE A 91 15.54 -7.94 -3.81
C ILE A 91 16.58 -6.97 -4.37
N PHE A 92 17.38 -7.48 -5.31
CA PHE A 92 18.41 -6.67 -5.93
C PHE A 92 18.07 -6.36 -7.39
N GLU A 93 17.67 -7.41 -8.10
CA GLU A 93 17.31 -7.26 -9.50
C GLU A 93 16.44 -6.02 -9.70
N GLU A 94 16.94 -5.12 -10.53
CA GLU A 94 16.23 -3.89 -10.82
C GLU A 94 14.82 -4.20 -11.33
N SER A 95 14.76 -5.07 -12.33
CA SER A 95 13.49 -5.46 -12.91
C SER A 95 12.51 -5.89 -11.81
N PHE A 96 12.93 -6.91 -11.07
CA PHE A 96 12.12 -7.43 -9.99
C PHE A 96 11.62 -6.29 -9.09
N ILE A 97 12.53 -5.38 -8.78
CA ILE A 97 12.19 -4.25 -7.92
C ILE A 97 11.09 -3.42 -8.59
N GLU A 98 11.40 -2.94 -9.78
CA GLU A 98 10.45 -2.13 -10.54
C GLU A 98 9.10 -2.85 -10.62
N GLU A 99 9.16 -4.11 -11.06
CA GLU A 99 7.97 -4.91 -11.19
C GLU A 99 7.06 -4.74 -9.96
N ARG A 100 7.60 -5.13 -8.82
CA ARG A 100 6.87 -5.03 -7.57
C ARG A 100 6.51 -3.56 -7.29
N ARG A 101 7.45 -2.69 -7.61
CA ARG A 101 7.26 -1.27 -7.38
C ARG A 101 5.99 -0.79 -8.12
N GLN A 102 6.09 -0.76 -9.44
CA GLN A 102 4.97 -0.33 -10.26
C GLN A 102 3.72 -1.16 -9.94
N GLY A 103 3.92 -2.47 -9.86
CA GLY A 103 2.83 -3.38 -9.56
C GLY A 103 2.00 -2.88 -8.38
N LEU A 104 2.68 -2.73 -7.25
CA LEU A 104 2.02 -2.26 -6.04
C LEU A 104 1.32 -0.93 -6.32
N GLU A 105 2.12 0.05 -6.69
CA GLU A 105 1.60 1.38 -7.00
C GLU A 105 0.28 1.25 -7.76
N GLN A 106 0.29 0.42 -8.80
CA GLN A 106 -0.89 0.20 -9.60
C GLN A 106 -2.04 -0.32 -8.73
N PHE A 107 -1.77 -1.43 -8.06
CA PHE A 107 -2.77 -2.03 -7.20
C PHE A 107 -3.42 -0.99 -6.29
N ILE A 108 -2.57 -0.32 -5.51
CA ILE A 108 -3.05 0.70 -4.60
C ILE A 108 -3.73 1.81 -5.39
N ASN A 109 -3.12 2.14 -6.52
CA ASN A 109 -3.66 3.19 -7.38
C ASN A 109 -5.14 2.91 -7.65
N LYS A 110 -5.42 1.64 -7.97
CA LYS A 110 -6.79 1.23 -8.26
C LYS A 110 -7.54 1.05 -6.94
N ILE A 111 -6.85 0.50 -5.96
CA ILE A 111 -7.45 0.26 -4.66
C ILE A 111 -7.97 1.59 -4.09
N ALA A 112 -7.08 2.58 -4.09
CA ALA A 112 -7.43 3.89 -3.59
C ALA A 112 -8.70 4.38 -4.29
N GLY A 113 -8.65 4.39 -5.61
CA GLY A 113 -9.79 4.82 -6.40
C GLY A 113 -11.10 4.30 -5.81
N HIS A 114 -11.05 3.07 -5.33
CA HIS A 114 -12.22 2.45 -4.74
C HIS A 114 -12.84 3.39 -3.71
N PRO A 115 -14.19 3.52 -3.78
CA PRO A 115 -14.91 4.39 -2.86
C PRO A 115 -15.01 3.76 -1.47
N LEU A 116 -15.36 2.48 -1.47
CA LEU A 116 -15.49 1.75 -0.23
C LEU A 116 -14.17 1.81 0.55
N ALA A 117 -13.09 1.74 -0.20
CA ALA A 117 -11.76 1.78 0.40
C ALA A 117 -11.50 3.19 0.94
N GLN A 118 -11.80 4.17 0.10
CA GLN A 118 -11.61 5.57 0.48
C GLN A 118 -12.18 5.82 1.87
N ASN A 119 -13.13 4.99 2.25
CA ASN A 119 -13.76 5.11 3.56
C ASN A 119 -13.02 4.25 4.56
N GLU A 120 -12.59 3.07 4.10
CA GLU A 120 -11.85 2.16 4.95
C GLU A 120 -10.71 2.88 5.66
N ARG A 121 -10.51 2.54 6.92
CA ARG A 121 -9.46 3.15 7.72
C ARG A 121 -8.15 2.38 7.51
N CYS A 122 -8.25 1.07 7.56
CA CYS A 122 -7.09 0.21 7.39
C CYS A 122 -6.25 0.77 6.24
N LEU A 123 -6.95 1.25 5.22
CA LEU A 123 -6.28 1.81 4.05
C LEU A 123 -5.41 2.99 4.49
N HIS A 124 -6.07 3.99 5.06
CA HIS A 124 -5.37 5.18 5.53
C HIS A 124 -4.21 4.76 6.43
N MET A 125 -4.53 3.97 7.44
CA MET A 125 -3.53 3.51 8.38
C MET A 125 -2.28 3.01 7.65
N PHE A 126 -2.50 2.04 6.77
CA PHE A 126 -1.40 1.48 5.99
C PHE A 126 -0.59 2.57 5.32
N LEU A 127 -1.29 3.59 4.87
CA LEU A 127 -0.64 4.72 4.20
C LEU A 127 -0.12 5.70 5.24
N GLN A 128 -0.97 6.63 5.61
CA GLN A 128 -0.61 7.63 6.60
C GLN A 128 0.28 7.02 7.69
N GLU A 129 -0.36 6.27 8.58
CA GLU A 129 0.35 5.62 9.66
C GLU A 129 1.40 4.65 9.10
N GLU A 130 2.52 4.58 9.80
CA GLU A 130 3.60 3.69 9.38
C GLU A 130 3.32 2.26 9.83
N ALA A 131 3.48 2.03 11.12
CA ALA A 131 3.24 0.72 11.69
C ALA A 131 1.74 0.43 11.70
N ILE A 132 1.38 -0.68 11.07
CA ILE A 132 -0.02 -1.08 11.01
C ILE A 132 -0.39 -1.84 12.28
N ASP A 133 -1.21 -1.20 13.10
CA ASP A 133 -1.66 -1.80 14.34
C ASP A 133 -2.62 -2.95 14.04
N ARG A 134 -2.19 -4.15 14.40
CA ARG A 134 -3.01 -5.33 14.17
C ARG A 134 -4.06 -5.48 15.27
N ASN A 135 -4.14 -4.45 16.12
CA ASN A 135 -5.09 -4.44 17.21
C ASN A 135 -5.79 -3.10 17.27
N TYR A 136 -5.85 -2.44 16.12
CA TYR A 136 -6.49 -1.14 16.02
C TYR A 136 -8.01 -1.27 16.14
N VAL A 137 -8.68 -0.13 16.03
CA VAL A 137 -10.12 -0.11 16.12
C VAL A 137 -10.70 0.36 14.78
N PRO A 138 -11.51 -0.56 14.17
CA PRO A 138 -12.14 -0.26 12.89
C PRO A 138 -13.30 0.71 13.07
N GLY A 139 -13.33 1.71 12.19
CA GLY A 139 -14.39 2.71 12.23
C GLY A 139 -15.76 2.06 12.44
N LYS A 140 -16.46 2.53 13.46
CA LYS A 140 -17.78 2.01 13.77
C LYS A 140 -18.63 1.98 12.50
N SER A 141 -18.93 3.17 12.01
CA SER A 141 -19.73 3.30 10.80
C SER A 141 -18.93 2.82 9.58
N GLY A 142 -19.65 2.49 8.53
CA GLY A 142 -19.02 2.03 7.30
C GLY A 142 -20.05 1.44 6.34
N PRO A 143 -20.70 2.34 5.57
CA PRO A 143 -21.71 1.91 4.61
C PRO A 143 -21.06 1.28 3.38
N SER A 144 -20.78 -0.01 3.50
CA SER A 144 -20.17 -0.75 2.40
C SER A 144 -21.23 -1.52 1.63
N SER A 145 -21.56 -1.01 0.46
CA SER A 145 -22.55 -1.64 -0.38
C SER A 145 -22.16 -3.10 -0.66
N GLY A 146 -22.81 -4.00 0.07
CA GLY A 146 -22.53 -5.42 -0.10
C GLY A 146 -23.26 -5.99 -1.31
N GLY A 1 7.65 32.80 -0.71
CA GLY A 1 6.90 32.83 -1.96
C GLY A 1 6.21 31.50 -2.22
N SER A 2 5.59 31.41 -3.39
CA SER A 2 4.88 30.20 -3.77
C SER A 2 3.71 29.94 -2.82
N SER A 3 2.51 29.97 -3.37
CA SER A 3 1.31 29.75 -2.58
C SER A 3 0.07 29.88 -3.46
N GLY A 4 -0.92 29.05 -3.16
CA GLY A 4 -2.16 29.07 -3.92
C GLY A 4 -2.29 27.81 -4.78
N SER A 5 -3.44 27.17 -4.65
CA SER A 5 -3.71 25.96 -5.41
C SER A 5 -5.16 25.52 -5.21
N SER A 6 -5.73 24.97 -6.27
CA SER A 6 -7.11 24.51 -6.22
C SER A 6 -7.46 23.78 -7.52
N GLY A 7 -8.53 23.01 -7.46
CA GLY A 7 -8.99 22.26 -8.62
C GLY A 7 -9.80 21.03 -8.20
N SER A 8 -10.28 20.31 -9.20
CA SER A 8 -11.07 19.11 -8.95
C SER A 8 -10.31 18.17 -8.03
N ASN A 9 -11.05 17.29 -7.38
CA ASN A 9 -10.46 16.32 -6.47
C ASN A 9 -9.49 15.43 -7.25
N PHE A 10 -8.46 14.99 -6.55
CA PHE A 10 -7.45 14.14 -7.16
C PHE A 10 -6.71 13.32 -6.10
N LEU A 11 -6.74 12.01 -6.27
CA LEU A 11 -6.09 11.10 -5.35
C LEU A 11 -5.10 10.22 -6.11
N GLU A 12 -3.82 10.39 -5.80
CA GLU A 12 -2.78 9.61 -6.45
C GLU A 12 -1.75 9.15 -5.42
N ILE A 13 -1.03 8.10 -5.78
CA ILE A 13 -0.01 7.55 -4.90
C ILE A 13 1.23 7.22 -5.72
N ASP A 14 2.35 7.07 -5.02
CA ASP A 14 3.61 6.75 -5.67
C ASP A 14 4.40 5.78 -4.79
N ILE A 15 5.14 4.90 -5.45
CA ILE A 15 5.95 3.92 -4.74
C ILE A 15 7.37 3.95 -5.29
N PHE A 16 8.26 4.57 -4.53
CA PHE A 16 9.65 4.68 -4.93
C PHE A 16 10.57 4.78 -3.71
N ASN A 17 11.85 5.00 -3.98
CA ASN A 17 12.83 5.14 -2.92
C ASN A 17 12.99 3.78 -2.23
N PRO A 18 13.46 2.78 -3.01
CA PRO A 18 13.68 1.45 -2.48
C PRO A 18 14.93 1.40 -1.61
N GLN A 19 14.70 1.34 -0.31
CA GLN A 19 15.79 1.29 0.65
C GLN A 19 16.05 -0.16 1.08
N THR A 20 17.24 -0.64 0.76
CA THR A 20 17.63 -2.00 1.11
C THR A 20 18.37 -2.02 2.44
N VAL A 21 18.33 -3.17 3.09
CA VAL A 21 19.00 -3.33 4.36
C VAL A 21 20.17 -4.29 4.20
N GLY A 22 21.04 -4.30 5.21
CA GLY A 22 22.20 -5.17 5.19
C GLY A 22 21.81 -6.61 4.84
N VAL A 23 22.81 -7.48 4.84
CA VAL A 23 22.58 -8.87 4.52
C VAL A 23 21.97 -8.99 3.13
N GLY A 24 22.06 -10.18 2.57
CA GLY A 24 21.52 -10.44 1.25
C GLY A 24 20.74 -11.76 1.21
N ARG A 25 20.44 -12.19 0.00
CA ARG A 25 19.70 -13.43 -0.17
C ARG A 25 18.27 -13.29 0.37
N ALA A 26 18.18 -13.28 1.69
CA ALA A 26 16.89 -13.16 2.35
C ALA A 26 16.68 -11.70 2.76
N ARG A 27 17.36 -10.81 2.06
CA ARG A 27 17.25 -9.38 2.33
C ARG A 27 15.92 -8.85 1.82
N PHE A 28 15.58 -7.66 2.29
CA PHE A 28 14.34 -7.02 1.89
C PHE A 28 14.55 -5.52 1.64
N THR A 29 13.49 -4.88 1.17
CA THR A 29 13.54 -3.46 0.88
C THR A 29 12.22 -2.78 1.29
N THR A 30 12.29 -1.48 1.49
CA THR A 30 11.12 -0.71 1.87
C THR A 30 10.81 0.35 0.81
N TYR A 31 9.56 0.33 0.36
CA TYR A 31 9.12 1.29 -0.65
C TYR A 31 8.34 2.44 -0.01
N GLU A 32 8.72 3.65 -0.40
CA GLU A 32 8.07 4.84 0.12
C GLU A 32 6.72 5.05 -0.55
N VAL A 33 5.67 4.99 0.25
CA VAL A 33 4.32 5.18 -0.26
C VAL A 33 3.92 6.64 -0.10
N ARG A 34 3.99 7.36 -1.21
CA ARG A 34 3.64 8.78 -1.21
C ARG A 34 2.22 8.97 -1.76
N MET A 35 1.30 9.28 -0.86
CA MET A 35 -0.08 9.49 -1.24
C MET A 35 -0.46 10.97 -1.16
N ARG A 36 -1.28 11.39 -2.11
CA ARG A 36 -1.72 12.77 -2.16
C ARG A 36 -3.21 12.85 -2.47
N THR A 37 -3.88 13.77 -1.78
CA THR A 37 -5.31 13.94 -1.98
C THR A 37 -5.78 15.24 -1.31
N ASN A 38 -7.02 15.60 -1.61
CA ASN A 38 -7.59 16.82 -1.05
C ASN A 38 -8.96 16.50 -0.43
N LEU A 39 -9.24 15.20 -0.34
CA LEU A 39 -10.49 14.75 0.23
C LEU A 39 -10.40 14.80 1.75
N PRO A 40 -11.59 14.96 2.40
CA PRO A 40 -11.66 15.02 3.84
C PRO A 40 -11.48 13.63 4.47
N ILE A 41 -12.05 12.64 3.78
CA ILE A 41 -11.96 11.26 4.25
C ILE A 41 -10.57 11.02 4.83
N PHE A 42 -9.57 11.52 4.12
CA PHE A 42 -8.19 11.36 4.55
C PHE A 42 -7.83 12.40 5.61
N LYS A 43 -7.09 11.94 6.61
CA LYS A 43 -6.66 12.83 7.69
C LYS A 43 -5.43 13.63 7.23
N LEU A 44 -4.44 12.91 6.74
CA LEU A 44 -3.22 13.53 6.27
C LEU A 44 -3.35 13.83 4.78
N LYS A 45 -3.19 15.10 4.44
CA LYS A 45 -3.28 15.54 3.06
C LYS A 45 -2.20 14.84 2.24
N GLU A 46 -1.04 14.68 2.86
CA GLU A 46 0.09 14.03 2.20
C GLU A 46 1.09 13.53 3.24
N SER A 47 1.69 12.39 2.94
CA SER A 47 2.68 11.79 3.83
C SER A 47 3.60 10.86 3.04
N CYS A 48 4.67 10.45 3.71
CA CYS A 48 5.64 9.57 3.09
C CYS A 48 5.96 8.44 4.08
N VAL A 49 5.31 7.31 3.88
CA VAL A 49 5.52 6.16 4.74
C VAL A 49 6.11 5.02 3.93
N ARG A 50 6.93 4.22 4.59
CA ARG A 50 7.56 3.09 3.93
C ARG A 50 6.92 1.78 4.39
N ARG A 51 6.76 0.87 3.45
CA ARG A 51 6.16 -0.41 3.73
C ARG A 51 6.76 -1.50 2.84
N ARG A 52 6.49 -2.75 3.20
CA ARG A 52 6.99 -3.87 2.45
C ARG A 52 5.90 -4.44 1.53
N TYR A 53 6.30 -5.39 0.71
CA TYR A 53 5.37 -6.02 -0.23
C TYR A 53 4.33 -6.86 0.52
N SER A 54 4.73 -7.33 1.70
CA SER A 54 3.85 -8.14 2.52
C SER A 54 2.77 -7.27 3.15
N ASP A 55 3.19 -6.10 3.61
CA ASP A 55 2.26 -5.16 4.22
C ASP A 55 0.96 -5.13 3.43
N PHE A 56 1.11 -5.04 2.11
CA PHE A 56 -0.04 -4.98 1.22
C PHE A 56 -0.90 -6.25 1.38
N GLU A 57 -0.23 -7.38 1.44
CA GLU A 57 -0.92 -8.65 1.59
C GLU A 57 -1.84 -8.62 2.81
N TRP A 58 -1.38 -7.92 3.84
CA TRP A 58 -2.15 -7.80 5.07
C TRP A 58 -3.31 -6.84 4.80
N LEU A 59 -2.97 -5.69 4.24
CA LEU A 59 -3.97 -4.69 3.94
C LEU A 59 -5.06 -5.31 3.05
N LYS A 60 -4.61 -5.96 2.00
CA LYS A 60 -5.53 -6.61 1.06
C LYS A 60 -6.50 -7.48 1.85
N ASN A 61 -5.95 -8.46 2.55
CA ASN A 61 -6.76 -9.37 3.34
C ASN A 61 -7.80 -8.57 4.12
N GLU A 62 -7.31 -7.65 4.94
CA GLU A 62 -8.18 -6.82 5.74
C GLU A 62 -9.42 -6.41 4.94
N LEU A 63 -9.21 -6.23 3.64
CA LEU A 63 -10.28 -5.83 2.74
C LEU A 63 -11.03 -7.09 2.28
N GLU A 64 -10.26 -8.08 1.88
CA GLU A 64 -10.84 -9.34 1.41
C GLU A 64 -11.69 -9.97 2.52
N ARG A 65 -11.45 -9.51 3.73
CA ARG A 65 -12.19 -10.03 4.88
C ARG A 65 -13.65 -10.26 4.51
N ASP A 66 -14.35 -9.16 4.26
CA ASP A 66 -15.76 -9.24 3.90
C ASP A 66 -16.38 -7.84 3.99
N SER A 67 -16.54 -7.22 2.84
CA SER A 67 -17.12 -5.89 2.77
C SER A 67 -17.51 -5.56 1.32
N LYS A 68 -17.87 -6.60 0.59
CA LYS A 68 -18.26 -6.44 -0.79
C LYS A 68 -17.22 -5.60 -1.53
N ILE A 69 -16.01 -5.60 -0.98
CA ILE A 69 -14.92 -4.84 -1.56
C ILE A 69 -14.15 -5.73 -2.55
N VAL A 70 -13.86 -5.16 -3.71
CA VAL A 70 -13.14 -5.89 -4.74
C VAL A 70 -11.67 -5.45 -4.72
N VAL A 71 -10.84 -6.28 -4.11
CA VAL A 71 -9.43 -6.00 -4.03
C VAL A 71 -8.70 -6.64 -5.22
N PRO A 72 -7.76 -5.87 -5.81
CA PRO A 72 -6.99 -6.35 -6.95
C PRO A 72 -5.94 -7.38 -6.51
N PRO A 73 -5.39 -8.10 -7.52
CA PRO A 73 -4.37 -9.10 -7.24
C PRO A 73 -3.03 -8.44 -6.94
N LEU A 74 -2.21 -9.16 -6.17
CA LEU A 74 -0.89 -8.66 -5.80
C LEU A 74 0.15 -9.22 -6.77
N PRO A 75 1.20 -8.39 -7.02
CA PRO A 75 2.27 -8.79 -7.92
C PRO A 75 3.20 -9.81 -7.25
N GLY A 76 3.04 -11.06 -7.64
CA GLY A 76 3.85 -12.13 -7.10
C GLY A 76 3.46 -13.48 -7.70
N LYS A 77 2.42 -14.08 -7.13
CA LYS A 77 1.95 -15.37 -7.59
C LYS A 77 3.01 -16.44 -7.31
N ALA A 78 2.61 -17.41 -6.49
CA ALA A 78 3.51 -18.49 -6.14
C ALA A 78 2.76 -19.82 -6.19
N LEU A 79 3.50 -20.87 -6.49
CA LEU A 79 2.92 -22.21 -6.58
C LEU A 79 3.69 -23.16 -5.67
N LYS A 80 3.07 -23.50 -4.55
CA LYS A 80 3.69 -24.40 -3.60
C LYS A 80 4.93 -23.74 -3.00
N ARG A 81 5.06 -23.88 -1.69
CA ARG A 81 6.19 -23.30 -0.98
C ARG A 81 7.08 -24.40 -0.40
N GLN A 82 8.07 -24.80 -1.19
CA GLN A 82 8.99 -25.83 -0.76
C GLN A 82 9.44 -25.59 0.68
N LEU A 83 10.07 -26.61 1.25
CA LEU A 83 10.55 -26.52 2.61
C LEU A 83 11.56 -25.38 2.73
N PRO A 84 11.67 -24.83 3.96
CA PRO A 84 12.59 -23.72 4.21
C PRO A 84 14.03 -24.22 4.26
N PHE A 85 14.45 -24.84 3.18
CA PHE A 85 15.80 -25.37 3.08
C PHE A 85 16.60 -24.64 1.99
N ARG A 86 17.91 -24.86 2.02
CA ARG A 86 18.79 -24.24 1.04
C ARG A 86 18.45 -24.74 -0.37
N GLY A 87 17.76 -23.87 -1.11
CA GLY A 87 17.37 -24.19 -2.48
C GLY A 87 16.76 -22.99 -3.18
N ASP A 88 17.57 -21.93 -3.28
CA ASP A 88 17.12 -20.71 -3.92
C ASP A 88 18.32 -20.03 -4.59
N GLU A 89 18.17 -19.76 -5.87
CA GLU A 89 19.21 -19.10 -6.63
C GLU A 89 19.27 -17.61 -6.31
N GLY A 90 18.15 -16.94 -6.56
CA GLY A 90 18.05 -15.51 -6.30
C GLY A 90 18.36 -14.70 -7.56
N ILE A 91 17.32 -14.04 -8.06
CA ILE A 91 17.47 -13.23 -9.26
C ILE A 91 18.10 -11.88 -8.89
N PHE A 92 17.37 -11.14 -8.07
CA PHE A 92 17.84 -9.84 -7.63
C PHE A 92 18.25 -8.97 -8.82
N GLU A 93 17.32 -8.11 -9.24
CA GLU A 93 17.58 -7.22 -10.35
C GLU A 93 16.59 -6.06 -10.34
N GLU A 94 17.07 -4.91 -10.76
CA GLU A 94 16.24 -3.72 -10.81
C GLU A 94 14.84 -4.06 -11.33
N SER A 95 14.81 -4.58 -12.54
CA SER A 95 13.55 -4.96 -13.17
C SER A 95 12.63 -5.60 -12.13
N PHE A 96 13.20 -6.53 -11.37
CA PHE A 96 12.44 -7.23 -10.34
C PHE A 96 11.78 -6.24 -9.39
N ILE A 97 12.61 -5.38 -8.80
CA ILE A 97 12.12 -4.39 -7.87
C ILE A 97 11.03 -3.55 -8.55
N GLU A 98 11.31 -3.18 -9.79
CA GLU A 98 10.38 -2.38 -10.56
C GLU A 98 9.04 -3.11 -10.72
N GLU A 99 9.12 -4.28 -11.35
CA GLU A 99 7.93 -5.09 -11.57
C GLU A 99 7.03 -5.05 -10.33
N ARG A 100 7.63 -5.30 -9.19
CA ARG A 100 6.90 -5.30 -7.93
C ARG A 100 6.51 -3.87 -7.55
N ARG A 101 7.53 -3.04 -7.38
CA ARG A 101 7.32 -1.65 -7.02
C ARG A 101 6.13 -1.07 -7.79
N GLN A 102 6.26 -1.08 -9.10
CA GLN A 102 5.20 -0.56 -9.96
C GLN A 102 3.90 -1.36 -9.74
N GLY A 103 4.07 -2.66 -9.66
CA GLY A 103 2.92 -3.55 -9.45
C GLY A 103 2.09 -3.10 -8.24
N LEU A 104 2.79 -2.89 -7.14
CA LEU A 104 2.14 -2.45 -5.91
C LEU A 104 1.46 -1.11 -6.15
N GLU A 105 2.19 -0.22 -6.80
CA GLU A 105 1.67 1.11 -7.10
C GLU A 105 0.34 1.01 -7.84
N GLN A 106 0.35 0.21 -8.90
CA GLN A 106 -0.85 0.02 -9.70
C GLN A 106 -2.00 -0.48 -8.82
N PHE A 107 -1.70 -1.54 -8.08
CA PHE A 107 -2.69 -2.13 -7.19
C PHE A 107 -3.36 -1.06 -6.32
N ILE A 108 -2.53 -0.37 -5.55
CA ILE A 108 -3.02 0.67 -4.67
C ILE A 108 -3.66 1.78 -5.50
N ASN A 109 -2.95 2.14 -6.57
CA ASN A 109 -3.43 3.19 -7.46
C ASN A 109 -4.92 2.97 -7.74
N LYS A 110 -5.29 1.70 -7.85
CA LYS A 110 -6.67 1.34 -8.12
C LYS A 110 -7.40 1.13 -6.80
N ILE A 111 -6.72 0.44 -5.89
CA ILE A 111 -7.30 0.15 -4.58
C ILE A 111 -7.75 1.47 -3.94
N ALA A 112 -6.88 2.45 -4.01
CA ALA A 112 -7.18 3.76 -3.43
C ALA A 112 -8.49 4.28 -4.03
N GLY A 113 -8.44 4.54 -5.33
CA GLY A 113 -9.61 5.05 -6.03
C GLY A 113 -10.89 4.41 -5.49
N HIS A 114 -10.78 3.13 -5.14
CA HIS A 114 -11.91 2.40 -4.61
C HIS A 114 -12.62 3.24 -3.56
N PRO A 115 -13.97 3.32 -3.68
CA PRO A 115 -14.78 4.09 -2.75
C PRO A 115 -14.93 3.36 -1.42
N LEU A 116 -15.10 2.05 -1.51
CA LEU A 116 -15.24 1.22 -0.33
C LEU A 116 -13.97 1.30 0.50
N ALA A 117 -12.85 1.45 -0.20
CA ALA A 117 -11.56 1.54 0.47
C ALA A 117 -11.37 2.95 1.02
N GLN A 118 -11.74 3.93 0.21
CA GLN A 118 -11.62 5.32 0.61
C GLN A 118 -12.34 5.55 1.93
N ASN A 119 -13.27 4.66 2.23
CA ASN A 119 -14.04 4.76 3.47
C ASN A 119 -13.32 3.98 4.57
N GLU A 120 -12.68 2.89 4.16
CA GLU A 120 -11.96 2.05 5.09
C GLU A 120 -10.85 2.86 5.78
N ARG A 121 -10.76 2.67 7.10
CA ARG A 121 -9.76 3.37 7.88
C ARG A 121 -8.45 2.58 7.89
N CYS A 122 -8.58 1.27 7.75
CA CYS A 122 -7.42 0.40 7.73
C CYS A 122 -6.51 0.81 6.57
N LEU A 123 -7.14 1.03 5.43
CA LEU A 123 -6.41 1.43 4.23
C LEU A 123 -5.61 2.69 4.54
N HIS A 124 -6.32 3.75 4.85
CA HIS A 124 -5.69 5.03 5.17
C HIS A 124 -4.43 4.77 6.00
N MET A 125 -4.62 4.12 7.14
CA MET A 125 -3.51 3.81 8.02
C MET A 125 -2.33 3.23 7.24
N PHE A 126 -2.62 2.18 6.48
CA PHE A 126 -1.59 1.53 5.68
C PHE A 126 -0.98 2.51 4.68
N LEU A 127 -1.81 3.43 4.22
CA LEU A 127 -1.36 4.42 3.26
C LEU A 127 -0.52 5.48 3.97
N GLN A 128 -1.08 6.02 5.05
CA GLN A 128 -0.38 7.03 5.83
C GLN A 128 -0.11 6.52 7.24
N GLU A 129 -0.50 7.33 8.21
CA GLU A 129 -0.31 6.97 9.61
C GLU A 129 1.18 6.75 9.89
N GLU A 130 1.63 7.32 11.00
CA GLU A 130 3.02 7.19 11.40
C GLU A 130 3.50 5.75 11.19
N ALA A 131 2.74 4.81 11.74
CA ALA A 131 3.08 3.41 11.61
C ALA A 131 1.81 2.57 11.76
N ILE A 132 1.67 1.59 10.87
CA ILE A 132 0.52 0.72 10.90
C ILE A 132 0.37 0.10 12.29
N ASP A 133 -0.81 -0.45 12.54
CA ASP A 133 -1.08 -1.07 13.83
C ASP A 133 -1.95 -2.31 13.61
N ARG A 134 -1.42 -3.45 14.07
CA ARG A 134 -2.14 -4.71 13.93
C ARG A 134 -3.07 -4.92 15.13
N ASN A 135 -3.70 -3.84 15.55
CA ASN A 135 -4.62 -3.90 16.67
C ASN A 135 -5.31 -2.54 16.84
N TYR A 136 -5.60 -1.93 15.70
CA TYR A 136 -6.26 -0.63 15.70
C TYR A 136 -7.75 -0.78 16.02
N VAL A 137 -8.44 0.34 15.94
CA VAL A 137 -9.87 0.35 16.22
C VAL A 137 -10.61 1.04 15.07
N PRO A 138 -11.48 0.24 14.40
CA PRO A 138 -12.26 0.75 13.28
C PRO A 138 -13.40 1.65 13.76
N GLY A 139 -13.20 2.95 13.61
CA GLY A 139 -14.20 3.91 14.02
C GLY A 139 -13.99 5.26 13.32
N LYS A 140 -15.03 5.70 12.63
CA LYS A 140 -14.97 6.98 11.93
C LYS A 140 -16.37 7.37 11.48
N SER A 141 -16.64 8.67 11.54
CA SER A 141 -17.94 9.19 11.15
C SER A 141 -18.98 8.86 12.22
N GLY A 142 -20.13 9.52 12.11
CA GLY A 142 -21.21 9.30 13.06
C GLY A 142 -21.62 7.83 13.08
N PRO A 143 -22.54 7.47 12.14
CA PRO A 143 -23.02 6.10 12.05
C PRO A 143 -21.98 5.19 11.44
N SER A 144 -21.56 5.53 10.23
CA SER A 144 -20.56 4.74 9.52
C SER A 144 -21.15 3.38 9.14
N SER A 145 -20.97 3.02 7.87
CA SER A 145 -21.46 1.75 7.38
C SER A 145 -20.50 0.62 7.76
N GLY A 146 -19.26 0.77 7.31
CA GLY A 146 -18.24 -0.22 7.59
C GLY A 146 -18.64 -1.59 7.06
N GLY A 1 1.45 33.63 2.40
CA GLY A 1 1.29 32.75 1.25
C GLY A 1 -0.09 32.92 0.61
N SER A 2 -0.32 32.14 -0.44
CA SER A 2 -1.58 32.20 -1.15
C SER A 2 -1.68 31.03 -2.13
N SER A 3 -2.92 30.65 -2.42
CA SER A 3 -3.16 29.55 -3.34
C SER A 3 -4.67 29.29 -3.45
N GLY A 4 -5.03 28.53 -4.48
CA GLY A 4 -6.42 28.20 -4.70
C GLY A 4 -6.59 27.39 -5.99
N SER A 5 -7.64 26.59 -6.02
CA SER A 5 -7.93 25.76 -7.18
C SER A 5 -9.25 25.02 -6.98
N SER A 6 -9.72 24.42 -8.07
CA SER A 6 -10.97 23.68 -8.04
C SER A 6 -11.08 22.78 -9.26
N GLY A 7 -11.95 21.78 -9.14
CA GLY A 7 -12.15 20.84 -10.24
C GLY A 7 -12.22 19.40 -9.72
N SER A 8 -12.25 18.47 -10.65
CA SER A 8 -12.32 17.05 -10.30
C SER A 8 -11.30 16.73 -9.21
N ASN A 9 -11.48 15.58 -8.59
CA ASN A 9 -10.58 15.14 -7.54
C ASN A 9 -9.59 14.13 -8.12
N PHE A 10 -8.53 13.89 -7.36
CA PHE A 10 -7.50 12.95 -7.78
C PHE A 10 -6.89 12.24 -6.57
N LEU A 11 -6.93 10.91 -6.62
CA LEU A 11 -6.39 10.11 -5.54
C LEU A 11 -5.43 9.06 -6.12
N GLU A 12 -4.15 9.29 -5.90
CA GLU A 12 -3.13 8.38 -6.38
C GLU A 12 -2.02 8.21 -5.35
N ILE A 13 -1.22 7.17 -5.55
CA ILE A 13 -0.12 6.88 -4.64
C ILE A 13 1.15 6.62 -5.45
N ASP A 14 2.29 6.85 -4.81
CA ASP A 14 3.57 6.63 -5.45
C ASP A 14 4.40 5.67 -4.61
N ILE A 15 5.15 4.82 -5.31
CA ILE A 15 6.00 3.85 -4.64
C ILE A 15 7.37 3.82 -5.31
N PHE A 16 8.34 4.44 -4.66
CA PHE A 16 9.68 4.50 -5.19
C PHE A 16 10.71 4.63 -4.06
N ASN A 17 11.96 4.81 -4.45
CA ASN A 17 13.04 4.94 -3.49
C ASN A 17 13.21 3.62 -2.74
N PRO A 18 13.50 2.55 -3.51
CA PRO A 18 13.70 1.23 -2.93
C PRO A 18 15.05 1.13 -2.23
N GLN A 19 15.00 1.25 -0.91
CA GLN A 19 16.22 1.17 -0.10
C GLN A 19 16.29 -0.18 0.61
N THR A 20 17.50 -0.71 0.66
CA THR A 20 17.73 -1.99 1.31
C THR A 20 18.09 -1.79 2.78
N VAL A 21 17.72 -2.77 3.60
CA VAL A 21 17.99 -2.70 5.02
C VAL A 21 18.82 -3.92 5.43
N GLY A 22 19.37 -3.84 6.63
CA GLY A 22 20.19 -4.93 7.16
C GLY A 22 21.28 -5.33 6.15
N VAL A 23 21.95 -6.42 6.47
CA VAL A 23 23.00 -6.91 5.60
C VAL A 23 22.45 -7.98 4.66
N GLY A 24 23.19 -8.25 3.60
CA GLY A 24 22.78 -9.24 2.62
C GLY A 24 22.37 -10.54 3.30
N ARG A 25 21.83 -11.45 2.50
CA ARG A 25 21.41 -12.74 3.01
C ARG A 25 20.01 -12.64 3.61
N ALA A 26 19.04 -13.16 2.87
CA ALA A 26 17.66 -13.13 3.32
C ALA A 26 17.28 -11.69 3.71
N ARG A 27 17.89 -10.74 3.01
CA ARG A 27 17.63 -9.34 3.27
C ARG A 27 16.31 -8.92 2.63
N PHE A 28 15.92 -7.67 2.90
CA PHE A 28 14.69 -7.14 2.36
C PHE A 28 14.84 -5.66 1.99
N THR A 29 13.79 -5.12 1.39
CA THR A 29 13.79 -3.73 0.98
C THR A 29 12.45 -3.07 1.32
N THR A 30 12.45 -1.75 1.25
CA THR A 30 11.24 -0.99 1.54
C THR A 30 10.86 -0.12 0.34
N TYR A 31 9.80 0.64 0.52
CA TYR A 31 9.32 1.54 -0.53
C TYR A 31 8.63 2.76 0.06
N GLU A 32 8.88 3.90 -0.57
CA GLU A 32 8.30 5.15 -0.12
C GLU A 32 6.83 5.23 -0.56
N VAL A 33 5.96 4.87 0.35
CA VAL A 33 4.53 4.89 0.07
C VAL A 33 4.01 6.33 0.25
N ARG A 34 4.02 7.07 -0.85
CA ARG A 34 3.56 8.45 -0.82
C ARG A 34 2.22 8.56 -1.54
N MET A 35 1.26 9.17 -0.84
CA MET A 35 -0.07 9.35 -1.39
C MET A 35 -0.38 10.84 -1.60
N ARG A 36 -1.29 11.09 -2.53
CA ARG A 36 -1.68 12.46 -2.84
C ARG A 36 -3.16 12.53 -3.16
N THR A 37 -3.89 13.26 -2.31
CA THR A 37 -5.33 13.41 -2.50
C THR A 37 -5.78 14.79 -2.01
N ASN A 38 -7.02 15.10 -2.33
CA ASN A 38 -7.60 16.38 -1.93
C ASN A 38 -8.97 16.15 -1.30
N LEU A 39 -9.27 14.88 -1.07
CA LEU A 39 -10.55 14.51 -0.48
C LEU A 39 -10.50 14.76 1.03
N PRO A 40 -11.70 14.99 1.62
CA PRO A 40 -11.79 15.24 3.04
C PRO A 40 -11.61 13.95 3.84
N ILE A 41 -12.16 12.87 3.30
CA ILE A 41 -12.06 11.57 3.95
C ILE A 41 -10.67 11.41 4.56
N PHE A 42 -9.67 11.81 3.79
CA PHE A 42 -8.29 11.72 4.23
C PHE A 42 -7.91 12.92 5.09
N LYS A 43 -7.27 12.63 6.22
CA LYS A 43 -6.84 13.68 7.13
C LYS A 43 -5.68 14.45 6.51
N LEU A 44 -4.56 13.75 6.37
CA LEU A 44 -3.37 14.36 5.80
C LEU A 44 -3.53 14.44 4.27
N LYS A 45 -2.88 15.45 3.70
CA LYS A 45 -2.94 15.64 2.26
C LYS A 45 -1.79 14.88 1.59
N GLU A 46 -0.66 14.85 2.30
CA GLU A 46 0.51 14.16 1.79
C GLU A 46 1.32 13.57 2.94
N SER A 47 1.66 12.30 2.79
CA SER A 47 2.43 11.61 3.82
C SER A 47 3.22 10.46 3.19
N CYS A 48 4.19 9.97 3.94
CA CYS A 48 5.02 8.88 3.47
C CYS A 48 5.19 7.87 4.61
N VAL A 49 5.48 6.64 4.23
CA VAL A 49 5.65 5.57 5.21
C VAL A 49 6.49 4.45 4.58
N ARG A 50 7.17 3.71 5.45
CA ARG A 50 8.00 2.60 5.00
C ARG A 50 7.39 1.27 5.43
N ARG A 51 7.32 0.35 4.49
CA ARG A 51 6.77 -0.97 4.75
C ARG A 51 7.21 -1.96 3.69
N ARG A 52 7.02 -3.23 3.98
CA ARG A 52 7.39 -4.29 3.06
C ARG A 52 6.26 -4.57 2.07
N TYR A 53 6.51 -5.52 1.18
CA TYR A 53 5.53 -5.89 0.19
C TYR A 53 4.30 -6.53 0.84
N SER A 54 4.56 -7.47 1.73
CA SER A 54 3.50 -8.16 2.43
C SER A 54 2.52 -7.14 3.02
N ASP A 55 3.01 -5.93 3.20
CA ASP A 55 2.19 -4.87 3.75
C ASP A 55 0.85 -4.83 3.02
N PHE A 56 0.91 -5.09 1.72
CA PHE A 56 -0.29 -5.10 0.91
C PHE A 56 -1.11 -6.38 1.13
N GLU A 57 -0.41 -7.41 1.54
CA GLU A 57 -1.06 -8.70 1.79
C GLU A 57 -1.91 -8.62 3.07
N TRP A 58 -1.54 -7.68 3.93
CA TRP A 58 -2.26 -7.50 5.18
C TRP A 58 -3.36 -6.46 4.94
N LEU A 59 -3.03 -5.47 4.13
CA LEU A 59 -3.99 -4.43 3.81
C LEU A 59 -5.16 -5.03 3.04
N LYS A 60 -4.83 -5.71 1.94
CA LYS A 60 -5.84 -6.33 1.12
C LYS A 60 -6.83 -7.10 2.01
N ASN A 61 -6.30 -8.11 2.68
CA ASN A 61 -7.11 -8.92 3.57
C ASN A 61 -7.99 -8.01 4.43
N GLU A 62 -7.35 -7.01 5.02
CA GLU A 62 -8.05 -6.06 5.87
C GLU A 62 -9.35 -5.61 5.20
N LEU A 63 -9.33 -5.63 3.87
CA LEU A 63 -10.50 -5.23 3.10
C LEU A 63 -11.44 -6.42 2.95
N GLU A 64 -10.85 -7.56 2.62
CA GLU A 64 -11.62 -8.77 2.44
C GLU A 64 -12.36 -9.13 3.74
N ARG A 65 -11.91 -8.51 4.83
CA ARG A 65 -12.51 -8.75 6.12
C ARG A 65 -13.75 -7.87 6.31
N ASP A 66 -13.62 -6.63 5.85
CA ASP A 66 -14.72 -5.68 5.96
C ASP A 66 -15.97 -6.27 5.32
N SER A 67 -16.09 -6.06 4.01
CA SER A 67 -17.24 -6.57 3.28
C SER A 67 -16.77 -7.17 1.94
N LYS A 68 -15.87 -8.14 2.05
CA LYS A 68 -15.35 -8.80 0.86
C LYS A 68 -15.10 -7.76 -0.22
N ILE A 69 -14.74 -6.56 0.21
CA ILE A 69 -14.47 -5.47 -0.71
C ILE A 69 -13.72 -6.02 -1.93
N VAL A 70 -13.92 -5.35 -3.06
CA VAL A 70 -13.27 -5.76 -4.30
C VAL A 70 -11.81 -5.31 -4.28
N VAL A 71 -10.93 -6.27 -4.12
CA VAL A 71 -9.50 -5.99 -4.09
C VAL A 71 -8.81 -6.71 -5.25
N PRO A 72 -7.89 -5.96 -5.92
CA PRO A 72 -7.16 -6.50 -7.05
C PRO A 72 -6.07 -7.47 -6.58
N PRO A 73 -5.56 -8.27 -7.55
CA PRO A 73 -4.51 -9.24 -7.25
C PRO A 73 -3.17 -8.55 -7.05
N LEU A 74 -2.35 -9.15 -6.20
CA LEU A 74 -1.03 -8.60 -5.91
C LEU A 74 -0.03 -9.12 -6.94
N PRO A 75 0.97 -8.26 -7.25
CA PRO A 75 1.99 -8.63 -8.22
C PRO A 75 2.99 -9.62 -7.62
N GLY A 76 2.66 -10.90 -7.75
CA GLY A 76 3.51 -11.95 -7.23
C GLY A 76 2.75 -12.82 -6.24
N LYS A 77 2.79 -14.13 -6.49
CA LYS A 77 2.12 -15.08 -5.63
C LYS A 77 3.14 -16.04 -5.03
N ALA A 78 3.72 -16.85 -5.91
CA ALA A 78 4.72 -17.82 -5.48
C ALA A 78 5.81 -17.10 -4.69
N LEU A 79 6.37 -17.82 -3.73
CA LEU A 79 7.42 -17.28 -2.90
C LEU A 79 8.36 -18.40 -2.46
N LYS A 80 9.14 -18.89 -3.42
CA LYS A 80 10.08 -19.96 -3.13
C LYS A 80 11.48 -19.37 -2.95
N ARG A 81 12.36 -20.18 -2.38
CA ARG A 81 13.72 -19.75 -2.15
C ARG A 81 14.61 -20.08 -3.36
N GLN A 82 15.46 -19.14 -3.70
CA GLN A 82 16.36 -19.31 -4.83
C GLN A 82 17.50 -20.25 -4.46
N LEU A 83 18.25 -20.65 -5.48
CA LEU A 83 19.36 -21.55 -5.29
C LEU A 83 20.67 -20.82 -5.59
N PRO A 84 21.73 -21.19 -4.80
CA PRO A 84 23.04 -20.56 -4.98
C PRO A 84 23.73 -21.09 -6.24
N PHE A 85 24.91 -20.54 -6.50
CA PHE A 85 25.68 -20.94 -7.66
C PHE A 85 24.87 -20.76 -8.94
N ARG A 86 25.25 -19.75 -9.71
CA ARG A 86 24.57 -19.46 -10.96
C ARG A 86 23.05 -19.40 -10.74
N GLY A 87 22.56 -18.18 -10.57
CA GLY A 87 21.14 -17.98 -10.35
C GLY A 87 20.88 -17.36 -8.97
N ASP A 88 21.51 -16.22 -8.75
CA ASP A 88 21.36 -15.51 -7.49
C ASP A 88 21.24 -14.01 -7.76
N GLU A 89 20.45 -13.35 -6.91
CA GLU A 89 20.25 -11.92 -7.06
C GLU A 89 19.56 -11.36 -5.80
N GLY A 90 18.48 -12.03 -5.43
CA GLY A 90 17.71 -11.61 -4.26
C GLY A 90 17.42 -10.12 -4.30
N ILE A 91 16.34 -9.77 -4.97
CA ILE A 91 15.93 -8.38 -5.10
C ILE A 91 17.17 -7.51 -5.32
N PHE A 92 17.64 -7.54 -6.56
CA PHE A 92 18.82 -6.77 -6.93
C PHE A 92 18.58 -5.98 -8.22
N GLU A 93 18.34 -6.73 -9.29
CA GLU A 93 18.10 -6.12 -10.59
C GLU A 93 16.98 -5.08 -10.48
N GLU A 94 17.33 -3.85 -10.81
CA GLU A 94 16.38 -2.76 -10.75
C GLU A 94 15.05 -3.18 -11.37
N SER A 95 15.15 -3.99 -12.43
CA SER A 95 13.97 -4.47 -13.12
C SER A 95 13.05 -5.21 -12.15
N PHE A 96 13.59 -6.27 -11.57
CA PHE A 96 12.84 -7.08 -10.62
C PHE A 96 12.08 -6.18 -9.64
N ILE A 97 12.79 -5.19 -9.13
CA ILE A 97 12.21 -4.26 -8.17
C ILE A 97 11.10 -3.46 -8.86
N GLU A 98 11.50 -2.71 -9.88
CA GLU A 98 10.56 -1.90 -10.63
C GLU A 98 9.28 -2.69 -10.90
N GLU A 99 9.46 -3.87 -11.46
CA GLU A 99 8.33 -4.73 -11.76
C GLU A 99 7.32 -4.73 -10.61
N ARG A 100 7.78 -5.23 -9.47
CA ARG A 100 6.94 -5.29 -8.29
C ARG A 100 6.51 -3.89 -7.87
N ARG A 101 7.48 -2.98 -7.88
CA ARG A 101 7.21 -1.60 -7.51
C ARG A 101 5.98 -1.07 -8.26
N GLN A 102 6.15 -0.92 -9.56
CA GLN A 102 5.07 -0.43 -10.40
C GLN A 102 3.80 -1.25 -10.17
N GLY A 103 4.00 -2.56 -10.03
CA GLY A 103 2.89 -3.46 -9.82
C GLY A 103 2.06 -3.03 -8.60
N LEU A 104 2.73 -2.94 -7.47
CA LEU A 104 2.08 -2.53 -6.23
C LEU A 104 1.43 -1.16 -6.43
N GLU A 105 2.28 -0.17 -6.68
CA GLU A 105 1.81 1.18 -6.89
C GLU A 105 0.52 1.18 -7.70
N GLN A 106 0.52 0.37 -8.76
CA GLN A 106 -0.65 0.27 -9.62
C GLN A 106 -1.84 -0.28 -8.82
N PHE A 107 -1.63 -1.45 -8.24
CA PHE A 107 -2.68 -2.09 -7.45
C PHE A 107 -3.35 -1.08 -6.52
N ILE A 108 -2.53 -0.45 -5.68
CA ILE A 108 -3.04 0.53 -4.73
C ILE A 108 -3.66 1.70 -5.50
N ASN A 109 -2.95 2.13 -6.54
CA ASN A 109 -3.41 3.24 -7.35
C ASN A 109 -4.88 3.01 -7.73
N LYS A 110 -5.20 1.75 -7.97
CA LYS A 110 -6.55 1.38 -8.34
C LYS A 110 -7.37 1.11 -7.07
N ILE A 111 -6.74 0.40 -6.14
CA ILE A 111 -7.39 0.07 -4.88
C ILE A 111 -7.89 1.36 -4.22
N ALA A 112 -7.04 2.36 -4.24
CA ALA A 112 -7.38 3.65 -3.64
C ALA A 112 -8.70 4.14 -4.22
N GLY A 113 -8.73 4.25 -5.55
CA GLY A 113 -9.93 4.70 -6.23
C GLY A 113 -11.18 4.11 -5.60
N HIS A 114 -11.11 2.82 -5.28
CA HIS A 114 -12.23 2.14 -4.67
C HIS A 114 -12.84 3.02 -3.58
N PRO A 115 -14.19 3.12 -3.61
CA PRO A 115 -14.91 3.92 -2.63
C PRO A 115 -14.95 3.22 -1.28
N LEU A 116 -15.30 1.94 -1.32
CA LEU A 116 -15.38 1.14 -0.11
C LEU A 116 -14.06 1.22 0.64
N ALA A 117 -12.98 1.28 -0.12
CA ALA A 117 -11.65 1.36 0.46
C ALA A 117 -11.43 2.77 1.02
N GLN A 118 -11.81 3.75 0.22
CA GLN A 118 -11.65 5.14 0.62
C GLN A 118 -12.30 5.38 1.99
N ASN A 119 -13.21 4.49 2.34
CA ASN A 119 -13.90 4.58 3.61
C ASN A 119 -13.16 3.74 4.66
N GLU A 120 -12.61 2.63 4.19
CA GLU A 120 -11.87 1.74 5.07
C GLU A 120 -10.61 2.44 5.61
N ARG A 121 -10.54 2.53 6.92
CA ARG A 121 -9.41 3.17 7.57
C ARG A 121 -8.14 2.34 7.37
N CYS A 122 -8.35 1.03 7.26
CA CYS A 122 -7.24 0.11 7.07
C CYS A 122 -6.39 0.62 5.91
N LEU A 123 -7.02 1.41 5.05
CA LEU A 123 -6.33 1.97 3.90
C LEU A 123 -5.50 3.18 4.35
N HIS A 124 -6.15 4.06 5.10
CA HIS A 124 -5.48 5.26 5.59
C HIS A 124 -4.35 4.85 6.54
N MET A 125 -4.71 4.09 7.55
CA MET A 125 -3.74 3.63 8.53
C MET A 125 -2.55 2.94 7.85
N PHE A 126 -2.81 2.44 6.65
CA PHE A 126 -1.78 1.77 5.88
C PHE A 126 -0.95 2.77 5.08
N LEU A 127 -1.42 4.01 5.07
CA LEU A 127 -0.74 5.06 4.34
C LEU A 127 -0.04 6.00 5.34
N GLN A 128 -0.75 7.06 5.68
CA GLN A 128 -0.22 8.05 6.62
C GLN A 128 0.52 7.34 7.75
N GLU A 129 -0.25 6.60 8.55
CA GLU A 129 0.32 5.88 9.67
C GLU A 129 1.44 4.96 9.20
N GLU A 130 2.65 5.27 9.67
CA GLU A 130 3.82 4.49 9.29
C GLU A 130 3.72 3.07 9.89
N ALA A 131 3.39 3.03 11.17
CA ALA A 131 3.26 1.76 11.87
C ALA A 131 1.78 1.41 12.00
N ILE A 132 1.45 0.21 11.53
CA ILE A 132 0.07 -0.26 11.60
C ILE A 132 -0.14 -1.02 12.91
N ASP A 133 -1.28 -0.75 13.53
CA ASP A 133 -1.61 -1.40 14.79
C ASP A 133 -2.66 -2.49 14.53
N ARG A 134 -2.17 -3.63 14.05
CA ARG A 134 -3.04 -4.76 13.77
C ARG A 134 -4.18 -4.82 14.78
N ASN A 135 -5.31 -5.34 14.32
CA ASN A 135 -6.48 -5.46 15.18
C ASN A 135 -6.69 -4.15 15.94
N TYR A 136 -7.05 -3.12 15.18
CA TYR A 136 -7.28 -1.81 15.77
C TYR A 136 -8.77 -1.57 15.99
N VAL A 137 -9.08 -0.47 16.66
CA VAL A 137 -10.45 -0.12 16.96
C VAL A 137 -10.90 1.00 16.00
N PRO A 138 -11.93 0.66 15.17
CA PRO A 138 -12.45 1.62 14.21
C PRO A 138 -13.31 2.68 14.92
N GLY A 139 -13.43 3.82 14.25
CA GLY A 139 -14.22 4.92 14.79
C GLY A 139 -15.16 5.50 13.74
N LYS A 140 -15.19 4.83 12.60
CA LYS A 140 -16.05 5.26 11.50
C LYS A 140 -17.25 4.33 11.40
N SER A 141 -16.97 3.09 11.04
CA SER A 141 -18.02 2.09 10.89
C SER A 141 -18.95 2.46 9.74
N GLY A 142 -18.91 1.65 8.70
CA GLY A 142 -19.74 1.89 7.52
C GLY A 142 -21.20 1.52 7.81
N PRO A 143 -22.01 1.51 6.72
CA PRO A 143 -23.41 1.18 6.84
C PRO A 143 -23.62 -0.32 7.06
N SER A 144 -24.17 -0.65 8.22
CA SER A 144 -24.41 -2.04 8.57
C SER A 144 -25.88 -2.39 8.30
N SER A 145 -26.09 -3.61 7.82
CA SER A 145 -27.43 -4.07 7.52
C SER A 145 -27.83 -5.18 8.50
N GLY A 146 -28.49 -4.76 9.57
CA GLY A 146 -28.93 -5.70 10.59
C GLY A 146 -29.69 -4.98 11.71
N GLY A 1 -1.70 39.91 -4.91
CA GLY A 1 -2.82 39.25 -5.55
C GLY A 1 -2.54 37.75 -5.71
N SER A 2 -3.62 36.99 -5.70
CA SER A 2 -3.52 35.55 -5.84
C SER A 2 -4.91 34.93 -5.90
N SER A 3 -5.01 33.86 -6.69
CA SER A 3 -6.28 33.16 -6.85
C SER A 3 -6.11 32.00 -7.84
N GLY A 4 -7.00 31.03 -7.71
CA GLY A 4 -6.97 29.87 -8.57
C GLY A 4 -8.18 29.84 -9.51
N SER A 5 -8.42 28.67 -10.09
CA SER A 5 -9.53 28.50 -10.99
C SER A 5 -9.61 27.05 -11.47
N SER A 6 -10.75 26.44 -11.21
CA SER A 6 -10.97 25.06 -11.60
C SER A 6 -10.06 24.14 -10.77
N GLY A 7 -10.48 22.87 -10.68
CA GLY A 7 -9.73 21.89 -9.94
C GLY A 7 -10.62 20.71 -9.53
N SER A 8 -10.12 19.52 -9.82
CA SER A 8 -10.84 18.30 -9.50
C SER A 8 -10.11 17.51 -8.43
N ASN A 9 -10.80 16.53 -7.87
CA ASN A 9 -10.22 15.69 -6.84
C ASN A 9 -9.37 14.59 -7.49
N PHE A 10 -8.36 14.15 -6.76
CA PHE A 10 -7.48 13.11 -7.25
C PHE A 10 -6.78 12.39 -6.09
N LEU A 11 -6.88 11.07 -6.12
CA LEU A 11 -6.27 10.25 -5.08
C LEU A 11 -5.35 9.22 -5.73
N GLU A 12 -4.05 9.47 -5.61
CA GLU A 12 -3.06 8.57 -6.18
C GLU A 12 -1.91 8.36 -5.19
N ILE A 13 -1.20 7.26 -5.38
CA ILE A 13 -0.08 6.93 -4.51
C ILE A 13 1.15 6.67 -5.38
N ASP A 14 2.31 6.90 -4.77
CA ASP A 14 3.58 6.70 -5.46
C ASP A 14 4.39 5.63 -4.73
N ILE A 15 5.16 4.88 -5.50
CA ILE A 15 5.99 3.83 -4.93
C ILE A 15 7.40 3.92 -5.53
N PHE A 16 8.29 4.55 -4.78
CA PHE A 16 9.66 4.71 -5.21
C PHE A 16 10.61 4.81 -4.01
N ASN A 17 11.88 5.08 -4.32
CA ASN A 17 12.89 5.20 -3.29
C ASN A 17 13.07 3.85 -2.59
N PRO A 18 13.45 2.83 -3.41
CA PRO A 18 13.66 1.49 -2.88
C PRO A 18 14.97 1.41 -2.11
N GLN A 19 14.84 1.20 -0.81
CA GLN A 19 16.00 1.10 0.05
C GLN A 19 16.11 -0.32 0.63
N THR A 20 17.34 -0.80 0.73
CA THR A 20 17.59 -2.12 1.27
C THR A 20 17.84 -2.05 2.77
N VAL A 21 17.43 -3.11 3.45
CA VAL A 21 17.60 -3.18 4.90
C VAL A 21 18.54 -4.34 5.24
N GLY A 22 19.00 -4.34 6.47
CA GLY A 22 19.90 -5.39 6.95
C GLY A 22 19.17 -6.37 7.87
N VAL A 23 19.54 -7.63 7.75
CA VAL A 23 18.93 -8.67 8.57
C VAL A 23 19.82 -9.92 8.53
N GLY A 24 19.49 -10.87 9.39
CA GLY A 24 20.23 -12.11 9.47
C GLY A 24 20.77 -12.52 8.10
N ARG A 25 19.90 -13.15 7.32
CA ARG A 25 20.27 -13.60 5.99
C ARG A 25 19.04 -13.69 5.10
N ALA A 26 18.79 -12.61 4.37
CA ALA A 26 17.64 -12.55 3.48
C ALA A 26 17.64 -11.20 2.75
N ARG A 27 17.80 -10.15 3.54
CA ARG A 27 17.81 -8.80 2.98
C ARG A 27 16.51 -8.53 2.22
N PHE A 28 16.17 -7.25 2.13
CA PHE A 28 14.96 -6.85 1.44
C PHE A 28 15.01 -5.36 1.10
N THR A 29 14.11 -4.97 0.20
CA THR A 29 14.02 -3.58 -0.22
C THR A 29 12.69 -2.96 0.20
N THR A 30 12.75 -1.71 0.60
CA THR A 30 11.56 -1.00 1.03
C THR A 30 11.02 -0.11 -0.10
N TYR A 31 9.95 0.60 0.20
CA TYR A 31 9.34 1.48 -0.77
C TYR A 31 8.65 2.67 -0.09
N GLU A 32 8.91 3.85 -0.64
CA GLU A 32 8.33 5.06 -0.09
C GLU A 32 6.93 5.29 -0.65
N VAL A 33 5.94 5.03 0.19
CA VAL A 33 4.55 5.19 -0.19
C VAL A 33 4.14 6.66 -0.04
N ARG A 34 4.32 7.41 -1.11
CA ARG A 34 3.98 8.82 -1.11
C ARG A 34 2.61 9.04 -1.74
N MET A 35 1.61 9.24 -0.87
CA MET A 35 0.25 9.46 -1.33
C MET A 35 -0.07 10.97 -1.38
N ARG A 36 -1.02 11.30 -2.23
CA ARG A 36 -1.44 12.68 -2.38
C ARG A 36 -2.91 12.76 -2.76
N THR A 37 -3.71 13.33 -1.87
CA THR A 37 -5.13 13.47 -2.11
C THR A 37 -5.61 14.86 -1.71
N ASN A 38 -6.86 15.14 -2.02
CA ASN A 38 -7.44 16.43 -1.71
C ASN A 38 -8.84 16.22 -1.10
N LEU A 39 -9.08 15.00 -0.66
CA LEU A 39 -10.36 14.65 -0.07
C LEU A 39 -10.28 14.84 1.45
N PRO A 40 -11.47 15.08 2.06
CA PRO A 40 -11.54 15.29 3.50
C PRO A 40 -11.38 13.97 4.24
N ILE A 41 -11.96 12.92 3.67
CA ILE A 41 -11.89 11.60 4.27
C ILE A 41 -10.50 11.40 4.90
N PHE A 42 -9.49 11.80 4.15
CA PHE A 42 -8.12 11.68 4.61
C PHE A 42 -7.74 12.84 5.53
N LYS A 43 -7.04 12.51 6.60
CA LYS A 43 -6.61 13.51 7.56
C LYS A 43 -5.44 14.31 6.98
N LEU A 44 -4.44 13.58 6.51
CA LEU A 44 -3.28 14.20 5.91
C LEU A 44 -3.48 14.34 4.40
N LYS A 45 -3.06 15.48 3.88
CA LYS A 45 -3.18 15.74 2.46
C LYS A 45 -2.17 14.89 1.69
N GLU A 46 -1.05 14.64 2.34
CA GLU A 46 0.01 13.85 1.74
C GLU A 46 1.04 13.44 2.79
N SER A 47 1.53 12.22 2.65
CA SER A 47 2.51 11.69 3.57
C SER A 47 3.32 10.58 2.91
N CYS A 48 4.43 10.23 3.55
CA CYS A 48 5.30 9.19 3.02
C CYS A 48 5.69 8.27 4.18
N VAL A 49 5.74 6.97 3.87
CA VAL A 49 6.10 5.99 4.88
C VAL A 49 6.89 4.86 4.21
N ARG A 50 7.53 4.05 5.04
CA ARG A 50 8.32 2.93 4.55
C ARG A 50 7.77 1.61 5.09
N ARG A 51 7.18 0.85 4.18
CA ARG A 51 6.62 -0.43 4.55
C ARG A 51 6.98 -1.50 3.50
N ARG A 52 7.06 -2.73 3.97
CA ARG A 52 7.40 -3.85 3.10
C ARG A 52 6.17 -4.28 2.30
N TYR A 53 6.44 -4.95 1.19
CA TYR A 53 5.38 -5.43 0.32
C TYR A 53 4.30 -6.15 1.14
N SER A 54 4.75 -6.98 2.05
CA SER A 54 3.84 -7.74 2.89
C SER A 54 2.78 -6.81 3.47
N ASP A 55 3.13 -5.54 3.59
CA ASP A 55 2.21 -4.55 4.13
C ASP A 55 0.94 -4.55 3.29
N PHE A 56 1.11 -4.77 2.00
CA PHE A 56 -0.03 -4.80 1.09
C PHE A 56 -0.84 -6.09 1.26
N GLU A 57 -0.13 -7.21 1.27
CA GLU A 57 -0.78 -8.50 1.43
C GLU A 57 -1.70 -8.48 2.64
N TRP A 58 -1.39 -7.59 3.58
CA TRP A 58 -2.19 -7.46 4.78
C TRP A 58 -3.36 -6.52 4.48
N LEU A 59 -3.01 -5.33 4.00
CA LEU A 59 -4.01 -4.34 3.66
C LEU A 59 -5.07 -4.98 2.75
N LYS A 60 -4.60 -5.69 1.74
CA LYS A 60 -5.49 -6.34 0.80
C LYS A 60 -6.37 -7.35 1.56
N ASN A 61 -5.72 -8.35 2.12
CA ASN A 61 -6.43 -9.38 2.86
C ASN A 61 -7.40 -8.71 3.85
N GLU A 62 -6.94 -7.60 4.42
CA GLU A 62 -7.75 -6.86 5.36
C GLU A 62 -9.14 -6.59 4.78
N LEU A 63 -9.20 -6.58 3.46
CA LEU A 63 -10.45 -6.34 2.76
C LEU A 63 -11.07 -7.66 2.33
N GLU A 64 -10.18 -8.61 2.02
CA GLU A 64 -10.62 -9.93 1.60
C GLU A 64 -11.28 -10.67 2.78
N ARG A 65 -10.68 -10.51 3.94
CA ARG A 65 -11.19 -11.16 5.14
C ARG A 65 -12.72 -11.09 5.17
N ASP A 66 -13.24 -10.00 4.62
CA ASP A 66 -14.68 -9.80 4.57
C ASP A 66 -14.98 -8.38 4.10
N SER A 67 -15.63 -8.29 2.95
CA SER A 67 -15.98 -7.00 2.38
C SER A 67 -16.26 -7.15 0.89
N LYS A 68 -17.46 -6.75 0.49
CA LYS A 68 -17.86 -6.83 -0.90
C LYS A 68 -16.86 -6.05 -1.76
N ILE A 69 -16.10 -5.20 -1.09
CA ILE A 69 -15.11 -4.38 -1.78
C ILE A 69 -14.33 -5.26 -2.76
N VAL A 70 -14.03 -4.68 -3.91
CA VAL A 70 -13.29 -5.39 -4.94
C VAL A 70 -11.81 -5.02 -4.86
N VAL A 71 -11.03 -5.91 -4.28
CA VAL A 71 -9.61 -5.68 -4.13
C VAL A 71 -8.89 -6.17 -5.39
N PRO A 72 -7.91 -5.34 -5.85
CA PRO A 72 -7.14 -5.68 -7.04
C PRO A 72 -6.12 -6.78 -6.73
N PRO A 73 -5.56 -7.37 -7.83
CA PRO A 73 -4.57 -8.42 -7.69
C PRO A 73 -3.22 -7.86 -7.26
N LEU A 74 -2.50 -8.65 -6.48
CA LEU A 74 -1.19 -8.24 -5.99
C LEU A 74 -0.11 -8.78 -6.92
N PRO A 75 1.03 -8.03 -6.97
CA PRO A 75 2.14 -8.43 -7.82
C PRO A 75 2.90 -9.61 -7.21
N GLY A 76 2.82 -10.74 -7.90
CA GLY A 76 3.49 -11.95 -7.44
C GLY A 76 2.55 -12.80 -6.59
N LYS A 77 2.39 -14.05 -7.01
CA LYS A 77 1.54 -14.98 -6.30
C LYS A 77 2.20 -15.37 -4.98
N ALA A 78 3.32 -16.08 -5.09
CA ALA A 78 4.06 -16.51 -3.93
C ALA A 78 5.54 -16.67 -4.29
N LEU A 79 6.34 -16.94 -3.26
CA LEU A 79 7.77 -17.11 -3.46
C LEU A 79 8.24 -18.33 -2.68
N LYS A 80 7.74 -19.48 -3.10
CA LYS A 80 8.11 -20.73 -2.45
C LYS A 80 9.59 -21.01 -2.68
N ARG A 81 10.30 -21.24 -1.59
CA ARG A 81 11.72 -21.51 -1.67
C ARG A 81 12.14 -22.49 -0.56
N GLN A 82 12.87 -23.52 -0.95
CA GLN A 82 13.32 -24.52 -0.01
C GLN A 82 14.73 -25.00 -0.39
N LEU A 83 14.84 -25.52 -1.60
CA LEU A 83 16.11 -26.02 -2.09
C LEU A 83 16.96 -24.84 -2.58
N PRO A 84 18.30 -25.08 -2.59
CA PRO A 84 19.23 -24.04 -3.02
C PRO A 84 19.20 -23.89 -4.55
N PHE A 85 18.12 -23.29 -5.03
CA PHE A 85 17.96 -23.08 -6.46
C PHE A 85 18.46 -21.69 -6.87
N ARG A 86 19.57 -21.70 -7.59
CA ARG A 86 20.17 -20.45 -8.04
C ARG A 86 19.23 -19.74 -9.01
N GLY A 87 18.40 -18.85 -8.46
CA GLY A 87 17.45 -18.10 -9.25
C GLY A 87 16.89 -16.93 -8.47
N ASP A 88 17.50 -15.77 -8.67
CA ASP A 88 17.07 -14.57 -7.97
C ASP A 88 16.97 -14.84 -6.48
N GLU A 89 18.08 -14.62 -5.79
CA GLU A 89 18.13 -14.85 -4.35
C GLU A 89 16.82 -14.40 -3.70
N GLY A 90 16.47 -13.14 -3.94
CA GLY A 90 15.25 -12.59 -3.38
C GLY A 90 15.33 -11.06 -3.30
N ILE A 91 14.42 -10.41 -4.02
CA ILE A 91 14.38 -8.96 -4.04
C ILE A 91 15.81 -8.41 -4.07
N PHE A 92 16.34 -8.29 -5.28
CA PHE A 92 17.69 -7.78 -5.45
C PHE A 92 17.86 -7.12 -6.83
N GLU A 93 17.43 -7.84 -7.85
CA GLU A 93 17.52 -7.35 -9.22
C GLU A 93 16.78 -6.01 -9.34
N GLU A 94 17.25 -5.20 -10.27
CA GLU A 94 16.65 -3.89 -10.50
C GLU A 94 15.25 -4.06 -11.11
N SER A 95 15.19 -4.88 -12.15
CA SER A 95 13.93 -5.13 -12.83
C SER A 95 12.91 -5.72 -11.85
N PHE A 96 13.27 -6.86 -11.28
CA PHE A 96 12.41 -7.54 -10.32
C PHE A 96 11.76 -6.52 -9.38
N ILE A 97 12.60 -5.77 -8.68
CA ILE A 97 12.12 -4.77 -7.75
C ILE A 97 11.13 -3.85 -8.45
N GLU A 98 11.56 -3.32 -9.59
CA GLU A 98 10.72 -2.42 -10.36
C GLU A 98 9.35 -3.05 -10.58
N GLU A 99 9.36 -4.29 -11.05
CA GLU A 99 8.12 -5.00 -11.30
C GLU A 99 7.15 -4.84 -10.12
N ARG A 100 7.61 -5.27 -8.96
CA ARG A 100 6.80 -5.17 -7.75
C ARG A 100 6.46 -3.71 -7.46
N ARG A 101 7.48 -2.87 -7.55
CA ARG A 101 7.30 -1.45 -7.29
C ARG A 101 6.02 -0.94 -7.95
N GLN A 102 6.06 -0.89 -9.28
CA GLN A 102 4.90 -0.44 -10.04
C GLN A 102 3.66 -1.22 -9.64
N GLY A 103 3.81 -2.54 -9.63
CA GLY A 103 2.71 -3.42 -9.27
C GLY A 103 1.88 -2.83 -8.12
N LEU A 104 2.53 -2.76 -6.96
CA LEU A 104 1.88 -2.22 -5.78
C LEU A 104 1.25 -0.86 -6.12
N GLU A 105 2.11 0.06 -6.50
CA GLU A 105 1.66 1.40 -6.85
C GLU A 105 0.33 1.33 -7.62
N GLN A 106 0.30 0.45 -8.60
CA GLN A 106 -0.89 0.27 -9.41
C GLN A 106 -2.05 -0.24 -8.54
N PHE A 107 -1.81 -1.37 -7.89
CA PHE A 107 -2.81 -1.97 -7.03
C PHE A 107 -3.48 -0.91 -6.14
N ILE A 108 -2.65 -0.24 -5.36
CA ILE A 108 -3.14 0.79 -4.46
C ILE A 108 -3.80 1.90 -5.28
N ASN A 109 -3.13 2.26 -6.37
CA ASN A 109 -3.64 3.31 -7.24
C ASN A 109 -5.12 3.04 -7.53
N LYS A 110 -5.43 1.79 -7.77
CA LYS A 110 -6.80 1.39 -8.06
C LYS A 110 -7.56 1.21 -6.76
N ILE A 111 -6.90 0.56 -5.81
CA ILE A 111 -7.50 0.32 -4.50
C ILE A 111 -7.98 1.65 -3.91
N ALA A 112 -7.20 2.69 -4.16
CA ALA A 112 -7.53 4.01 -3.66
C ALA A 112 -8.84 4.48 -4.30
N GLY A 113 -8.80 4.60 -5.62
CA GLY A 113 -9.97 5.05 -6.37
C GLY A 113 -11.25 4.46 -5.77
N HIS A 114 -11.11 3.26 -5.21
CA HIS A 114 -12.25 2.59 -4.61
C HIS A 114 -12.84 3.46 -3.50
N PRO A 115 -14.17 3.68 -3.59
CA PRO A 115 -14.88 4.49 -2.61
C PRO A 115 -15.05 3.73 -1.30
N LEU A 116 -15.33 2.44 -1.43
CA LEU A 116 -15.53 1.61 -0.25
C LEU A 116 -14.25 1.59 0.58
N ALA A 117 -13.12 1.55 -0.13
CA ALA A 117 -11.82 1.53 0.53
C ALA A 117 -11.53 2.92 1.11
N GLN A 118 -11.81 3.94 0.31
CA GLN A 118 -11.58 5.31 0.73
C GLN A 118 -12.20 5.54 2.12
N ASN A 119 -13.20 4.73 2.42
CA ASN A 119 -13.88 4.84 3.71
C ASN A 119 -13.18 3.93 4.72
N GLU A 120 -12.81 2.75 4.25
CA GLU A 120 -12.14 1.78 5.10
C GLU A 120 -11.05 2.46 5.92
N ARG A 121 -10.91 2.00 7.16
CA ARG A 121 -9.90 2.56 8.06
C ARG A 121 -8.57 1.84 7.85
N CYS A 122 -8.65 0.62 7.35
CA CYS A 122 -7.46 -0.17 7.11
C CYS A 122 -6.60 0.54 6.07
N LEU A 123 -7.27 1.06 5.05
CA LEU A 123 -6.60 1.78 3.99
C LEU A 123 -5.96 3.05 4.56
N HIS A 124 -6.78 3.84 5.23
CA HIS A 124 -6.32 5.08 5.82
C HIS A 124 -4.99 4.83 6.55
N MET A 125 -5.01 3.86 7.45
CA MET A 125 -3.82 3.52 8.21
C MET A 125 -2.65 3.19 7.29
N PHE A 126 -2.89 2.23 6.40
CA PHE A 126 -1.86 1.81 5.46
C PHE A 126 -1.05 3.01 4.98
N LEU A 127 -1.72 4.15 4.90
CA LEU A 127 -1.06 5.37 4.46
C LEU A 127 -0.98 6.36 5.64
N GLN A 128 -0.04 7.28 5.53
CA GLN A 128 0.15 8.28 6.56
C GLN A 128 0.84 7.66 7.78
N GLU A 129 0.22 6.60 8.28
CA GLU A 129 0.77 5.90 9.44
C GLU A 129 2.00 5.08 9.04
N GLU A 130 3.06 5.25 9.81
CA GLU A 130 4.29 4.53 9.55
C GLU A 130 4.14 3.05 9.92
N ALA A 131 3.99 2.81 11.22
CA ALA A 131 3.82 1.45 11.71
C ALA A 131 2.33 1.14 11.85
N ILE A 132 1.93 0.03 11.24
CA ILE A 132 0.54 -0.39 11.30
C ILE A 132 0.29 -1.13 12.61
N ASP A 133 -0.81 -0.76 13.26
CA ASP A 133 -1.18 -1.37 14.52
C ASP A 133 -2.13 -2.54 14.27
N ARG A 134 -1.55 -3.66 13.87
CA ARG A 134 -2.33 -4.85 13.59
C ARG A 134 -3.46 -5.01 14.61
N ASN A 135 -4.59 -5.50 14.13
CA ASN A 135 -5.75 -5.69 15.00
C ASN A 135 -6.13 -4.37 15.64
N TYR A 136 -6.43 -3.40 14.79
CA TYR A 136 -6.81 -2.08 15.27
C TYR A 136 -8.33 -2.00 15.50
N VAL A 137 -8.76 -0.85 16.01
CA VAL A 137 -10.16 -0.64 16.28
C VAL A 137 -10.64 0.60 15.50
N PRO A 138 -11.72 0.39 14.71
CA PRO A 138 -12.29 1.47 13.92
C PRO A 138 -13.08 2.44 14.79
N GLY A 139 -12.36 3.37 15.39
CA GLY A 139 -12.97 4.36 16.26
C GLY A 139 -11.97 5.45 16.65
N LYS A 140 -12.26 6.67 16.20
CA LYS A 140 -11.41 7.79 16.49
C LYS A 140 -12.26 9.05 16.70
N SER A 141 -12.96 9.43 15.64
CA SER A 141 -13.81 10.60 15.68
C SER A 141 -15.27 10.17 15.88
N GLY A 142 -15.75 9.36 14.95
CA GLY A 142 -17.12 8.88 15.01
C GLY A 142 -17.89 9.26 13.75
N PRO A 143 -19.23 9.03 13.81
CA PRO A 143 -20.09 9.35 12.68
C PRO A 143 -20.31 10.85 12.57
N SER A 144 -19.55 11.46 11.68
CA SER A 144 -19.64 12.89 11.46
C SER A 144 -19.85 13.18 9.97
N SER A 145 -21.12 13.21 9.58
CA SER A 145 -21.46 13.47 8.18
C SER A 145 -20.90 12.37 7.29
N GLY A 146 -21.75 11.38 7.02
CA GLY A 146 -21.34 10.26 6.19
C GLY A 146 -21.14 9.00 7.02
N GLY A 1 -3.90 39.08 1.40
CA GLY A 1 -4.93 38.14 1.00
C GLY A 1 -4.90 37.88 -0.51
N SER A 2 -4.52 36.66 -0.86
CA SER A 2 -4.44 36.28 -2.26
C SER A 2 -3.98 34.82 -2.37
N SER A 3 -4.94 33.94 -2.56
CA SER A 3 -4.63 32.52 -2.68
C SER A 3 -5.93 31.71 -2.85
N GLY A 4 -5.76 30.48 -3.30
CA GLY A 4 -6.90 29.61 -3.51
C GLY A 4 -6.83 28.93 -4.87
N SER A 5 -6.87 27.61 -4.85
CA SER A 5 -6.82 26.83 -6.08
C SER A 5 -7.16 25.36 -5.78
N SER A 6 -8.07 24.83 -6.58
CA SER A 6 -8.49 23.45 -6.41
C SER A 6 -9.50 23.08 -7.50
N GLY A 7 -9.74 21.78 -7.63
CA GLY A 7 -10.68 21.28 -8.61
C GLY A 7 -10.35 19.85 -9.01
N SER A 8 -11.40 19.11 -9.38
CA SER A 8 -11.23 17.73 -9.78
C SER A 8 -10.38 16.98 -8.75
N ASN A 9 -11.08 16.32 -7.84
CA ASN A 9 -10.41 15.56 -6.79
C ASN A 9 -9.54 14.47 -7.43
N PHE A 10 -8.51 14.07 -6.70
CA PHE A 10 -7.60 13.05 -7.17
C PHE A 10 -6.87 12.37 -6.01
N LEU A 11 -6.83 11.05 -6.06
CA LEU A 11 -6.17 10.28 -5.03
C LEU A 11 -5.21 9.28 -5.67
N GLU A 12 -3.93 9.63 -5.61
CA GLU A 12 -2.90 8.78 -6.19
C GLU A 12 -1.77 8.57 -5.18
N ILE A 13 -0.94 7.56 -5.47
CA ILE A 13 0.17 7.24 -4.59
C ILE A 13 1.41 6.98 -5.45
N ASP A 14 2.57 7.15 -4.81
CA ASP A 14 3.83 6.95 -5.50
C ASP A 14 4.64 5.87 -4.76
N ILE A 15 5.31 5.04 -5.54
CA ILE A 15 6.12 3.97 -4.97
C ILE A 15 7.52 4.03 -5.59
N PHE A 16 8.44 4.62 -4.84
CA PHE A 16 9.81 4.74 -5.30
C PHE A 16 10.78 4.83 -4.13
N ASN A 17 12.04 5.06 -4.45
CA ASN A 17 13.07 5.17 -3.43
C ASN A 17 13.28 3.81 -2.77
N PRO A 18 13.72 2.83 -3.60
CA PRO A 18 13.96 1.47 -3.11
C PRO A 18 15.25 1.41 -2.30
N GLN A 19 15.09 1.50 -0.98
CA GLN A 19 16.24 1.46 -0.09
C GLN A 19 16.29 0.11 0.63
N THR A 20 17.39 -0.61 0.41
CA THR A 20 17.57 -1.90 1.04
C THR A 20 18.18 -1.73 2.44
N VAL A 21 17.87 -2.70 3.29
CA VAL A 21 18.37 -2.68 4.66
C VAL A 21 19.16 -3.97 4.92
N GLY A 22 19.90 -3.95 6.02
CA GLY A 22 20.71 -5.10 6.40
C GLY A 22 21.64 -5.52 5.25
N VAL A 23 22.55 -6.42 5.58
CA VAL A 23 23.50 -6.91 4.60
C VAL A 23 23.61 -8.44 4.71
N GLY A 24 23.74 -9.07 3.56
CA GLY A 24 23.85 -10.52 3.52
C GLY A 24 22.49 -11.17 3.25
N ARG A 25 22.48 -12.49 3.31
CA ARG A 25 21.25 -13.25 3.08
C ARG A 25 20.08 -12.59 3.82
N ALA A 26 18.88 -13.03 3.47
CA ALA A 26 17.68 -12.49 4.09
C ALA A 26 17.70 -10.96 3.98
N ARG A 27 17.53 -10.48 2.75
CA ARG A 27 17.53 -9.05 2.50
C ARG A 27 16.16 -8.61 1.98
N PHE A 28 15.82 -7.37 2.28
CA PHE A 28 14.55 -6.81 1.85
C PHE A 28 14.69 -5.34 1.49
N THR A 29 13.61 -4.80 0.95
CA THR A 29 13.60 -3.40 0.55
C THR A 29 12.23 -2.77 0.83
N THR A 30 12.20 -1.45 0.75
CA THR A 30 10.96 -0.72 0.98
C THR A 30 10.80 0.41 -0.05
N TYR A 31 9.55 0.80 -0.24
CA TYR A 31 9.24 1.86 -1.19
C TYR A 31 8.56 3.04 -0.49
N GLU A 32 8.89 4.24 -0.95
CA GLU A 32 8.32 5.44 -0.39
C GLU A 32 6.89 5.64 -0.89
N VAL A 33 5.94 5.20 -0.08
CA VAL A 33 4.54 5.32 -0.42
C VAL A 33 4.08 6.76 -0.18
N ARG A 34 4.20 7.57 -1.23
CA ARG A 34 3.80 8.96 -1.14
C ARG A 34 2.37 9.14 -1.66
N MET A 35 1.44 9.21 -0.72
CA MET A 35 0.04 9.38 -1.06
C MET A 35 -0.36 10.85 -1.06
N ARG A 36 -1.23 11.21 -1.99
CA ARG A 36 -1.70 12.59 -2.10
C ARG A 36 -3.19 12.62 -2.43
N THR A 37 -3.86 13.61 -1.88
CA THR A 37 -5.29 13.77 -2.11
C THR A 37 -5.78 15.09 -1.51
N ASN A 38 -6.96 15.50 -1.96
CA ASN A 38 -7.55 16.74 -1.48
C ASN A 38 -8.91 16.43 -0.84
N LEU A 39 -9.13 15.15 -0.57
CA LEU A 39 -10.37 14.72 0.05
C LEU A 39 -10.28 14.91 1.56
N PRO A 40 -11.48 15.09 2.18
CA PRO A 40 -11.56 15.29 3.62
C PRO A 40 -11.31 13.98 4.37
N ILE A 41 -11.82 12.90 3.80
CA ILE A 41 -11.67 11.59 4.39
C ILE A 41 -10.28 11.48 5.01
N PHE A 42 -9.28 11.94 4.27
CA PHE A 42 -7.91 11.90 4.73
C PHE A 42 -7.59 13.11 5.60
N LYS A 43 -6.66 12.91 6.52
CA LYS A 43 -6.24 13.98 7.42
C LYS A 43 -5.01 14.68 6.84
N LEU A 44 -4.10 13.86 6.34
CA LEU A 44 -2.87 14.39 5.76
C LEU A 44 -3.02 14.48 4.24
N LYS A 45 -2.46 15.54 3.68
CA LYS A 45 -2.53 15.75 2.24
C LYS A 45 -1.35 15.06 1.57
N GLU A 46 -0.22 15.08 2.27
CA GLU A 46 1.00 14.47 1.75
C GLU A 46 1.81 13.86 2.89
N SER A 47 2.12 12.58 2.74
CA SER A 47 2.90 11.88 3.75
C SER A 47 3.62 10.68 3.12
N CYS A 48 4.60 10.18 3.84
CA CYS A 48 5.37 9.04 3.36
C CYS A 48 5.55 8.06 4.52
N VAL A 49 5.55 6.78 4.18
CA VAL A 49 5.70 5.74 5.18
C VAL A 49 6.33 4.50 4.53
N ARG A 50 6.83 3.61 5.37
CA ARG A 50 7.46 2.40 4.89
C ARG A 50 6.41 1.29 4.71
N ARG A 51 6.41 0.71 3.52
CA ARG A 51 5.47 -0.35 3.20
C ARG A 51 6.17 -1.45 2.40
N ARG A 52 6.03 -2.67 2.88
CA ARG A 52 6.63 -3.82 2.22
C ARG A 52 5.56 -4.70 1.59
N TYR A 53 5.99 -5.56 0.69
CA TYR A 53 5.08 -6.47 0.01
C TYR A 53 4.16 -7.19 1.00
N SER A 54 4.75 -7.54 2.14
CA SER A 54 3.99 -8.23 3.18
C SER A 54 2.93 -7.30 3.75
N ASP A 55 3.35 -6.09 4.07
CA ASP A 55 2.44 -5.11 4.63
C ASP A 55 1.18 -5.03 3.77
N PHE A 56 1.40 -4.79 2.48
CA PHE A 56 0.29 -4.68 1.55
C PHE A 56 -0.68 -5.86 1.71
N GLU A 57 -0.12 -7.06 1.70
CA GLU A 57 -0.92 -8.26 1.86
C GLU A 57 -1.93 -8.07 2.99
N TRP A 58 -1.41 -7.73 4.16
CA TRP A 58 -2.25 -7.52 5.33
C TRP A 58 -3.39 -6.58 4.93
N LEU A 59 -3.01 -5.48 4.29
CA LEU A 59 -3.99 -4.49 3.86
C LEU A 59 -5.01 -5.17 2.95
N LYS A 60 -4.49 -5.90 1.97
CA LYS A 60 -5.35 -6.59 1.02
C LYS A 60 -6.27 -7.54 1.79
N ASN A 61 -5.65 -8.51 2.44
CA ASN A 61 -6.41 -9.50 3.22
C ASN A 61 -7.44 -8.77 4.08
N GLU A 62 -6.96 -7.78 4.83
CA GLU A 62 -7.83 -7.01 5.69
C GLU A 62 -9.16 -6.73 5.00
N LEU A 63 -9.07 -6.40 3.72
CA LEU A 63 -10.25 -6.10 2.93
C LEU A 63 -11.06 -7.39 2.73
N GLU A 64 -10.41 -8.36 2.11
CA GLU A 64 -11.06 -9.64 1.85
C GLU A 64 -11.75 -10.15 3.12
N ARG A 65 -11.17 -9.79 4.26
CA ARG A 65 -11.72 -10.21 5.54
C ARG A 65 -13.08 -9.55 5.76
N ASP A 66 -13.13 -8.26 5.51
CA ASP A 66 -14.37 -7.51 5.69
C ASP A 66 -14.32 -6.25 4.82
N SER A 67 -15.02 -6.32 3.69
CA SER A 67 -15.07 -5.20 2.77
C SER A 67 -15.93 -5.56 1.55
N LYS A 68 -15.83 -6.82 1.16
CA LYS A 68 -16.59 -7.30 0.01
C LYS A 68 -15.92 -6.82 -1.28
N ILE A 69 -15.58 -5.53 -1.29
CA ILE A 69 -14.94 -4.94 -2.44
C ILE A 69 -13.99 -5.95 -3.08
N VAL A 70 -13.78 -5.80 -4.38
CA VAL A 70 -12.90 -6.70 -5.10
C VAL A 70 -11.48 -6.12 -5.08
N VAL A 71 -10.65 -6.72 -4.24
CA VAL A 71 -9.27 -6.28 -4.11
C VAL A 71 -8.44 -6.92 -5.23
N PRO A 72 -7.50 -6.09 -5.79
CA PRO A 72 -6.64 -6.56 -6.85
C PRO A 72 -5.55 -7.49 -6.32
N PRO A 73 -4.92 -8.25 -7.25
CA PRO A 73 -3.87 -9.18 -6.89
C PRO A 73 -2.57 -8.44 -6.57
N LEU A 74 -1.71 -9.12 -5.82
CA LEU A 74 -0.43 -8.54 -5.43
C LEU A 74 0.67 -9.10 -6.34
N PRO A 75 1.73 -8.28 -6.53
CA PRO A 75 2.85 -8.68 -7.37
C PRO A 75 3.73 -9.69 -6.64
N GLY A 76 3.73 -10.91 -7.17
CA GLY A 76 4.52 -11.98 -6.58
C GLY A 76 4.03 -13.34 -7.06
N LYS A 77 3.05 -13.87 -6.33
CA LYS A 77 2.49 -15.17 -6.67
C LYS A 77 3.30 -16.27 -5.97
N ALA A 78 2.68 -17.43 -5.86
CA ALA A 78 3.32 -18.57 -5.22
C ALA A 78 4.68 -18.82 -5.89
N LEU A 79 5.44 -19.74 -5.29
CA LEU A 79 6.74 -20.07 -5.82
C LEU A 79 7.36 -21.18 -4.95
N LYS A 80 8.25 -21.94 -5.56
CA LYS A 80 8.93 -23.01 -4.86
C LYS A 80 9.61 -22.45 -3.61
N ARG A 81 10.16 -21.25 -3.76
CA ARG A 81 10.83 -20.60 -2.66
C ARG A 81 11.79 -21.58 -1.97
N GLN A 82 12.91 -21.84 -2.64
CA GLN A 82 13.91 -22.74 -2.11
C GLN A 82 14.70 -22.07 -1.00
N LEU A 83 14.94 -22.83 0.07
CA LEU A 83 15.68 -22.31 1.20
C LEU A 83 17.04 -21.80 0.73
N PRO A 84 17.61 -20.86 1.53
CA PRO A 84 18.90 -20.29 1.20
C PRO A 84 20.03 -21.28 1.51
N PHE A 85 20.59 -21.85 0.45
CA PHE A 85 21.67 -22.80 0.60
C PHE A 85 22.84 -22.45 -0.32
N ARG A 86 22.50 -22.10 -1.55
CA ARG A 86 23.51 -21.73 -2.52
C ARG A 86 22.96 -20.70 -3.50
N GLY A 87 21.79 -21.02 -4.05
CA GLY A 87 21.14 -20.13 -5.01
C GLY A 87 19.79 -19.65 -4.48
N ASP A 88 19.51 -18.38 -4.71
CA ASP A 88 18.26 -17.79 -4.26
C ASP A 88 17.88 -16.64 -5.20
N GLU A 89 16.60 -16.29 -5.15
CA GLU A 89 16.09 -15.22 -5.99
C GLU A 89 16.92 -13.95 -5.80
N GLY A 90 16.97 -13.49 -4.56
CA GLY A 90 17.73 -12.30 -4.23
C GLY A 90 17.04 -11.05 -4.79
N ILE A 91 16.74 -10.12 -3.89
CA ILE A 91 16.10 -8.88 -4.28
C ILE A 91 17.15 -7.88 -4.74
N PHE A 92 17.62 -8.08 -5.97
CA PHE A 92 18.63 -7.20 -6.55
C PHE A 92 18.23 -6.74 -7.95
N GLU A 93 17.88 -7.71 -8.77
CA GLU A 93 17.48 -7.42 -10.14
C GLU A 93 16.62 -6.16 -10.19
N GLU A 94 16.99 -5.26 -11.09
CA GLU A 94 16.26 -4.01 -11.25
C GLU A 94 14.80 -4.28 -11.63
N SER A 95 14.65 -5.07 -12.69
CA SER A 95 13.32 -5.43 -13.17
C SER A 95 12.43 -5.85 -12.01
N PHE A 96 12.95 -6.79 -11.22
CA PHE A 96 12.20 -7.28 -10.07
C PHE A 96 11.71 -6.13 -9.19
N ILE A 97 12.61 -5.18 -8.96
CA ILE A 97 12.29 -4.03 -8.14
C ILE A 97 11.13 -3.26 -8.79
N GLU A 98 11.31 -2.95 -10.06
CA GLU A 98 10.29 -2.22 -10.80
C GLU A 98 8.95 -2.95 -10.72
N GLU A 99 8.96 -4.19 -11.19
CA GLU A 99 7.75 -5.00 -11.18
C GLU A 99 6.98 -4.78 -9.89
N ARG A 100 7.62 -5.12 -8.78
CA ARG A 100 7.00 -4.96 -7.48
C ARG A 100 6.67 -3.49 -7.22
N ARG A 101 7.64 -2.64 -7.49
CA ARG A 101 7.46 -1.21 -7.29
C ARG A 101 6.17 -0.74 -7.97
N GLN A 102 6.13 -0.94 -9.28
CA GLN A 102 4.96 -0.54 -10.05
C GLN A 102 3.74 -1.36 -9.63
N GLY A 103 3.94 -2.67 -9.54
CA GLY A 103 2.87 -3.56 -9.16
C GLY A 103 2.08 -2.99 -7.96
N LEU A 104 2.78 -2.85 -6.86
CA LEU A 104 2.17 -2.32 -5.65
C LEU A 104 1.47 -1.00 -5.97
N GLU A 105 2.25 -0.08 -6.52
CA GLU A 105 1.72 1.23 -6.88
C GLU A 105 0.43 1.07 -7.69
N GLN A 106 0.50 0.22 -8.69
CA GLN A 106 -0.66 -0.03 -9.55
C GLN A 106 -1.82 -0.58 -8.72
N PHE A 107 -1.48 -1.50 -7.84
CA PHE A 107 -2.49 -2.12 -6.98
C PHE A 107 -3.14 -1.07 -6.07
N ILE A 108 -2.31 -0.44 -5.25
CA ILE A 108 -2.80 0.58 -4.33
C ILE A 108 -3.46 1.70 -5.12
N ASN A 109 -3.00 1.87 -6.36
CA ASN A 109 -3.55 2.90 -7.23
C ASN A 109 -5.04 2.65 -7.44
N LYS A 110 -5.33 1.48 -8.02
CA LYS A 110 -6.70 1.11 -8.29
C LYS A 110 -7.47 0.99 -6.97
N ILE A 111 -6.77 0.46 -5.97
CA ILE A 111 -7.35 0.28 -4.65
C ILE A 111 -7.76 1.65 -4.10
N ALA A 112 -6.79 2.55 -4.07
CA ALA A 112 -7.03 3.90 -3.56
C ALA A 112 -8.24 4.50 -4.26
N GLY A 113 -8.11 4.66 -5.57
CA GLY A 113 -9.19 5.22 -6.37
C GLY A 113 -10.55 4.72 -5.88
N HIS A 114 -10.57 3.48 -5.42
CA HIS A 114 -11.79 2.88 -4.92
C HIS A 114 -12.41 3.79 -3.85
N PRO A 115 -13.70 4.13 -4.07
CA PRO A 115 -14.42 4.98 -3.14
C PRO A 115 -14.80 4.21 -1.87
N LEU A 116 -15.17 2.96 -2.06
CA LEU A 116 -15.56 2.11 -0.94
C LEU A 116 -14.36 1.95 0.00
N ALA A 117 -13.19 1.83 -0.61
CA ALA A 117 -11.97 1.66 0.16
C ALA A 117 -11.61 2.99 0.85
N GLN A 118 -11.75 4.06 0.09
CA GLN A 118 -11.46 5.39 0.61
C GLN A 118 -12.10 5.57 1.98
N ASN A 119 -13.16 4.81 2.22
CA ASN A 119 -13.86 4.88 3.49
C ASN A 119 -13.24 3.88 4.47
N GLU A 120 -12.84 2.75 3.93
CA GLU A 120 -12.23 1.70 4.75
C GLU A 120 -11.14 2.30 5.64
N ARG A 121 -11.17 1.91 6.90
CA ARG A 121 -10.18 2.40 7.85
C ARG A 121 -8.87 1.64 7.69
N CYS A 122 -8.99 0.33 7.58
CA CYS A 122 -7.81 -0.52 7.41
C CYS A 122 -6.89 0.14 6.39
N LEU A 123 -7.48 0.59 5.30
CA LEU A 123 -6.72 1.23 4.24
C LEU A 123 -6.11 2.53 4.78
N HIS A 124 -6.99 3.43 5.20
CA HIS A 124 -6.56 4.71 5.74
C HIS A 124 -5.31 4.51 6.60
N MET A 125 -5.39 3.52 7.48
CA MET A 125 -4.29 3.22 8.37
C MET A 125 -3.03 2.88 7.57
N PHE A 126 -3.17 1.91 6.68
CA PHE A 126 -2.06 1.49 5.85
C PHE A 126 -1.20 2.68 5.43
N LEU A 127 -1.85 3.81 5.26
CA LEU A 127 -1.17 5.02 4.87
C LEU A 127 -1.12 5.99 6.04
N GLN A 128 -0.20 6.94 5.97
CA GLN A 128 -0.05 7.93 7.02
C GLN A 128 0.57 7.30 8.26
N GLU A 129 -0.09 6.25 8.74
CA GLU A 129 0.39 5.55 9.92
C GLU A 129 1.62 4.70 9.58
N GLU A 130 2.77 5.18 10.04
CA GLU A 130 4.01 4.47 9.80
C GLU A 130 3.88 2.99 10.16
N ALA A 131 3.36 2.76 11.36
CA ALA A 131 3.17 1.40 11.83
C ALA A 131 1.67 1.10 11.93
N ILE A 132 1.28 0.01 11.29
CA ILE A 132 -0.11 -0.40 11.30
C ILE A 132 -0.43 -1.10 12.63
N ASP A 133 -1.26 -0.43 13.42
CA ASP A 133 -1.65 -0.98 14.71
C ASP A 133 -2.66 -2.11 14.50
N ARG A 134 -2.14 -3.33 14.49
CA ARG A 134 -2.99 -4.50 14.29
C ARG A 134 -3.92 -4.68 15.49
N ASN A 135 -4.88 -3.78 15.61
CA ASN A 135 -5.84 -3.83 16.70
C ASN A 135 -6.76 -2.61 16.63
N TYR A 136 -7.15 -2.29 15.41
CA TYR A 136 -8.02 -1.15 15.18
C TYR A 136 -9.49 -1.59 15.11
N VAL A 137 -10.37 -0.60 15.04
CA VAL A 137 -11.80 -0.88 14.97
C VAL A 137 -12.35 -0.30 13.67
N PRO A 138 -12.91 -1.21 12.83
CA PRO A 138 -13.48 -0.80 11.56
C PRO A 138 -14.84 -0.12 11.75
N GLY A 139 -14.83 1.19 11.57
CA GLY A 139 -16.04 1.98 11.73
C GLY A 139 -16.36 2.77 10.46
N LYS A 140 -17.57 2.56 9.95
CA LYS A 140 -18.00 3.25 8.75
C LYS A 140 -18.20 4.73 9.06
N SER A 141 -17.27 5.54 8.55
CA SER A 141 -17.32 6.97 8.76
C SER A 141 -17.90 7.65 7.53
N GLY A 142 -19.23 7.67 7.46
CA GLY A 142 -19.92 8.29 6.34
C GLY A 142 -21.39 7.86 6.29
N PRO A 143 -22.23 8.77 5.75
CA PRO A 143 -23.66 8.50 5.65
C PRO A 143 -23.94 7.52 4.50
N SER A 144 -23.57 6.27 4.72
CA SER A 144 -23.77 5.23 3.73
C SER A 144 -23.14 5.66 2.40
N SER A 145 -22.00 5.04 2.09
CA SER A 145 -21.29 5.35 0.87
C SER A 145 -21.27 4.12 -0.04
N GLY A 146 -22.32 3.97 -0.81
CA GLY A 146 -22.43 2.83 -1.73
C GLY A 146 -22.90 1.57 -0.99
N GLY A 1 -8.03 32.40 7.70
CA GLY A 1 -8.26 31.83 6.38
C GLY A 1 -7.16 30.82 6.03
N SER A 2 -7.57 29.75 5.36
CA SER A 2 -6.64 28.72 4.95
C SER A 2 -7.07 28.11 3.62
N SER A 3 -6.19 28.20 2.65
CA SER A 3 -6.46 27.67 1.32
C SER A 3 -7.71 28.33 0.75
N GLY A 4 -7.83 28.26 -0.57
CA GLY A 4 -8.96 28.85 -1.26
C GLY A 4 -9.00 28.43 -2.73
N SER A 5 -9.17 27.12 -2.93
CA SER A 5 -9.23 26.58 -4.27
C SER A 5 -10.15 25.36 -4.32
N SER A 6 -11.09 25.40 -5.25
CA SER A 6 -12.04 24.33 -5.41
C SER A 6 -12.03 23.82 -6.85
N GLY A 7 -12.17 22.50 -6.98
CA GLY A 7 -12.17 21.89 -8.30
C GLY A 7 -12.40 20.37 -8.19
N SER A 8 -11.90 19.66 -9.19
CA SER A 8 -12.03 18.22 -9.22
C SER A 8 -11.15 17.59 -8.14
N ASN A 9 -11.41 16.32 -7.87
CA ASN A 9 -10.65 15.58 -6.87
C ASN A 9 -9.75 14.56 -7.58
N PHE A 10 -8.71 14.15 -6.86
CA PHE A 10 -7.78 13.17 -7.40
C PHE A 10 -7.02 12.47 -6.27
N LEU A 11 -7.14 11.14 -6.26
CA LEU A 11 -6.46 10.34 -5.26
C LEU A 11 -5.47 9.38 -5.94
N GLU A 12 -4.20 9.67 -5.74
CA GLU A 12 -3.15 8.85 -6.32
C GLU A 12 -2.04 8.60 -5.30
N ILE A 13 -1.27 7.56 -5.55
CA ILE A 13 -0.17 7.20 -4.68
C ILE A 13 1.08 6.89 -5.51
N ASP A 14 2.21 7.33 -4.99
CA ASP A 14 3.47 7.11 -5.69
C ASP A 14 4.35 6.17 -4.84
N ILE A 15 5.03 5.27 -5.53
CA ILE A 15 5.90 4.32 -4.86
C ILE A 15 7.29 4.36 -5.52
N PHE A 16 8.21 5.02 -4.83
CA PHE A 16 9.57 5.13 -5.32
C PHE A 16 10.58 5.18 -4.17
N ASN A 17 11.84 5.39 -4.53
CA ASN A 17 12.89 5.45 -3.54
C ASN A 17 13.05 4.08 -2.89
N PRO A 18 13.49 3.10 -3.71
CA PRO A 18 13.69 1.74 -3.23
C PRO A 18 14.96 1.64 -2.39
N GLN A 19 14.86 0.88 -1.32
CA GLN A 19 15.99 0.69 -0.42
C GLN A 19 15.95 -0.70 0.20
N THR A 20 17.03 -1.45 -0.02
CA THR A 20 17.13 -2.80 0.52
C THR A 20 17.53 -2.76 1.99
N VAL A 21 16.93 -3.66 2.76
CA VAL A 21 17.19 -3.74 4.18
C VAL A 21 17.32 -5.21 4.59
N GLY A 22 17.87 -5.42 5.78
CA GLY A 22 18.06 -6.77 6.29
C GLY A 22 19.10 -7.53 5.48
N VAL A 23 19.72 -8.49 6.14
CA VAL A 23 20.75 -9.30 5.49
C VAL A 23 20.56 -10.77 5.89
N GLY A 24 20.74 -11.64 4.92
CA GLY A 24 20.60 -13.07 5.15
C GLY A 24 20.68 -13.85 3.84
N ARG A 25 19.51 -14.05 3.24
CA ARG A 25 19.44 -14.77 1.98
C ARG A 25 18.28 -14.24 1.13
N ALA A 26 17.10 -14.24 1.73
CA ALA A 26 15.91 -13.77 1.04
C ALA A 26 15.56 -12.36 1.55
N ARG A 27 16.59 -11.55 1.67
CA ARG A 27 16.40 -10.18 2.15
C ARG A 27 15.22 -9.53 1.44
N PHE A 28 14.84 -8.36 1.93
CA PHE A 28 13.73 -7.62 1.36
C PHE A 28 14.10 -6.16 1.12
N THR A 29 13.19 -5.45 0.48
CA THR A 29 13.40 -4.04 0.19
C THR A 29 12.17 -3.22 0.59
N THR A 30 12.40 -1.92 0.73
CA THR A 30 11.32 -1.02 1.10
C THR A 30 11.05 -0.01 -0.02
N TYR A 31 9.95 0.71 0.13
CA TYR A 31 9.58 1.70 -0.86
C TYR A 31 8.83 2.88 -0.21
N GLU A 32 9.16 4.07 -0.67
CA GLU A 32 8.54 5.28 -0.14
C GLU A 32 7.13 5.45 -0.73
N VAL A 33 6.15 5.42 0.15
CA VAL A 33 4.76 5.57 -0.27
C VAL A 33 4.34 7.03 -0.08
N ARG A 34 4.31 7.75 -1.19
CA ARG A 34 3.92 9.15 -1.17
C ARG A 34 2.54 9.33 -1.79
N MET A 35 1.56 9.56 -0.93
CA MET A 35 0.19 9.75 -1.38
C MET A 35 -0.18 11.23 -1.38
N ARG A 36 -1.14 11.57 -2.23
CA ARG A 36 -1.60 12.94 -2.33
C ARG A 36 -3.06 12.98 -2.79
N THR A 37 -3.93 13.39 -1.86
CA THR A 37 -5.35 13.47 -2.16
C THR A 37 -5.91 14.81 -1.68
N ASN A 38 -7.12 15.11 -2.14
CA ASN A 38 -7.78 16.34 -1.77
C ASN A 38 -9.15 16.03 -1.17
N LEU A 39 -9.30 14.79 -0.73
CA LEU A 39 -10.55 14.35 -0.15
C LEU A 39 -10.51 14.55 1.37
N PRO A 40 -11.71 14.72 1.97
CA PRO A 40 -11.82 14.93 3.40
C PRO A 40 -11.60 13.62 4.16
N ILE A 41 -12.11 12.54 3.58
CA ILE A 41 -11.98 11.23 4.19
C ILE A 41 -10.58 11.11 4.82
N PHE A 42 -9.59 11.54 4.06
CA PHE A 42 -8.21 11.49 4.52
C PHE A 42 -7.88 12.69 5.41
N LYS A 43 -7.34 12.38 6.59
CA LYS A 43 -6.98 13.43 7.53
C LYS A 43 -5.83 14.26 6.95
N LEU A 44 -4.77 13.57 6.58
CA LEU A 44 -3.60 14.23 6.02
C LEU A 44 -3.76 14.33 4.51
N LYS A 45 -3.17 15.38 3.95
CA LYS A 45 -3.24 15.61 2.51
C LYS A 45 -2.07 14.90 1.83
N GLU A 46 -0.91 14.97 2.47
CA GLU A 46 0.28 14.34 1.94
C GLU A 46 1.17 13.84 3.08
N SER A 47 1.75 12.66 2.85
CA SER A 47 2.61 12.06 3.84
C SER A 47 3.58 11.08 3.17
N CYS A 48 4.58 10.67 3.93
CA CYS A 48 5.58 9.74 3.42
C CYS A 48 5.81 8.66 4.48
N VAL A 49 5.63 7.41 4.06
CA VAL A 49 5.81 6.29 4.95
C VAL A 49 6.40 5.11 4.16
N ARG A 50 6.86 4.11 4.91
CA ARG A 50 7.44 2.93 4.29
C ARG A 50 6.53 1.72 4.52
N ARG A 51 6.26 1.01 3.42
CA ARG A 51 5.42 -0.15 3.48
C ARG A 51 6.03 -1.29 2.66
N ARG A 52 6.15 -2.45 3.30
CA ARG A 52 6.71 -3.61 2.65
C ARG A 52 5.64 -4.34 1.83
N TYR A 53 6.10 -5.24 0.98
CA TYR A 53 5.19 -6.00 0.14
C TYR A 53 4.21 -6.81 0.99
N SER A 54 4.62 -7.08 2.21
CA SER A 54 3.80 -7.85 3.13
C SER A 54 2.66 -6.97 3.65
N ASP A 55 3.04 -5.80 4.15
CA ASP A 55 2.06 -4.86 4.69
C ASP A 55 0.85 -4.80 3.75
N PHE A 56 1.15 -4.72 2.47
CA PHE A 56 0.10 -4.65 1.46
C PHE A 56 -0.82 -5.87 1.54
N GLU A 57 -0.19 -7.04 1.68
CA GLU A 57 -0.94 -8.28 1.76
C GLU A 57 -1.94 -8.22 2.91
N TRP A 58 -1.46 -7.79 4.06
CA TRP A 58 -2.30 -7.68 5.24
C TRP A 58 -3.37 -6.62 4.96
N LEU A 59 -2.97 -5.61 4.20
CA LEU A 59 -3.88 -4.53 3.85
C LEU A 59 -4.99 -5.09 2.96
N LYS A 60 -4.57 -5.79 1.92
CA LYS A 60 -5.52 -6.38 0.99
C LYS A 60 -6.45 -7.32 1.74
N ASN A 61 -5.86 -8.35 2.32
CA ASN A 61 -6.62 -9.34 3.06
C ASN A 61 -7.59 -8.61 4.00
N GLU A 62 -7.14 -7.48 4.51
CA GLU A 62 -7.96 -6.68 5.41
C GLU A 62 -9.25 -6.25 4.72
N LEU A 63 -9.12 -5.95 3.43
CA LEU A 63 -10.27 -5.52 2.65
C LEU A 63 -11.02 -6.75 2.14
N GLU A 64 -10.41 -7.90 2.35
CA GLU A 64 -11.00 -9.16 1.92
C GLU A 64 -11.81 -9.79 3.06
N ARG A 65 -12.67 -8.98 3.65
CA ARG A 65 -13.50 -9.44 4.75
C ARG A 65 -14.86 -9.90 4.23
N ASP A 66 -15.63 -8.94 3.74
CA ASP A 66 -16.95 -9.23 3.22
C ASP A 66 -17.73 -7.92 3.06
N SER A 67 -17.48 -7.25 1.94
CA SER A 67 -18.15 -6.00 1.65
C SER A 67 -18.28 -5.81 0.14
N LYS A 68 -18.18 -6.92 -0.57
CA LYS A 68 -18.30 -6.89 -2.02
C LYS A 68 -17.19 -6.01 -2.59
N ILE A 69 -16.20 -5.72 -1.75
CA ILE A 69 -15.08 -4.90 -2.16
C ILE A 69 -14.22 -5.67 -3.16
N VAL A 70 -13.80 -4.96 -4.20
CA VAL A 70 -12.97 -5.56 -5.23
C VAL A 70 -11.53 -5.09 -5.06
N VAL A 71 -10.70 -5.99 -4.55
CA VAL A 71 -9.30 -5.68 -4.34
C VAL A 71 -8.48 -6.24 -5.49
N PRO A 72 -7.46 -5.44 -5.92
CA PRO A 72 -6.60 -5.84 -7.02
C PRO A 72 -5.60 -6.91 -6.55
N PRO A 73 -5.03 -7.64 -7.55
CA PRO A 73 -4.07 -8.69 -7.27
C PRO A 73 -2.71 -8.09 -6.89
N LEU A 74 -2.01 -8.81 -6.02
CA LEU A 74 -0.70 -8.37 -5.56
C LEU A 74 0.37 -8.99 -6.45
N PRO A 75 1.45 -8.20 -6.71
CA PRO A 75 2.55 -8.67 -7.54
C PRO A 75 3.43 -9.65 -6.76
N GLY A 76 3.36 -10.91 -7.17
CA GLY A 76 4.14 -11.95 -6.53
C GLY A 76 3.75 -13.33 -7.04
N LYS A 77 3.73 -14.28 -6.12
CA LYS A 77 3.37 -15.65 -6.47
C LYS A 77 4.61 -16.38 -7.00
N ALA A 78 5.42 -16.85 -6.07
CA ALA A 78 6.63 -17.56 -6.42
C ALA A 78 6.73 -18.84 -5.58
N LEU A 79 6.95 -19.95 -6.28
CA LEU A 79 7.07 -21.24 -5.62
C LEU A 79 8.20 -22.04 -6.26
N LYS A 80 9.41 -21.54 -6.09
CA LYS A 80 10.58 -22.20 -6.65
C LYS A 80 10.38 -22.38 -8.16
N ARG A 81 10.71 -21.32 -8.89
CA ARG A 81 10.58 -21.34 -10.34
C ARG A 81 11.90 -21.76 -10.99
N GLN A 82 12.89 -20.90 -10.85
CA GLN A 82 14.20 -21.16 -11.41
C GLN A 82 15.24 -20.21 -10.83
N LEU A 83 15.98 -20.71 -9.86
CA LEU A 83 17.01 -19.92 -9.21
C LEU A 83 17.92 -19.31 -10.26
N PRO A 84 18.56 -18.17 -9.89
CA PRO A 84 19.47 -17.49 -10.80
C PRO A 84 20.80 -18.24 -10.93
N PHE A 85 21.81 -17.51 -11.38
CA PHE A 85 23.14 -18.09 -11.55
C PHE A 85 24.21 -17.01 -11.60
N ARG A 86 24.89 -16.85 -10.48
CA ARG A 86 25.95 -15.85 -10.38
C ARG A 86 26.60 -15.90 -9.00
N GLY A 87 25.79 -15.63 -7.98
CA GLY A 87 26.27 -15.64 -6.62
C GLY A 87 25.10 -15.58 -5.63
N ASP A 88 24.83 -14.37 -5.16
CA ASP A 88 23.74 -14.17 -4.22
C ASP A 88 22.41 -14.60 -4.86
N GLU A 89 22.05 -15.85 -4.60
CA GLU A 89 20.82 -16.39 -5.15
C GLU A 89 19.63 -15.97 -4.29
N GLY A 90 19.30 -14.69 -4.39
CA GLY A 90 18.17 -14.15 -3.63
C GLY A 90 17.41 -13.11 -4.44
N ILE A 91 16.80 -12.18 -3.72
CA ILE A 91 16.03 -11.12 -4.36
C ILE A 91 16.96 -9.96 -4.69
N PHE A 92 17.64 -10.08 -5.82
CA PHE A 92 18.56 -9.06 -6.26
C PHE A 92 18.46 -8.84 -7.77
N GLU A 93 17.52 -7.99 -8.15
CA GLU A 93 17.31 -7.68 -9.56
C GLU A 93 16.62 -6.33 -9.72
N GLU A 94 17.05 -5.59 -10.72
CA GLU A 94 16.49 -4.28 -10.98
C GLU A 94 15.02 -4.40 -11.38
N SER A 95 14.80 -5.13 -12.46
CA SER A 95 13.44 -5.34 -12.95
C SER A 95 12.52 -5.74 -11.81
N PHE A 96 12.85 -6.88 -11.20
CA PHE A 96 12.06 -7.38 -10.09
C PHE A 96 11.69 -6.25 -9.12
N ILE A 97 12.72 -5.53 -8.69
CA ILE A 97 12.53 -4.43 -7.76
C ILE A 97 11.51 -3.44 -8.35
N GLU A 98 11.58 -3.30 -9.67
CA GLU A 98 10.68 -2.39 -10.37
C GLU A 98 9.27 -2.99 -10.45
N GLU A 99 9.21 -4.19 -11.02
CA GLU A 99 7.92 -4.87 -11.16
C GLU A 99 7.13 -4.78 -9.87
N ARG A 100 7.81 -5.09 -8.77
CA ARG A 100 7.18 -5.04 -7.46
C ARG A 100 6.80 -3.61 -7.10
N ARG A 101 7.77 -2.72 -7.23
CA ARG A 101 7.55 -1.32 -6.93
C ARG A 101 6.32 -0.80 -7.66
N GLN A 102 6.44 -0.71 -8.97
CA GLN A 102 5.35 -0.24 -9.81
C GLN A 102 4.09 -1.06 -9.54
N GLY A 103 4.30 -2.36 -9.36
CA GLY A 103 3.18 -3.26 -9.10
C GLY A 103 2.33 -2.77 -7.93
N LEU A 104 2.96 -2.69 -6.77
CA LEU A 104 2.27 -2.22 -5.57
C LEU A 104 1.59 -0.89 -5.86
N GLU A 105 2.36 0.01 -6.47
CA GLU A 105 1.84 1.33 -6.81
C GLU A 105 0.52 1.20 -7.59
N GLN A 106 0.59 0.45 -8.67
CA GLN A 106 -0.58 0.24 -9.52
C GLN A 106 -1.73 -0.33 -8.68
N PHE A 107 -1.41 -1.35 -7.90
CA PHE A 107 -2.40 -1.99 -7.06
C PHE A 107 -3.10 -0.97 -6.16
N ILE A 108 -2.30 -0.28 -5.36
CA ILE A 108 -2.83 0.72 -4.45
C ILE A 108 -3.50 1.83 -5.27
N ASN A 109 -2.85 2.20 -6.36
CA ASN A 109 -3.38 3.25 -7.23
C ASN A 109 -4.84 2.93 -7.56
N LYS A 110 -5.10 1.65 -7.79
CA LYS A 110 -6.45 1.22 -8.11
C LYS A 110 -7.23 0.98 -6.83
N ILE A 111 -6.55 0.39 -5.85
CA ILE A 111 -7.17 0.11 -4.57
C ILE A 111 -7.72 1.41 -3.97
N ALA A 112 -6.88 2.43 -3.98
CA ALA A 112 -7.26 3.72 -3.46
C ALA A 112 -8.50 4.23 -4.20
N GLY A 113 -8.43 4.13 -5.52
CA GLY A 113 -9.53 4.58 -6.36
C GLY A 113 -10.86 4.02 -5.85
N HIS A 114 -10.80 2.80 -5.35
CA HIS A 114 -11.99 2.14 -4.83
C HIS A 114 -12.64 3.02 -3.77
N PRO A 115 -13.99 3.13 -3.86
CA PRO A 115 -14.74 3.94 -2.91
C PRO A 115 -14.86 3.23 -1.56
N LEU A 116 -15.20 1.96 -1.61
CA LEU A 116 -15.35 1.16 -0.40
C LEU A 116 -14.04 1.21 0.39
N ALA A 117 -12.93 1.20 -0.35
CA ALA A 117 -11.62 1.24 0.27
C ALA A 117 -11.40 2.62 0.88
N GLN A 118 -11.75 3.64 0.12
CA GLN A 118 -11.60 5.01 0.58
C GLN A 118 -12.25 5.19 1.95
N ASN A 119 -13.23 4.34 2.22
CA ASN A 119 -13.94 4.38 3.49
C ASN A 119 -13.25 3.46 4.50
N GLU A 120 -12.67 2.39 3.98
CA GLU A 120 -11.99 1.43 4.82
C GLU A 120 -10.93 2.13 5.67
N ARG A 121 -10.83 1.69 6.91
CA ARG A 121 -9.87 2.26 7.84
C ARG A 121 -8.50 1.61 7.66
N CYS A 122 -8.52 0.27 7.64
CA CYS A 122 -7.29 -0.48 7.47
C CYS A 122 -6.46 0.17 6.36
N LEU A 123 -7.17 0.72 5.39
CA LEU A 123 -6.53 1.37 4.26
C LEU A 123 -5.87 2.67 4.75
N HIS A 124 -6.68 3.48 5.42
CA HIS A 124 -6.19 4.75 5.94
C HIS A 124 -4.98 4.51 6.83
N MET A 125 -4.96 3.34 7.45
CA MET A 125 -3.87 2.97 8.33
C MET A 125 -2.59 2.67 7.54
N PHE A 126 -2.80 2.16 6.33
CA PHE A 126 -1.68 1.83 5.46
C PHE A 126 -0.98 3.09 4.96
N LEU A 127 -1.70 4.20 5.03
CA LEU A 127 -1.16 5.47 4.58
C LEU A 127 -1.06 6.42 5.78
N GLN A 128 -0.09 7.33 5.71
CA GLN A 128 0.12 8.30 6.77
C GLN A 128 0.83 7.63 7.94
N GLU A 129 0.24 6.54 8.42
CA GLU A 129 0.81 5.81 9.55
C GLU A 129 1.96 4.94 9.07
N GLU A 130 2.88 4.66 10.00
CA GLU A 130 4.04 3.84 9.69
C GLU A 130 3.75 2.38 10.04
N ALA A 131 3.48 2.14 11.32
CA ALA A 131 3.19 0.80 11.78
C ALA A 131 1.68 0.63 11.93
N ILE A 132 1.18 -0.45 11.33
CA ILE A 132 -0.24 -0.74 11.38
C ILE A 132 -0.56 -1.47 12.68
N ASP A 133 -1.35 -0.82 13.52
CA ASP A 133 -1.73 -1.39 14.79
C ASP A 133 -2.74 -2.51 14.56
N ARG A 134 -2.21 -3.66 14.17
CA ARG A 134 -3.05 -4.82 13.90
C ARG A 134 -4.19 -4.89 14.91
N ASN A 135 -5.25 -5.59 14.52
CA ASN A 135 -6.40 -5.74 15.39
C ASN A 135 -6.71 -4.40 16.06
N TYR A 136 -7.13 -3.45 15.25
CA TYR A 136 -7.46 -2.12 15.75
C TYR A 136 -8.97 -2.00 16.01
N VAL A 137 -9.35 -0.81 16.44
CA VAL A 137 -10.76 -0.54 16.73
C VAL A 137 -11.34 0.34 15.61
N PRO A 138 -12.30 -0.26 14.86
CA PRO A 138 -12.94 0.44 13.77
C PRO A 138 -13.95 1.48 14.29
N GLY A 139 -14.80 1.93 13.40
CA GLY A 139 -15.81 2.92 13.76
C GLY A 139 -16.80 2.35 14.78
N LYS A 140 -18.07 2.67 14.57
CA LYS A 140 -19.11 2.20 15.45
C LYS A 140 -19.14 0.67 15.43
N SER A 141 -18.93 0.09 16.61
CA SER A 141 -18.92 -1.36 16.73
C SER A 141 -18.77 -1.76 18.20
N GLY A 142 -18.95 -3.04 18.46
CA GLY A 142 -18.83 -3.56 19.81
C GLY A 142 -17.36 -3.64 20.24
N PRO A 143 -17.15 -3.62 21.58
CA PRO A 143 -15.81 -3.68 22.12
C PRO A 143 -15.24 -5.10 22.02
N SER A 144 -14.42 -5.30 21.00
CA SER A 144 -13.81 -6.60 20.77
C SER A 144 -12.34 -6.42 20.39
N SER A 145 -11.51 -7.32 20.90
CA SER A 145 -10.09 -7.27 20.62
C SER A 145 -9.51 -8.69 20.58
N GLY A 146 -9.06 -9.08 19.40
CA GLY A 146 -8.50 -10.40 19.22
C GLY A 146 -7.60 -10.78 20.40
N GLY A 1 -1.54 35.24 3.91
CA GLY A 1 -1.45 35.11 2.47
C GLY A 1 -2.30 33.94 1.97
N SER A 2 -1.62 32.85 1.64
CA SER A 2 -2.29 31.67 1.14
C SER A 2 -3.02 31.98 -0.16
N SER A 3 -3.23 30.94 -0.95
CA SER A 3 -3.90 31.09 -2.23
C SER A 3 -4.04 29.73 -2.92
N GLY A 4 -5.09 29.60 -3.71
CA GLY A 4 -5.34 28.36 -4.43
C GLY A 4 -6.73 28.37 -5.08
N SER A 5 -6.75 28.12 -6.38
CA SER A 5 -7.99 28.09 -7.11
C SER A 5 -8.01 26.90 -8.07
N SER A 6 -8.76 25.87 -7.68
CA SER A 6 -8.86 24.67 -8.48
C SER A 6 -10.17 23.94 -8.16
N GLY A 7 -10.55 23.04 -9.05
CA GLY A 7 -11.76 22.28 -8.87
C GLY A 7 -11.66 20.91 -9.55
N SER A 8 -11.08 19.96 -8.82
CA SER A 8 -10.91 18.62 -9.33
C SER A 8 -10.23 17.73 -8.27
N ASN A 9 -10.95 16.69 -7.88
CA ASN A 9 -10.43 15.76 -6.88
C ASN A 9 -9.52 14.74 -7.57
N PHE A 10 -8.50 14.33 -6.84
CA PHE A 10 -7.55 13.36 -7.35
C PHE A 10 -6.83 12.64 -6.21
N LEU A 11 -6.96 11.32 -6.22
CA LEU A 11 -6.33 10.50 -5.20
C LEU A 11 -5.36 9.51 -5.86
N GLU A 12 -4.08 9.81 -5.74
CA GLU A 12 -3.05 8.97 -6.32
C GLU A 12 -1.95 8.69 -5.31
N ILE A 13 -1.23 7.60 -5.54
CA ILE A 13 -0.15 7.21 -4.66
C ILE A 13 1.12 6.96 -5.48
N ASP A 14 2.26 7.18 -4.83
CA ASP A 14 3.54 6.97 -5.49
C ASP A 14 4.39 6.03 -4.65
N ILE A 15 5.09 5.13 -5.34
CA ILE A 15 5.95 4.17 -4.67
C ILE A 15 7.32 4.17 -5.34
N PHE A 16 8.27 4.82 -4.68
CA PHE A 16 9.62 4.90 -5.20
C PHE A 16 10.64 5.04 -4.07
N ASN A 17 11.89 5.22 -4.45
CA ASN A 17 12.97 5.36 -3.48
C ASN A 17 13.15 4.05 -2.73
N PRO A 18 13.55 3.00 -3.50
CA PRO A 18 13.78 1.69 -2.92
C PRO A 18 15.06 1.65 -2.10
N GLN A 19 15.03 0.88 -1.03
CA GLN A 19 16.20 0.74 -0.16
C GLN A 19 16.24 -0.65 0.45
N THR A 20 17.30 -1.38 0.13
CA THR A 20 17.48 -2.72 0.65
C THR A 20 17.98 -2.67 2.09
N VAL A 21 17.40 -3.54 2.91
CA VAL A 21 17.78 -3.61 4.32
C VAL A 21 17.77 -5.06 4.77
N GLY A 22 18.41 -5.30 5.91
CA GLY A 22 18.48 -6.64 6.46
C GLY A 22 19.89 -7.21 6.30
N VAL A 23 20.23 -8.13 7.20
CA VAL A 23 21.54 -8.76 7.16
C VAL A 23 21.39 -10.25 7.50
N GLY A 24 22.14 -11.06 6.77
CA GLY A 24 22.11 -12.49 6.98
C GLY A 24 21.62 -13.22 5.72
N ARG A 25 20.31 -13.39 5.66
CA ARG A 25 19.69 -14.06 4.52
C ARG A 25 18.30 -13.49 4.25
N ALA A 26 17.72 -13.93 3.14
CA ALA A 26 16.40 -13.46 2.76
C ALA A 26 16.29 -11.95 2.99
N ARG A 27 17.01 -11.21 2.16
CA ARG A 27 17.01 -9.76 2.26
C ARG A 27 15.72 -9.19 1.68
N PHE A 28 15.49 -7.92 1.97
CA PHE A 28 14.31 -7.24 1.48
C PHE A 28 14.56 -5.75 1.29
N THR A 29 13.56 -5.08 0.73
CA THR A 29 13.67 -3.65 0.49
C THR A 29 12.35 -2.94 0.82
N THR A 30 12.42 -1.62 0.90
CA THR A 30 11.25 -0.83 1.21
C THR A 30 10.96 0.17 0.08
N TYR A 31 9.94 0.97 0.30
CA TYR A 31 9.55 1.97 -0.69
C TYR A 31 8.90 3.18 -0.01
N GLU A 32 9.06 4.33 -0.65
CA GLU A 32 8.49 5.56 -0.13
C GLU A 32 7.08 5.78 -0.69
N VAL A 33 6.09 5.43 0.11
CA VAL A 33 4.70 5.57 -0.29
C VAL A 33 4.29 7.04 -0.14
N ARG A 34 4.36 7.75 -1.26
CA ARG A 34 3.99 9.16 -1.26
C ARG A 34 2.62 9.35 -1.92
N MET A 35 1.64 9.66 -1.08
CA MET A 35 0.28 9.87 -1.57
C MET A 35 -0.06 11.36 -1.60
N ARG A 36 -1.00 11.71 -2.46
CA ARG A 36 -1.44 13.07 -2.59
C ARG A 36 -2.93 13.14 -2.96
N THR A 37 -3.73 13.53 -1.99
CA THR A 37 -5.17 13.63 -2.19
C THR A 37 -5.67 15.00 -1.75
N ASN A 38 -6.93 15.28 -2.07
CA ASN A 38 -7.54 16.54 -1.72
C ASN A 38 -8.92 16.28 -1.12
N LEU A 39 -9.16 15.02 -0.78
CA LEU A 39 -10.43 14.62 -0.20
C LEU A 39 -10.38 14.84 1.31
N PRO A 40 -11.60 15.01 1.91
CA PRO A 40 -11.70 15.23 3.34
C PRO A 40 -11.47 13.92 4.11
N ILE A 41 -11.98 12.84 3.55
CA ILE A 41 -11.84 11.53 4.17
C ILE A 41 -10.44 11.42 4.78
N PHE A 42 -9.45 11.87 4.03
CA PHE A 42 -8.08 11.82 4.48
C PHE A 42 -7.75 13.03 5.37
N LYS A 43 -7.18 12.73 6.53
CA LYS A 43 -6.81 13.77 7.47
C LYS A 43 -5.66 14.60 6.89
N LEU A 44 -4.60 13.89 6.50
CA LEU A 44 -3.44 14.53 5.94
C LEU A 44 -3.61 14.67 4.43
N LYS A 45 -3.02 15.72 3.88
CA LYS A 45 -3.09 15.97 2.45
C LYS A 45 -1.98 15.19 1.74
N GLU A 46 -0.87 15.05 2.44
CA GLU A 46 0.27 14.34 1.88
C GLU A 46 1.20 13.88 3.00
N SER A 47 1.78 12.70 2.80
CA SER A 47 2.69 12.14 3.78
C SER A 47 3.63 11.14 3.11
N CYS A 48 4.65 10.75 3.85
CA CYS A 48 5.62 9.79 3.35
C CYS A 48 5.88 8.74 4.42
N VAL A 49 5.78 7.49 4.02
CA VAL A 49 6.00 6.38 4.94
C VAL A 49 6.60 5.20 4.17
N ARG A 50 6.90 4.14 4.92
CA ARG A 50 7.48 2.94 4.33
C ARG A 50 6.49 1.79 4.42
N ARG A 51 6.51 0.96 3.39
CA ARG A 51 5.61 -0.19 3.34
C ARG A 51 6.19 -1.26 2.41
N ARG A 52 6.27 -2.48 2.93
CA ARG A 52 6.79 -3.59 2.16
C ARG A 52 5.68 -4.23 1.32
N TYR A 53 6.06 -5.24 0.55
CA TYR A 53 5.12 -5.93 -0.30
C TYR A 53 4.19 -6.82 0.52
N SER A 54 4.69 -7.23 1.68
CA SER A 54 3.91 -8.09 2.56
C SER A 54 2.81 -7.28 3.26
N ASP A 55 3.19 -6.07 3.67
CA ASP A 55 2.25 -5.18 4.34
C ASP A 55 0.95 -5.13 3.54
N PHE A 56 1.10 -4.89 2.24
CA PHE A 56 -0.05 -4.80 1.36
C PHE A 56 -0.92 -6.06 1.47
N GLU A 57 -0.26 -7.20 1.45
CA GLU A 57 -0.96 -8.48 1.56
C GLU A 57 -1.88 -8.48 2.78
N TRP A 58 -1.40 -7.83 3.84
CA TRP A 58 -2.16 -7.76 5.07
C TRP A 58 -3.34 -6.82 4.84
N LEU A 59 -3.05 -5.69 4.21
CA LEU A 59 -4.07 -4.70 3.93
C LEU A 59 -5.12 -5.32 3.00
N LYS A 60 -4.63 -5.99 1.96
CA LYS A 60 -5.51 -6.62 1.00
C LYS A 60 -6.31 -7.72 1.70
N ASN A 61 -5.59 -8.74 2.16
CA ASN A 61 -6.22 -9.85 2.84
C ASN A 61 -7.18 -9.32 3.91
N GLU A 62 -6.84 -8.15 4.44
CA GLU A 62 -7.66 -7.53 5.46
C GLU A 62 -9.03 -7.18 4.90
N LEU A 63 -9.03 -6.80 3.63
CA LEU A 63 -10.27 -6.43 2.96
C LEU A 63 -11.10 -7.69 2.71
N GLU A 64 -10.43 -8.72 2.23
CA GLU A 64 -11.08 -9.98 1.94
C GLU A 64 -11.57 -10.63 3.23
N ARG A 65 -10.81 -10.39 4.30
CA ARG A 65 -11.14 -10.96 5.60
C ARG A 65 -12.66 -10.86 5.84
N ASP A 66 -13.12 -9.62 5.96
CA ASP A 66 -14.53 -9.38 6.19
C ASP A 66 -14.93 -8.05 5.54
N SER A 67 -15.45 -8.15 4.33
CA SER A 67 -15.88 -6.98 3.60
C SER A 67 -16.40 -7.38 2.21
N LYS A 68 -15.74 -8.38 1.64
CA LYS A 68 -16.13 -8.86 0.32
C LYS A 68 -15.83 -7.79 -0.73
N ILE A 69 -15.03 -6.82 -0.32
CA ILE A 69 -14.65 -5.73 -1.21
C ILE A 69 -13.84 -6.29 -2.37
N VAL A 70 -13.86 -5.55 -3.47
CA VAL A 70 -13.13 -5.95 -4.67
C VAL A 70 -11.68 -5.48 -4.56
N VAL A 71 -10.80 -6.42 -4.23
CA VAL A 71 -9.39 -6.11 -4.10
C VAL A 71 -8.64 -6.64 -5.32
N PRO A 72 -7.70 -5.78 -5.83
CA PRO A 72 -6.91 -6.16 -7.00
C PRO A 72 -5.84 -7.18 -6.62
N PRO A 73 -5.27 -7.82 -7.68
CA PRO A 73 -4.23 -8.83 -7.48
C PRO A 73 -2.90 -8.16 -7.12
N LEU A 74 -2.10 -8.90 -6.37
CA LEU A 74 -0.79 -8.41 -5.96
C LEU A 74 0.27 -8.88 -6.95
N PRO A 75 1.32 -8.04 -7.12
CA PRO A 75 2.41 -8.36 -8.03
C PRO A 75 3.32 -9.43 -7.42
N GLY A 76 2.89 -10.67 -7.56
CA GLY A 76 3.65 -11.79 -7.05
C GLY A 76 2.85 -13.09 -7.11
N LYS A 77 3.57 -14.19 -7.33
CA LYS A 77 2.92 -15.49 -7.41
C LYS A 77 3.83 -16.53 -6.75
N ALA A 78 5.04 -16.64 -7.26
CA ALA A 78 6.00 -17.59 -6.73
C ALA A 78 6.76 -16.94 -5.57
N LEU A 79 7.42 -17.80 -4.80
CA LEU A 79 8.18 -17.32 -3.65
C LEU A 79 9.05 -18.47 -3.11
N LYS A 80 8.35 -19.49 -2.61
CA LYS A 80 9.05 -20.65 -2.06
C LYS A 80 8.83 -21.84 -2.98
N ARG A 81 9.74 -21.99 -3.94
CA ARG A 81 9.67 -23.08 -4.89
C ARG A 81 11.06 -23.38 -5.46
N GLN A 82 11.16 -24.53 -6.10
CA GLN A 82 12.42 -24.95 -6.69
C GLN A 82 13.50 -25.06 -5.61
N LEU A 83 13.64 -26.26 -5.08
CA LEU A 83 14.63 -26.52 -4.05
C LEU A 83 15.97 -25.91 -4.47
N PRO A 84 16.91 -25.85 -3.49
CA PRO A 84 18.23 -25.29 -3.75
C PRO A 84 19.09 -26.27 -4.57
N PHE A 85 19.78 -25.70 -5.55
CA PHE A 85 20.63 -26.51 -6.41
C PHE A 85 21.84 -25.70 -6.89
N ARG A 86 23.01 -26.29 -6.71
CA ARG A 86 24.25 -25.64 -7.11
C ARG A 86 24.20 -24.15 -6.78
N GLY A 87 24.62 -23.84 -5.57
CA GLY A 87 24.63 -22.45 -5.11
C GLY A 87 23.20 -21.93 -4.91
N ASP A 88 22.82 -21.80 -3.65
CA ASP A 88 21.49 -21.32 -3.32
C ASP A 88 21.28 -19.96 -3.97
N GLU A 89 20.11 -19.80 -4.56
CA GLU A 89 19.76 -18.54 -5.23
C GLU A 89 18.27 -18.28 -5.12
N GLY A 90 17.94 -17.16 -4.47
CA GLY A 90 16.55 -16.79 -4.29
C GLY A 90 16.04 -15.96 -5.48
N ILE A 91 15.36 -14.87 -5.15
CA ILE A 91 14.82 -13.98 -6.17
C ILE A 91 15.02 -12.53 -5.74
N PHE A 92 15.94 -11.87 -6.42
CA PHE A 92 16.24 -10.48 -6.11
C PHE A 92 17.00 -9.81 -7.26
N GLU A 93 16.25 -9.10 -8.08
CA GLU A 93 16.84 -8.41 -9.22
C GLU A 93 16.16 -7.04 -9.42
N GLU A 94 16.90 -6.13 -10.04
CA GLU A 94 16.39 -4.80 -10.29
C GLU A 94 15.00 -4.88 -10.91
N SER A 95 14.91 -5.59 -12.02
CA SER A 95 13.64 -5.75 -12.72
C SER A 95 12.52 -6.02 -11.70
N PHE A 96 12.70 -7.10 -10.95
CA PHE A 96 11.72 -7.48 -9.96
C PHE A 96 11.34 -6.29 -9.06
N ILE A 97 12.38 -5.65 -8.53
CA ILE A 97 12.17 -4.50 -7.67
C ILE A 97 11.23 -3.51 -8.36
N GLU A 98 11.53 -3.23 -9.62
CA GLU A 98 10.72 -2.31 -10.40
C GLU A 98 9.29 -2.84 -10.53
N GLU A 99 9.20 -4.07 -11.02
CA GLU A 99 7.90 -4.71 -11.21
C GLU A 99 7.08 -4.61 -9.92
N ARG A 100 7.64 -5.12 -8.85
CA ARG A 100 6.97 -5.09 -7.55
C ARG A 100 6.67 -3.65 -7.15
N ARG A 101 7.71 -2.83 -7.17
CA ARG A 101 7.58 -1.43 -6.80
C ARG A 101 6.40 -0.80 -7.55
N GLN A 102 6.56 -0.68 -8.86
CA GLN A 102 5.53 -0.10 -9.70
C GLN A 102 4.21 -0.84 -9.50
N GLY A 103 4.31 -2.17 -9.51
CA GLY A 103 3.13 -2.99 -9.34
C GLY A 103 2.28 -2.51 -8.16
N LEU A 104 2.81 -2.69 -6.97
CA LEU A 104 2.12 -2.27 -5.76
C LEU A 104 1.45 -0.92 -6.01
N GLU A 105 2.27 0.04 -6.43
CA GLU A 105 1.76 1.38 -6.70
C GLU A 105 0.46 1.30 -7.50
N GLN A 106 0.47 0.45 -8.51
CA GLN A 106 -0.70 0.27 -9.35
C GLN A 106 -1.87 -0.27 -8.53
N PHE A 107 -1.63 -1.40 -7.88
CA PHE A 107 -2.64 -2.03 -7.07
C PHE A 107 -3.37 -0.99 -6.20
N ILE A 108 -2.58 -0.24 -5.44
CA ILE A 108 -3.13 0.77 -4.57
C ILE A 108 -3.75 1.89 -5.42
N ASN A 109 -2.96 2.37 -6.37
CA ASN A 109 -3.42 3.42 -7.26
C ASN A 109 -4.89 3.18 -7.62
N LYS A 110 -5.22 1.91 -7.76
CA LYS A 110 -6.59 1.53 -8.11
C LYS A 110 -7.40 1.37 -6.83
N ILE A 111 -6.95 0.45 -5.99
CA ILE A 111 -7.63 0.18 -4.74
C ILE A 111 -8.04 1.50 -4.09
N ALA A 112 -7.23 2.52 -4.34
CA ALA A 112 -7.51 3.83 -3.79
C ALA A 112 -8.82 4.36 -4.36
N GLY A 113 -8.87 4.42 -5.69
CA GLY A 113 -10.08 4.90 -6.37
C GLY A 113 -11.33 4.32 -5.73
N HIS A 114 -11.22 3.06 -5.30
CA HIS A 114 -12.34 2.39 -4.67
C HIS A 114 -12.89 3.25 -3.53
N PRO A 115 -14.22 3.50 -3.58
CA PRO A 115 -14.87 4.30 -2.56
C PRO A 115 -15.05 3.50 -1.26
N LEU A 116 -15.33 2.22 -1.43
CA LEU A 116 -15.52 1.33 -0.29
C LEU A 116 -14.21 1.23 0.49
N ALA A 117 -13.11 1.42 -0.23
CA ALA A 117 -11.80 1.36 0.38
C ALA A 117 -11.44 2.71 0.99
N GLN A 118 -11.79 3.77 0.25
CA GLN A 118 -11.52 5.11 0.70
C GLN A 118 -12.05 5.32 2.12
N ASN A 119 -13.06 4.52 2.46
CA ASN A 119 -13.66 4.61 3.78
C ASN A 119 -12.94 3.67 4.74
N GLU A 120 -12.61 2.48 4.22
CA GLU A 120 -11.92 1.48 5.03
C GLU A 120 -10.85 2.16 5.89
N ARG A 121 -10.79 1.73 7.15
CA ARG A 121 -9.83 2.28 8.08
C ARG A 121 -8.45 1.67 7.85
N CYS A 122 -8.46 0.50 7.21
CA CYS A 122 -7.22 -0.20 6.92
C CYS A 122 -6.41 0.66 5.94
N LEU A 123 -7.02 0.96 4.81
CA LEU A 123 -6.37 1.76 3.80
C LEU A 123 -5.84 3.05 4.44
N HIS A 124 -6.75 3.79 5.05
CA HIS A 124 -6.39 5.04 5.69
C HIS A 124 -5.09 4.85 6.49
N MET A 125 -5.12 3.87 7.38
CA MET A 125 -3.97 3.58 8.21
C MET A 125 -2.74 3.25 7.34
N PHE A 126 -2.94 2.30 6.44
CA PHE A 126 -1.87 1.88 5.55
C PHE A 126 -1.03 3.08 5.10
N LEU A 127 -1.73 4.15 4.75
CA LEU A 127 -1.06 5.36 4.30
C LEU A 127 -1.09 6.39 5.44
N GLN A 128 -0.27 7.41 5.27
CA GLN A 128 -0.18 8.48 6.26
C GLN A 128 0.63 8.00 7.47
N GLU A 129 0.20 6.89 8.04
CA GLU A 129 0.88 6.32 9.20
C GLU A 129 2.10 5.52 8.76
N GLU A 130 3.09 5.48 9.63
CA GLU A 130 4.32 4.75 9.35
C GLU A 130 4.15 3.27 9.73
N ALA A 131 3.87 3.06 11.01
CA ALA A 131 3.69 1.71 11.51
C ALA A 131 2.19 1.41 11.63
N ILE A 132 1.80 0.32 10.98
CA ILE A 132 0.40 -0.10 11.01
C ILE A 132 0.11 -0.85 12.31
N ASP A 133 -0.73 -0.24 13.13
CA ASP A 133 -1.10 -0.84 14.40
C ASP A 133 -2.03 -2.04 14.14
N ARG A 134 -1.43 -3.12 13.67
CA ARG A 134 -2.19 -4.32 13.38
C ARG A 134 -3.26 -4.55 14.44
N ASN A 135 -4.35 -5.18 14.03
CA ASN A 135 -5.46 -5.45 14.92
C ASN A 135 -6.01 -4.13 15.47
N TYR A 136 -6.41 -3.27 14.55
CA TYR A 136 -6.96 -1.98 14.92
C TYR A 136 -8.48 -2.03 15.01
N VAL A 137 -9.06 -0.96 15.55
CA VAL A 137 -10.50 -0.88 15.70
C VAL A 137 -11.04 0.21 14.79
N PRO A 138 -12.01 -0.18 13.92
CA PRO A 138 -12.62 0.76 13.00
C PRO A 138 -13.59 1.69 13.72
N GLY A 139 -13.04 2.49 14.61
CA GLY A 139 -13.84 3.44 15.37
C GLY A 139 -13.00 4.61 15.87
N LYS A 140 -13.59 5.41 16.72
CA LYS A 140 -12.92 6.58 17.27
C LYS A 140 -12.63 7.58 16.15
N SER A 141 -12.83 8.84 16.47
CA SER A 141 -12.61 9.90 15.50
C SER A 141 -13.52 9.71 14.30
N GLY A 142 -13.58 10.74 13.47
CA GLY A 142 -14.40 10.69 12.27
C GLY A 142 -15.06 12.05 12.01
N PRO A 143 -14.27 12.96 11.37
CA PRO A 143 -14.77 14.29 11.06
C PRO A 143 -15.74 14.25 9.87
N SER A 144 -15.47 13.33 8.95
CA SER A 144 -16.30 13.18 7.78
C SER A 144 -17.15 11.92 7.89
N SER A 145 -16.46 10.80 8.05
CA SER A 145 -17.14 9.52 8.18
C SER A 145 -18.37 9.66 9.08
N GLY A 146 -19.45 9.01 8.68
CA GLY A 146 -20.69 9.06 9.43
C GLY A 146 -21.69 8.06 8.88
N GLY A 1 -21.44 26.12 11.63
CA GLY A 1 -20.18 26.52 11.02
C GLY A 1 -20.37 26.95 9.57
N SER A 2 -19.28 27.41 8.98
CA SER A 2 -19.32 27.85 7.59
C SER A 2 -18.10 27.34 6.83
N SER A 3 -18.25 26.16 6.23
CA SER A 3 -17.18 25.56 5.48
C SER A 3 -17.74 24.56 4.46
N GLY A 4 -17.00 24.38 3.39
CA GLY A 4 -17.42 23.46 2.34
C GLY A 4 -16.71 23.78 1.02
N SER A 5 -15.42 23.47 0.99
CA SER A 5 -14.63 23.72 -0.20
C SER A 5 -14.39 22.42 -0.97
N SER A 6 -14.69 22.47 -2.26
CA SER A 6 -14.53 21.29 -3.11
C SER A 6 -14.41 21.73 -4.57
N GLY A 7 -13.52 21.06 -5.27
CA GLY A 7 -13.29 21.36 -6.68
C GLY A 7 -12.19 20.47 -7.26
N SER A 8 -12.60 19.57 -8.14
CA SER A 8 -11.66 18.66 -8.78
C SER A 8 -10.83 17.94 -7.71
N ASN A 9 -11.19 16.68 -7.47
CA ASN A 9 -10.49 15.88 -6.49
C ASN A 9 -9.60 14.87 -7.20
N PHE A 10 -8.56 14.44 -6.50
CA PHE A 10 -7.62 13.48 -7.05
C PHE A 10 -6.88 12.74 -5.94
N LEU A 11 -7.00 11.42 -5.97
CA LEU A 11 -6.35 10.58 -4.98
C LEU A 11 -5.39 9.61 -5.69
N GLU A 12 -4.11 9.91 -5.55
CA GLU A 12 -3.08 9.08 -6.16
C GLU A 12 -1.98 8.76 -5.15
N ILE A 13 -1.22 7.71 -5.46
CA ILE A 13 -0.14 7.29 -4.59
C ILE A 13 1.10 7.00 -5.43
N ASP A 14 2.24 7.42 -4.90
CA ASP A 14 3.51 7.20 -5.59
C ASP A 14 4.37 6.24 -4.78
N ILE A 15 5.06 5.37 -5.52
CA ILE A 15 5.93 4.39 -4.88
C ILE A 15 7.29 4.39 -5.57
N PHE A 16 8.26 4.98 -4.89
CA PHE A 16 9.61 5.06 -5.43
C PHE A 16 10.65 5.09 -4.32
N ASN A 17 11.90 5.26 -4.71
CA ASN A 17 12.99 5.33 -3.76
C ASN A 17 13.02 4.02 -2.94
N PRO A 18 13.44 2.93 -3.63
CA PRO A 18 13.52 1.64 -2.99
C PRO A 18 14.72 1.56 -2.05
N GLN A 19 14.53 0.87 -0.94
CA GLN A 19 15.59 0.70 0.05
C GLN A 19 15.49 -0.68 0.71
N THR A 20 16.55 -1.44 0.52
CA THR A 20 16.62 -2.78 1.09
C THR A 20 17.28 -2.75 2.47
N VAL A 21 16.63 -3.40 3.42
CA VAL A 21 17.14 -3.45 4.78
C VAL A 21 16.90 -4.85 5.36
N GLY A 22 17.60 -5.14 6.44
CA GLY A 22 17.46 -6.43 7.10
C GLY A 22 18.82 -6.96 7.53
N VAL A 23 18.82 -7.70 8.63
CA VAL A 23 20.04 -8.28 9.16
C VAL A 23 19.75 -9.71 9.65
N GLY A 24 20.71 -10.59 9.38
CA GLY A 24 20.57 -11.98 9.77
C GLY A 24 20.21 -12.86 8.58
N ARG A 25 19.00 -12.64 8.07
CA ARG A 25 18.52 -13.41 6.94
C ARG A 25 17.12 -12.93 6.54
N ALA A 26 16.64 -13.47 5.43
CA ALA A 26 15.33 -13.11 4.93
C ALA A 26 15.10 -11.61 5.12
N ARG A 27 15.82 -10.83 4.34
CA ARG A 27 15.71 -9.38 4.41
C ARG A 27 14.39 -8.92 3.79
N PHE A 28 14.17 -7.62 3.87
CA PHE A 28 12.95 -7.03 3.32
C PHE A 28 13.26 -5.71 2.61
N THR A 29 12.23 -5.19 1.93
CA THR A 29 12.38 -3.95 1.21
C THR A 29 11.10 -3.10 1.35
N THR A 30 11.30 -1.79 1.38
CA THR A 30 10.19 -0.87 1.51
C THR A 30 10.41 0.36 0.64
N TYR A 31 9.38 0.70 -0.13
CA TYR A 31 9.45 1.86 -1.01
C TYR A 31 8.81 3.08 -0.37
N GLU A 32 9.23 4.25 -0.84
CA GLU A 32 8.71 5.50 -0.32
C GLU A 32 7.31 5.78 -0.89
N VAL A 33 6.30 5.41 -0.11
CA VAL A 33 4.92 5.61 -0.54
C VAL A 33 4.54 7.08 -0.31
N ARG A 34 4.41 7.80 -1.42
CA ARG A 34 4.05 9.20 -1.36
C ARG A 34 2.64 9.40 -1.91
N MET A 35 1.70 9.57 -0.99
CA MET A 35 0.31 9.77 -1.37
C MET A 35 -0.06 11.26 -1.30
N ARG A 36 -1.05 11.62 -2.11
CA ARG A 36 -1.51 13.00 -2.15
C ARG A 36 -2.99 13.05 -2.54
N THR A 37 -3.80 13.45 -1.56
CA THR A 37 -5.24 13.55 -1.80
C THR A 37 -5.77 14.90 -1.30
N ASN A 38 -7.01 15.17 -1.64
CA ASN A 38 -7.64 16.42 -1.25
C ASN A 38 -9.01 16.12 -0.64
N LEU A 39 -9.20 14.87 -0.24
CA LEU A 39 -10.45 14.45 0.35
C LEU A 39 -10.36 14.57 1.87
N PRO A 40 -11.55 14.74 2.51
CA PRO A 40 -11.62 14.87 3.95
C PRO A 40 -11.40 13.52 4.64
N ILE A 41 -11.96 12.48 4.03
CA ILE A 41 -11.83 11.15 4.56
C ILE A 41 -10.43 10.96 5.15
N PHE A 42 -9.44 11.42 4.39
CA PHE A 42 -8.06 11.31 4.81
C PHE A 42 -7.69 12.44 5.77
N LYS A 43 -7.08 12.05 6.89
CA LYS A 43 -6.67 13.02 7.89
C LYS A 43 -5.58 13.92 7.32
N LEU A 44 -4.52 13.29 6.83
CA LEU A 44 -3.42 14.02 6.25
C LEU A 44 -3.63 14.18 4.75
N LYS A 45 -3.23 15.33 4.23
CA LYS A 45 -3.38 15.62 2.81
C LYS A 45 -2.26 14.91 2.04
N GLU A 46 -1.13 14.76 2.70
CA GLU A 46 0.02 14.11 2.09
C GLU A 46 1.06 13.75 3.16
N SER A 47 1.71 12.62 2.94
CA SER A 47 2.73 12.15 3.87
C SER A 47 3.71 11.23 3.15
N CYS A 48 4.78 10.90 3.85
CA CYS A 48 5.81 10.03 3.30
C CYS A 48 6.01 8.85 4.25
N VAL A 49 5.72 7.67 3.75
CA VAL A 49 5.87 6.46 4.55
C VAL A 49 6.51 5.37 3.69
N ARG A 50 6.84 4.26 4.34
CA ARG A 50 7.47 3.14 3.66
C ARG A 50 6.66 1.87 3.90
N ARG A 51 6.26 1.24 2.80
CA ARG A 51 5.48 0.02 2.87
C ARG A 51 6.17 -1.09 2.08
N ARG A 52 5.91 -2.32 2.51
CA ARG A 52 6.50 -3.47 1.85
C ARG A 52 5.41 -4.40 1.32
N TYR A 53 5.74 -5.09 0.24
CA TYR A 53 4.79 -6.01 -0.38
C TYR A 53 4.01 -6.79 0.68
N SER A 54 4.74 -7.24 1.70
CA SER A 54 4.12 -7.99 2.78
C SER A 54 2.95 -7.20 3.37
N ASP A 55 3.19 -5.91 3.59
CA ASP A 55 2.17 -5.04 4.14
C ASP A 55 0.91 -5.11 3.27
N PHE A 56 1.11 -4.81 1.99
CA PHE A 56 0.01 -4.83 1.04
C PHE A 56 -0.81 -6.12 1.19
N GLU A 57 -0.10 -7.22 1.36
CA GLU A 57 -0.75 -8.51 1.52
C GLU A 57 -1.65 -8.51 2.76
N TRP A 58 -1.08 -8.03 3.86
CA TRP A 58 -1.83 -7.98 5.11
C TRP A 58 -3.00 -7.02 4.91
N LEU A 59 -2.72 -5.91 4.25
CA LEU A 59 -3.74 -4.91 3.99
C LEU A 59 -4.84 -5.52 3.12
N LYS A 60 -4.42 -6.11 2.02
CA LYS A 60 -5.36 -6.74 1.10
C LYS A 60 -6.17 -7.80 1.84
N ASN A 61 -5.48 -8.86 2.22
CA ASN A 61 -6.13 -9.95 2.94
C ASN A 61 -7.00 -9.37 4.06
N GLU A 62 -6.53 -8.28 4.63
CA GLU A 62 -7.27 -7.62 5.69
C GLU A 62 -8.54 -6.96 5.14
N LEU A 63 -8.41 -6.40 3.96
CA LEU A 63 -9.54 -5.74 3.31
C LEU A 63 -10.65 -6.76 3.09
N GLU A 64 -10.26 -7.95 2.65
CA GLU A 64 -11.20 -9.01 2.39
C GLU A 64 -11.57 -9.73 3.70
N ARG A 65 -11.82 -8.93 4.72
CA ARG A 65 -12.17 -9.47 6.02
C ARG A 65 -13.70 -9.55 6.16
N ASP A 66 -14.33 -8.38 6.22
CA ASP A 66 -15.77 -8.31 6.36
C ASP A 66 -16.33 -7.35 5.31
N SER A 67 -16.30 -7.80 4.06
CA SER A 67 -16.80 -6.99 2.97
C SER A 67 -16.40 -7.62 1.63
N LYS A 68 -17.37 -7.68 0.73
CA LYS A 68 -17.13 -8.24 -0.59
C LYS A 68 -16.52 -7.18 -1.50
N ILE A 69 -15.54 -6.48 -0.96
CA ILE A 69 -14.87 -5.43 -1.72
C ILE A 69 -14.03 -6.06 -2.83
N VAL A 70 -13.82 -5.29 -3.88
CA VAL A 70 -13.04 -5.77 -5.02
C VAL A 70 -11.60 -5.27 -4.87
N VAL A 71 -10.74 -6.17 -4.39
CA VAL A 71 -9.34 -5.84 -4.20
C VAL A 71 -8.53 -6.40 -5.38
N PRO A 72 -7.58 -5.56 -5.87
CA PRO A 72 -6.74 -5.96 -6.98
C PRO A 72 -5.66 -6.95 -6.53
N PRO A 73 -5.13 -7.71 -7.52
CA PRO A 73 -4.10 -8.70 -7.23
C PRO A 73 -2.75 -8.03 -6.96
N LEU A 74 -1.93 -8.70 -6.16
CA LEU A 74 -0.62 -8.19 -5.82
C LEU A 74 0.41 -8.77 -6.79
N PRO A 75 1.49 -7.96 -7.03
CA PRO A 75 2.55 -8.38 -7.92
C PRO A 75 3.44 -9.44 -7.27
N GLY A 76 3.11 -10.70 -7.53
CA GLY A 76 3.87 -11.80 -6.96
C GLY A 76 3.39 -13.14 -7.54
N LYS A 77 3.82 -13.41 -8.76
CA LYS A 77 3.45 -14.64 -9.44
C LYS A 77 4.72 -15.33 -9.95
N ALA A 78 5.14 -16.34 -9.21
CA ALA A 78 6.33 -17.09 -9.58
C ALA A 78 5.93 -18.53 -9.93
N LEU A 79 6.87 -19.24 -10.53
CA LEU A 79 6.63 -20.62 -10.92
C LEU A 79 7.29 -21.55 -9.91
N LYS A 80 6.46 -22.30 -9.20
CA LYS A 80 6.94 -23.23 -8.20
C LYS A 80 7.77 -24.32 -8.88
N ARG A 81 8.65 -24.92 -8.10
CA ARG A 81 9.52 -25.98 -8.61
C ARG A 81 10.34 -25.47 -9.78
N GLN A 82 11.38 -26.22 -10.11
CA GLN A 82 12.26 -25.85 -11.20
C GLN A 82 11.97 -26.71 -12.43
N LEU A 83 11.24 -26.13 -13.37
CA LEU A 83 10.88 -26.84 -14.59
C LEU A 83 12.06 -26.79 -15.56
N PRO A 84 12.06 -27.75 -16.52
CA PRO A 84 13.12 -27.84 -17.51
C PRO A 84 12.96 -26.74 -18.57
N PHE A 85 13.98 -26.62 -19.40
CA PHE A 85 13.97 -25.63 -20.46
C PHE A 85 13.82 -24.22 -19.88
N ARG A 86 14.97 -23.58 -19.67
CA ARG A 86 14.97 -22.24 -19.11
C ARG A 86 14.44 -22.23 -17.68
N GLY A 87 15.37 -22.26 -16.74
CA GLY A 87 15.02 -22.28 -15.34
C GLY A 87 15.68 -21.12 -14.59
N ASP A 88 16.49 -21.47 -13.62
CA ASP A 88 17.19 -20.48 -12.83
C ASP A 88 16.18 -19.57 -12.13
N GLU A 89 15.82 -19.95 -10.91
CA GLU A 89 14.86 -19.19 -10.13
C GLU A 89 15.56 -18.06 -9.39
N GLY A 90 16.01 -17.07 -10.15
CA GLY A 90 16.70 -15.92 -9.57
C GLY A 90 15.70 -14.84 -9.16
N ILE A 91 15.38 -14.82 -7.88
CA ILE A 91 14.44 -13.84 -7.35
C ILE A 91 15.22 -12.67 -6.74
N PHE A 92 16.13 -12.13 -7.54
CA PHE A 92 16.94 -11.02 -7.09
C PHE A 92 17.53 -10.26 -8.28
N GLU A 93 16.84 -9.21 -8.68
CA GLU A 93 17.29 -8.39 -9.79
C GLU A 93 16.57 -7.04 -9.79
N GLU A 94 17.30 -6.02 -10.20
CA GLU A 94 16.74 -4.67 -10.26
C GLU A 94 15.35 -4.69 -10.91
N SER A 95 15.25 -5.50 -11.96
CA SER A 95 13.99 -5.61 -12.68
C SER A 95 12.86 -5.97 -11.71
N PHE A 96 13.03 -7.09 -11.03
CA PHE A 96 12.04 -7.55 -10.07
C PHE A 96 11.57 -6.40 -9.19
N ILE A 97 12.53 -5.79 -8.51
CA ILE A 97 12.22 -4.68 -7.62
C ILE A 97 11.31 -3.69 -8.35
N GLU A 98 11.80 -3.21 -9.48
CA GLU A 98 11.05 -2.26 -10.28
C GLU A 98 9.66 -2.80 -10.59
N GLU A 99 9.65 -4.04 -11.07
CA GLU A 99 8.40 -4.70 -11.41
C GLU A 99 7.44 -4.69 -10.22
N ARG A 100 7.91 -5.24 -9.11
CA ARG A 100 7.11 -5.30 -7.91
C ARG A 100 6.63 -3.90 -7.52
N ARG A 101 7.57 -2.99 -7.39
CA ARG A 101 7.25 -1.62 -7.03
C ARG A 101 6.09 -1.10 -7.89
N GLN A 102 6.36 -0.97 -9.18
CA GLN A 102 5.36 -0.50 -10.12
C GLN A 102 4.00 -1.12 -9.80
N GLY A 103 3.96 -2.44 -9.87
CA GLY A 103 2.74 -3.18 -9.59
C GLY A 103 2.02 -2.58 -8.37
N LEU A 104 2.69 -2.67 -7.23
CA LEU A 104 2.13 -2.17 -5.99
C LEU A 104 1.49 -0.80 -6.25
N GLU A 105 2.33 0.13 -6.71
CA GLU A 105 1.87 1.48 -6.99
C GLU A 105 0.52 1.43 -7.72
N GLN A 106 0.45 0.57 -8.73
CA GLN A 106 -0.77 0.42 -9.50
C GLN A 106 -1.90 -0.10 -8.61
N PHE A 107 -1.63 -1.24 -7.98
CA PHE A 107 -2.62 -1.86 -7.10
C PHE A 107 -3.28 -0.81 -6.21
N ILE A 108 -2.46 -0.13 -5.43
CA ILE A 108 -2.96 0.90 -4.53
C ILE A 108 -3.64 2.00 -5.34
N ASN A 109 -2.94 2.46 -6.36
CA ASN A 109 -3.46 3.51 -7.22
C ASN A 109 -4.92 3.19 -7.56
N LYS A 110 -5.19 1.92 -7.76
CA LYS A 110 -6.54 1.48 -8.09
C LYS A 110 -7.32 1.23 -6.80
N ILE A 111 -6.63 0.64 -5.84
CA ILE A 111 -7.25 0.33 -4.55
C ILE A 111 -7.80 1.62 -3.95
N ALA A 112 -6.98 2.65 -3.95
CA ALA A 112 -7.37 3.94 -3.40
C ALA A 112 -8.64 4.42 -4.12
N GLY A 113 -8.53 4.53 -5.44
CA GLY A 113 -9.64 4.98 -6.25
C GLY A 113 -10.95 4.38 -5.75
N HIS A 114 -10.85 3.16 -5.24
CA HIS A 114 -12.02 2.45 -4.74
C HIS A 114 -12.67 3.29 -3.63
N PRO A 115 -14.01 3.43 -3.75
CA PRO A 115 -14.77 4.20 -2.75
C PRO A 115 -14.93 3.42 -1.45
N LEU A 116 -15.26 2.14 -1.61
CA LEU A 116 -15.45 1.27 -0.46
C LEU A 116 -14.17 1.28 0.39
N ALA A 117 -13.04 1.34 -0.30
CA ALA A 117 -11.76 1.35 0.39
C ALA A 117 -11.55 2.72 1.04
N GLN A 118 -11.79 3.77 0.25
CA GLN A 118 -11.63 5.12 0.74
C GLN A 118 -12.31 5.27 2.11
N ASN A 119 -13.30 4.42 2.35
CA ASN A 119 -14.03 4.46 3.60
C ASN A 119 -13.31 3.58 4.63
N GLU A 120 -12.88 2.41 4.17
CA GLU A 120 -12.18 1.49 5.05
C GLU A 120 -11.05 2.20 5.78
N ARG A 121 -10.92 1.87 7.05
CA ARG A 121 -9.87 2.48 7.88
C ARG A 121 -8.55 1.73 7.69
N CYS A 122 -8.66 0.41 7.64
CA CYS A 122 -7.49 -0.43 7.46
C CYS A 122 -6.62 0.19 6.37
N LEU A 123 -7.28 0.66 5.32
CA LEU A 123 -6.58 1.26 4.20
C LEU A 123 -5.81 2.49 4.69
N HIS A 124 -6.56 3.43 5.26
CA HIS A 124 -5.96 4.65 5.78
C HIS A 124 -4.63 4.33 6.46
N MET A 125 -4.72 3.51 7.50
CA MET A 125 -3.54 3.11 8.25
C MET A 125 -2.35 2.91 7.32
N PHE A 126 -2.53 2.01 6.37
CA PHE A 126 -1.49 1.70 5.41
C PHE A 126 -0.71 2.96 5.02
N LEU A 127 -1.42 4.08 5.04
CA LEU A 127 -0.81 5.35 4.69
C LEU A 127 -0.77 6.24 5.94
N GLN A 128 0.15 7.19 5.93
CA GLN A 128 0.30 8.11 7.04
C GLN A 128 1.03 7.42 8.21
N GLU A 129 0.48 6.28 8.61
CA GLU A 129 1.06 5.52 9.71
C GLU A 129 2.37 4.89 9.28
N GLU A 130 3.45 5.33 9.92
CA GLU A 130 4.77 4.82 9.60
C GLU A 130 4.76 3.29 9.60
N ALA A 131 4.23 2.73 10.68
CA ALA A 131 4.16 1.29 10.81
C ALA A 131 2.68 0.86 10.81
N ILE A 132 2.48 -0.44 10.61
CA ILE A 132 1.13 -0.99 10.58
C ILE A 132 0.75 -1.46 11.99
N ASP A 133 -0.07 -0.65 12.64
CA ASP A 133 -0.53 -0.97 13.98
C ASP A 133 -1.70 -1.95 13.90
N ARG A 134 -1.37 -3.20 13.64
CA ARG A 134 -2.39 -4.23 13.54
C ARG A 134 -3.48 -4.01 14.59
N ASN A 135 -4.72 -4.01 14.11
CA ASN A 135 -5.85 -3.81 14.98
C ASN A 135 -6.09 -2.31 15.17
N TYR A 136 -5.01 -1.61 15.49
CA TYR A 136 -5.08 -0.17 15.70
C TYR A 136 -6.37 0.21 16.42
N VAL A 137 -6.74 1.48 16.28
CA VAL A 137 -7.95 1.99 16.91
C VAL A 137 -8.84 2.63 15.85
N PRO A 138 -10.03 2.00 15.64
CA PRO A 138 -10.97 2.51 14.65
C PRO A 138 -11.69 3.76 15.18
N GLY A 139 -11.19 4.91 14.73
CA GLY A 139 -11.77 6.18 15.14
C GLY A 139 -10.69 7.26 15.23
N LYS A 140 -10.78 8.21 14.31
CA LYS A 140 -9.83 9.31 14.29
C LYS A 140 -10.58 10.63 14.09
N SER A 141 -10.15 11.63 14.85
CA SER A 141 -10.77 12.94 14.78
C SER A 141 -9.70 14.02 14.65
N GLY A 142 -9.98 14.98 13.78
CA GLY A 142 -9.05 16.08 13.55
C GLY A 142 -9.06 16.50 12.08
N PRO A 143 -10.11 17.28 11.71
CA PRO A 143 -10.26 17.75 10.34
C PRO A 143 -9.28 18.89 10.06
N SER A 144 -8.75 18.88 8.84
CA SER A 144 -7.79 19.90 8.43
C SER A 144 -8.45 20.86 7.43
N SER A 145 -8.92 20.29 6.33
CA SER A 145 -9.57 21.07 5.29
C SER A 145 -8.70 22.26 4.92
N GLY A 146 -7.81 22.03 3.96
CA GLY A 146 -6.91 23.08 3.50
C GLY A 146 -7.47 23.77 2.25
N GLY A 1 -4.76 35.78 3.70
CA GLY A 1 -4.77 34.44 4.26
C GLY A 1 -6.01 33.67 3.81
N SER A 2 -7.16 34.13 4.26
CA SER A 2 -8.41 33.49 3.91
C SER A 2 -8.46 33.22 2.41
N SER A 3 -9.45 32.43 2.01
CA SER A 3 -9.62 32.08 0.61
C SER A 3 -8.37 31.36 0.10
N GLY A 4 -8.58 30.53 -0.91
CA GLY A 4 -7.49 29.78 -1.51
C GLY A 4 -7.77 28.28 -1.47
N SER A 5 -8.51 27.82 -2.46
CA SER A 5 -8.85 26.42 -2.55
C SER A 5 -9.78 26.18 -3.74
N SER A 6 -9.28 25.42 -4.71
CA SER A 6 -10.04 25.12 -5.91
C SER A 6 -9.25 24.15 -6.80
N GLY A 7 -9.99 23.23 -7.41
CA GLY A 7 -9.38 22.25 -8.29
C GLY A 7 -10.06 20.90 -8.15
N SER A 8 -10.02 20.14 -9.23
CA SER A 8 -10.63 18.81 -9.26
C SER A 8 -9.99 17.93 -8.18
N ASN A 9 -10.62 16.80 -7.93
CA ASN A 9 -10.12 15.86 -6.93
C ASN A 9 -9.24 14.82 -7.61
N PHE A 10 -8.20 14.41 -6.90
CA PHE A 10 -7.28 13.43 -7.42
C PHE A 10 -6.59 12.67 -6.28
N LEU A 11 -6.72 11.35 -6.34
CA LEU A 11 -6.12 10.50 -5.33
C LEU A 11 -5.18 9.49 -6.00
N GLU A 12 -3.89 9.65 -5.73
CA GLU A 12 -2.89 8.77 -6.31
C GLU A 12 -1.75 8.54 -5.31
N ILE A 13 -1.08 7.42 -5.48
CA ILE A 13 0.03 7.07 -4.61
C ILE A 13 1.27 6.80 -5.45
N ASP A 14 2.43 7.10 -4.87
CA ASP A 14 3.69 6.90 -5.56
C ASP A 14 4.50 5.83 -4.83
N ILE A 15 5.28 5.09 -5.61
CA ILE A 15 6.11 4.03 -5.05
C ILE A 15 7.53 4.15 -5.61
N PHE A 16 8.39 4.75 -4.81
CA PHE A 16 9.78 4.93 -5.21
C PHE A 16 10.70 4.98 -3.98
N ASN A 17 11.96 5.25 -4.25
CA ASN A 17 12.96 5.34 -3.19
C ASN A 17 13.09 3.97 -2.52
N PRO A 18 13.56 2.98 -3.33
CA PRO A 18 13.73 1.63 -2.83
C PRO A 18 14.98 1.53 -1.95
N GLN A 19 14.83 0.86 -0.81
CA GLN A 19 15.93 0.69 0.11
C GLN A 19 15.91 -0.72 0.71
N THR A 20 17.05 -1.38 0.64
CA THR A 20 17.18 -2.72 1.16
C THR A 20 17.74 -2.69 2.58
N VAL A 21 17.43 -3.74 3.33
CA VAL A 21 17.90 -3.84 4.70
C VAL A 21 19.16 -4.71 4.75
N GLY A 22 19.83 -4.65 5.88
CA GLY A 22 21.06 -5.42 6.07
C GLY A 22 20.78 -6.92 5.94
N VAL A 23 21.74 -7.61 5.35
CA VAL A 23 21.61 -9.04 5.15
C VAL A 23 21.19 -9.69 6.47
N GLY A 24 20.74 -10.94 6.38
CA GLY A 24 20.30 -11.67 7.54
C GLY A 24 19.53 -12.93 7.14
N ARG A 25 18.46 -12.72 6.39
CA ARG A 25 17.63 -13.82 5.93
C ARG A 25 16.52 -13.31 5.03
N ALA A 26 16.42 -13.89 3.85
CA ALA A 26 15.40 -13.50 2.90
C ALA A 26 15.27 -11.97 2.89
N ARG A 27 16.41 -11.31 2.81
CA ARG A 27 16.44 -9.86 2.79
C ARG A 27 15.27 -9.32 1.97
N PHE A 28 14.83 -8.12 2.36
CA PHE A 28 13.72 -7.48 1.68
C PHE A 28 13.97 -5.99 1.51
N THR A 29 13.05 -5.34 0.80
CA THR A 29 13.16 -3.91 0.55
C THR A 29 11.79 -3.25 0.65
N THR A 30 11.80 -1.99 1.06
CA THR A 30 10.57 -1.24 1.21
C THR A 30 10.46 -0.18 0.10
N TYR A 31 9.42 0.63 0.21
CA TYR A 31 9.19 1.68 -0.78
C TYR A 31 8.51 2.89 -0.13
N GLU A 32 8.88 4.07 -0.62
CA GLU A 32 8.32 5.30 -0.11
C GLU A 32 6.93 5.54 -0.71
N VAL A 33 5.92 5.15 0.05
CA VAL A 33 4.54 5.31 -0.39
C VAL A 33 4.12 6.78 -0.20
N ARG A 34 4.32 7.55 -1.25
CA ARG A 34 3.97 8.96 -1.22
C ARG A 34 2.60 9.19 -1.87
N MET A 35 1.62 9.47 -1.03
CA MET A 35 0.27 9.71 -1.50
C MET A 35 -0.06 11.21 -1.51
N ARG A 36 -1.00 11.57 -2.36
CA ARG A 36 -1.41 12.96 -2.47
C ARG A 36 -2.88 13.04 -2.88
N THR A 37 -3.69 13.58 -1.97
CA THR A 37 -5.11 13.72 -2.23
C THR A 37 -5.61 15.07 -1.72
N ASN A 38 -6.85 15.37 -2.06
CA ASN A 38 -7.46 16.63 -1.64
C ASN A 38 -8.84 16.35 -1.05
N LEU A 39 -9.09 15.08 -0.80
CA LEU A 39 -10.37 14.67 -0.23
C LEU A 39 -10.34 14.87 1.28
N PRO A 40 -11.56 15.06 1.87
CA PRO A 40 -11.69 15.26 3.30
C PRO A 40 -11.47 13.95 4.07
N ILE A 41 -11.98 12.88 3.48
CA ILE A 41 -11.86 11.57 4.10
C ILE A 41 -10.47 11.44 4.73
N PHE A 42 -9.46 11.88 3.99
CA PHE A 42 -8.10 11.83 4.47
C PHE A 42 -7.77 13.03 5.35
N LYS A 43 -7.08 12.76 6.46
CA LYS A 43 -6.70 13.80 7.39
C LYS A 43 -5.55 14.61 6.79
N LEU A 44 -4.49 13.89 6.43
CA LEU A 44 -3.32 14.54 5.86
C LEU A 44 -3.48 14.62 4.34
N LYS A 45 -2.98 15.71 3.78
CA LYS A 45 -3.07 15.92 2.34
C LYS A 45 -1.96 15.13 1.65
N GLU A 46 -0.86 14.98 2.36
CA GLU A 46 0.29 14.25 1.83
C GLU A 46 1.11 13.64 2.96
N SER A 47 1.61 12.44 2.71
CA SER A 47 2.41 11.75 3.70
C SER A 47 3.31 10.72 3.03
N CYS A 48 4.40 10.39 3.70
CA CYS A 48 5.35 9.42 3.17
C CYS A 48 5.67 8.41 4.28
N VAL A 49 5.39 7.15 3.97
CA VAL A 49 5.64 6.07 4.92
C VAL A 49 6.55 5.02 4.27
N ARG A 50 6.95 4.06 5.08
CA ARG A 50 7.80 2.98 4.60
C ARG A 50 7.15 1.62 4.87
N ARG A 51 6.89 0.91 3.79
CA ARG A 51 6.27 -0.40 3.89
C ARG A 51 6.70 -1.29 2.73
N ARG A 52 6.66 -2.59 2.96
CA ARG A 52 7.05 -3.56 1.94
C ARG A 52 5.82 -4.26 1.39
N TYR A 53 6.05 -5.09 0.38
CA TYR A 53 4.97 -5.84 -0.24
C TYR A 53 4.13 -6.56 0.81
N SER A 54 4.80 -6.98 1.87
CA SER A 54 4.13 -7.68 2.95
C SER A 54 3.02 -6.80 3.54
N ASP A 55 3.15 -5.51 3.31
CA ASP A 55 2.16 -4.56 3.81
C ASP A 55 0.86 -4.72 3.02
N PHE A 56 0.95 -4.38 1.74
CA PHE A 56 -0.21 -4.47 0.87
C PHE A 56 -0.94 -5.81 1.06
N GLU A 57 -0.15 -6.85 1.27
CA GLU A 57 -0.70 -8.18 1.47
C GLU A 57 -1.58 -8.21 2.72
N TRP A 58 -1.07 -7.60 3.79
CA TRP A 58 -1.79 -7.54 5.04
C TRP A 58 -3.04 -6.68 4.83
N LEU A 59 -2.85 -5.59 4.11
CA LEU A 59 -3.95 -4.68 3.82
C LEU A 59 -5.02 -5.41 3.01
N LYS A 60 -4.57 -6.01 1.91
CA LYS A 60 -5.47 -6.74 1.04
C LYS A 60 -6.21 -7.80 1.86
N ASN A 61 -5.44 -8.75 2.37
CA ASN A 61 -6.01 -9.82 3.16
C ASN A 61 -6.95 -9.22 4.22
N GLU A 62 -6.57 -8.06 4.71
CA GLU A 62 -7.36 -7.37 5.71
C GLU A 62 -8.71 -6.95 5.13
N LEU A 63 -8.66 -6.47 3.90
CA LEU A 63 -9.88 -6.03 3.22
C LEU A 63 -10.79 -7.23 3.00
N GLU A 64 -10.21 -8.30 2.47
CA GLU A 64 -10.97 -9.51 2.21
C GLU A 64 -11.40 -10.16 3.53
N ARG A 65 -10.56 -9.99 4.53
CA ARG A 65 -10.85 -10.55 5.84
C ARG A 65 -12.29 -10.26 6.25
N ASP A 66 -12.56 -8.98 6.47
CA ASP A 66 -13.88 -8.55 6.85
C ASP A 66 -14.30 -7.36 5.99
N SER A 67 -14.82 -7.68 4.81
CA SER A 67 -15.26 -6.64 3.88
C SER A 67 -15.50 -7.26 2.50
N LYS A 68 -16.70 -7.00 1.98
CA LYS A 68 -17.07 -7.52 0.68
C LYS A 68 -16.59 -6.55 -0.41
N ILE A 69 -15.35 -6.10 -0.26
CA ILE A 69 -14.77 -5.17 -1.20
C ILE A 69 -13.97 -5.95 -2.25
N VAL A 70 -13.85 -5.35 -3.44
CA VAL A 70 -13.13 -5.97 -4.52
C VAL A 70 -11.67 -5.49 -4.50
N VAL A 71 -10.81 -6.35 -3.99
CA VAL A 71 -9.39 -6.02 -3.90
C VAL A 71 -8.68 -6.52 -5.16
N PRO A 72 -7.76 -5.68 -5.67
CA PRO A 72 -7.01 -6.02 -6.87
C PRO A 72 -5.92 -7.06 -6.55
N PRO A 73 -5.34 -7.63 -7.64
CA PRO A 73 -4.30 -8.63 -7.50
C PRO A 73 -2.98 -7.99 -7.08
N LEU A 74 -2.25 -8.71 -6.23
CA LEU A 74 -0.97 -8.23 -5.75
C LEU A 74 0.16 -8.86 -6.57
N PRO A 75 1.27 -8.09 -6.69
CA PRO A 75 2.43 -8.57 -7.44
C PRO A 75 3.20 -9.63 -6.66
N GLY A 76 2.51 -10.73 -6.40
CA GLY A 76 3.11 -11.83 -5.66
C GLY A 76 3.53 -12.95 -6.61
N LYS A 77 4.83 -13.13 -6.74
CA LYS A 77 5.37 -14.16 -7.60
C LYS A 77 5.75 -15.38 -6.77
N ALA A 78 5.18 -16.51 -7.15
CA ALA A 78 5.45 -17.75 -6.44
C ALA A 78 4.97 -18.93 -7.30
N LEU A 79 5.94 -19.73 -7.74
CA LEU A 79 5.63 -20.89 -8.56
C LEU A 79 6.81 -21.87 -8.50
N LYS A 80 7.94 -21.41 -8.99
CA LYS A 80 9.14 -22.23 -9.01
C LYS A 80 9.34 -22.86 -7.63
N ARG A 81 10.16 -23.90 -7.60
CA ARG A 81 10.44 -24.60 -6.36
C ARG A 81 11.94 -24.82 -6.19
N GLN A 82 12.43 -24.52 -5.00
CA GLN A 82 13.85 -24.67 -4.71
C GLN A 82 14.69 -23.93 -5.75
N LEU A 83 14.98 -22.67 -5.44
CA LEU A 83 15.77 -21.86 -6.34
C LEU A 83 17.16 -22.47 -6.49
N PRO A 84 17.84 -22.07 -7.59
CA PRO A 84 19.18 -22.57 -7.87
C PRO A 84 20.22 -21.92 -6.95
N PHE A 85 21.02 -22.78 -6.33
CA PHE A 85 22.05 -22.31 -5.41
C PHE A 85 21.43 -21.60 -4.21
N ARG A 86 21.24 -22.35 -3.14
CA ARG A 86 20.66 -21.80 -1.93
C ARG A 86 21.48 -20.62 -1.44
N GLY A 87 20.78 -19.61 -0.93
CA GLY A 87 21.42 -18.41 -0.43
C GLY A 87 20.85 -17.16 -1.09
N ASP A 88 21.23 -16.96 -2.35
CA ASP A 88 20.76 -15.81 -3.10
C ASP A 88 19.71 -16.26 -4.11
N GLU A 89 18.56 -15.59 -4.05
CA GLU A 89 17.47 -15.92 -4.96
C GLU A 89 17.58 -15.10 -6.23
N GLY A 90 17.61 -13.78 -6.05
CA GLY A 90 17.71 -12.87 -7.18
C GLY A 90 16.66 -11.77 -7.09
N ILE A 91 16.95 -10.78 -6.26
CA ILE A 91 16.03 -9.66 -6.08
C ILE A 91 16.72 -8.36 -6.51
N PHE A 92 17.99 -8.26 -6.14
CA PHE A 92 18.78 -7.09 -6.48
C PHE A 92 18.42 -6.58 -7.88
N GLU A 93 18.16 -7.53 -8.77
CA GLU A 93 17.81 -7.19 -10.15
C GLU A 93 16.73 -6.11 -10.17
N GLU A 94 17.15 -4.92 -10.61
CA GLU A 94 16.23 -3.80 -10.69
C GLU A 94 14.85 -4.27 -11.17
N SER A 95 14.87 -5.11 -12.19
CA SER A 95 13.64 -5.64 -12.74
C SER A 95 12.69 -6.03 -11.62
N PHE A 96 13.15 -6.96 -10.79
CA PHE A 96 12.35 -7.43 -9.68
C PHE A 96 11.71 -6.26 -8.92
N ILE A 97 12.56 -5.34 -8.49
CA ILE A 97 12.10 -4.18 -7.76
C ILE A 97 11.03 -3.45 -8.58
N GLU A 98 11.45 -2.98 -9.76
CA GLU A 98 10.54 -2.28 -10.65
C GLU A 98 9.19 -3.00 -10.71
N GLU A 99 9.24 -4.26 -11.10
CA GLU A 99 8.03 -5.06 -11.21
C GLU A 99 7.11 -4.78 -10.03
N ARG A 100 7.58 -5.12 -8.84
CA ARG A 100 6.80 -4.89 -7.63
C ARG A 100 6.48 -3.40 -7.47
N ARG A 101 7.52 -2.59 -7.56
CA ARG A 101 7.35 -1.16 -7.43
C ARG A 101 6.07 -0.70 -8.13
N GLN A 102 6.07 -0.84 -9.45
CA GLN A 102 4.92 -0.45 -10.25
C GLN A 102 3.68 -1.25 -9.83
N GLY A 103 3.89 -2.55 -9.65
CA GLY A 103 2.80 -3.43 -9.24
C GLY A 103 2.01 -2.82 -8.08
N LEU A 104 2.66 -2.74 -6.94
CA LEU A 104 2.02 -2.18 -5.76
C LEU A 104 1.38 -0.84 -6.11
N GLU A 105 2.22 0.10 -6.52
CA GLU A 105 1.74 1.42 -6.90
C GLU A 105 0.42 1.31 -7.65
N GLN A 106 0.44 0.50 -8.70
CA GLN A 106 -0.75 0.29 -9.51
C GLN A 106 -1.90 -0.25 -8.65
N PHE A 107 -1.62 -1.34 -7.95
CA PHE A 107 -2.61 -1.96 -7.10
C PHE A 107 -3.26 -0.93 -6.17
N ILE A 108 -2.42 -0.28 -5.38
CA ILE A 108 -2.92 0.73 -4.45
C ILE A 108 -3.59 1.85 -5.24
N ASN A 109 -2.99 2.19 -6.37
CA ASN A 109 -3.53 3.24 -7.22
C ASN A 109 -5.00 2.95 -7.50
N LYS A 110 -5.27 1.70 -7.83
CA LYS A 110 -6.64 1.28 -8.14
C LYS A 110 -7.40 1.08 -6.83
N ILE A 111 -6.71 0.50 -5.85
CA ILE A 111 -7.32 0.25 -4.56
C ILE A 111 -7.82 1.57 -3.97
N ALA A 112 -7.01 2.60 -4.12
CA ALA A 112 -7.36 3.92 -3.61
C ALA A 112 -8.64 4.40 -4.30
N GLY A 113 -8.55 4.53 -5.61
CA GLY A 113 -9.69 4.98 -6.40
C GLY A 113 -10.99 4.40 -5.85
N HIS A 114 -10.90 3.18 -5.33
CA HIS A 114 -12.06 2.52 -4.77
C HIS A 114 -12.70 3.40 -3.71
N PRO A 115 -14.04 3.56 -3.82
CA PRO A 115 -14.79 4.37 -2.86
C PRO A 115 -14.95 3.65 -1.53
N LEU A 116 -15.21 2.35 -1.62
CA LEU A 116 -15.39 1.54 -0.43
C LEU A 116 -14.12 1.58 0.40
N ALA A 117 -12.99 1.51 -0.28
CA ALA A 117 -11.70 1.54 0.39
C ALA A 117 -11.48 2.93 0.98
N GLN A 118 -11.66 3.94 0.15
CA GLN A 118 -11.48 5.31 0.57
C GLN A 118 -12.11 5.52 1.96
N ASN A 119 -13.12 4.72 2.25
CA ASN A 119 -13.80 4.80 3.53
C ASN A 119 -13.13 3.86 4.53
N GLU A 120 -12.79 2.67 4.03
CA GLU A 120 -12.14 1.68 4.87
C GLU A 120 -11.08 2.33 5.75
N ARG A 121 -10.90 1.76 6.93
CA ARG A 121 -9.92 2.28 7.88
C ARG A 121 -8.56 1.65 7.61
N CYS A 122 -8.55 0.34 7.46
CA CYS A 122 -7.32 -0.38 7.20
C CYS A 122 -6.50 0.42 6.17
N LEU A 123 -7.21 0.91 5.17
CA LEU A 123 -6.57 1.68 4.12
C LEU A 123 -5.99 2.97 4.72
N HIS A 124 -6.87 3.74 5.34
CA HIS A 124 -6.47 4.99 5.96
C HIS A 124 -5.18 4.78 6.76
N MET A 125 -5.16 3.66 7.48
CA MET A 125 -4.00 3.33 8.30
C MET A 125 -2.81 2.95 7.42
N PHE A 126 -3.09 2.21 6.37
CA PHE A 126 -2.05 1.79 5.45
C PHE A 126 -1.21 2.97 4.96
N LEU A 127 -1.83 4.14 5.02
CA LEU A 127 -1.16 5.36 4.60
C LEU A 127 -1.14 6.36 5.76
N GLN A 128 -0.17 7.26 5.70
CA GLN A 128 -0.03 8.27 6.73
C GLN A 128 0.61 7.66 7.99
N GLU A 129 -0.02 6.59 8.48
CA GLU A 129 0.47 5.92 9.66
C GLU A 129 1.73 5.11 9.32
N GLU A 130 2.87 5.64 9.78
CA GLU A 130 4.14 4.99 9.54
C GLU A 130 4.04 3.49 9.86
N ALA A 131 3.71 3.21 11.11
CA ALA A 131 3.59 1.83 11.55
C ALA A 131 2.10 1.48 11.71
N ILE A 132 1.72 0.38 11.10
CA ILE A 132 0.33 -0.07 11.16
C ILE A 132 0.10 -0.82 12.48
N ASP A 133 -0.76 -0.24 13.31
CA ASP A 133 -1.07 -0.84 14.59
C ASP A 133 -2.00 -2.03 14.38
N ARG A 134 -1.41 -3.13 13.95
CA ARG A 134 -2.17 -4.35 13.71
C ARG A 134 -3.23 -4.54 14.80
N ASN A 135 -4.30 -5.23 14.43
CA ASN A 135 -5.38 -5.49 15.36
C ASN A 135 -5.92 -4.16 15.89
N TYR A 136 -6.13 -3.23 14.97
CA TYR A 136 -6.63 -1.92 15.33
C TYR A 136 -8.10 -2.00 15.78
N VAL A 137 -8.62 -0.86 16.17
CA VAL A 137 -10.01 -0.79 16.63
C VAL A 137 -10.86 -0.09 15.57
N PRO A 138 -11.91 -0.82 15.10
CA PRO A 138 -12.80 -0.27 14.09
C PRO A 138 -13.74 0.77 14.69
N GLY A 139 -13.47 2.02 14.36
CA GLY A 139 -14.28 3.12 14.86
C GLY A 139 -15.57 3.26 14.06
N LYS A 140 -15.74 4.42 13.44
CA LYS A 140 -16.93 4.68 12.64
C LYS A 140 -16.95 3.73 11.44
N SER A 141 -18.16 3.34 11.06
CA SER A 141 -18.33 2.44 9.93
C SER A 141 -17.69 1.09 10.24
N GLY A 142 -18.47 0.23 10.88
CA GLY A 142 -18.00 -1.09 11.24
C GLY A 142 -18.66 -1.59 12.53
N PRO A 143 -19.81 -2.28 12.34
CA PRO A 143 -20.56 -2.81 13.47
C PRO A 143 -19.87 -4.04 14.05
N SER A 144 -18.65 -3.85 14.51
CA SER A 144 -17.87 -4.93 15.09
C SER A 144 -17.64 -4.67 16.58
N SER A 145 -18.51 -5.25 17.39
CA SER A 145 -18.42 -5.09 18.84
C SER A 145 -18.17 -6.44 19.49
N GLY A 146 -19.10 -7.36 19.25
CA GLY A 146 -19.00 -8.69 19.81
C GLY A 146 -20.26 -9.06 20.61
#